data_8BGO
#
_entry.id   8BGO
#
_cell.length_a   79.164
_cell.length_b   151.662
_cell.length_c   167.092
_cell.angle_alpha   90.000
_cell.angle_beta   93.330
_cell.angle_gamma   90.000
#
_symmetry.space_group_name_H-M   'P 1 21 1'
#
loop_
_entity.id
_entity.type
_entity.pdbx_description
1 polymer 'Diacetylchitobiose deacetylase'
2 branched 2-acetamido-2-deoxy-beta-D-glucopyranose-(1-4)-2-acetamido-2-deoxy-beta-D-glucopyranose
3 non-polymer 'ZINC ION'
4 water water
#
_entity_poly.entity_id   1
_entity_poly.type   'polypeptide(L)'
_entity_poly.pdbx_seq_one_letter_code
;DPFTMFEEINDFETAFKRLLNEVLEFDLQNPLKDVKKVLCIEPHPDDCVIGMGGTIKRLTDRGIEVIYICMTDGYMGTTD
ENITGHELAQIRRKEEEESAKMLGVKKIYWLNYRDTELPYSREVRKDLVKIIRKEKPDGVFLPDPWLPYEAHPDHRATGF
LALDAVAFSPLPNFSNIDLDIGLKPHSVSFIGLYYTSRPNYFVDITDVMDLKLKAIRAHKSQFPDDIWETWEPFLRTVAL
YYGQKAGVKYAEGFRIMPGLFYHITPFAELI
;
_entity_poly.pdbx_strand_id   A,H,K,B,E,L,G,C,I,J,F,D
#
loop_
_chem_comp.id
_chem_comp.type
_chem_comp.name
_chem_comp.formula
NAG D-saccharide, beta linking 2-acetamido-2-deoxy-beta-D-glucopyranose 'C8 H15 N O6'
ZN non-polymer 'ZINC ION' 'Zn 2'
#
# COMPACT_ATOMS: atom_id res chain seq x y z
N MET A 5 -39.81 -33.37 26.90
CA MET A 5 -40.05 -33.98 25.57
C MET A 5 -41.38 -33.47 25.01
N PHE A 6 -42.49 -34.22 25.09
CA PHE A 6 -43.80 -33.90 24.47
C PHE A 6 -43.84 -34.38 23.02
N GLU A 7 -42.85 -35.17 22.58
CA GLU A 7 -42.78 -35.75 21.23
C GLU A 7 -43.97 -36.68 20.98
N GLU A 8 -44.44 -37.37 22.04
CA GLU A 8 -45.49 -38.41 22.00
C GLU A 8 -46.87 -37.82 21.66
N ILE A 9 -47.02 -36.49 21.73
CA ILE A 9 -48.37 -35.86 21.67
C ILE A 9 -48.73 -35.64 20.20
N ASN A 10 -49.99 -35.91 19.82
CA ASN A 10 -50.50 -35.81 18.42
C ASN A 10 -51.63 -34.77 18.29
N ASP A 11 -52.28 -34.40 19.40
CA ASP A 11 -53.36 -33.37 19.44
C ASP A 11 -52.75 -32.06 19.92
N PHE A 12 -53.16 -30.91 19.37
CA PHE A 12 -52.80 -29.58 19.92
C PHE A 12 -53.49 -29.41 21.28
N GLU A 13 -54.81 -29.66 21.36
CA GLU A 13 -55.62 -29.42 22.58
C GLU A 13 -54.98 -30.10 23.79
N THR A 14 -54.40 -31.29 23.59
CA THR A 14 -53.70 -32.06 24.66
C THR A 14 -52.46 -31.27 25.12
N ALA A 15 -51.58 -30.94 24.18
CA ALA A 15 -50.28 -30.25 24.42
C ALA A 15 -50.53 -28.90 25.09
N PHE A 16 -51.59 -28.20 24.65
CA PHE A 16 -52.02 -26.89 25.18
C PHE A 16 -52.35 -27.05 26.67
N LYS A 17 -53.27 -27.97 26.99
CA LYS A 17 -53.73 -28.21 28.39
C LYS A 17 -52.53 -28.63 29.24
N ARG A 18 -51.63 -29.46 28.69
CA ARG A 18 -50.45 -29.95 29.43
C ARG A 18 -49.45 -28.80 29.61
N LEU A 19 -49.32 -27.91 28.62
CA LEU A 19 -48.39 -26.74 28.70
C LEU A 19 -48.81 -25.83 29.85
N LEU A 20 -50.10 -25.49 29.93
CA LEU A 20 -50.63 -24.55 30.96
C LEU A 20 -50.58 -25.20 32.34
N ASN A 21 -51.09 -26.42 32.49
CA ASN A 21 -51.28 -27.12 33.80
C ASN A 21 -49.95 -27.62 34.35
N GLU A 22 -49.19 -28.37 33.57
CA GLU A 22 -47.98 -29.09 34.08
C GLU A 22 -46.73 -28.22 33.92
N VAL A 23 -46.50 -27.64 32.74
CA VAL A 23 -45.20 -26.98 32.39
C VAL A 23 -45.14 -25.60 33.04
N LEU A 24 -46.21 -24.80 32.88
CA LEU A 24 -46.28 -23.41 33.38
C LEU A 24 -46.92 -23.32 34.77
N GLU A 25 -47.73 -24.30 35.20
CA GLU A 25 -48.46 -24.26 36.50
C GLU A 25 -49.33 -23.00 36.56
N PHE A 26 -49.92 -22.62 35.42
CA PHE A 26 -50.80 -21.45 35.26
C PHE A 26 -52.11 -21.68 36.00
N ASP A 27 -52.37 -20.86 37.02
CA ASP A 27 -53.53 -20.97 37.94
C ASP A 27 -54.50 -19.81 37.70
N LEU A 28 -55.45 -19.98 36.78
CA LEU A 28 -56.49 -18.94 36.49
C LEU A 28 -57.51 -18.88 37.64
N GLN A 29 -57.62 -19.96 38.42
CA GLN A 29 -58.62 -20.13 39.52
C GLN A 29 -58.27 -19.17 40.66
N ASN A 30 -57.12 -19.35 41.34
CA ASN A 30 -56.63 -18.38 42.36
C ASN A 30 -55.24 -17.88 41.96
N PRO A 31 -55.19 -16.84 41.09
CA PRO A 31 -53.94 -16.36 40.51
C PRO A 31 -53.13 -15.44 41.41
N LEU A 32 -53.74 -14.96 42.50
CA LEU A 32 -53.11 -14.00 43.43
C LEU A 32 -52.55 -14.77 44.63
N LYS A 33 -52.44 -16.09 44.52
CA LYS A 33 -52.11 -16.99 45.66
C LYS A 33 -51.13 -16.30 46.61
N ASP A 34 -49.88 -16.06 46.20
CA ASP A 34 -48.77 -15.77 47.16
C ASP A 34 -48.36 -14.29 47.08
N VAL A 35 -49.27 -13.39 46.66
CA VAL A 35 -48.96 -11.96 46.39
C VAL A 35 -49.15 -11.15 47.68
N LYS A 36 -48.08 -10.58 48.21
CA LYS A 36 -48.12 -9.70 49.42
C LYS A 36 -48.00 -8.23 49.01
N LYS A 37 -47.47 -7.93 47.83
CA LYS A 37 -47.25 -6.54 47.33
C LYS A 37 -47.46 -6.44 45.81
N VAL A 38 -48.28 -5.48 45.36
CA VAL A 38 -48.52 -5.20 43.92
C VAL A 38 -48.27 -3.71 43.63
N LEU A 39 -47.84 -3.41 42.40
CA LEU A 39 -47.91 -2.06 41.78
C LEU A 39 -49.15 -1.98 40.89
N CYS A 40 -49.91 -0.89 41.01
CA CYS A 40 -50.91 -0.46 40.01
C CYS A 40 -50.32 0.74 39.27
N ILE A 41 -50.13 0.59 37.96
CA ILE A 41 -49.51 1.63 37.10
C ILE A 41 -50.65 2.33 36.35
N GLU A 42 -50.81 3.63 36.59
CA GLU A 42 -51.88 4.47 36.00
C GLU A 42 -51.24 5.55 35.13
N PRO A 43 -51.75 5.74 33.89
CA PRO A 43 -51.35 6.85 33.03
C PRO A 43 -51.58 8.24 33.65
N HIS A 44 -52.80 8.47 34.14
CA HIS A 44 -53.24 9.76 34.76
C HIS A 44 -53.72 9.53 36.18
N PRO A 45 -53.72 10.59 37.02
CA PRO A 45 -54.35 10.53 38.33
C PRO A 45 -55.85 10.24 38.17
N ASP A 46 -56.30 9.05 38.57
CA ASP A 46 -57.71 8.61 38.60
C ASP A 46 -57.87 7.30 37.84
N ASP A 47 -56.83 6.86 37.12
CA ASP A 47 -56.95 5.71 36.19
C ASP A 47 -57.02 4.43 37.02
N CYS A 48 -56.30 4.36 38.15
CA CYS A 48 -56.29 3.17 39.04
C CYS A 48 -57.66 3.02 39.71
N VAL A 49 -58.16 4.09 40.31
CA VAL A 49 -59.49 4.09 41.01
C VAL A 49 -60.59 3.75 39.98
N ILE A 50 -60.61 4.37 38.80
CA ILE A 50 -61.69 4.14 37.78
C ILE A 50 -61.57 2.69 37.28
N GLY A 51 -60.35 2.22 37.07
CA GLY A 51 -60.08 0.93 36.41
C GLY A 51 -60.37 -0.22 37.32
N MET A 52 -59.80 -0.18 38.53
CA MET A 52 -59.78 -1.35 39.45
C MET A 52 -59.86 -0.88 40.90
N GLY A 53 -60.54 0.25 41.17
CA GLY A 53 -60.69 0.82 42.51
C GLY A 53 -61.28 -0.18 43.49
N GLY A 54 -62.31 -0.92 43.07
CA GLY A 54 -62.96 -1.94 43.91
C GLY A 54 -61.96 -3.00 44.32
N THR A 55 -61.33 -3.63 43.33
CA THR A 55 -60.31 -4.68 43.55
C THR A 55 -59.21 -4.17 44.48
N ILE A 56 -58.82 -2.91 44.39
CA ILE A 56 -57.71 -2.36 45.23
C ILE A 56 -58.17 -2.36 46.69
N LYS A 57 -59.42 -1.97 46.95
CA LYS A 57 -60.04 -2.01 48.30
C LYS A 57 -59.95 -3.46 48.83
N ARG A 58 -60.47 -4.41 48.07
CA ARG A 58 -60.50 -5.84 48.48
C ARG A 58 -59.09 -6.36 48.78
N LEU A 59 -58.08 -5.98 48.01
CA LEU A 59 -56.66 -6.41 48.20
C LEU A 59 -56.07 -5.75 49.45
N THR A 60 -56.37 -4.48 49.66
CA THR A 60 -55.96 -3.68 50.85
C THR A 60 -56.49 -4.36 52.12
N ASP A 61 -57.76 -4.78 52.10
CA ASP A 61 -58.50 -5.43 53.22
C ASP A 61 -57.90 -6.81 53.53
N ARG A 62 -57.75 -7.67 52.51
CA ARG A 62 -57.06 -8.99 52.60
C ARG A 62 -55.59 -8.80 53.03
N GLY A 63 -55.15 -7.56 53.35
CA GLY A 63 -53.85 -7.26 53.95
C GLY A 63 -52.71 -7.12 52.95
N ILE A 64 -52.99 -6.94 51.66
CA ILE A 64 -51.97 -6.84 50.58
C ILE A 64 -51.61 -5.37 50.35
N GLU A 65 -50.31 -5.04 50.37
CA GLU A 65 -49.72 -3.71 50.09
C GLU A 65 -49.96 -3.38 48.61
N VAL A 66 -50.51 -2.20 48.33
CA VAL A 66 -50.81 -1.71 46.96
C VAL A 66 -50.11 -0.36 46.79
N ILE A 67 -49.19 -0.28 45.83
CA ILE A 67 -48.45 0.98 45.49
C ILE A 67 -48.88 1.46 44.11
N TYR A 68 -49.22 2.75 44.01
CA TYR A 68 -49.51 3.44 42.72
C TYR A 68 -48.20 3.92 42.09
N ILE A 69 -48.08 3.73 40.77
CA ILE A 69 -47.18 4.54 39.91
C ILE A 69 -48.04 5.35 38.95
N CYS A 70 -47.94 6.67 39.03
CA CYS A 70 -48.65 7.63 38.15
C CYS A 70 -47.66 8.22 37.14
N MET A 71 -47.89 7.90 35.86
CA MET A 71 -46.98 8.21 34.73
C MET A 71 -46.99 9.73 34.50
N THR A 72 -48.17 10.35 34.44
CA THR A 72 -48.34 11.79 34.11
C THR A 72 -48.84 12.60 35.32
N ASP A 73 -48.99 13.91 35.13
CA ASP A 73 -49.22 14.95 36.15
C ASP A 73 -50.67 15.45 36.04
N GLY A 74 -51.42 15.02 35.03
CA GLY A 74 -52.82 15.43 34.79
C GLY A 74 -52.96 16.87 34.31
N TYR A 75 -51.87 17.53 33.90
CA TYR A 75 -51.74 18.97 33.54
C TYR A 75 -52.84 19.44 32.57
N MET A 76 -53.36 18.58 31.70
CA MET A 76 -54.21 19.03 30.57
C MET A 76 -55.70 18.91 30.87
N GLY A 77 -56.10 18.15 31.90
CA GLY A 77 -57.47 17.61 32.05
C GLY A 77 -58.50 18.60 32.64
N THR A 78 -58.73 19.74 31.99
CA THR A 78 -59.77 20.74 32.32
C THR A 78 -60.08 21.58 31.06
N THR A 79 -61.37 21.90 30.88
CA THR A 79 -61.88 22.86 29.86
C THR A 79 -61.93 24.27 30.46
N ASP A 80 -61.71 24.42 31.76
CA ASP A 80 -61.82 25.73 32.47
C ASP A 80 -60.62 26.60 32.09
N GLU A 81 -60.83 27.68 31.34
CA GLU A 81 -59.77 28.60 30.83
C GLU A 81 -59.06 29.34 31.97
N ASN A 82 -59.46 29.17 33.24
CA ASN A 82 -58.90 29.92 34.39
C ASN A 82 -57.84 29.10 35.14
N ILE A 83 -57.85 27.78 34.98
CA ILE A 83 -56.95 26.84 35.71
C ILE A 83 -55.72 26.56 34.82
N THR A 84 -54.55 27.09 35.17
CA THR A 84 -53.27 26.73 34.50
C THR A 84 -53.00 25.24 34.76
N GLY A 85 -52.31 24.57 33.84
CA GLY A 85 -51.94 23.15 34.00
C GLY A 85 -51.18 22.92 35.30
N HIS A 86 -50.35 23.89 35.70
CA HIS A 86 -49.54 23.86 36.94
C HIS A 86 -50.46 23.76 38.17
N GLU A 87 -51.55 24.54 38.20
CA GLU A 87 -52.56 24.49 39.29
C GLU A 87 -53.16 23.09 39.28
N LEU A 88 -53.67 22.68 38.11
CA LEU A 88 -54.44 21.43 37.97
C LEU A 88 -53.60 20.24 38.49
N ALA A 89 -52.28 20.25 38.23
CA ALA A 89 -51.36 19.18 38.68
C ALA A 89 -51.41 19.11 40.21
N GLN A 90 -51.09 20.23 40.85
CA GLN A 90 -51.11 20.44 42.33
C GLN A 90 -52.43 19.88 42.90
N ILE A 91 -53.55 20.25 42.29
CA ILE A 91 -54.92 19.82 42.71
C ILE A 91 -55.02 18.30 42.62
N ARG A 92 -54.78 17.74 41.44
CA ARG A 92 -55.04 16.31 41.15
C ARG A 92 -54.09 15.44 41.98
N ARG A 93 -52.94 15.99 42.40
CA ARG A 93 -52.04 15.29 43.36
C ARG A 93 -52.83 15.06 44.65
N LYS A 94 -53.41 16.13 45.22
CA LYS A 94 -54.25 16.07 46.45
C LYS A 94 -55.44 15.16 46.20
N GLU A 95 -56.13 15.29 45.07
CA GLU A 95 -57.31 14.43 44.78
C GLU A 95 -56.90 12.95 44.79
N GLU A 96 -55.71 12.57 44.30
CA GLU A 96 -55.29 11.14 44.23
C GLU A 96 -54.93 10.69 45.65
N GLU A 97 -54.22 11.52 46.41
CA GLU A 97 -53.89 11.26 47.85
C GLU A 97 -55.19 10.93 48.64
N GLU A 98 -56.30 11.62 48.38
CA GLU A 98 -57.58 11.41 49.11
C GLU A 98 -58.24 10.10 48.65
N SER A 99 -58.38 9.93 47.34
CA SER A 99 -58.86 8.68 46.67
C SER A 99 -58.04 7.50 47.19
N ALA A 100 -56.71 7.66 47.27
CA ALA A 100 -55.75 6.61 47.70
C ALA A 100 -56.11 6.14 49.11
N LYS A 101 -56.22 7.08 50.07
CA LYS A 101 -56.55 6.80 51.49
C LYS A 101 -57.86 6.01 51.57
N MET A 102 -58.91 6.44 50.86
CA MET A 102 -60.23 5.77 50.89
C MET A 102 -60.12 4.28 50.50
N LEU A 103 -59.05 3.88 49.80
CA LEU A 103 -58.90 2.50 49.24
C LEU A 103 -57.80 1.73 49.98
N GLY A 104 -57.01 2.44 50.81
CA GLY A 104 -55.99 1.82 51.68
C GLY A 104 -54.62 1.85 51.05
N VAL A 105 -54.37 2.83 50.19
CA VAL A 105 -53.08 2.94 49.46
C VAL A 105 -52.27 4.03 50.16
N LYS A 106 -51.03 3.71 50.51
CA LYS A 106 -50.20 4.54 51.42
C LYS A 106 -49.13 5.26 50.59
N LYS A 107 -48.48 4.55 49.65
CA LYS A 107 -47.35 5.04 48.83
C LYS A 107 -47.80 5.28 47.38
N ILE A 108 -47.41 6.40 46.77
CA ILE A 108 -47.62 6.74 45.33
C ILE A 108 -46.32 7.34 44.78
N TYR A 109 -45.77 6.74 43.72
CA TYR A 109 -44.66 7.32 42.91
C TYR A 109 -45.25 8.18 41.78
N TRP A 110 -44.73 9.40 41.62
CA TRP A 110 -45.13 10.36 40.56
C TRP A 110 -43.96 10.54 39.59
N LEU A 111 -44.07 10.02 38.37
CA LEU A 111 -43.02 10.22 37.34
C LEU A 111 -43.03 11.68 36.86
N ASN A 112 -44.21 12.31 36.78
CA ASN A 112 -44.35 13.75 36.45
C ASN A 112 -44.01 14.04 34.97
N TYR A 113 -44.04 13.03 34.11
CA TYR A 113 -44.17 13.27 32.66
C TYR A 113 -45.47 14.07 32.51
N ARG A 114 -45.51 15.06 31.61
CA ARG A 114 -46.69 15.92 31.36
C ARG A 114 -47.77 15.12 30.63
N ASP A 115 -49.00 15.21 31.12
CA ASP A 115 -50.25 14.74 30.47
C ASP A 115 -50.14 15.05 28.97
N THR A 116 -50.40 14.07 28.11
CA THR A 116 -50.45 14.14 26.61
C THR A 116 -49.04 14.03 26.01
N GLU A 117 -48.01 14.01 26.83
CA GLU A 117 -46.59 14.18 26.38
C GLU A 117 -45.76 13.07 27.03
N LEU A 118 -46.34 11.87 27.17
CA LEU A 118 -45.66 10.71 27.78
C LEU A 118 -44.92 9.99 26.69
N PRO A 119 -43.57 10.07 26.69
CA PRO A 119 -42.76 9.38 25.68
C PRO A 119 -42.94 7.86 25.76
N TYR A 120 -42.99 7.16 24.62
CA TYR A 120 -42.68 5.71 24.55
C TYR A 120 -41.17 5.59 24.34
N SER A 121 -40.37 6.05 25.30
CA SER A 121 -38.88 6.10 25.23
C SER A 121 -38.27 5.02 26.12
N ARG A 122 -36.99 4.73 25.85
CA ARG A 122 -36.11 3.91 26.70
C ARG A 122 -36.05 4.51 28.10
N GLU A 123 -35.83 5.82 28.17
CA GLU A 123 -35.74 6.61 29.44
C GLU A 123 -36.91 6.27 30.35
N VAL A 124 -38.14 6.18 29.86
CA VAL A 124 -39.33 5.95 30.72
C VAL A 124 -39.30 4.50 31.21
N ARG A 125 -38.89 3.55 30.38
CA ARG A 125 -38.69 2.14 30.80
C ARG A 125 -37.71 2.11 31.98
N LYS A 126 -36.59 2.82 31.88
CA LYS A 126 -35.52 2.85 32.89
C LYS A 126 -36.10 3.33 34.22
N ASP A 127 -36.94 4.37 34.19
CA ASP A 127 -37.63 4.97 35.38
C ASP A 127 -38.50 3.90 36.06
N LEU A 128 -39.35 3.21 35.30
CA LEU A 128 -40.27 2.15 35.82
C LEU A 128 -39.48 0.99 36.42
N VAL A 129 -38.40 0.57 35.77
CA VAL A 129 -37.59 -0.61 36.20
C VAL A 129 -36.98 -0.26 37.56
N LYS A 130 -36.34 0.91 37.65
CA LYS A 130 -35.76 1.46 38.91
C LYS A 130 -36.74 1.22 40.06
N ILE A 131 -38.02 1.56 39.89
CA ILE A 131 -39.04 1.40 40.96
C ILE A 131 -39.29 -0.09 41.20
N ILE A 132 -39.66 -0.83 40.16
CA ILE A 132 -39.88 -2.31 40.25
C ILE A 132 -38.72 -2.98 41.00
N ARG A 133 -37.48 -2.62 40.67
CA ARG A 133 -36.28 -3.26 41.25
C ARG A 133 -36.15 -2.92 42.73
N LYS A 134 -36.56 -1.71 43.13
CA LYS A 134 -36.57 -1.24 44.54
C LYS A 134 -37.68 -1.95 45.32
N GLU A 135 -38.94 -1.80 44.91
CA GLU A 135 -40.12 -2.27 45.67
C GLU A 135 -40.30 -3.79 45.54
N LYS A 136 -39.51 -4.47 44.71
CA LYS A 136 -39.57 -5.94 44.50
C LYS A 136 -41.01 -6.45 44.61
N PRO A 137 -42.00 -5.91 43.86
CA PRO A 137 -43.38 -6.39 43.97
C PRO A 137 -43.61 -7.78 43.36
N ASP A 138 -44.61 -8.49 43.87
CA ASP A 138 -44.98 -9.86 43.44
C ASP A 138 -45.85 -9.76 42.20
N GLY A 139 -46.59 -8.65 42.09
CA GLY A 139 -47.61 -8.44 41.04
C GLY A 139 -47.52 -7.03 40.46
N VAL A 140 -47.95 -6.89 39.21
CA VAL A 140 -48.11 -5.56 38.55
C VAL A 140 -49.43 -5.55 37.78
N PHE A 141 -50.25 -4.54 38.04
CA PHE A 141 -51.44 -4.24 37.23
C PHE A 141 -51.13 -3.02 36.34
N LEU A 142 -51.56 -3.11 35.09
CA LEU A 142 -51.30 -2.09 34.06
C LEU A 142 -52.42 -2.16 33.03
N PRO A 143 -52.71 -1.05 32.32
CA PRO A 143 -53.80 -1.02 31.36
C PRO A 143 -53.45 -1.78 30.08
N ASP A 144 -54.40 -2.56 29.57
CA ASP A 144 -54.26 -3.39 28.35
C ASP A 144 -54.01 -2.43 27.20
N PRO A 145 -52.80 -2.42 26.60
CA PRO A 145 -52.51 -1.52 25.48
C PRO A 145 -53.23 -1.95 24.19
N TRP A 146 -53.79 -3.16 24.15
CA TRP A 146 -54.57 -3.68 22.98
C TRP A 146 -56.06 -3.40 23.14
N LEU A 147 -56.46 -2.60 24.12
CA LEU A 147 -57.90 -2.24 24.30
C LEU A 147 -58.37 -1.56 23.02
N PRO A 148 -59.39 -2.09 22.31
CA PRO A 148 -59.85 -1.48 21.07
C PRO A 148 -60.35 -0.05 21.23
N TYR A 149 -59.96 0.76 20.25
CA TYR A 149 -60.38 2.17 20.01
C TYR A 149 -59.83 3.08 21.12
N GLU A 150 -58.80 2.63 21.85
CA GLU A 150 -58.12 3.50 22.83
C GLU A 150 -57.30 4.54 22.08
N ALA A 151 -57.74 5.80 22.11
CA ALA A 151 -57.21 6.90 21.27
C ALA A 151 -56.33 7.82 22.11
N HIS A 152 -56.12 7.50 23.38
CA HIS A 152 -55.30 8.33 24.29
C HIS A 152 -53.87 7.78 24.33
N PRO A 153 -52.88 8.53 23.79
CA PRO A 153 -51.51 8.05 23.67
C PRO A 153 -50.88 7.63 25.01
N ASP A 154 -51.19 8.37 26.06
CA ASP A 154 -50.65 8.12 27.42
C ASP A 154 -51.07 6.71 27.87
N HIS A 155 -52.26 6.23 27.48
CA HIS A 155 -52.77 4.89 27.84
C HIS A 155 -52.00 3.82 27.07
N ARG A 156 -51.97 3.94 25.74
CA ARG A 156 -51.24 2.99 24.86
C ARG A 156 -49.79 2.90 25.38
N ALA A 157 -49.12 4.03 25.56
CA ALA A 157 -47.72 4.10 26.02
C ALA A 157 -47.57 3.36 27.36
N THR A 158 -48.40 3.70 28.34
CA THR A 158 -48.28 3.17 29.71
C THR A 158 -48.32 1.64 29.62
N GLY A 159 -49.32 1.11 28.93
CA GLY A 159 -49.49 -0.34 28.73
C GLY A 159 -48.20 -0.98 28.22
N PHE A 160 -47.68 -0.49 27.10
CA PHE A 160 -46.47 -1.07 26.46
C PHE A 160 -45.28 -0.92 27.41
N LEU A 161 -45.01 0.29 27.89
CA LEU A 161 -43.87 0.59 28.79
C LEU A 161 -43.89 -0.33 30.02
N ALA A 162 -45.07 -0.56 30.61
CA ALA A 162 -45.24 -1.39 31.82
C ALA A 162 -44.74 -2.80 31.53
N LEU A 163 -45.28 -3.42 30.48
CA LEU A 163 -44.89 -4.78 30.02
C LEU A 163 -43.38 -4.83 29.77
N ASP A 164 -42.83 -3.84 29.08
CA ASP A 164 -41.38 -3.80 28.78
C ASP A 164 -40.62 -3.79 30.12
N ALA A 165 -41.07 -2.96 31.07
CA ALA A 165 -40.38 -2.78 32.37
C ALA A 165 -40.39 -4.11 33.14
N VAL A 166 -41.55 -4.75 33.19
CA VAL A 166 -41.71 -6.09 33.83
C VAL A 166 -40.72 -7.08 33.20
N ALA A 167 -40.69 -7.15 31.87
CA ALA A 167 -39.86 -8.10 31.08
C ALA A 167 -38.37 -7.84 31.29
N PHE A 168 -37.95 -6.58 31.45
CA PHE A 168 -36.52 -6.20 31.42
C PHE A 168 -35.97 -6.01 32.84
N SER A 169 -36.83 -5.91 33.87
CA SER A 169 -36.42 -5.72 35.28
C SER A 169 -35.44 -6.82 35.69
N PRO A 170 -35.65 -8.10 35.27
CA PRO A 170 -34.74 -9.18 35.63
C PRO A 170 -33.43 -9.32 34.82
N LEU A 171 -33.22 -8.47 33.82
CA LEU A 171 -32.00 -8.55 32.97
C LEU A 171 -30.94 -7.63 33.55
N PRO A 172 -29.83 -8.18 34.08
CA PRO A 172 -28.82 -7.36 34.73
C PRO A 172 -28.09 -6.38 33.80
N ASN A 173 -28.11 -6.64 32.49
CA ASN A 173 -27.46 -5.76 31.49
C ASN A 173 -28.31 -4.53 31.15
N PHE A 174 -29.59 -4.52 31.56
CA PHE A 174 -30.57 -3.44 31.29
C PHE A 174 -30.52 -2.39 32.40
N SER A 175 -30.15 -1.15 32.04
CA SER A 175 -29.97 -0.04 33.01
C SER A 175 -28.99 -0.53 34.08
N ASN A 176 -27.77 -0.85 33.70
CA ASN A 176 -26.84 -1.63 34.55
C ASN A 176 -26.45 -0.79 35.78
N ILE A 177 -26.50 0.54 35.69
CA ILE A 177 -26.14 1.47 36.80
C ILE A 177 -27.06 1.19 38.00
N ASP A 178 -28.33 0.83 37.78
CA ASP A 178 -29.29 0.40 38.83
C ASP A 178 -28.61 -0.64 39.75
N LEU A 179 -27.93 -1.63 39.16
CA LEU A 179 -27.20 -2.69 39.91
C LEU A 179 -26.00 -2.08 40.64
N ASP A 180 -25.13 -1.39 39.91
CA ASP A 180 -23.88 -0.79 40.42
C ASP A 180 -24.15 0.10 41.65
N ILE A 181 -25.40 0.47 41.94
CA ILE A 181 -25.74 1.34 43.11
C ILE A 181 -26.68 0.62 44.08
N GLY A 182 -26.84 -0.71 43.97
CA GLY A 182 -27.55 -1.50 45.00
C GLY A 182 -28.72 -2.29 44.47
N LEU A 183 -29.54 -1.73 43.59
CA LEU A 183 -30.79 -2.40 43.13
C LEU A 183 -30.45 -3.67 42.35
N LYS A 184 -30.79 -4.83 42.88
CA LYS A 184 -30.64 -6.13 42.20
C LYS A 184 -31.81 -6.32 41.24
N PRO A 185 -31.62 -7.13 40.17
CA PRO A 185 -32.71 -7.53 39.28
C PRO A 185 -33.91 -8.08 40.03
N HIS A 186 -35.07 -8.08 39.40
CA HIS A 186 -36.33 -8.59 40.01
C HIS A 186 -37.24 -9.14 38.92
N SER A 187 -37.83 -10.31 39.19
CA SER A 187 -38.88 -10.95 38.36
C SER A 187 -40.22 -10.78 39.05
N VAL A 188 -41.15 -10.09 38.41
CA VAL A 188 -42.56 -10.04 38.91
C VAL A 188 -43.16 -11.44 38.68
N SER A 189 -44.02 -11.90 39.58
CA SER A 189 -44.63 -13.26 39.56
C SER A 189 -45.99 -13.21 38.87
N PHE A 190 -46.62 -12.05 38.80
CA PHE A 190 -48.02 -11.90 38.35
C PHE A 190 -48.18 -10.61 37.50
N ILE A 191 -48.88 -10.72 36.37
CA ILE A 191 -49.20 -9.56 35.48
C ILE A 191 -50.70 -9.54 35.24
N GLY A 192 -51.36 -8.47 35.67
CA GLY A 192 -52.79 -8.22 35.41
C GLY A 192 -53.00 -7.03 34.51
N LEU A 193 -53.73 -7.21 33.41
CA LEU A 193 -54.17 -6.10 32.54
C LEU A 193 -55.55 -5.66 33.01
N TYR A 194 -55.71 -4.39 33.40
CA TYR A 194 -57.03 -3.78 33.68
C TYR A 194 -57.47 -2.98 32.45
N TYR A 195 -58.70 -2.46 32.45
CA TYR A 195 -59.26 -1.76 31.27
C TYR A 195 -59.07 -2.63 30.02
N THR A 196 -59.52 -3.90 30.02
CA THR A 196 -59.38 -4.85 28.89
C THR A 196 -60.76 -5.27 28.38
N SER A 197 -60.83 -5.58 27.10
CA SER A 197 -62.05 -6.07 26.44
C SER A 197 -62.03 -7.61 26.37
N ARG A 198 -60.91 -8.23 26.73
CA ARG A 198 -60.74 -9.71 26.72
C ARG A 198 -60.30 -10.19 28.11
N PRO A 199 -61.14 -9.99 29.14
CA PRO A 199 -60.79 -10.40 30.50
C PRO A 199 -61.02 -11.90 30.62
N ASN A 200 -60.25 -12.56 31.50
CA ASN A 200 -60.38 -14.02 31.75
C ASN A 200 -60.46 -14.27 33.27
N TYR A 201 -60.52 -13.22 34.07
CA TYR A 201 -60.56 -13.32 35.56
C TYR A 201 -61.26 -12.09 36.13
N PHE A 202 -62.25 -12.33 37.00
CA PHE A 202 -63.18 -11.27 37.49
C PHE A 202 -63.10 -11.18 39.01
N VAL A 203 -63.65 -10.09 39.54
CA VAL A 203 -63.67 -9.76 40.99
C VAL A 203 -65.02 -9.10 41.25
N ASP A 204 -65.86 -9.69 42.12
CA ASP A 204 -67.16 -9.10 42.53
C ASP A 204 -66.80 -7.82 43.27
N ILE A 205 -67.43 -6.71 42.91
CA ILE A 205 -67.26 -5.40 43.61
C ILE A 205 -68.64 -4.83 43.99
N THR A 206 -69.68 -5.66 43.93
CA THR A 206 -71.09 -5.23 44.17
C THR A 206 -71.21 -4.60 45.56
N ASP A 207 -70.56 -5.19 46.57
CA ASP A 207 -70.55 -4.70 47.99
C ASP A 207 -69.82 -3.36 48.09
N VAL A 208 -68.79 -3.16 47.27
CA VAL A 208 -67.78 -2.07 47.42
C VAL A 208 -68.08 -0.92 46.45
N MET A 209 -69.00 -1.12 45.52
CA MET A 209 -69.32 -0.17 44.41
C MET A 209 -69.46 1.26 44.96
N ASP A 210 -70.24 1.46 46.04
CA ASP A 210 -70.53 2.80 46.57
C ASP A 210 -69.23 3.49 47.00
N LEU A 211 -68.31 2.74 47.62
CA LEU A 211 -66.99 3.30 48.02
C LEU A 211 -66.20 3.67 46.76
N LYS A 212 -66.13 2.74 45.79
CA LYS A 212 -65.44 2.97 44.49
C LYS A 212 -65.91 4.31 43.92
N LEU A 213 -67.22 4.46 43.72
CA LEU A 213 -67.83 5.67 43.11
C LEU A 213 -67.51 6.92 43.93
N LYS A 214 -67.47 6.81 45.26
CA LYS A 214 -67.15 7.96 46.14
C LYS A 214 -65.67 8.32 45.98
N ALA A 215 -64.81 7.30 45.79
CA ALA A 215 -63.35 7.45 45.65
C ALA A 215 -63.00 8.02 44.26
N ILE A 216 -63.89 7.84 43.28
CA ILE A 216 -63.75 8.45 41.94
C ILE A 216 -64.07 9.94 42.06
N ARG A 217 -65.20 10.26 42.70
CA ARG A 217 -65.70 11.66 42.84
C ARG A 217 -64.72 12.46 43.71
N ALA A 218 -63.83 11.79 44.45
CA ALA A 218 -62.73 12.45 45.19
C ALA A 218 -61.94 13.34 44.22
N HIS A 219 -61.88 12.91 42.97
CA HIS A 219 -61.33 13.67 41.82
C HIS A 219 -62.37 14.72 41.39
N LYS A 220 -62.52 15.77 42.21
CA LYS A 220 -63.57 16.81 42.03
C LYS A 220 -63.35 17.49 40.67
N SER A 221 -62.11 17.89 40.40
CA SER A 221 -61.68 18.60 39.17
C SER A 221 -62.17 17.85 37.93
N GLN A 222 -62.14 16.53 37.95
CA GLN A 222 -62.51 15.69 36.77
C GLN A 222 -64.02 15.43 36.72
N PHE A 223 -64.73 15.53 37.84
CA PHE A 223 -66.15 15.11 37.93
C PHE A 223 -67.00 16.12 38.72
N PRO A 224 -67.25 17.33 38.19
CA PRO A 224 -68.37 18.16 38.66
C PRO A 224 -69.69 17.41 38.36
N ASP A 225 -70.82 18.00 38.73
CA ASP A 225 -72.15 17.33 38.68
C ASP A 225 -72.60 17.23 37.21
N ASP A 226 -72.35 18.27 36.41
CA ASP A 226 -72.50 18.34 34.93
C ASP A 226 -72.03 17.00 34.34
N ILE A 227 -70.74 16.74 34.52
CA ILE A 227 -69.95 15.59 33.96
C ILE A 227 -70.51 14.30 34.58
N TRP A 228 -70.68 14.28 35.90
CA TRP A 228 -71.02 13.06 36.68
C TRP A 228 -72.37 12.48 36.22
N GLU A 229 -73.24 13.30 35.64
CA GLU A 229 -74.55 12.88 35.10
C GLU A 229 -74.33 11.81 34.02
N THR A 230 -73.22 11.91 33.28
CA THR A 230 -72.88 10.98 32.17
C THR A 230 -71.95 9.86 32.67
N TRP A 231 -71.02 10.17 33.57
CA TRP A 231 -69.98 9.20 33.99
C TRP A 231 -70.58 8.13 34.92
N GLU A 232 -71.39 8.50 35.91
CA GLU A 232 -71.98 7.49 36.85
C GLU A 232 -72.65 6.37 36.05
N PRO A 233 -73.63 6.68 35.16
CA PRO A 233 -74.27 5.64 34.35
C PRO A 233 -73.25 4.80 33.56
N PHE A 234 -72.25 5.44 32.95
CA PHE A 234 -71.17 4.77 32.19
C PHE A 234 -70.48 3.73 33.09
N LEU A 235 -69.86 4.19 34.18
CA LEU A 235 -69.09 3.37 35.16
C LEU A 235 -69.91 2.16 35.61
N ARG A 236 -71.22 2.33 35.82
CA ARG A 236 -72.14 1.23 36.20
C ARG A 236 -72.27 0.26 35.02
N THR A 237 -72.44 0.79 33.82
CA THR A 237 -72.61 -0.01 32.58
C THR A 237 -71.35 -0.85 32.38
N VAL A 238 -70.16 -0.32 32.73
CA VAL A 238 -68.87 -1.05 32.60
C VAL A 238 -68.90 -2.22 33.57
N ALA A 239 -69.15 -1.94 34.86
CA ALA A 239 -69.24 -2.95 35.94
C ALA A 239 -70.23 -4.07 35.55
N LEU A 240 -71.31 -3.74 34.83
CA LEU A 240 -72.33 -4.73 34.42
C LEU A 240 -71.78 -5.64 33.32
N TYR A 241 -71.05 -5.05 32.34
CA TYR A 241 -70.39 -5.79 31.24
C TYR A 241 -69.51 -6.88 31.82
N TYR A 242 -68.64 -6.50 32.75
CA TYR A 242 -67.74 -7.42 33.50
C TYR A 242 -68.59 -8.37 34.36
N GLY A 243 -69.61 -7.83 35.04
CA GLY A 243 -70.53 -8.61 35.89
C GLY A 243 -71.18 -9.76 35.14
N GLN A 244 -71.76 -9.48 33.96
CA GLN A 244 -72.45 -10.48 33.11
C GLN A 244 -71.59 -11.74 32.97
N LYS A 245 -70.30 -11.55 32.69
CA LYS A 245 -69.35 -12.66 32.38
C LYS A 245 -68.93 -13.38 33.66
N ALA A 246 -69.08 -12.75 34.83
CA ALA A 246 -68.67 -13.29 36.16
C ALA A 246 -69.90 -13.79 36.93
N GLY A 247 -71.09 -13.72 36.33
CA GLY A 247 -72.38 -14.04 36.97
C GLY A 247 -72.59 -13.34 38.30
N VAL A 248 -72.18 -12.08 38.44
CA VAL A 248 -72.60 -11.19 39.57
C VAL A 248 -73.21 -9.92 38.97
N LYS A 249 -73.53 -8.92 39.80
CA LYS A 249 -74.09 -7.64 39.32
C LYS A 249 -72.95 -6.77 38.78
N TYR A 250 -72.08 -6.31 39.68
CA TYR A 250 -70.96 -5.36 39.42
C TYR A 250 -69.63 -6.08 39.67
N ALA A 251 -68.80 -6.20 38.62
CA ALA A 251 -67.47 -6.85 38.64
C ALA A 251 -66.40 -5.95 38.01
N GLU A 252 -65.13 -6.26 38.26
CA GLU A 252 -63.94 -5.70 37.56
C GLU A 252 -63.23 -6.85 36.84
N GLY A 253 -62.98 -6.70 35.55
CA GLY A 253 -62.33 -7.71 34.70
C GLY A 253 -60.85 -7.43 34.59
N PHE A 254 -60.06 -8.50 34.50
CA PHE A 254 -58.60 -8.44 34.26
C PHE A 254 -58.24 -9.52 33.24
N ARG A 255 -57.19 -9.29 32.46
CA ARG A 255 -56.61 -10.37 31.62
C ARG A 255 -55.32 -10.79 32.29
N ILE A 256 -55.25 -12.07 32.65
CA ILE A 256 -54.07 -12.70 33.29
C ILE A 256 -53.61 -13.80 32.35
N MET A 257 -52.34 -13.78 31.97
CA MET A 257 -51.70 -14.82 31.13
C MET A 257 -50.33 -15.11 31.71
N PRO A 258 -49.73 -16.27 31.39
CA PRO A 258 -48.34 -16.54 31.76
C PRO A 258 -47.41 -15.53 31.06
N GLY A 259 -46.32 -15.11 31.72
CA GLY A 259 -45.32 -14.20 31.12
C GLY A 259 -44.93 -14.65 29.71
N LEU A 260 -44.86 -15.95 29.46
CA LEU A 260 -44.34 -16.54 28.20
C LEU A 260 -45.21 -16.15 27.01
N PHE A 261 -46.52 -15.99 27.23
CA PHE A 261 -47.55 -15.75 26.18
C PHE A 261 -47.48 -14.32 25.62
N TYR A 262 -46.72 -13.44 26.25
CA TYR A 262 -46.50 -12.05 25.80
C TYR A 262 -45.34 -12.02 24.78
N HIS A 263 -45.01 -13.16 24.17
CA HIS A 263 -43.92 -13.30 23.18
C HIS A 263 -44.14 -14.54 22.31
N ILE A 264 -44.25 -14.30 21.00
CA ILE A 264 -44.24 -15.33 19.92
C ILE A 264 -45.21 -16.46 20.26
N THR A 265 -46.38 -16.13 20.81
CA THR A 265 -47.42 -17.12 21.18
C THR A 265 -48.64 -16.89 20.31
N PRO A 266 -48.75 -17.66 19.20
CA PRO A 266 -49.85 -17.49 18.25
C PRO A 266 -51.21 -17.95 18.78
N PHE A 267 -51.25 -18.65 19.93
CA PHE A 267 -52.50 -19.14 20.56
C PHE A 267 -52.77 -18.35 21.85
N ALA A 268 -52.05 -17.24 22.05
CA ALA A 268 -52.19 -16.34 23.23
C ALA A 268 -53.67 -15.96 23.41
N GLU A 269 -54.37 -15.70 22.32
CA GLU A 269 -55.79 -15.23 22.35
C GLU A 269 -56.71 -16.28 23.00
N LEU A 270 -56.31 -17.56 23.06
CA LEU A 270 -57.14 -18.68 23.57
C LEU A 270 -57.01 -18.84 25.09
N ILE A 271 -57.25 -17.78 25.88
CA ILE A 271 -57.40 -17.88 27.35
C ILE A 271 -58.51 -16.92 27.82
N MET B 5 58.62 26.98 -31.05
CA MET B 5 59.56 26.57 -29.98
C MET B 5 58.97 26.92 -28.60
N PHE B 6 58.61 28.18 -28.33
CA PHE B 6 57.98 28.69 -27.07
C PHE B 6 59.00 28.89 -25.97
N GLU B 7 60.29 28.90 -26.30
CA GLU B 7 61.40 29.02 -25.31
C GLU B 7 61.34 30.39 -24.64
N GLU B 8 60.94 31.42 -25.38
CA GLU B 8 60.97 32.85 -24.95
C GLU B 8 59.90 33.12 -23.89
N ILE B 9 58.97 32.20 -23.66
CA ILE B 9 57.79 32.47 -22.78
C ILE B 9 58.18 32.14 -21.34
N ASN B 10 57.80 33.01 -20.39
CA ASN B 10 58.10 32.86 -18.94
C ASN B 10 56.82 32.77 -18.09
N ASP B 11 55.66 33.19 -18.63
CA ASP B 11 54.34 33.14 -17.97
C ASP B 11 53.59 31.91 -18.48
N PHE B 12 52.87 31.20 -17.61
CA PHE B 12 51.99 30.08 -18.02
C PHE B 12 50.80 30.68 -18.80
N GLU B 13 50.12 31.69 -18.24
CA GLU B 13 48.83 32.19 -18.86
C GLU B 13 49.13 32.68 -20.28
N THR B 14 50.34 33.19 -20.59
CA THR B 14 50.73 33.58 -21.97
C THR B 14 50.74 32.33 -22.87
N ALA B 15 51.53 31.31 -22.48
CA ALA B 15 51.75 30.06 -23.23
C ALA B 15 50.42 29.35 -23.46
N PHE B 16 49.56 29.36 -22.43
CA PHE B 16 48.22 28.76 -22.45
C PHE B 16 47.39 29.41 -23.57
N LYS B 17 47.25 30.75 -23.52
CA LYS B 17 46.45 31.52 -24.49
C LYS B 17 47.01 31.32 -25.89
N ARG B 18 48.35 31.26 -26.03
CA ARG B 18 49.01 31.08 -27.34
C ARG B 18 48.79 29.65 -27.82
N LEU B 19 48.81 28.66 -26.90
CA LEU B 19 48.59 27.24 -27.26
C LEU B 19 47.20 27.06 -27.86
N LEU B 20 46.16 27.59 -27.20
CA LEU B 20 44.75 27.42 -27.63
C LEU B 20 44.48 28.20 -28.93
N ASN B 21 44.88 29.47 -28.99
CA ASN B 21 44.52 30.40 -30.11
C ASN B 21 45.36 30.10 -31.34
N GLU B 22 46.70 30.05 -31.20
CA GLU B 22 47.62 30.01 -32.38
C GLU B 22 47.94 28.56 -32.75
N VAL B 23 48.31 27.71 -31.77
CA VAL B 23 48.86 26.34 -32.05
C VAL B 23 47.73 25.39 -32.41
N LEU B 24 46.66 25.38 -31.59
CA LEU B 24 45.51 24.45 -31.73
C LEU B 24 44.36 25.06 -32.53
N GLU B 25 44.25 26.39 -32.63
CA GLU B 25 43.16 27.07 -33.38
C GLU B 25 41.80 26.66 -32.78
N PHE B 26 41.76 26.52 -31.45
CA PHE B 26 40.55 26.16 -30.67
C PHE B 26 39.54 27.31 -30.70
N ASP B 27 38.38 27.06 -31.31
CA ASP B 27 37.31 28.06 -31.57
C ASP B 27 36.10 27.72 -30.70
N LEU B 28 36.05 28.26 -29.48
CA LEU B 28 34.90 28.03 -28.56
C LEU B 28 33.69 28.85 -29.02
N GLN B 29 33.92 29.91 -29.81
CA GLN B 29 32.88 30.86 -30.31
C GLN B 29 31.94 30.13 -31.29
N ASN B 30 32.43 29.70 -32.46
CA ASN B 30 31.63 28.88 -33.41
C ASN B 30 32.36 27.56 -33.66
N PRO B 31 32.16 26.56 -32.77
CA PRO B 31 32.90 25.29 -32.82
C PRO B 31 32.35 24.29 -33.83
N LEU B 32 31.17 24.54 -34.38
CA LEU B 32 30.50 23.60 -35.34
C LEU B 32 30.77 24.10 -36.76
N LYS B 33 31.71 25.01 -36.94
CA LYS B 33 31.94 25.73 -38.22
C LYS B 33 31.66 24.79 -39.40
N ASP B 34 32.45 23.74 -39.62
CA ASP B 34 32.47 23.02 -40.94
C ASP B 34 31.79 21.65 -40.85
N VAL B 35 30.86 21.46 -39.90
CA VAL B 35 30.24 20.15 -39.60
C VAL B 35 28.99 19.95 -40.48
N LYS B 36 29.01 18.98 -41.38
CA LYS B 36 27.86 18.61 -42.24
C LYS B 36 27.17 17.35 -41.70
N LYS B 37 27.88 16.53 -40.90
CA LYS B 37 27.37 15.23 -40.38
C LYS B 37 27.91 14.94 -38.97
N VAL B 38 27.02 14.63 -38.02
CA VAL B 38 27.39 14.24 -36.63
C VAL B 38 26.75 12.89 -36.27
N LEU B 39 27.42 12.12 -35.39
CA LEU B 39 26.83 11.01 -34.61
C LEU B 39 26.45 11.51 -33.22
N CYS B 40 25.23 11.16 -32.76
CA CYS B 40 24.85 11.22 -31.33
C CYS B 40 24.82 9.79 -30.82
N ILE B 41 25.66 9.51 -29.82
CA ILE B 41 25.80 8.16 -29.23
C ILE B 41 25.03 8.18 -27.91
N GLU B 42 23.99 7.33 -27.82
CA GLU B 42 23.10 7.23 -26.63
C GLU B 42 23.23 5.83 -26.05
N PRO B 43 23.41 5.73 -24.70
CA PRO B 43 23.36 4.45 -24.00
C PRO B 43 22.04 3.69 -24.19
N HIS B 44 20.92 4.38 -23.95
CA HIS B 44 19.54 3.82 -24.02
C HIS B 44 18.70 4.59 -25.01
N PRO B 45 17.62 3.96 -25.54
CA PRO B 45 16.65 4.69 -26.34
C PRO B 45 15.99 5.78 -25.49
N ASP B 46 16.27 7.06 -25.80
CA ASP B 46 15.68 8.27 -25.18
C ASP B 46 16.80 9.18 -24.67
N ASP B 47 18.03 8.71 -24.65
CA ASP B 47 19.15 9.45 -23.99
C ASP B 47 19.52 10.65 -24.88
N CYS B 48 19.45 10.51 -26.20
CA CYS B 48 19.77 11.60 -27.16
C CYS B 48 18.73 12.70 -27.05
N VAL B 49 17.45 12.33 -27.12
CA VAL B 49 16.31 13.30 -27.04
C VAL B 49 16.37 14.01 -25.68
N ILE B 50 16.54 13.29 -24.56
CA ILE B 50 16.53 13.91 -23.20
C ILE B 50 17.76 14.82 -23.07
N GLY B 51 18.90 14.37 -23.58
CA GLY B 51 20.19 15.03 -23.37
C GLY B 51 20.32 16.28 -24.20
N MET B 52 20.05 16.17 -25.50
CA MET B 52 20.34 17.24 -26.48
C MET B 52 19.29 17.25 -27.60
N GLY B 53 18.05 16.89 -27.28
CA GLY B 53 16.93 16.84 -28.25
C GLY B 53 16.72 18.18 -28.95
N GLY B 54 16.77 19.27 -28.19
CA GLY B 54 16.62 20.63 -28.73
C GLY B 54 17.69 20.91 -29.77
N THR B 55 18.95 20.77 -29.38
CA THR B 55 20.13 21.00 -30.24
C THR B 55 20.01 20.13 -31.50
N ILE B 56 19.50 18.92 -31.42
CA ILE B 56 19.40 18.01 -32.60
C ILE B 56 18.42 18.62 -33.61
N LYS B 57 17.29 19.14 -33.12
CA LYS B 57 16.29 19.85 -33.95
C LYS B 57 16.99 21.01 -34.67
N ARG B 58 17.65 21.89 -33.92
CA ARG B 58 18.35 23.08 -34.48
C ARG B 58 19.38 22.67 -35.54
N LEU B 59 20.12 21.59 -35.35
CA LEU B 59 21.16 21.09 -36.31
C LEU B 59 20.48 20.51 -37.55
N THR B 60 19.40 19.77 -37.37
CA THR B 60 18.56 19.19 -38.46
C THR B 60 18.06 20.33 -39.37
N ASP B 61 17.58 21.43 -38.77
CA ASP B 61 16.99 22.62 -39.45
C ASP B 61 18.09 23.37 -40.23
N ARG B 62 19.21 23.69 -39.59
CA ARG B 62 20.43 24.29 -40.23
C ARG B 62 20.97 23.34 -41.31
N GLY B 63 20.30 22.22 -41.60
CA GLY B 63 20.60 21.32 -42.73
C GLY B 63 21.68 20.28 -42.45
N ILE B 64 22.03 20.03 -41.18
CA ILE B 64 23.11 19.08 -40.78
C ILE B 64 22.52 17.70 -40.52
N GLU B 65 23.10 16.67 -41.16
CA GLU B 65 22.75 15.22 -40.99
C GLU B 65 23.11 14.79 -39.57
N VAL B 66 22.17 14.17 -38.87
CA VAL B 66 22.34 13.67 -37.47
C VAL B 66 21.99 12.18 -37.47
N ILE B 67 22.95 11.34 -37.09
CA ILE B 67 22.76 9.86 -36.99
C ILE B 67 22.86 9.44 -35.52
N TYR B 68 21.89 8.65 -35.04
CA TYR B 68 21.92 8.03 -33.70
C TYR B 68 22.70 6.71 -33.74
N ILE B 69 23.55 6.49 -32.72
CA ILE B 69 23.99 5.12 -32.32
C ILE B 69 23.43 4.83 -30.94
N CYS B 70 22.60 3.79 -30.83
CA CYS B 70 22.00 3.32 -29.56
C CYS B 70 22.72 2.04 -29.12
N MET B 71 23.41 2.15 -27.98
CA MET B 71 24.30 1.10 -27.44
C MET B 71 23.44 -0.09 -26.98
N THR B 72 22.36 0.17 -26.23
CA THR B 72 21.50 -0.89 -25.63
C THR B 72 20.10 -0.93 -26.25
N ASP B 73 19.29 -1.87 -25.78
CA ASP B 73 17.99 -2.29 -26.36
C ASP B 73 16.86 -1.81 -25.43
N GLY B 74 17.18 -1.23 -24.28
CA GLY B 74 16.19 -0.75 -23.28
C GLY B 74 15.43 -1.85 -22.56
N TYR B 75 15.87 -3.11 -22.67
CA TYR B 75 15.21 -4.36 -22.20
C TYR B 75 14.73 -4.27 -20.75
N MET B 76 15.38 -3.48 -19.89
CA MET B 76 15.13 -3.56 -18.42
C MET B 76 14.14 -2.49 -17.95
N GLY B 77 13.89 -1.43 -18.74
CA GLY B 77 13.33 -0.15 -18.26
C GLY B 77 11.82 -0.12 -18.09
N THR B 78 11.26 -0.97 -17.22
CA THR B 78 9.83 -0.98 -16.83
C THR B 78 9.69 -1.68 -15.47
N THR B 79 8.82 -1.13 -14.61
CA THR B 79 8.36 -1.74 -13.34
C THR B 79 7.13 -2.63 -13.58
N ASP B 80 6.54 -2.60 -14.77
CA ASP B 80 5.31 -3.37 -15.11
C ASP B 80 5.66 -4.85 -15.24
N GLU B 81 5.20 -5.69 -14.30
CA GLU B 81 5.50 -7.14 -14.23
C GLU B 81 4.91 -7.91 -15.43
N ASN B 82 4.18 -7.26 -16.34
CA ASN B 82 3.49 -7.94 -17.49
C ASN B 82 4.31 -7.83 -18.77
N ILE B 83 5.23 -6.86 -18.85
CA ILE B 83 6.02 -6.56 -20.09
C ILE B 83 7.35 -7.31 -19.99
N THR B 84 7.55 -8.37 -20.79
CA THR B 84 8.87 -9.04 -20.93
C THR B 84 9.86 -8.03 -21.53
N GLY B 85 11.14 -8.17 -21.20
CA GLY B 85 12.21 -7.31 -21.77
C GLY B 85 12.17 -7.33 -23.29
N HIS B 86 11.86 -8.47 -23.88
CA HIS B 86 11.76 -8.69 -25.34
C HIS B 86 10.69 -7.79 -25.94
N GLU B 87 9.53 -7.68 -25.29
CA GLU B 87 8.42 -6.77 -25.72
C GLU B 87 8.95 -5.35 -25.63
N LEU B 88 9.47 -4.99 -24.47
CA LEU B 88 9.88 -3.59 -24.18
C LEU B 88 10.89 -3.12 -25.23
N ALA B 89 11.80 -3.98 -25.68
CA ALA B 89 12.81 -3.66 -26.71
C ALA B 89 12.08 -3.23 -27.99
N GLN B 90 11.25 -4.14 -28.51
CA GLN B 90 10.38 -3.95 -29.71
C GLN B 90 9.67 -2.59 -29.61
N ILE B 91 9.06 -2.31 -28.46
CA ILE B 91 8.30 -1.06 -28.19
C ILE B 91 9.24 0.13 -28.33
N ARG B 92 10.31 0.15 -27.53
CA ARG B 92 11.20 1.33 -27.40
C ARG B 92 11.93 1.58 -28.73
N ARG B 93 12.06 0.56 -29.57
CA ARG B 93 12.57 0.75 -30.95
C ARG B 93 11.61 1.69 -31.69
N LYS B 94 10.31 1.35 -31.70
CA LYS B 94 9.25 2.18 -32.34
C LYS B 94 9.22 3.56 -31.66
N GLU B 95 9.27 3.63 -30.33
CA GLU B 95 9.24 4.95 -29.63
C GLU B 95 10.42 5.82 -30.10
N GLU B 96 11.61 5.26 -30.36
CA GLU B 96 12.80 6.07 -30.73
C GLU B 96 12.62 6.50 -32.19
N GLU B 97 12.14 5.60 -33.05
CA GLU B 97 11.83 5.92 -34.48
C GLU B 97 10.86 7.13 -34.57
N GLU B 98 9.88 7.24 -33.67
CA GLU B 98 8.89 8.36 -33.67
C GLU B 98 9.54 9.64 -33.16
N SER B 99 10.19 9.58 -32.01
CA SER B 99 11.01 10.66 -31.41
C SER B 99 12.03 11.16 -32.45
N ALA B 100 12.69 10.24 -33.17
CA ALA B 100 13.72 10.53 -34.19
C ALA B 100 13.13 11.43 -35.27
N LYS B 101 12.01 11.00 -35.89
CA LYS B 101 11.31 11.73 -36.97
C LYS B 101 10.96 13.14 -36.50
N MET B 102 10.39 13.31 -35.31
CA MET B 102 9.99 14.64 -34.77
C MET B 102 11.20 15.61 -34.73
N LEU B 103 12.43 15.11 -34.74
CA LEU B 103 13.66 15.94 -34.58
C LEU B 103 14.45 16.00 -35.89
N GLY B 104 14.09 15.17 -36.87
CA GLY B 104 14.67 15.19 -38.24
C GLY B 104 15.81 14.20 -38.38
N VAL B 105 15.77 13.11 -37.61
CA VAL B 105 16.82 12.07 -37.64
C VAL B 105 16.28 10.91 -38.47
N LYS B 106 17.06 10.45 -39.44
CA LYS B 106 16.58 9.52 -40.49
C LYS B 106 17.17 8.14 -40.24
N LYS B 107 18.48 8.06 -39.92
CA LYS B 107 19.25 6.81 -39.70
C LYS B 107 19.52 6.60 -38.21
N ILE B 108 19.35 5.36 -37.71
CA ILE B 108 19.69 4.91 -36.33
C ILE B 108 20.38 3.55 -36.41
N TYR B 109 21.59 3.43 -35.87
CA TYR B 109 22.28 2.14 -35.65
C TYR B 109 21.91 1.59 -34.26
N TRP B 110 21.54 0.31 -34.19
CA TRP B 110 21.22 -0.41 -32.94
C TRP B 110 22.28 -1.47 -32.67
N LEU B 111 23.13 -1.29 -31.66
CA LEU B 111 24.14 -2.31 -31.31
C LEU B 111 23.44 -3.51 -30.64
N ASN B 112 22.38 -3.27 -29.87
CA ASN B 112 21.54 -4.36 -29.28
C ASN B 112 22.29 -5.09 -28.16
N TYR B 113 23.33 -4.50 -27.59
CA TYR B 113 23.81 -4.90 -26.25
C TYR B 113 22.59 -4.72 -25.34
N ARG B 114 22.39 -5.64 -24.37
CA ARG B 114 21.25 -5.62 -23.44
C ARG B 114 21.45 -4.52 -22.39
N ASP B 115 20.41 -3.71 -22.17
CA ASP B 115 20.28 -2.73 -21.07
C ASP B 115 20.88 -3.38 -19.80
N THR B 116 21.77 -2.66 -19.10
CA THR B 116 22.42 -3.03 -17.81
C THR B 116 23.62 -3.95 -18.03
N GLU B 117 23.86 -4.39 -19.27
CA GLU B 117 24.83 -5.47 -19.58
C GLU B 117 25.72 -5.00 -20.73
N LEU B 118 26.05 -3.70 -20.75
CA LEU B 118 26.91 -3.13 -21.82
C LEU B 118 28.35 -3.28 -21.39
N PRO B 119 29.12 -4.18 -22.04
CA PRO B 119 30.53 -4.38 -21.71
C PRO B 119 31.35 -3.12 -21.94
N TYR B 120 32.33 -2.82 -21.07
CA TYR B 120 33.46 -1.93 -21.42
C TYR B 120 34.57 -2.82 -22.01
N SER B 121 34.29 -3.47 -23.14
CA SER B 121 35.19 -4.42 -23.82
C SER B 121 35.80 -3.80 -25.09
N ARG B 122 36.87 -4.43 -25.57
CA ARG B 122 37.51 -4.17 -26.88
C ARG B 122 36.47 -4.35 -27.99
N GLU B 123 35.75 -5.45 -27.93
CA GLU B 123 34.70 -5.82 -28.91
C GLU B 123 33.76 -4.63 -29.17
N VAL B 124 33.32 -3.92 -28.13
CA VAL B 124 32.33 -2.82 -28.30
C VAL B 124 33.03 -1.63 -28.98
N ARG B 125 34.29 -1.36 -28.62
CA ARG B 125 35.10 -0.33 -29.32
C ARG B 125 35.13 -0.62 -30.83
N LYS B 126 35.40 -1.88 -31.18
CA LYS B 126 35.53 -2.33 -32.59
C LYS B 126 34.22 -2.03 -33.33
N ASP B 127 33.07 -2.31 -32.70
CA ASP B 127 31.71 -2.08 -33.26
C ASP B 127 31.53 -0.57 -33.55
N LEU B 128 31.83 0.31 -32.60
CA LEU B 128 31.69 1.78 -32.75
C LEU B 128 32.60 2.33 -33.84
N VAL B 129 33.84 1.83 -33.92
CA VAL B 129 34.86 2.31 -34.91
C VAL B 129 34.34 1.99 -36.29
N LYS B 130 33.93 0.74 -36.50
CA LYS B 130 33.30 0.25 -37.75
C LYS B 130 32.30 1.29 -38.27
N ILE B 131 31.41 1.78 -37.41
CA ILE B 131 30.37 2.76 -37.81
C ILE B 131 31.05 4.10 -38.15
N ILE B 132 31.81 4.65 -37.22
CA ILE B 132 32.56 5.93 -37.43
C ILE B 132 33.32 5.87 -38.76
N ARG B 133 33.99 4.76 -39.05
CA ARG B 133 34.84 4.65 -40.26
C ARG B 133 33.98 4.63 -41.52
N LYS B 134 32.77 4.07 -41.44
CA LYS B 134 31.78 4.04 -42.56
C LYS B 134 31.20 5.43 -42.78
N GLU B 135 30.54 6.01 -41.77
CA GLU B 135 29.77 7.26 -41.88
C GLU B 135 30.70 8.50 -41.95
N LYS B 136 32.01 8.32 -41.76
CA LYS B 136 33.00 9.43 -41.77
C LYS B 136 32.42 10.73 -41.22
N PRO B 137 31.83 10.75 -40.00
CA PRO B 137 31.25 11.98 -39.46
C PRO B 137 32.28 13.04 -39.06
N ASP B 138 31.88 14.31 -39.10
CA ASP B 138 32.74 15.48 -38.77
C ASP B 138 32.74 15.67 -37.26
N GLY B 139 31.65 15.26 -36.61
CA GLY B 139 31.39 15.49 -35.18
C GLY B 139 30.83 14.26 -34.50
N VAL B 140 31.09 14.14 -33.20
CA VAL B 140 30.48 13.07 -32.35
C VAL B 140 30.05 13.70 -31.03
N PHE B 141 28.78 13.48 -30.67
CA PHE B 141 28.26 13.82 -29.32
C PHE B 141 28.12 12.50 -28.54
N LEU B 142 28.54 12.56 -27.28
CA LEU B 142 28.55 11.41 -26.36
C LEU B 142 28.42 11.93 -24.93
N PRO B 143 27.89 11.10 -24.01
CA PRO B 143 27.69 11.53 -22.63
C PRO B 143 29.01 11.60 -21.85
N ASP B 144 29.17 12.66 -21.06
CA ASP B 144 30.38 12.94 -20.26
C ASP B 144 30.50 11.81 -19.25
N PRO B 145 31.52 10.92 -19.36
CA PRO B 145 31.66 9.81 -18.41
C PRO B 145 32.14 10.29 -17.04
N TRP B 146 32.61 11.54 -16.92
CA TRP B 146 33.05 12.14 -15.64
C TRP B 146 31.90 12.90 -14.96
N LEU B 147 30.66 12.75 -15.43
CA LEU B 147 29.49 13.41 -14.79
C LEU B 147 29.41 12.91 -13.36
N PRO B 148 29.48 13.79 -12.34
CA PRO B 148 29.43 13.33 -10.95
C PRO B 148 28.13 12.60 -10.58
N TYR B 149 28.31 11.52 -9.83
CA TYR B 149 27.27 10.68 -9.19
C TYR B 149 26.48 9.92 -10.27
N GLU B 150 27.03 9.78 -11.47
CA GLU B 150 26.42 8.91 -12.52
C GLU B 150 26.63 7.46 -12.11
N ALA B 151 25.56 6.79 -11.71
CA ALA B 151 25.57 5.45 -11.08
C ALA B 151 25.13 4.39 -12.09
N HIS B 152 24.83 4.80 -13.33
CA HIS B 152 24.35 3.85 -14.37
C HIS B 152 25.54 3.40 -15.21
N PRO B 153 25.92 2.11 -15.13
CA PRO B 153 27.12 1.60 -15.81
C PRO B 153 27.10 1.80 -17.33
N ASP B 154 25.93 1.65 -17.94
CA ASP B 154 25.75 1.82 -19.40
C ASP B 154 26.16 3.24 -19.80
N HIS B 155 25.92 4.25 -18.96
CA HIS B 155 26.30 5.67 -19.24
C HIS B 155 27.81 5.83 -19.15
N ARG B 156 28.41 5.43 -18.03
CA ARG B 156 29.87 5.50 -17.81
C ARG B 156 30.55 4.80 -19.00
N ALA B 157 30.15 3.56 -19.30
CA ALA B 157 30.73 2.75 -20.39
C ALA B 157 30.62 3.51 -21.72
N THR B 158 29.43 3.99 -22.06
CA THR B 158 29.17 4.61 -23.38
C THR B 158 30.14 5.77 -23.53
N GLY B 159 30.22 6.63 -22.52
CA GLY B 159 31.14 7.79 -22.52
C GLY B 159 32.57 7.37 -22.85
N PHE B 160 33.12 6.43 -22.09
CA PHE B 160 34.52 5.98 -22.26
C PHE B 160 34.68 5.35 -23.64
N LEU B 161 33.83 4.37 -23.99
CA LEU B 161 33.89 3.64 -25.29
C LEU B 161 33.86 4.63 -26.46
N ALA B 162 33.01 5.65 -26.39
CA ALA B 162 32.84 6.66 -27.47
C ALA B 162 34.18 7.35 -27.70
N LEU B 163 34.76 7.92 -26.64
CA LEU B 163 36.08 8.60 -26.69
C LEU B 163 37.14 7.65 -27.24
N ASP B 164 37.19 6.41 -26.78
CA ASP B 164 38.17 5.41 -27.26
C ASP B 164 37.96 5.23 -28.77
N ALA B 165 36.72 5.09 -29.22
CA ALA B 165 36.38 4.82 -30.63
C ALA B 165 36.84 6.01 -31.48
N VAL B 166 36.54 7.22 -31.06
CA VAL B 166 36.98 8.48 -31.73
C VAL B 166 38.51 8.48 -31.86
N ALA B 167 39.20 8.21 -30.77
CA ALA B 167 40.69 8.24 -30.67
C ALA B 167 41.33 7.18 -31.56
N PHE B 168 40.70 6.01 -31.72
CA PHE B 168 41.33 4.83 -32.35
C PHE B 168 40.86 4.66 -33.80
N SER B 169 39.78 5.34 -34.21
CA SER B 169 39.23 5.25 -35.59
C SER B 169 40.30 5.58 -36.62
N PRO B 170 41.19 6.57 -36.36
CA PRO B 170 42.26 6.90 -37.31
C PRO B 170 43.52 6.02 -37.32
N LEU B 171 43.61 5.02 -36.45
CA LEU B 171 44.80 4.15 -36.35
C LEU B 171 44.58 2.93 -37.22
N PRO B 172 45.32 2.77 -38.33
CA PRO B 172 45.07 1.67 -39.27
C PRO B 172 45.35 0.28 -38.68
N ASN B 173 46.16 0.20 -37.63
CA ASN B 173 46.48 -1.09 -36.97
C ASN B 173 45.35 -1.57 -36.05
N PHE B 174 44.40 -0.70 -35.71
CA PHE B 174 43.26 -0.96 -34.81
C PHE B 174 42.07 -1.54 -35.60
N SER B 175 41.68 -2.77 -35.29
CA SER B 175 40.61 -3.50 -36.01
C SER B 175 40.98 -3.49 -37.49
N ASN B 176 42.10 -4.10 -37.85
CA ASN B 176 42.71 -3.91 -39.19
C ASN B 176 41.79 -4.53 -40.26
N ILE B 177 40.96 -5.51 -39.91
CA ILE B 177 40.02 -6.18 -40.86
C ILE B 177 39.06 -5.13 -41.46
N ASP B 178 38.65 -4.11 -40.68
CA ASP B 178 37.85 -2.96 -41.16
C ASP B 178 38.46 -2.41 -42.46
N LEU B 179 39.78 -2.22 -42.49
CA LEU B 179 40.52 -1.72 -43.68
C LEU B 179 40.46 -2.76 -44.80
N ASP B 180 40.89 -3.99 -44.52
CA ASP B 180 40.98 -5.12 -45.48
C ASP B 180 39.63 -5.34 -46.20
N ILE B 181 38.53 -4.75 -45.75
CA ILE B 181 37.18 -4.91 -46.39
C ILE B 181 36.64 -3.56 -46.87
N GLY B 182 37.45 -2.50 -46.92
CA GLY B 182 37.04 -1.23 -47.56
C GLY B 182 37.12 -0.03 -46.64
N LEU B 183 36.73 -0.13 -45.40
CA LEU B 183 36.63 1.04 -44.47
C LEU B 183 38.03 1.59 -44.21
N LYS B 184 38.31 2.80 -44.70
CA LYS B 184 39.56 3.54 -44.44
C LYS B 184 39.46 4.18 -43.05
N PRO B 185 40.60 4.44 -42.39
CA PRO B 185 40.65 5.23 -41.15
C PRO B 185 39.89 6.54 -41.27
N HIS B 186 39.51 7.12 -40.14
CA HIS B 186 38.80 8.42 -40.10
C HIS B 186 39.16 9.18 -38.82
N SER B 187 39.42 10.48 -38.94
CA SER B 187 39.59 11.42 -37.80
C SER B 187 38.34 12.28 -37.66
N VAL B 188 37.67 12.19 -36.53
CA VAL B 188 36.55 13.12 -36.21
C VAL B 188 37.16 14.50 -35.97
N SER B 189 36.48 15.58 -36.34
CA SER B 189 36.97 16.98 -36.23
C SER B 189 36.47 17.61 -34.93
N PHE B 190 35.37 17.09 -34.38
CA PHE B 190 34.65 17.74 -33.26
C PHE B 190 34.14 16.69 -32.26
N ILE B 191 34.34 16.95 -30.97
CA ILE B 191 33.85 16.08 -29.87
C ILE B 191 33.05 16.94 -28.90
N GLY B 192 31.75 16.64 -28.76
CA GLY B 192 30.87 17.28 -27.77
C GLY B 192 30.41 16.31 -26.70
N LEU B 193 30.63 16.65 -25.43
CA LEU B 193 30.11 15.87 -24.29
C LEU B 193 28.76 16.50 -23.89
N TYR B 194 27.68 15.71 -23.93
CA TYR B 194 26.36 16.12 -23.39
C TYR B 194 26.18 15.50 -22.00
N TYR B 195 25.11 15.85 -21.28
CA TYR B 195 24.91 15.40 -19.89
C TYR B 195 26.19 15.68 -19.07
N THR B 196 26.70 16.92 -19.05
CA THR B 196 27.95 17.30 -18.34
C THR B 196 27.63 18.37 -17.30
N SER B 197 28.41 18.38 -16.21
CA SER B 197 28.27 19.38 -15.13
C SER B 197 29.28 20.51 -15.34
N ARG B 198 30.20 20.36 -16.31
CA ARG B 198 31.23 21.39 -16.63
C ARG B 198 31.14 21.75 -18.11
N PRO B 199 30.00 22.34 -18.54
CA PRO B 199 29.82 22.73 -19.93
C PRO B 199 30.57 24.04 -20.15
N ASN B 200 31.03 24.27 -21.38
CA ASN B 200 31.74 25.52 -21.78
C ASN B 200 31.11 26.09 -23.06
N TYR B 201 30.01 25.52 -23.54
CA TYR B 201 29.34 25.95 -24.79
C TYR B 201 27.87 25.57 -24.72
N PHE B 202 26.99 26.54 -24.98
CA PHE B 202 25.53 26.41 -24.76
C PHE B 202 24.77 26.62 -26.06
N VAL B 203 23.50 26.25 -26.04
CA VAL B 203 22.56 26.33 -27.21
C VAL B 203 21.20 26.72 -26.63
N ASP B 204 20.66 27.87 -27.03
CA ASP B 204 19.30 28.30 -26.63
C ASP B 204 18.33 27.29 -27.23
N ILE B 205 17.43 26.75 -26.42
CA ILE B 205 16.37 25.79 -26.87
C ILE B 205 15.00 26.29 -26.39
N THR B 206 14.91 27.55 -25.96
CA THR B 206 13.67 28.16 -25.40
C THR B 206 12.54 28.04 -26.43
N ASP B 207 12.85 28.30 -27.70
CA ASP B 207 11.93 28.22 -28.87
C ASP B 207 11.49 26.78 -29.11
N VAL B 208 12.36 25.81 -28.86
CA VAL B 208 12.22 24.39 -29.30
C VAL B 208 11.70 23.51 -28.15
N MET B 209 11.70 24.03 -26.91
CA MET B 209 11.41 23.27 -25.67
C MET B 209 10.15 22.41 -25.82
N ASP B 210 9.06 22.96 -26.31
CA ASP B 210 7.74 22.28 -26.39
C ASP B 210 7.88 21.06 -27.31
N LEU B 211 8.62 21.17 -28.42
CA LEU B 211 8.85 20.03 -29.34
C LEU B 211 9.71 18.99 -28.62
N LYS B 212 10.81 19.42 -27.99
CA LYS B 212 11.72 18.54 -27.21
C LYS B 212 10.85 17.69 -26.27
N LEU B 213 10.06 18.34 -25.41
CA LEU B 213 9.22 17.67 -24.38
C LEU B 213 8.23 16.71 -25.06
N LYS B 214 7.67 17.06 -26.21
CA LYS B 214 6.72 16.19 -26.94
C LYS B 214 7.48 14.96 -27.48
N ALA B 215 8.72 15.17 -27.93
CA ALA B 215 9.59 14.11 -28.50
C ALA B 215 10.09 13.16 -27.41
N ILE B 216 10.15 13.64 -26.17
CA ILE B 216 10.49 12.81 -24.98
C ILE B 216 9.29 11.91 -24.68
N ARG B 217 8.09 12.50 -24.60
CA ARG B 217 6.84 11.79 -24.24
C ARG B 217 6.51 10.76 -25.34
N ALA B 218 7.11 10.88 -26.52
CA ALA B 218 6.99 9.86 -27.60
C ALA B 218 7.38 8.50 -27.01
N HIS B 219 8.31 8.51 -26.05
CA HIS B 219 8.73 7.35 -25.24
C HIS B 219 7.65 7.10 -24.18
N LYS B 220 6.50 6.57 -24.60
CA LYS B 220 5.30 6.39 -23.74
C LYS B 220 5.66 5.44 -22.60
N SER B 221 6.31 4.32 -22.92
CA SER B 221 6.73 3.25 -21.99
C SER B 221 7.50 3.85 -20.80
N GLN B 222 8.34 4.85 -21.05
CA GLN B 222 9.21 5.45 -20.02
C GLN B 222 8.49 6.56 -19.27
N PHE B 223 7.44 7.16 -19.83
CA PHE B 223 6.80 8.38 -19.27
C PHE B 223 5.28 8.30 -19.35
N PRO B 224 4.61 7.43 -18.56
CA PRO B 224 3.18 7.59 -18.27
C PRO B 224 2.99 8.90 -17.47
N ASP B 225 1.75 9.23 -17.10
CA ASP B 225 1.40 10.53 -16.47
C ASP B 225 1.90 10.54 -15.03
N ASP B 226 1.80 9.41 -14.32
CA ASP B 226 2.39 9.16 -12.97
C ASP B 226 3.81 9.77 -12.94
N ILE B 227 4.67 9.20 -13.79
CA ILE B 227 6.12 9.47 -13.91
C ILE B 227 6.29 10.93 -14.35
N TRP B 228 5.56 11.34 -15.40
CA TRP B 228 5.75 12.64 -16.09
C TRP B 228 5.53 13.81 -15.12
N GLU B 229 4.75 13.59 -14.05
CA GLU B 229 4.48 14.61 -13.00
C GLU B 229 5.81 15.06 -12.39
N THR B 230 6.78 14.14 -12.29
CA THR B 230 8.12 14.40 -11.67
C THR B 230 9.14 14.76 -12.75
N TRP B 231 9.09 14.14 -13.92
CA TRP B 231 10.13 14.34 -14.96
C TRP B 231 9.99 15.71 -15.62
N GLU B 232 8.79 16.15 -16.01
CA GLU B 232 8.63 17.48 -16.68
C GLU B 232 9.30 18.56 -15.83
N PRO B 233 8.95 18.74 -14.54
CA PRO B 233 9.62 19.73 -13.71
C PRO B 233 11.15 19.57 -13.69
N PHE B 234 11.64 18.34 -13.56
CA PHE B 234 13.08 18.00 -13.57
C PHE B 234 13.72 18.56 -14.86
N LEU B 235 13.27 18.06 -16.02
CA LEU B 235 13.79 18.42 -17.36
C LEU B 235 13.85 19.95 -17.54
N ARG B 236 12.85 20.66 -17.02
CA ARG B 236 12.81 22.15 -17.05
C ARG B 236 13.92 22.70 -16.16
N THR B 237 14.05 22.15 -14.97
CA THR B 237 15.07 22.57 -13.97
C THR B 237 16.45 22.38 -14.58
N VAL B 238 16.66 21.33 -15.38
CA VAL B 238 17.96 21.06 -16.05
C VAL B 238 18.23 22.18 -17.06
N ALA B 239 17.28 22.40 -17.97
CA ALA B 239 17.34 23.46 -19.00
C ALA B 239 17.64 24.83 -18.35
N LEU B 240 17.12 25.08 -17.14
CA LEU B 240 17.31 26.37 -16.43
C LEU B 240 18.75 26.47 -15.92
N TYR B 241 19.30 25.38 -15.37
CA TYR B 241 20.71 25.27 -14.88
C TYR B 241 21.66 25.71 -16.00
N TYR B 242 21.49 25.09 -17.17
CA TYR B 242 22.25 25.41 -18.41
C TYR B 242 21.92 26.83 -18.86
N GLY B 243 20.64 27.20 -18.84
CA GLY B 243 20.15 28.54 -19.21
C GLY B 243 20.83 29.65 -18.41
N GLN B 244 20.87 29.53 -17.08
CA GLN B 244 21.48 30.53 -16.17
C GLN B 244 22.87 30.91 -16.68
N LYS B 245 23.68 29.93 -17.07
CA LYS B 245 25.09 30.11 -17.46
C LYS B 245 25.19 30.70 -18.86
N ALA B 246 24.14 30.57 -19.69
CA ALA B 246 24.09 31.03 -21.10
C ALA B 246 23.28 32.32 -21.22
N GLY B 247 22.80 32.86 -20.10
CA GLY B 247 21.91 34.04 -20.01
C GLY B 247 20.69 33.94 -20.92
N VAL B 248 20.08 32.76 -21.06
CA VAL B 248 18.72 32.60 -21.67
C VAL B 248 17.85 31.86 -20.65
N LYS B 249 16.63 31.49 -21.04
CA LYS B 249 15.70 30.74 -20.15
C LYS B 249 16.12 29.27 -20.13
N TYR B 250 15.92 28.58 -21.26
CA TYR B 250 16.12 27.13 -21.45
C TYR B 250 17.27 26.91 -22.46
N ALA B 251 18.37 26.28 -22.02
CA ALA B 251 19.57 25.96 -22.81
C ALA B 251 19.96 24.47 -22.67
N GLU B 252 20.81 23.99 -23.57
CA GLU B 252 21.50 22.68 -23.49
C GLU B 252 23.00 22.94 -23.44
N GLY B 253 23.69 22.38 -22.45
CA GLY B 253 25.13 22.55 -22.23
C GLY B 253 25.92 21.43 -22.86
N PHE B 254 27.11 21.74 -23.37
CA PHE B 254 28.08 20.75 -23.88
C PHE B 254 29.48 21.13 -23.39
N ARG B 255 30.35 20.13 -23.22
CA ARG B 255 31.78 20.42 -23.00
C ARG B 255 32.49 20.09 -24.29
N ILE B 256 33.16 21.10 -24.85
CA ILE B 256 33.97 20.99 -26.07
C ILE B 256 35.40 21.36 -25.70
N MET B 257 36.36 20.48 -26.01
CA MET B 257 37.80 20.72 -25.79
C MET B 257 38.57 20.25 -27.03
N PRO B 258 39.82 20.70 -27.22
CA PRO B 258 40.67 20.14 -28.27
C PRO B 258 40.94 18.66 -28.01
N GLY B 259 41.03 17.84 -29.06
CA GLY B 259 41.36 16.40 -28.95
C GLY B 259 42.51 16.15 -27.99
N LEU B 260 43.52 17.04 -27.99
CA LEU B 260 44.80 16.85 -27.26
C LEU B 260 44.56 16.80 -25.75
N PHE B 261 43.57 17.54 -25.27
CA PHE B 261 43.29 17.75 -23.82
C PHE B 261 42.70 16.51 -23.15
N TYR B 262 42.29 15.51 -23.94
CA TYR B 262 41.74 14.23 -23.44
C TYR B 262 42.90 13.27 -23.11
N HIS B 263 44.12 13.79 -22.95
CA HIS B 263 45.34 12.99 -22.68
C HIS B 263 46.43 13.86 -22.04
N ILE B 264 46.84 13.47 -20.84
CA ILE B 264 48.03 13.98 -20.10
C ILE B 264 48.04 15.52 -20.10
N THR B 265 46.86 16.12 -19.92
CA THR B 265 46.70 17.60 -19.88
C THR B 265 46.25 17.99 -18.49
N PRO B 266 47.22 18.39 -17.63
CA PRO B 266 46.92 18.74 -16.24
C PRO B 266 46.14 20.05 -16.07
N PHE B 267 46.00 20.84 -17.14
CA PHE B 267 45.24 22.12 -17.13
C PHE B 267 43.95 21.98 -17.95
N ALA B 268 43.57 20.74 -18.29
CA ALA B 268 42.35 20.42 -19.05
C ALA B 268 41.13 21.08 -18.38
N GLU B 269 41.10 21.08 -17.05
CA GLU B 269 39.93 21.59 -16.27
C GLU B 269 39.72 23.10 -16.53
N LEU B 270 40.73 23.83 -17.01
CA LEU B 270 40.68 25.31 -17.19
C LEU B 270 40.10 25.68 -18.57
N ILE B 271 38.93 25.18 -18.93
CA ILE B 271 38.15 25.63 -20.14
C ILE B 271 36.64 25.65 -19.82
N PHE C 6 7.59 -41.39 -46.47
CA PHE C 6 8.74 -41.55 -45.51
C PHE C 6 8.27 -42.16 -44.18
N GLU C 7 6.99 -41.95 -43.84
CA GLU C 7 6.25 -42.64 -42.76
C GLU C 7 6.28 -44.16 -42.96
N GLU C 8 6.23 -44.61 -44.22
CA GLU C 8 6.10 -46.03 -44.63
C GLU C 8 7.38 -46.82 -44.33
N ILE C 9 8.48 -46.16 -43.98
CA ILE C 9 9.80 -46.83 -43.85
C ILE C 9 9.92 -47.46 -42.45
N ASN C 10 10.43 -48.69 -42.37
CA ASN C 10 10.56 -49.50 -41.11
C ASN C 10 12.02 -49.87 -40.81
N ASP C 11 12.94 -49.74 -41.79
CA ASP C 11 14.40 -49.93 -41.59
C ASP C 11 15.05 -48.55 -41.41
N PHE C 12 16.02 -48.43 -40.49
CA PHE C 12 16.84 -47.19 -40.38
C PHE C 12 17.72 -47.07 -41.63
N GLU C 13 18.45 -48.12 -41.99
CA GLU C 13 19.43 -48.11 -43.12
C GLU C 13 18.77 -47.59 -44.40
N THR C 14 17.50 -47.92 -44.63
CA THR C 14 16.70 -47.45 -45.79
C THR C 14 16.54 -45.92 -45.70
N ALA C 15 15.97 -45.45 -44.58
CA ALA C 15 15.64 -44.03 -44.31
C ALA C 15 16.92 -43.17 -44.39
N PHE C 16 18.02 -43.72 -43.87
CA PHE C 16 19.37 -43.09 -43.87
C PHE C 16 19.80 -42.85 -45.31
N LYS C 17 19.83 -43.91 -46.13
CA LYS C 17 20.26 -43.85 -47.56
C LYS C 17 19.34 -42.87 -48.30
N ARG C 18 18.05 -42.89 -48.02
CA ARG C 18 17.06 -42.01 -48.68
C ARG C 18 17.28 -40.56 -48.21
N LEU C 19 17.60 -40.36 -46.94
CA LEU C 19 17.85 -39.01 -46.37
C LEU C 19 19.03 -38.36 -47.08
N LEU C 20 20.16 -39.07 -47.21
CA LEU C 20 21.41 -38.53 -47.81
C LEU C 20 21.24 -38.32 -49.31
N ASN C 21 20.72 -39.32 -50.04
CA ASN C 21 20.67 -39.32 -51.53
C ASN C 21 19.55 -38.41 -52.02
N GLU C 22 18.32 -38.57 -51.52
CA GLU C 22 17.12 -37.92 -52.10
C GLU C 22 16.83 -36.58 -51.40
N VAL C 23 16.83 -36.56 -50.07
CA VAL C 23 16.36 -35.39 -49.27
C VAL C 23 17.44 -34.30 -49.25
N LEU C 24 18.68 -34.69 -48.94
CA LEU C 24 19.83 -33.76 -48.79
C LEU C 24 20.63 -33.64 -50.09
N GLU C 25 20.60 -34.60 -51.01
CA GLU C 25 21.40 -34.59 -52.26
C GLU C 25 22.89 -34.47 -51.92
N PHE C 26 23.30 -35.14 -50.84
CA PHE C 26 24.69 -35.15 -50.31
C PHE C 26 25.60 -35.91 -51.29
N ASP C 27 26.56 -35.21 -51.88
CA ASP C 27 27.43 -35.73 -52.96
C ASP C 27 28.88 -35.89 -52.44
N LEU C 28 29.20 -37.05 -51.88
CA LEU C 28 30.55 -37.38 -51.36
C LEU C 28 31.50 -37.63 -52.54
N GLN C 29 30.95 -37.98 -53.71
CA GLN C 29 31.70 -38.35 -54.95
C GLN C 29 32.42 -37.10 -55.49
N ASN C 30 31.70 -36.08 -55.96
CA ASN C 30 32.30 -34.79 -56.38
C ASN C 30 31.69 -33.66 -55.55
N PRO C 31 32.21 -33.40 -54.33
CA PRO C 31 31.62 -32.46 -53.39
C PRO C 31 32.00 -30.99 -53.66
N LEU C 32 32.97 -30.76 -54.54
CA LEU C 32 33.45 -29.40 -54.85
C LEU C 32 32.77 -28.87 -56.11
N LYS C 33 31.72 -29.57 -56.56
CA LYS C 33 31.07 -29.35 -57.88
C LYS C 33 31.11 -27.85 -58.23
N ASP C 34 30.41 -26.97 -57.50
CA ASP C 34 30.08 -25.61 -57.98
C ASP C 34 30.92 -24.53 -57.28
N VAL C 35 32.11 -24.88 -56.78
CA VAL C 35 32.91 -23.99 -55.88
C VAL C 35 33.86 -23.16 -56.75
N LYS C 36 33.68 -21.85 -56.79
CA LYS C 36 34.58 -20.90 -57.52
C LYS C 36 35.52 -20.20 -56.52
N LYS C 37 35.14 -20.11 -55.24
CA LYS C 37 35.90 -19.40 -54.18
C LYS C 37 35.78 -20.11 -52.83
N VAL C 38 36.91 -20.39 -52.16
CA VAL C 38 36.96 -20.99 -50.79
C VAL C 38 37.82 -20.13 -49.86
N LEU C 39 37.48 -20.15 -48.57
CA LEU C 39 38.38 -19.72 -47.45
C LEU C 39 39.05 -20.95 -46.84
N CYS C 40 40.36 -20.86 -46.63
CA CYS C 40 41.10 -21.75 -45.70
C CYS C 40 41.41 -20.95 -44.44
N ILE C 41 40.89 -21.44 -43.32
CA ILE C 41 41.07 -20.78 -41.99
C ILE C 41 42.17 -21.54 -41.25
N GLU C 42 43.28 -20.86 -40.95
CA GLU C 42 44.46 -21.43 -40.26
C GLU C 42 44.63 -20.71 -38.91
N PRO C 43 44.83 -21.49 -37.82
CA PRO C 43 45.20 -20.94 -36.52
C PRO C 43 46.49 -20.10 -36.54
N HIS C 44 47.56 -20.68 -37.10
CA HIS C 44 48.91 -20.06 -37.18
C HIS C 44 49.37 -19.96 -38.63
N PRO C 45 50.31 -19.04 -38.92
CA PRO C 45 50.97 -19.01 -40.22
C PRO C 45 51.72 -20.34 -40.46
N ASP C 46 51.24 -21.14 -41.40
CA ASP C 46 51.86 -22.41 -41.86
C ASP C 46 50.83 -23.55 -41.75
N ASP C 47 49.69 -23.32 -41.11
CA ASP C 47 48.74 -24.42 -40.78
C ASP C 47 48.01 -24.83 -42.08
N CYS C 48 47.73 -23.88 -42.98
CA CYS C 48 47.04 -24.16 -44.27
C CYS C 48 47.98 -24.98 -45.16
N VAL C 49 49.21 -24.51 -45.35
CA VAL C 49 50.20 -25.21 -46.23
C VAL C 49 50.49 -26.61 -45.64
N ILE C 50 50.71 -26.76 -44.34
CA ILE C 50 51.02 -28.09 -43.72
C ILE C 50 49.79 -29.00 -43.85
N GLY C 51 48.60 -28.45 -43.62
CA GLY C 51 47.36 -29.22 -43.52
C GLY C 51 46.90 -29.69 -44.89
N MET C 52 46.79 -28.77 -45.85
CA MET C 52 46.14 -29.02 -47.14
C MET C 52 46.83 -28.23 -48.27
N GLY C 53 48.14 -28.02 -48.15
CA GLY C 53 48.95 -27.28 -49.14
C GLY C 53 48.82 -27.86 -50.53
N GLY C 54 48.86 -29.19 -50.65
CA GLY C 54 48.73 -29.89 -51.94
C GLY C 54 47.40 -29.57 -52.58
N THR C 55 46.31 -29.83 -51.86
CA THR C 55 44.93 -29.57 -52.32
C THR C 55 44.79 -28.10 -52.75
N ILE C 56 45.43 -27.16 -52.06
CA ILE C 56 45.30 -25.71 -52.37
C ILE C 56 45.91 -25.46 -53.75
N LYS C 57 47.08 -26.07 -54.03
CA LYS C 57 47.75 -26.00 -55.35
C LYS C 57 46.76 -26.50 -56.42
N ARG C 58 46.23 -27.71 -56.26
CA ARG C 58 45.31 -28.34 -57.23
C ARG C 58 44.08 -27.45 -57.48
N LEU C 59 43.52 -26.81 -56.45
CA LEU C 59 42.33 -25.92 -56.57
C LEU C 59 42.71 -24.62 -57.29
N THR C 60 43.87 -24.07 -56.98
CA THR C 60 44.44 -22.86 -57.61
C THR C 60 44.58 -23.10 -59.13
N ASP C 61 45.10 -24.28 -59.51
CA ASP C 61 45.36 -24.70 -60.92
C ASP C 61 44.05 -24.89 -61.67
N ARG C 62 43.10 -25.65 -61.12
CA ARG C 62 41.71 -25.81 -61.66
C ARG C 62 40.99 -24.44 -61.70
N GLY C 63 41.67 -23.34 -61.37
CA GLY C 63 41.19 -21.95 -61.55
C GLY C 63 40.34 -21.43 -60.41
N ILE C 64 40.33 -22.08 -59.23
CA ILE C 64 39.48 -21.71 -58.07
C ILE C 64 40.25 -20.77 -57.14
N GLU C 65 39.63 -19.63 -56.78
CA GLU C 65 40.15 -18.59 -55.85
C GLU C 65 40.23 -19.19 -54.44
N VAL C 66 41.38 -19.07 -53.79
CA VAL C 66 41.63 -19.57 -52.42
C VAL C 66 42.12 -18.39 -51.57
N ILE C 67 41.38 -18.06 -50.51
CA ILE C 67 41.74 -16.97 -49.57
C ILE C 67 42.08 -17.57 -48.20
N TYR C 68 43.22 -17.18 -47.62
CA TYR C 68 43.63 -17.52 -46.25
C TYR C 68 42.99 -16.55 -45.25
N ILE C 69 42.48 -17.09 -44.13
CA ILE C 69 42.30 -16.32 -42.87
C ILE C 69 43.23 -16.91 -41.83
N CYS C 70 44.14 -16.09 -41.32
CA CYS C 70 45.12 -16.47 -40.26
C CYS C 70 44.68 -15.82 -38.94
N MET C 71 44.32 -16.68 -37.99
CA MET C 71 43.72 -16.28 -36.69
C MET C 71 44.76 -15.56 -35.85
N THR C 72 45.98 -16.13 -35.75
CA THR C 72 47.07 -15.60 -34.88
C THR C 72 48.24 -15.06 -35.70
N ASP C 73 49.24 -14.53 -35.00
CA ASP C 73 50.36 -13.71 -35.51
C ASP C 73 51.65 -14.54 -35.45
N GLY C 74 51.61 -15.75 -34.88
CA GLY C 74 52.78 -16.64 -34.73
C GLY C 74 53.83 -16.15 -33.74
N TYR C 75 53.50 -15.16 -32.90
CA TYR C 75 54.39 -14.42 -31.95
C TYR C 75 55.24 -15.35 -31.09
N MET C 76 54.77 -16.56 -30.78
CA MET C 76 55.42 -17.40 -29.73
C MET C 76 56.37 -18.44 -30.32
N GLY C 77 56.30 -18.72 -31.62
CA GLY C 77 56.86 -19.95 -32.23
C GLY C 77 58.36 -19.91 -32.53
N THR C 78 59.20 -19.72 -31.51
CA THR C 78 60.69 -19.80 -31.58
C THR C 78 61.24 -20.10 -30.18
N THR C 79 62.27 -20.96 -30.12
CA THR C 79 63.10 -21.25 -28.94
C THR C 79 64.29 -20.27 -28.88
N ASP C 80 64.53 -19.49 -29.93
CA ASP C 80 65.69 -18.56 -30.02
C ASP C 80 65.44 -17.36 -29.09
N GLU C 81 66.21 -17.24 -28.01
CA GLU C 81 66.07 -16.17 -26.97
C GLU C 81 66.40 -14.78 -27.54
N ASN C 82 66.80 -14.65 -28.81
CA ASN C 82 67.21 -13.34 -29.42
C ASN C 82 66.08 -12.73 -30.24
N ILE C 83 65.09 -13.53 -30.65
CA ILE C 83 63.97 -13.09 -31.54
C ILE C 83 62.79 -12.69 -30.65
N THR C 84 62.47 -11.40 -30.55
CA THR C 84 61.24 -10.91 -29.86
C THR C 84 60.04 -11.43 -30.67
N GLY C 85 58.91 -11.65 -30.00
CA GLY C 85 57.66 -12.10 -30.66
C GLY C 85 57.28 -11.13 -31.77
N HIS C 86 57.52 -9.83 -31.58
CA HIS C 86 57.24 -8.76 -32.56
C HIS C 86 58.02 -8.99 -33.85
N GLU C 87 59.30 -9.35 -33.74
CA GLU C 87 60.16 -9.69 -34.92
C GLU C 87 59.53 -10.91 -35.60
N LEU C 88 59.31 -11.96 -34.82
CA LEU C 88 58.88 -13.27 -35.37
C LEU C 88 57.57 -13.09 -36.16
N ALA C 89 56.66 -12.23 -35.69
CA ALA C 89 55.38 -11.94 -36.37
C ALA C 89 55.69 -11.40 -37.78
N GLN C 90 56.43 -10.29 -37.83
CA GLN C 90 56.91 -9.61 -39.06
C GLN C 90 57.47 -10.66 -40.03
N ILE C 91 58.36 -11.52 -39.53
CA ILE C 91 59.04 -12.60 -40.32
C ILE C 91 57.97 -13.53 -40.89
N ARG C 92 57.17 -14.14 -40.03
CA ARG C 92 56.22 -15.23 -40.42
C ARG C 92 55.15 -14.67 -41.35
N ARG C 93 54.89 -13.36 -41.30
CA ARG C 93 54.01 -12.70 -42.28
C ARG C 93 54.63 -12.88 -43.67
N LYS C 94 55.90 -12.49 -43.83
CA LYS C 94 56.67 -12.63 -45.09
C LYS C 94 56.74 -14.11 -45.48
N GLU C 95 57.04 -15.01 -44.53
CA GLU C 95 57.13 -16.46 -44.83
C GLU C 95 55.79 -16.95 -45.40
N GLU C 96 54.64 -16.48 -44.91
CA GLU C 96 53.31 -17.00 -45.38
C GLU C 96 53.05 -16.40 -46.77
N GLU C 97 53.36 -15.11 -46.98
CA GLU C 97 53.26 -14.43 -48.30
C GLU C 97 54.05 -15.23 -49.37
N GLU C 98 55.23 -15.78 -49.06
CA GLU C 98 56.07 -16.53 -50.03
C GLU C 98 55.45 -17.91 -50.27
N SER C 99 55.14 -18.66 -49.21
CA SER C 99 54.40 -19.94 -49.24
C SER C 99 53.11 -19.77 -50.04
N ALA C 100 52.38 -18.69 -49.81
CA ALA C 100 51.08 -18.38 -50.46
C ALA C 100 51.27 -18.33 -51.98
N LYS C 101 52.21 -17.52 -52.45
CA LYS C 101 52.54 -17.34 -53.89
C LYS C 101 52.85 -18.71 -54.53
N MET C 102 53.70 -19.52 -53.91
CA MET C 102 54.09 -20.86 -54.44
C MET C 102 52.86 -21.75 -54.67
N LEU C 103 51.72 -21.47 -54.03
CA LEU C 103 50.49 -22.32 -54.08
C LEU C 103 49.38 -21.64 -54.87
N GLY C 104 49.54 -20.35 -55.19
CA GLY C 104 48.63 -19.57 -56.04
C GLY C 104 47.62 -18.78 -55.24
N VAL C 105 47.95 -18.44 -54.00
CA VAL C 105 47.03 -17.72 -53.09
C VAL C 105 47.45 -16.25 -53.10
N LYS C 106 46.47 -15.37 -53.33
CA LYS C 106 46.72 -13.94 -53.63
C LYS C 106 46.36 -13.10 -52.40
N LYS C 107 45.23 -13.39 -51.76
CA LYS C 107 44.65 -12.61 -50.62
C LYS C 107 44.82 -13.38 -49.31
N ILE C 108 45.24 -12.69 -48.24
CA ILE C 108 45.36 -13.24 -46.84
C ILE C 108 44.82 -12.19 -45.85
N TYR C 109 43.81 -12.55 -45.06
CA TYR C 109 43.35 -11.76 -43.90
C TYR C 109 44.13 -12.17 -42.64
N TRP C 110 44.64 -11.20 -41.89
CA TRP C 110 45.36 -11.40 -40.62
C TRP C 110 44.52 -10.82 -39.47
N LEU C 111 43.92 -11.68 -38.63
CA LEU C 111 43.18 -11.19 -37.45
C LEU C 111 44.16 -10.62 -36.40
N ASN C 112 45.35 -11.20 -36.26
CA ASN C 112 46.41 -10.64 -35.37
C ASN C 112 46.06 -10.83 -33.89
N TYR C 113 45.16 -11.75 -33.56
CA TYR C 113 45.09 -12.33 -32.21
C TYR C 113 46.49 -12.92 -31.97
N ARG C 114 47.03 -12.79 -30.75
CA ARG C 114 48.39 -13.28 -30.40
C ARG C 114 48.38 -14.81 -30.27
N ASP C 115 49.35 -15.46 -30.91
CA ASP C 115 49.68 -16.90 -30.74
C ASP C 115 49.52 -17.26 -29.26
N THR C 116 48.80 -18.34 -28.96
CA THR C 116 48.55 -18.94 -27.61
C THR C 116 47.44 -18.20 -26.87
N GLU C 117 46.91 -17.11 -27.42
CA GLU C 117 46.01 -16.18 -26.69
C GLU C 117 44.80 -15.90 -27.60
N LEU C 118 44.35 -16.91 -28.35
CA LEU C 118 43.19 -16.77 -29.25
C LEU C 118 41.95 -17.07 -28.44
N PRO C 119 41.11 -16.05 -28.15
CA PRO C 119 39.87 -16.25 -27.40
C PRO C 119 38.90 -17.15 -28.17
N TYR C 120 38.16 -18.02 -27.49
CA TYR C 120 36.88 -18.60 -28.00
C TYR C 120 35.77 -17.65 -27.54
N SER C 121 35.79 -16.40 -28.03
CA SER C 121 34.85 -15.31 -27.66
C SER C 121 33.85 -15.05 -28.80
N ARG C 122 32.76 -14.37 -28.45
CA ARG C 122 31.75 -13.83 -29.40
C ARG C 122 32.47 -12.90 -30.39
N GLU C 123 33.29 -12.01 -29.87
CA GLU C 123 34.08 -11.01 -30.64
C GLU C 123 34.79 -11.70 -31.82
N VAL C 124 35.40 -12.85 -31.62
CA VAL C 124 36.20 -13.50 -32.71
C VAL C 124 35.24 -14.06 -33.75
N ARG C 125 34.10 -14.62 -33.33
CA ARG C 125 33.03 -15.05 -34.27
C ARG C 125 32.63 -13.88 -35.17
N LYS C 126 32.40 -12.70 -34.57
CA LYS C 126 31.95 -11.49 -35.28
C LYS C 126 32.97 -11.11 -36.36
N ASP C 127 34.27 -11.19 -36.03
CA ASP C 127 35.40 -10.88 -36.96
C ASP C 127 35.35 -11.83 -38.16
N LEU C 128 35.23 -13.15 -37.93
CA LEU C 128 35.18 -14.18 -39.00
C LEU C 128 33.96 -14.00 -39.89
N VAL C 129 32.79 -13.69 -39.31
CA VAL C 129 31.51 -13.54 -40.05
C VAL C 129 31.67 -12.35 -41.00
N LYS C 130 32.13 -11.22 -40.48
CA LYS C 130 32.44 -10.00 -41.26
C LYS C 130 33.16 -10.39 -42.56
N ILE C 131 34.19 -11.22 -42.49
CA ILE C 131 34.98 -11.63 -43.68
C ILE C 131 34.11 -12.51 -44.57
N ILE C 132 33.58 -13.61 -44.03
CA ILE C 132 32.67 -14.53 -44.76
C ILE C 132 31.59 -13.73 -45.51
N ARG C 133 30.98 -12.75 -44.84
CA ARG C 133 29.85 -11.98 -45.43
C ARG C 133 30.34 -11.11 -46.59
N LYS C 134 31.57 -10.60 -46.50
CA LYS C 134 32.21 -9.79 -47.56
C LYS C 134 32.59 -10.67 -48.75
N GLU C 135 33.43 -11.68 -48.54
CA GLU C 135 34.03 -12.52 -49.62
C GLU C 135 33.00 -13.52 -50.18
N LYS C 136 31.81 -13.63 -49.57
CA LYS C 136 30.73 -14.55 -50.02
C LYS C 136 31.32 -15.85 -50.58
N PRO C 137 32.19 -16.58 -49.86
CA PRO C 137 32.76 -17.82 -50.41
C PRO C 137 31.77 -18.99 -50.49
N ASP C 138 32.01 -19.90 -51.43
CA ASP C 138 31.15 -21.09 -51.70
C ASP C 138 31.54 -22.18 -50.72
N GLY C 139 32.80 -22.18 -50.28
CA GLY C 139 33.39 -23.24 -49.45
C GLY C 139 34.24 -22.67 -48.31
N VAL C 140 34.36 -23.40 -47.22
CA VAL C 140 35.27 -23.07 -46.10
C VAL C 140 35.97 -24.34 -45.63
N PHE C 141 37.29 -24.29 -45.58
CA PHE C 141 38.11 -25.34 -44.93
C PHE C 141 38.60 -24.81 -43.57
N LEU C 142 38.53 -25.66 -42.57
CA LEU C 142 38.89 -25.34 -41.16
C LEU C 142 39.34 -26.63 -40.48
N PRO C 143 40.18 -26.51 -39.44
CA PRO C 143 40.72 -27.69 -38.76
C PRO C 143 39.66 -28.36 -37.87
N ASP C 144 39.62 -29.69 -37.91
CA ASP C 144 38.66 -30.52 -37.14
C ASP C 144 38.94 -30.28 -35.67
N PRO C 145 38.03 -29.62 -34.91
CA PRO C 145 38.25 -29.37 -33.50
C PRO C 145 38.12 -30.66 -32.65
N TRP C 146 37.59 -31.74 -33.23
CA TRP C 146 37.47 -33.07 -32.56
C TRP C 146 38.68 -33.95 -32.85
N LEU C 147 39.75 -33.41 -33.42
CA LEU C 147 40.98 -34.21 -33.69
C LEU C 147 41.49 -34.71 -32.34
N PRO C 148 41.61 -36.04 -32.14
CA PRO C 148 42.07 -36.57 -30.85
C PRO C 148 43.48 -36.10 -30.46
N TYR C 149 43.59 -35.78 -29.17
CA TYR C 149 44.83 -35.42 -28.45
C TYR C 149 45.39 -34.07 -28.94
N GLU C 150 44.56 -33.27 -29.62
CA GLU C 150 44.98 -31.89 -30.02
C GLU C 150 45.02 -31.02 -28.76
N ALA C 151 46.22 -30.64 -28.33
CA ALA C 151 46.49 -29.99 -27.04
C ALA C 151 46.75 -28.50 -27.25
N HIS C 152 46.66 -28.02 -28.49
CA HIS C 152 46.93 -26.59 -28.80
C HIS C 152 45.61 -25.82 -28.82
N PRO C 153 45.39 -24.91 -27.85
CA PRO C 153 44.11 -24.21 -27.72
C PRO C 153 43.70 -23.41 -28.98
N ASP C 154 44.68 -22.81 -29.65
CA ASP C 154 44.44 -22.02 -30.87
C ASP C 154 43.79 -22.92 -31.94
N HIS C 155 44.13 -24.21 -32.01
CA HIS C 155 43.55 -25.16 -32.99
C HIS C 155 42.11 -25.48 -32.61
N ARG C 156 41.88 -25.92 -31.37
CA ARG C 156 40.53 -26.25 -30.86
C ARG C 156 39.63 -25.02 -31.10
N ALA C 157 40.06 -23.85 -30.66
CA ALA C 157 39.29 -22.59 -30.81
C ALA C 157 38.96 -22.34 -32.28
N THR C 158 39.96 -22.37 -33.15
CA THR C 158 39.80 -22.01 -34.58
C THR C 158 38.70 -22.92 -35.16
N GLY C 159 38.81 -24.21 -34.92
CA GLY C 159 37.81 -25.20 -35.39
C GLY C 159 36.41 -24.80 -35.00
N PHE C 160 36.18 -24.61 -33.70
CA PHE C 160 34.83 -24.28 -33.18
C PHE C 160 34.38 -22.94 -33.74
N LEU C 161 35.19 -21.89 -33.62
CA LEU C 161 34.87 -20.51 -34.09
C LEU C 161 34.49 -20.54 -35.58
N ALA C 162 35.21 -21.30 -36.40
CA ALA C 162 34.98 -21.37 -37.86
C ALA C 162 33.56 -21.90 -38.10
N LEU C 163 33.22 -23.05 -37.52
CA LEU C 163 31.88 -23.69 -37.61
C LEU C 163 30.82 -22.69 -37.14
N ASP C 164 31.02 -22.02 -36.02
CA ASP C 164 30.05 -21.05 -35.48
C ASP C 164 29.87 -19.94 -36.52
N ALA C 165 30.96 -19.44 -37.09
CA ALA C 165 30.93 -18.32 -38.07
C ALA C 165 30.13 -18.73 -39.30
N VAL C 166 30.42 -19.91 -39.82
CA VAL C 166 29.67 -20.51 -40.97
C VAL C 166 28.17 -20.56 -40.65
N ALA C 167 27.83 -21.10 -39.50
CA ALA C 167 26.44 -21.31 -39.04
C ALA C 167 25.70 -19.98 -38.86
N PHE C 168 26.39 -18.93 -38.41
CA PHE C 168 25.73 -17.67 -37.96
C PHE C 168 25.82 -16.60 -39.06
N SER C 169 26.66 -16.77 -40.08
CA SER C 169 26.84 -15.79 -41.19
C SER C 169 25.50 -15.50 -41.84
N PRO C 170 24.61 -16.49 -42.04
CA PRO C 170 23.30 -16.26 -42.65
C PRO C 170 22.18 -15.70 -41.77
N LEU C 171 22.44 -15.47 -40.48
CA LEU C 171 21.40 -14.97 -39.55
C LEU C 171 21.50 -13.46 -39.49
N PRO C 172 20.50 -12.72 -39.99
CA PRO C 172 20.58 -11.25 -40.03
C PRO C 172 20.59 -10.60 -38.64
N ASN C 173 20.12 -11.31 -37.60
CA ASN C 173 20.11 -10.81 -36.21
C ASN C 173 21.50 -10.90 -35.54
N PHE C 174 22.43 -11.64 -36.14
CA PHE C 174 23.82 -11.85 -35.65
C PHE C 174 24.74 -10.77 -36.20
N SER C 175 25.31 -9.96 -35.30
CA SER C 175 26.23 -8.86 -35.67
C SER C 175 25.49 -7.98 -36.67
N ASN C 176 24.37 -7.39 -36.25
CA ASN C 176 23.42 -6.74 -37.20
C ASN C 176 24.09 -5.51 -37.83
N ILE C 177 25.08 -4.91 -37.16
CA ILE C 177 25.81 -3.71 -37.68
C ILE C 177 26.48 -4.06 -39.03
N ASP C 178 26.96 -5.29 -39.22
CA ASP C 178 27.49 -5.80 -40.51
C ASP C 178 26.51 -5.45 -41.64
N LEU C 179 25.22 -5.68 -41.43
CA LEU C 179 24.13 -5.38 -42.40
C LEU C 179 24.00 -3.87 -42.58
N ASP C 180 23.80 -3.15 -41.49
CA ASP C 180 23.61 -1.67 -41.45
C ASP C 180 24.74 -0.93 -42.19
N ILE C 181 25.85 -1.58 -42.53
CA ILE C 181 27.00 -0.95 -43.26
C ILE C 181 27.25 -1.64 -44.61
N GLY C 182 26.34 -2.49 -45.10
CA GLY C 182 26.41 -3.02 -46.47
C GLY C 182 26.40 -4.54 -46.54
N LEU C 183 27.13 -5.22 -45.67
CA LEU C 183 27.34 -6.68 -45.78
C LEU C 183 26.00 -7.41 -45.53
N LYS C 184 25.48 -8.07 -46.57
CA LYS C 184 24.29 -8.94 -46.47
C LYS C 184 24.72 -10.29 -45.92
N PRO C 185 23.79 -11.02 -45.26
CA PRO C 185 24.01 -12.40 -44.84
C PRO C 185 24.56 -13.28 -45.95
N HIS C 186 25.15 -14.41 -45.60
CA HIS C 186 25.73 -15.37 -46.57
C HIS C 186 25.66 -16.79 -46.02
N SER C 187 25.26 -17.75 -46.85
CA SER C 187 25.30 -19.20 -46.55
C SER C 187 26.45 -19.83 -47.34
N VAL C 188 27.41 -20.41 -46.65
CA VAL C 188 28.46 -21.22 -47.31
C VAL C 188 27.78 -22.49 -47.83
N SER C 189 28.21 -23.03 -48.98
CA SER C 189 27.63 -24.22 -49.64
C SER C 189 28.38 -25.48 -49.23
N PHE C 190 29.63 -25.34 -48.79
CA PHE C 190 30.55 -26.48 -48.56
C PHE C 190 31.41 -26.25 -47.30
N ILE C 191 31.53 -27.28 -46.46
CA ILE C 191 32.39 -27.26 -45.24
C ILE C 191 33.34 -28.46 -45.29
N GLY C 192 34.64 -28.20 -45.32
CA GLY C 192 35.70 -29.22 -45.24
C GLY C 192 36.51 -29.09 -43.96
N LEU C 193 36.62 -30.17 -43.19
CA LEU C 193 37.51 -30.24 -42.01
C LEU C 193 38.83 -30.84 -42.47
N TYR C 194 39.94 -30.12 -42.31
CA TYR C 194 41.31 -30.65 -42.52
C TYR C 194 41.92 -31.02 -41.17
N TYR C 195 43.10 -31.64 -41.17
CA TYR C 195 43.74 -32.14 -39.92
C TYR C 195 42.71 -32.98 -39.14
N THR C 196 42.10 -34.01 -39.74
CA THR C 196 41.07 -34.87 -39.11
C THR C 196 41.55 -36.31 -39.07
N SER C 197 41.08 -37.07 -38.08
CA SER C 197 41.40 -38.52 -37.95
C SER C 197 40.26 -39.34 -38.56
N ARG C 198 39.13 -38.71 -38.91
CA ARG C 198 37.95 -39.39 -39.51
C ARG C 198 37.59 -38.75 -40.85
N PRO C 199 38.50 -38.83 -41.84
CA PRO C 199 38.25 -38.24 -43.16
C PRO C 199 37.32 -39.18 -43.93
N ASN C 200 36.53 -38.63 -44.85
CA ASN C 200 35.62 -39.41 -45.73
C ASN C 200 35.82 -39.00 -47.19
N TYR C 201 36.80 -38.15 -47.48
CA TYR C 201 37.08 -37.65 -48.85
C TYR C 201 38.55 -37.28 -48.96
N PHE C 202 39.22 -37.76 -50.00
CA PHE C 202 40.69 -37.68 -50.16
C PHE C 202 41.04 -36.96 -51.47
N VAL C 203 42.30 -36.58 -51.59
CA VAL C 203 42.86 -35.83 -52.73
C VAL C 203 44.28 -36.36 -52.94
N ASP C 204 44.57 -36.94 -54.12
CA ASP C 204 45.93 -37.39 -54.47
C ASP C 204 46.80 -36.14 -54.53
N ILE C 205 47.94 -36.14 -53.85
CA ILE C 205 48.93 -35.02 -53.88
C ILE C 205 50.31 -35.58 -54.20
N THR C 206 50.39 -36.82 -54.70
CA THR C 206 51.67 -37.52 -55.00
C THR C 206 52.49 -36.68 -56.00
N ASP C 207 51.82 -36.11 -57.00
CA ASP C 207 52.39 -35.24 -58.07
C ASP C 207 52.91 -33.92 -57.45
N VAL C 208 52.25 -33.41 -56.41
CA VAL C 208 52.42 -32.02 -55.89
C VAL C 208 53.33 -32.03 -54.65
N MET C 209 53.60 -33.21 -54.07
CA MET C 209 54.28 -33.36 -52.75
C MET C 209 55.52 -32.47 -52.67
N ASP C 210 56.40 -32.52 -53.67
CA ASP C 210 57.70 -31.79 -53.63
C ASP C 210 57.45 -30.29 -53.52
N LEU C 211 56.45 -29.76 -54.21
CA LEU C 211 56.09 -28.32 -54.11
C LEU C 211 55.55 -28.04 -52.70
N LYS C 212 54.62 -28.87 -52.22
CA LYS C 212 54.05 -28.75 -50.85
C LYS C 212 55.21 -28.60 -49.85
N LEU C 213 56.13 -29.57 -49.84
CA LEU C 213 57.27 -29.61 -48.89
C LEU C 213 58.16 -28.36 -49.05
N LYS C 214 58.34 -27.86 -50.28
CA LYS C 214 59.15 -26.65 -50.52
C LYS C 214 58.40 -25.43 -49.96
N ALA C 215 57.08 -25.43 -50.07
CA ALA C 215 56.19 -24.32 -49.62
C ALA C 215 56.10 -24.31 -48.08
N ILE C 216 56.32 -25.46 -47.45
CA ILE C 216 56.39 -25.58 -45.97
C ILE C 216 57.72 -24.96 -45.51
N ARG C 217 58.82 -25.35 -46.14
CA ARG C 217 60.19 -24.89 -45.78
C ARG C 217 60.32 -23.39 -46.05
N ALA C 218 59.41 -22.81 -46.82
CA ALA C 218 59.33 -21.34 -47.01
C ALA C 218 59.26 -20.67 -45.64
N HIS C 219 58.63 -21.36 -44.69
CA HIS C 219 58.58 -21.00 -43.25
C HIS C 219 59.91 -21.36 -42.61
N LYS C 220 60.95 -20.58 -42.92
CA LYS C 220 62.36 -20.86 -42.50
C LYS C 220 62.41 -20.89 -40.97
N SER C 221 61.83 -19.86 -40.33
CA SER C 221 61.79 -19.66 -38.86
C SER C 221 61.30 -20.93 -38.16
N GLN C 222 60.32 -21.62 -38.74
CA GLN C 222 59.70 -22.82 -38.12
C GLN C 222 60.47 -24.08 -38.44
N PHE C 223 61.27 -24.10 -39.52
CA PHE C 223 61.91 -25.35 -40.04
C PHE C 223 63.36 -25.10 -40.46
N PRO C 224 64.30 -24.86 -39.52
CA PRO C 224 65.72 -25.04 -39.81
C PRO C 224 65.98 -26.53 -40.07
N ASP C 225 67.24 -26.92 -40.34
CA ASP C 225 67.59 -28.27 -40.81
C ASP C 225 67.49 -29.26 -39.64
N ASP C 226 67.93 -28.84 -38.45
CA ASP C 226 67.81 -29.68 -37.20
C ASP C 226 66.35 -30.13 -37.08
N ILE C 227 65.37 -29.21 -37.10
CA ILE C 227 63.92 -29.46 -36.95
C ILE C 227 63.45 -30.33 -38.13
N TRP C 228 63.82 -29.94 -39.36
CA TRP C 228 63.31 -30.54 -40.61
C TRP C 228 63.65 -32.04 -40.68
N GLU C 229 64.71 -32.46 -39.99
CA GLU C 229 65.12 -33.88 -39.91
C GLU C 229 63.97 -34.72 -39.35
N THR C 230 63.17 -34.15 -38.46
CA THR C 230 62.05 -34.84 -37.77
C THR C 230 60.74 -34.56 -38.52
N TRP C 231 60.53 -33.34 -39.03
CA TRP C 231 59.23 -32.96 -39.62
C TRP C 231 59.04 -33.61 -41.00
N GLU C 232 60.05 -33.61 -41.88
CA GLU C 232 59.90 -34.21 -43.24
C GLU C 232 59.37 -35.64 -43.10
N PRO C 233 60.03 -36.54 -42.34
CA PRO C 233 59.52 -37.90 -42.16
C PRO C 233 58.07 -37.92 -41.64
N PHE C 234 57.75 -37.09 -40.65
CA PHE C 234 56.39 -36.96 -40.07
C PHE C 234 55.39 -36.65 -41.20
N LEU C 235 55.56 -35.50 -41.88
CA LEU C 235 54.67 -35.00 -42.96
C LEU C 235 54.42 -36.09 -44.00
N ARG C 236 55.45 -36.87 -44.35
CA ARG C 236 55.33 -37.99 -45.30
C ARG C 236 54.47 -39.08 -44.69
N THR C 237 54.71 -39.42 -43.43
CA THR C 237 53.97 -40.47 -42.70
C THR C 237 52.49 -40.09 -42.66
N VAL C 238 52.18 -38.80 -42.54
CA VAL C 238 50.77 -38.29 -42.51
C VAL C 238 50.15 -38.56 -43.88
N ALA C 239 50.79 -38.07 -44.94
CA ALA C 239 50.36 -38.24 -46.35
C ALA C 239 50.12 -39.73 -46.65
N LEU C 240 50.90 -40.63 -46.07
CA LEU C 240 50.79 -42.10 -46.29
C LEU C 240 49.53 -42.62 -45.60
N TYR C 241 49.26 -42.19 -44.37
CA TYR C 241 48.06 -42.54 -43.57
C TYR C 241 46.81 -42.26 -44.40
N TYR C 242 46.71 -41.03 -44.91
CA TYR C 242 45.62 -40.57 -45.81
C TYR C 242 45.68 -41.36 -47.13
N GLY C 243 46.88 -41.53 -47.69
CA GLY C 243 47.11 -42.30 -48.94
C GLY C 243 46.56 -43.71 -48.86
N GLN C 244 46.88 -44.46 -47.81
CA GLN C 244 46.44 -45.87 -47.59
C GLN C 244 44.94 -45.96 -47.85
N LYS C 245 44.16 -45.04 -47.29
CA LYS C 245 42.67 -45.07 -47.31
C LYS C 245 42.14 -44.63 -48.68
N ALA C 246 42.94 -43.93 -49.48
CA ALA C 246 42.58 -43.39 -50.82
C ALA C 246 43.19 -44.23 -51.93
N GLY C 247 43.88 -45.32 -51.58
CA GLY C 247 44.64 -46.20 -52.50
C GLY C 247 45.58 -45.44 -53.42
N VAL C 248 46.25 -44.38 -52.95
CA VAL C 248 47.40 -43.74 -53.66
C VAL C 248 48.59 -43.72 -52.69
N LYS C 249 49.69 -43.08 -53.07
CA LYS C 249 50.90 -42.97 -52.20
C LYS C 249 50.66 -41.89 -51.15
N TYR C 250 50.61 -40.63 -51.60
CA TYR C 250 50.51 -39.40 -50.78
C TYR C 250 49.16 -38.72 -51.07
N ALA C 251 48.31 -38.61 -50.04
CA ALA C 251 46.96 -37.98 -50.09
C ALA C 251 46.78 -36.97 -48.96
N GLU C 252 45.76 -36.10 -49.09
CA GLU C 252 45.27 -35.20 -48.03
C GLU C 252 43.81 -35.56 -47.73
N GLY C 253 43.48 -35.81 -46.47
CA GLY C 253 42.14 -36.23 -46.03
C GLY C 253 41.32 -35.03 -45.57
N PHE C 254 40.02 -35.07 -45.81
CA PHE C 254 39.05 -34.07 -45.32
C PHE C 254 37.81 -34.81 -44.80
N ARG C 255 37.13 -34.24 -43.81
CA ARG C 255 35.78 -34.72 -43.44
C ARG C 255 34.78 -33.72 -43.97
N ILE C 256 33.88 -34.21 -44.82
CA ILE C 256 32.79 -33.42 -45.45
C ILE C 256 31.49 -34.06 -45.00
N MET C 257 30.59 -33.26 -44.44
CA MET C 257 29.23 -33.70 -44.01
C MET C 257 28.23 -32.61 -44.39
N PRO C 258 26.92 -32.93 -44.50
CA PRO C 258 25.91 -31.90 -44.67
C PRO C 258 25.86 -30.96 -43.46
N GLY C 259 25.60 -29.67 -43.68
CA GLY C 259 25.45 -28.67 -42.59
C GLY C 259 24.60 -29.20 -41.45
N LEU C 260 23.55 -29.97 -41.77
CA LEU C 260 22.51 -30.39 -40.78
C LEU C 260 23.12 -31.32 -39.72
N PHE C 261 24.12 -32.11 -40.09
CA PHE C 261 24.75 -33.16 -39.25
C PHE C 261 25.62 -32.58 -38.13
N TYR C 262 25.89 -31.28 -38.17
CA TYR C 262 26.66 -30.55 -37.12
C TYR C 262 25.73 -30.13 -35.98
N HIS C 263 24.55 -30.76 -35.87
CA HIS C 263 23.51 -30.42 -34.85
C HIS C 263 22.57 -31.61 -34.66
N ILE C 264 22.54 -32.11 -33.42
CA ILE C 264 21.56 -33.10 -32.90
C ILE C 264 21.45 -34.28 -33.86
N THR C 265 22.56 -34.73 -34.43
CA THR C 265 22.60 -35.87 -35.37
C THR C 265 23.42 -36.98 -34.72
N PRO C 266 22.73 -37.94 -34.05
CA PRO C 266 23.42 -39.01 -33.33
C PRO C 266 24.08 -40.06 -34.24
N PHE C 267 23.80 -40.02 -35.55
CA PHE C 267 24.37 -40.95 -36.55
C PHE C 267 25.34 -40.19 -37.47
N ALA C 268 25.73 -38.97 -37.06
CA ALA C 268 26.73 -38.13 -37.77
C ALA C 268 28.00 -38.95 -37.99
N GLU C 269 28.39 -39.79 -37.01
CA GLU C 269 29.63 -40.60 -37.05
C GLU C 269 29.63 -41.56 -38.25
N LEU C 270 28.46 -41.89 -38.83
CA LEU C 270 28.33 -42.92 -39.90
C LEU C 270 28.47 -42.29 -41.28
N ILE C 271 29.59 -41.62 -41.59
CA ILE C 271 29.88 -41.08 -42.96
C ILE C 271 31.38 -41.20 -43.26
N PHE D 3 -60.12 -8.44 -21.32
CA PHE D 3 -61.05 -8.86 -20.23
C PHE D 3 -62.45 -8.21 -20.44
N THR D 4 -63.42 -8.64 -19.63
CA THR D 4 -64.83 -8.13 -19.55
C THR D 4 -64.95 -7.13 -18.37
N MET D 5 -65.98 -6.27 -18.36
CA MET D 5 -66.21 -5.09 -17.47
C MET D 5 -66.46 -5.53 -16.01
N PHE D 6 -65.76 -4.92 -15.03
CA PHE D 6 -65.89 -5.17 -13.57
C PHE D 6 -67.12 -4.45 -13.00
N GLU D 7 -67.57 -3.40 -13.70
CA GLU D 7 -68.76 -2.58 -13.38
C GLU D 7 -70.02 -3.44 -13.31
N GLU D 8 -70.10 -4.48 -14.15
CA GLU D 8 -71.27 -5.38 -14.29
C GLU D 8 -71.51 -6.25 -13.04
N ILE D 9 -70.58 -6.29 -12.09
CA ILE D 9 -70.68 -7.23 -10.94
C ILE D 9 -71.55 -6.60 -9.84
N ASN D 10 -72.44 -7.40 -9.23
CA ASN D 10 -73.42 -6.96 -8.19
C ASN D 10 -73.23 -7.69 -6.86
N ASP D 11 -72.49 -8.80 -6.83
CA ASP D 11 -72.12 -9.53 -5.58
C ASP D 11 -70.70 -9.13 -5.19
N PHE D 12 -70.41 -8.94 -3.91
CA PHE D 12 -69.03 -8.75 -3.41
C PHE D 12 -68.25 -10.06 -3.60
N GLU D 13 -68.80 -11.19 -3.15
CA GLU D 13 -68.14 -12.53 -3.18
C GLU D 13 -67.57 -12.81 -4.58
N THR D 14 -68.32 -12.43 -5.62
CA THR D 14 -67.93 -12.62 -7.05
C THR D 14 -66.71 -11.75 -7.34
N ALA D 15 -66.80 -10.45 -7.09
CA ALA D 15 -65.76 -9.43 -7.37
C ALA D 15 -64.47 -9.78 -6.62
N PHE D 16 -64.62 -10.26 -5.38
CA PHE D 16 -63.51 -10.69 -4.50
C PHE D 16 -62.76 -11.84 -5.18
N LYS D 17 -63.47 -12.92 -5.53
CA LYS D 17 -62.88 -14.12 -6.17
C LYS D 17 -62.22 -13.72 -7.50
N ARG D 18 -62.85 -12.82 -8.25
CA ARG D 18 -62.34 -12.37 -9.56
C ARG D 18 -61.10 -11.49 -9.33
N LEU D 19 -61.10 -10.67 -8.29
CA LEU D 19 -59.95 -9.77 -7.96
C LEU D 19 -58.70 -10.62 -7.68
N LEU D 20 -58.83 -11.65 -6.83
CA LEU D 20 -57.69 -12.50 -6.40
C LEU D 20 -57.21 -13.38 -7.56
N ASN D 21 -58.12 -14.07 -8.25
CA ASN D 21 -57.81 -15.10 -9.27
C ASN D 21 -57.36 -14.43 -10.58
N GLU D 22 -58.13 -13.49 -11.11
CA GLU D 22 -57.93 -12.96 -12.49
C GLU D 22 -57.04 -11.71 -12.45
N VAL D 23 -57.33 -10.75 -11.57
CA VAL D 23 -56.69 -9.40 -11.58
C VAL D 23 -55.30 -9.48 -10.96
N LEU D 24 -55.20 -10.11 -9.79
CA LEU D 24 -53.94 -10.20 -9.00
C LEU D 24 -53.18 -11.50 -9.28
N GLU D 25 -53.82 -12.56 -9.78
CA GLU D 25 -53.16 -13.86 -10.06
C GLU D 25 -52.54 -14.41 -8.76
N PHE D 26 -53.21 -14.18 -7.64
CA PHE D 26 -52.76 -14.59 -6.28
C PHE D 26 -52.82 -16.11 -6.16
N ASP D 27 -51.64 -16.73 -5.96
CA ASP D 27 -51.46 -18.20 -5.94
C ASP D 27 -51.12 -18.65 -4.51
N LEU D 28 -52.15 -18.97 -3.71
CA LEU D 28 -51.99 -19.47 -2.33
C LEU D 28 -51.48 -20.92 -2.36
N GLN D 29 -51.73 -21.63 -3.46
CA GLN D 29 -51.40 -23.07 -3.66
C GLN D 29 -49.88 -23.26 -3.68
N ASN D 30 -49.18 -22.74 -4.70
CA ASN D 30 -47.69 -22.76 -4.74
C ASN D 30 -47.19 -21.31 -4.85
N PRO D 31 -47.05 -20.61 -3.71
CA PRO D 31 -46.73 -19.18 -3.69
C PRO D 31 -45.23 -18.89 -3.84
N LEU D 32 -44.39 -19.92 -3.73
CA LEU D 32 -42.91 -19.74 -3.83
C LEU D 32 -42.42 -20.04 -5.23
N LYS D 33 -43.36 -20.15 -6.18
CA LYS D 33 -43.10 -20.65 -7.56
C LYS D 33 -41.69 -20.23 -8.01
N ASP D 34 -41.42 -18.93 -8.21
CA ASP D 34 -40.24 -18.48 -9.01
C ASP D 34 -39.15 -17.88 -8.11
N VAL D 35 -39.09 -18.29 -6.84
CA VAL D 35 -38.20 -17.66 -5.81
C VAL D 35 -36.86 -18.42 -5.81
N LYS D 36 -35.77 -17.74 -6.18
CA LYS D 36 -34.39 -18.33 -6.15
C LYS D 36 -33.64 -17.80 -4.91
N LYS D 37 -34.03 -16.64 -4.36
CA LYS D 37 -33.34 -15.99 -3.21
C LYS D 37 -34.35 -15.28 -2.29
N VAL D 38 -34.28 -15.54 -0.99
CA VAL D 38 -35.13 -14.88 0.06
C VAL D 38 -34.25 -14.29 1.17
N LEU D 39 -34.73 -13.21 1.79
CA LEU D 39 -34.27 -12.70 3.11
C LEU D 39 -35.21 -13.20 4.20
N CYS D 40 -34.65 -13.71 5.29
CA CYS D 40 -35.35 -13.86 6.58
C CYS D 40 -34.85 -12.76 7.51
N ILE D 41 -35.76 -11.90 7.95
CA ILE D 41 -35.45 -10.75 8.84
C ILE D 41 -35.85 -11.16 10.26
N GLU D 42 -34.87 -11.20 11.17
CA GLU D 42 -35.06 -11.60 12.58
C GLU D 42 -34.70 -10.43 13.48
N PRO D 43 -35.57 -10.12 14.47
CA PRO D 43 -35.27 -9.13 15.51
C PRO D 43 -34.00 -9.43 16.31
N HIS D 44 -33.91 -10.67 16.84
CA HIS D 44 -32.78 -11.15 17.66
C HIS D 44 -32.14 -12.38 17.03
N PRO D 45 -30.87 -12.68 17.38
CA PRO D 45 -30.25 -13.94 17.00
C PRO D 45 -31.03 -15.12 17.61
N ASP D 46 -31.71 -15.89 16.78
CA ASP D 46 -32.46 -17.14 17.13
C ASP D 46 -33.90 -17.03 16.64
N ASP D 47 -34.32 -15.86 16.18
CA ASP D 47 -35.76 -15.62 15.86
C ASP D 47 -36.10 -16.34 14.56
N CYS D 48 -35.17 -16.40 13.61
CA CYS D 48 -35.37 -17.10 12.30
C CYS D 48 -35.48 -18.60 12.53
N VAL D 49 -34.53 -19.17 13.26
CA VAL D 49 -34.51 -20.65 13.52
C VAL D 49 -35.76 -21.03 14.35
N ILE D 50 -36.12 -20.27 15.38
CA ILE D 50 -37.31 -20.61 16.24
C ILE D 50 -38.58 -20.46 15.39
N GLY D 51 -38.64 -19.43 14.57
CA GLY D 51 -39.86 -19.05 13.84
C GLY D 51 -40.12 -19.99 12.69
N MET D 52 -39.12 -20.19 11.84
CA MET D 52 -39.28 -20.88 10.54
C MET D 52 -38.02 -21.69 10.19
N GLY D 53 -37.32 -22.22 11.20
CA GLY D 53 -36.09 -23.00 11.03
C GLY D 53 -36.29 -24.19 10.10
N GLY D 54 -37.42 -24.91 10.28
CA GLY D 54 -37.76 -26.08 9.44
C GLY D 54 -37.87 -25.67 7.98
N THR D 55 -38.73 -24.70 7.70
CA THR D 55 -38.96 -24.17 6.34
C THR D 55 -37.64 -23.72 5.72
N ILE D 56 -36.72 -23.14 6.49
CA ILE D 56 -35.43 -22.62 5.94
C ILE D 56 -34.62 -23.81 5.44
N LYS D 57 -34.58 -24.90 6.20
CA LYS D 57 -33.91 -26.17 5.82
C LYS D 57 -34.49 -26.62 4.48
N ARG D 58 -35.81 -26.78 4.39
CA ARG D 58 -36.51 -27.27 3.18
C ARG D 58 -36.19 -26.38 1.96
N LEU D 59 -36.12 -25.06 2.13
CA LEU D 59 -35.82 -24.09 1.04
C LEU D 59 -34.35 -24.20 0.61
N THR D 60 -33.46 -24.34 1.58
CA THR D 60 -32.01 -24.55 1.37
C THR D 60 -31.79 -25.81 0.52
N ASP D 61 -32.50 -26.90 0.83
CA ASP D 61 -32.40 -28.24 0.18
C ASP D 61 -32.95 -28.15 -1.25
N ARG D 62 -34.14 -27.61 -1.45
CA ARG D 62 -34.74 -27.33 -2.79
C ARG D 62 -33.86 -26.35 -3.58
N GLY D 63 -32.68 -25.96 -3.06
CA GLY D 63 -31.65 -25.20 -3.78
C GLY D 63 -31.85 -23.69 -3.76
N ILE D 64 -32.70 -23.16 -2.85
CA ILE D 64 -33.00 -21.70 -2.75
C ILE D 64 -32.04 -21.05 -1.75
N GLU D 65 -31.38 -19.96 -2.17
CA GLU D 65 -30.46 -19.12 -1.35
C GLU D 65 -31.29 -18.41 -0.26
N VAL D 66 -30.86 -18.51 1.00
CA VAL D 66 -31.53 -17.91 2.17
C VAL D 66 -30.51 -17.04 2.89
N ILE D 67 -30.78 -15.74 3.01
CA ILE D 67 -29.92 -14.76 3.73
C ILE D 67 -30.66 -14.26 4.97
N TYR D 68 -30.00 -14.26 6.12
CA TYR D 68 -30.50 -13.66 7.39
C TYR D 68 -30.15 -12.16 7.41
N ILE D 69 -31.11 -11.34 7.85
CA ILE D 69 -30.84 -10.00 8.42
C ILE D 69 -31.23 -10.02 9.90
N CYS D 70 -30.25 -9.77 10.78
CA CYS D 70 -30.44 -9.70 12.24
C CYS D 70 -30.39 -8.22 12.67
N MET D 71 -31.53 -7.75 13.19
CA MET D 71 -31.77 -6.33 13.53
C MET D 71 -30.92 -5.96 14.74
N THR D 72 -30.94 -6.80 15.79
CA THR D 72 -30.23 -6.52 17.08
C THR D 72 -29.07 -7.47 17.30
N ASP D 73 -28.36 -7.25 18.42
CA ASP D 73 -27.05 -7.85 18.78
C ASP D 73 -27.27 -8.88 19.92
N GLY D 74 -28.49 -8.98 20.45
CA GLY D 74 -28.83 -9.90 21.55
C GLY D 74 -28.22 -9.53 22.90
N TYR D 75 -27.69 -8.31 23.03
CA TYR D 75 -26.92 -7.76 24.19
C TYR D 75 -27.59 -8.02 25.54
N MET D 76 -28.92 -8.10 25.60
CA MET D 76 -29.64 -8.08 26.91
C MET D 76 -30.00 -9.47 27.40
N GLY D 77 -29.97 -10.50 26.52
CA GLY D 77 -30.67 -11.78 26.70
C GLY D 77 -29.93 -12.80 27.59
N THR D 78 -29.68 -12.45 28.85
CA THR D 78 -29.11 -13.33 29.89
C THR D 78 -29.48 -12.78 31.26
N THR D 79 -29.84 -13.70 32.16
CA THR D 79 -30.06 -13.47 33.61
C THR D 79 -28.74 -13.65 34.38
N ASP D 80 -27.68 -14.15 33.74
CA ASP D 80 -26.37 -14.39 34.38
C ASP D 80 -25.66 -13.06 34.64
N GLU D 81 -25.53 -12.67 35.90
CA GLU D 81 -24.94 -11.37 36.33
C GLU D 81 -23.44 -11.30 35.98
N ASN D 82 -22.82 -12.34 35.41
CA ASN D 82 -21.36 -12.38 35.11
C ASN D 82 -21.06 -12.04 33.65
N ILE D 83 -22.05 -12.17 32.78
CA ILE D 83 -21.89 -11.98 31.30
C ILE D 83 -22.26 -10.53 30.95
N THR D 84 -21.28 -9.69 30.59
CA THR D 84 -21.53 -8.34 30.04
C THR D 84 -22.29 -8.49 28.71
N GLY D 85 -23.12 -7.53 28.35
CA GLY D 85 -23.85 -7.51 27.07
C GLY D 85 -22.89 -7.67 25.90
N HIS D 86 -21.70 -7.07 26.00
CA HIS D 86 -20.64 -7.12 24.96
C HIS D 86 -20.18 -8.57 24.74
N GLU D 87 -20.01 -9.35 25.81
CA GLU D 87 -19.64 -10.78 25.73
C GLU D 87 -20.80 -11.49 25.02
N LEU D 88 -22.00 -11.31 25.54
CA LEU D 88 -23.18 -12.07 25.07
C LEU D 88 -23.37 -11.86 23.57
N ALA D 89 -23.11 -10.65 23.05
CA ALA D 89 -23.23 -10.32 21.61
C ALA D 89 -22.28 -11.24 20.84
N GLN D 90 -21.00 -11.17 21.17
CA GLN D 90 -19.89 -11.98 20.60
C GLN D 90 -20.32 -13.45 20.56
N ILE D 91 -20.84 -13.96 21.68
CA ILE D 91 -21.29 -15.37 21.84
C ILE D 91 -22.41 -15.65 20.84
N ARG D 92 -23.49 -14.89 20.90
CA ARG D 92 -24.74 -15.17 20.14
C ARG D 92 -24.47 -14.99 18.64
N ARG D 93 -23.45 -14.22 18.27
CA ARG D 93 -22.99 -14.15 16.86
C ARG D 93 -22.54 -15.54 16.44
N LYS D 94 -21.62 -16.15 17.20
CA LYS D 94 -21.11 -17.53 16.96
C LYS D 94 -22.29 -18.51 17.01
N GLU D 95 -23.17 -18.42 18.00
CA GLU D 95 -24.32 -19.36 18.11
C GLU D 95 -25.17 -19.27 16.83
N GLU D 96 -25.37 -18.09 16.22
CA GLU D 96 -26.25 -17.94 15.02
C GLU D 96 -25.48 -18.52 13.82
N GLU D 97 -24.19 -18.24 13.70
CA GLU D 97 -23.30 -18.82 12.65
C GLU D 97 -23.39 -20.37 12.65
N GLU D 98 -23.46 -21.02 13.82
CA GLU D 98 -23.54 -22.52 13.92
C GLU D 98 -24.94 -22.99 13.52
N SER D 99 -25.99 -22.40 14.12
CA SER D 99 -27.41 -22.61 13.77
C SER D 99 -27.60 -22.41 12.25
N ALA D 100 -27.00 -21.37 11.69
CA ALA D 100 -27.10 -21.00 10.26
C ALA D 100 -26.59 -22.16 9.39
N LYS D 101 -25.37 -22.63 9.65
CA LYS D 101 -24.72 -23.75 8.91
C LYS D 101 -25.63 -24.99 8.93
N MET D 102 -26.16 -25.37 10.10
CA MET D 102 -27.05 -26.56 10.25
C MET D 102 -28.26 -26.47 9.33
N LEU D 103 -28.65 -25.28 8.86
CA LEU D 103 -29.87 -25.06 8.03
C LEU D 103 -29.51 -24.72 6.59
N GLY D 104 -28.25 -24.44 6.32
CA GLY D 104 -27.73 -24.19 4.96
C GLY D 104 -27.64 -22.72 4.62
N VAL D 105 -27.52 -21.86 5.63
CA VAL D 105 -27.51 -20.39 5.43
C VAL D 105 -26.05 -19.93 5.50
N LYS D 106 -25.62 -19.17 4.49
CA LYS D 106 -24.19 -18.89 4.25
C LYS D 106 -23.89 -17.43 4.63
N LYS D 107 -24.76 -16.49 4.26
CA LYS D 107 -24.60 -15.02 4.50
C LYS D 107 -25.57 -14.56 5.61
N ILE D 108 -25.08 -13.74 6.54
CA ILE D 108 -25.87 -13.04 7.59
C ILE D 108 -25.42 -11.58 7.67
N TYR D 109 -26.36 -10.64 7.49
CA TYR D 109 -26.15 -9.21 7.77
C TYR D 109 -26.52 -8.90 9.23
N TRP D 110 -25.65 -8.17 9.93
CA TRP D 110 -25.84 -7.75 11.33
C TRP D 110 -25.98 -6.23 11.37
N LEU D 111 -27.17 -5.72 11.66
CA LEU D 111 -27.37 -4.25 11.78
C LEU D 111 -26.74 -3.76 13.08
N ASN D 112 -26.75 -4.56 14.16
CA ASN D 112 -26.04 -4.23 15.42
C ASN D 112 -26.72 -3.10 16.19
N TYR D 113 -27.98 -2.81 15.89
CA TYR D 113 -28.85 -2.07 16.84
C TYR D 113 -28.84 -2.92 18.11
N ARG D 114 -28.80 -2.28 19.29
CA ARG D 114 -28.76 -2.96 20.60
C ARG D 114 -30.13 -3.55 20.93
N ASP D 115 -30.14 -4.81 21.35
CA ASP D 115 -31.31 -5.52 21.95
C ASP D 115 -32.05 -4.54 22.86
N THR D 116 -33.37 -4.41 22.70
CA THR D 116 -34.32 -3.58 23.51
C THR D 116 -34.32 -2.12 23.04
N GLU D 117 -33.44 -1.76 22.11
CA GLU D 117 -33.16 -0.34 21.75
C GLU D 117 -33.20 -0.22 20.22
N LEU D 118 -34.10 -0.97 19.58
CA LEU D 118 -34.25 -0.93 18.10
C LEU D 118 -35.21 0.18 17.76
N PRO D 119 -34.72 1.30 17.18
CA PRO D 119 -35.59 2.41 16.80
C PRO D 119 -36.60 1.98 15.73
N TYR D 120 -37.84 2.48 15.80
CA TYR D 120 -38.75 2.54 14.63
C TYR D 120 -38.49 3.87 13.92
N SER D 121 -37.27 4.06 13.41
CA SER D 121 -36.79 5.31 12.77
C SER D 121 -36.69 5.13 11.26
N ARG D 122 -36.63 6.26 10.55
CA ARG D 122 -36.34 6.34 9.09
C ARG D 122 -34.98 5.70 8.83
N GLU D 123 -33.99 6.04 9.63
CA GLU D 123 -32.60 5.54 9.54
C GLU D 123 -32.60 4.01 9.42
N VAL D 124 -33.40 3.29 10.19
CA VAL D 124 -33.38 1.80 10.18
C VAL D 124 -33.99 1.31 8.87
N ARG D 125 -35.06 1.96 8.40
CA ARG D 125 -35.63 1.65 7.06
C ARG D 125 -34.55 1.78 5.98
N LYS D 126 -33.78 2.86 6.02
CA LYS D 126 -32.71 3.16 5.04
C LYS D 126 -31.70 2.01 5.02
N ASP D 127 -31.32 1.50 6.21
CA ASP D 127 -30.35 0.38 6.38
C ASP D 127 -30.92 -0.88 5.70
N LEU D 128 -32.17 -1.25 5.97
CA LEU D 128 -32.83 -2.45 5.39
C LEU D 128 -32.95 -2.35 3.87
N VAL D 129 -33.29 -1.17 3.36
CA VAL D 129 -33.51 -0.93 1.90
C VAL D 129 -32.17 -1.15 1.20
N LYS D 130 -31.12 -0.52 1.70
CA LYS D 130 -29.72 -0.67 1.22
C LYS D 130 -29.43 -2.15 0.96
N ILE D 131 -29.77 -3.04 1.90
CA ILE D 131 -29.50 -4.49 1.75
C ILE D 131 -30.41 -5.05 0.67
N ILE D 132 -31.72 -4.88 0.80
CA ILE D 132 -32.72 -5.33 -0.21
C ILE D 132 -32.28 -4.92 -1.62
N ARG D 133 -31.83 -3.67 -1.78
CA ARG D 133 -31.47 -3.13 -3.12
C ARG D 133 -30.22 -3.82 -3.65
N LYS D 134 -29.29 -4.20 -2.77
CA LYS D 134 -28.05 -4.93 -3.13
C LYS D 134 -28.38 -6.38 -3.50
N GLU D 135 -28.97 -7.14 -2.57
CA GLU D 135 -29.20 -8.59 -2.71
C GLU D 135 -30.35 -8.90 -3.68
N LYS D 136 -31.08 -7.89 -4.15
CA LYS D 136 -32.24 -8.06 -5.07
C LYS D 136 -33.00 -9.36 -4.79
N PRO D 137 -33.45 -9.65 -3.55
CA PRO D 137 -34.17 -10.90 -3.29
C PRO D 137 -35.58 -10.96 -3.88
N ASP D 138 -36.06 -12.17 -4.17
CA ASP D 138 -37.38 -12.42 -4.79
C ASP D 138 -38.44 -12.44 -3.68
N GLY D 139 -38.02 -12.81 -2.47
CA GLY D 139 -38.91 -13.02 -1.31
C GLY D 139 -38.33 -12.42 -0.05
N VAL D 140 -39.21 -12.03 0.89
CA VAL D 140 -38.81 -11.58 2.25
C VAL D 140 -39.76 -12.22 3.27
N PHE D 141 -39.18 -12.87 4.28
CA PHE D 141 -39.91 -13.33 5.49
C PHE D 141 -39.58 -12.37 6.64
N LEU D 142 -40.62 -12.03 7.40
CA LEU D 142 -40.54 -11.07 8.53
C LEU D 142 -41.64 -11.41 9.52
N PRO D 143 -41.46 -11.07 10.81
CA PRO D 143 -42.45 -11.41 11.84
C PRO D 143 -43.70 -10.52 11.74
N ASP D 144 -44.86 -11.13 11.89
CA ASP D 144 -46.18 -10.45 11.83
C ASP D 144 -46.21 -9.44 12.97
N PRO D 145 -46.20 -8.11 12.70
CA PRO D 145 -46.23 -7.11 13.75
C PRO D 145 -47.61 -7.02 14.43
N TRP D 146 -48.64 -7.63 13.85
CA TRP D 146 -50.01 -7.67 14.43
C TRP D 146 -50.21 -8.93 15.28
N LEU D 147 -49.16 -9.68 15.59
CA LEU D 147 -49.30 -10.88 16.45
C LEU D 147 -49.86 -10.44 17.80
N PRO D 148 -51.03 -10.96 18.23
CA PRO D 148 -51.61 -10.53 19.49
C PRO D 148 -50.73 -10.79 20.72
N TYR D 149 -50.72 -9.79 21.60
CA TYR D 149 -50.07 -9.79 22.93
C TYR D 149 -48.55 -9.83 22.80
N GLU D 150 -48.01 -9.51 21.62
CA GLU D 150 -46.54 -9.37 21.45
C GLU D 150 -46.09 -8.09 22.15
N ALA D 151 -45.37 -8.24 23.26
CA ALA D 151 -45.01 -7.16 24.20
C ALA D 151 -43.55 -6.75 24.01
N HIS D 152 -42.85 -7.37 23.06
CA HIS D 152 -41.40 -7.09 22.82
C HIS D 152 -41.29 -6.05 21.70
N PRO D 153 -40.83 -4.82 22.02
CA PRO D 153 -40.78 -3.73 21.04
C PRO D 153 -39.93 -4.05 19.80
N ASP D 154 -38.83 -4.76 19.98
CA ASP D 154 -37.93 -5.15 18.88
C ASP D 154 -38.70 -6.00 17.84
N HIS D 155 -39.67 -6.82 18.27
CA HIS D 155 -40.49 -7.65 17.35
C HIS D 155 -41.46 -6.76 16.58
N ARG D 156 -42.26 -5.97 17.29
CA ARG D 156 -43.24 -5.04 16.67
C ARG D 156 -42.47 -4.17 15.65
N ALA D 157 -41.37 -3.54 16.08
CA ALA D 157 -40.56 -2.65 15.22
C ALA D 157 -40.11 -3.41 13.96
N THR D 158 -39.50 -4.58 14.12
CA THR D 158 -38.90 -5.34 13.02
C THR D 158 -39.99 -5.57 11.97
N GLY D 159 -41.15 -6.06 12.41
CA GLY D 159 -42.30 -6.32 11.52
C GLY D 159 -42.64 -5.10 10.69
N PHE D 160 -42.88 -3.96 11.34
CA PHE D 160 -43.28 -2.71 10.64
C PHE D 160 -42.15 -2.27 9.71
N LEU D 161 -40.93 -2.13 10.23
CA LEU D 161 -39.73 -1.68 9.46
C LEU D 161 -39.54 -2.55 8.20
N ALA D 162 -39.70 -3.86 8.31
CA ALA D 162 -39.50 -4.81 7.20
C ALA D 162 -40.48 -4.47 6.08
N LEU D 163 -41.78 -4.40 6.40
CA LEU D 163 -42.86 -4.04 5.44
C LEU D 163 -42.54 -2.68 4.80
N ASP D 164 -42.16 -1.68 5.60
CA ASP D 164 -41.84 -0.33 5.08
C ASP D 164 -40.68 -0.47 4.08
N ALA D 165 -39.65 -1.24 4.42
CA ALA D 165 -38.44 -1.39 3.58
C ALA D 165 -38.82 -2.04 2.25
N VAL D 166 -39.61 -3.11 2.30
CA VAL D 166 -40.13 -3.79 1.09
C VAL D 166 -40.88 -2.78 0.20
N ALA D 167 -41.79 -2.02 0.81
CA ALA D 167 -42.67 -1.06 0.11
C ALA D 167 -41.86 0.08 -0.52
N PHE D 168 -40.76 0.51 0.11
CA PHE D 168 -40.06 1.76 -0.28
C PHE D 168 -38.80 1.43 -1.10
N SER D 169 -38.34 0.18 -1.12
CA SER D 169 -37.14 -0.25 -1.88
C SER D 169 -37.26 0.14 -3.34
N PRO D 170 -38.46 0.01 -3.97
CA PRO D 170 -38.64 0.39 -5.37
C PRO D 170 -38.84 1.87 -5.70
N LEU D 171 -38.86 2.75 -4.69
CA LEU D 171 -39.09 4.21 -4.92
C LEU D 171 -37.73 4.89 -5.03
N PRO D 172 -37.35 5.40 -6.22
CA PRO D 172 -36.04 5.99 -6.41
C PRO D 172 -35.78 7.25 -5.58
N ASN D 173 -36.85 7.93 -5.14
CA ASN D 173 -36.73 9.15 -4.30
C ASN D 173 -36.41 8.84 -2.83
N PHE D 174 -36.56 7.58 -2.42
CA PHE D 174 -36.30 7.09 -1.04
C PHE D 174 -34.83 6.69 -0.87
N SER D 175 -34.11 7.38 0.00
CA SER D 175 -32.66 7.17 0.23
C SER D 175 -31.96 7.28 -1.11
N ASN D 176 -32.03 8.45 -1.73
CA ASN D 176 -31.64 8.59 -3.17
C ASN D 176 -30.13 8.33 -3.32
N ILE D 177 -29.33 8.55 -2.28
CA ILE D 177 -27.85 8.33 -2.32
C ILE D 177 -27.55 6.86 -2.66
N ASP D 178 -28.37 5.90 -2.20
CA ASP D 178 -28.28 4.47 -2.58
C ASP D 178 -28.12 4.35 -4.10
N LEU D 179 -28.94 5.08 -4.87
CA LEU D 179 -28.89 5.08 -6.35
C LEU D 179 -27.60 5.72 -6.84
N ASP D 180 -27.32 6.94 -6.39
CA ASP D 180 -26.14 7.76 -6.80
C ASP D 180 -24.83 6.97 -6.60
N ILE D 181 -24.83 5.84 -5.88
CA ILE D 181 -23.60 5.03 -5.64
C ILE D 181 -23.75 3.61 -6.20
N GLY D 182 -24.77 3.35 -7.03
CA GLY D 182 -24.86 2.07 -7.76
C GLY D 182 -26.15 1.31 -7.54
N LEU D 183 -26.64 1.24 -6.31
CA LEU D 183 -27.81 0.39 -5.97
C LEU D 183 -29.07 0.91 -6.67
N LYS D 184 -29.58 0.12 -7.62
CA LYS D 184 -30.86 0.43 -8.33
C LYS D 184 -32.02 0.02 -7.43
N PRO D 185 -33.20 0.65 -7.60
CA PRO D 185 -34.43 0.22 -6.93
C PRO D 185 -34.71 -1.26 -7.13
N HIS D 186 -35.51 -1.85 -6.25
CA HIS D 186 -35.87 -3.29 -6.32
C HIS D 186 -37.28 -3.50 -5.79
N SER D 187 -38.07 -4.31 -6.50
CA SER D 187 -39.41 -4.78 -6.08
C SER D 187 -39.31 -6.23 -5.64
N VAL D 188 -39.60 -6.52 -4.38
CA VAL D 188 -39.71 -7.92 -3.90
C VAL D 188 -40.97 -8.52 -4.54
N SER D 189 -40.98 -9.80 -4.86
CA SER D 189 -42.10 -10.51 -5.53
C SER D 189 -42.98 -11.19 -4.49
N PHE D 190 -42.47 -11.47 -3.29
CA PHE D 190 -43.13 -12.34 -2.29
C PHE D 190 -42.92 -11.80 -0.87
N ILE D 191 -43.99 -11.76 -0.06
CA ILE D 191 -43.89 -11.36 1.38
C ILE D 191 -44.53 -12.45 2.23
N GLY D 192 -43.75 -13.04 3.13
CA GLY D 192 -44.24 -14.01 4.13
C GLY D 192 -44.11 -13.48 5.54
N LEU D 193 -45.20 -13.51 6.31
CA LEU D 193 -45.17 -13.18 7.75
C LEU D 193 -45.02 -14.50 8.51
N TYR D 194 -43.98 -14.64 9.33
CA TYR D 194 -43.84 -15.77 10.29
C TYR D 194 -44.27 -15.29 11.69
N TYR D 195 -44.32 -16.20 12.67
CA TYR D 195 -44.80 -15.86 14.02
C TYR D 195 -46.16 -15.14 13.92
N THR D 196 -47.16 -15.70 13.24
CA THR D 196 -48.51 -15.09 13.04
C THR D 196 -49.58 -16.00 13.66
N SER D 197 -50.68 -15.38 14.09
CA SER D 197 -51.86 -16.11 14.64
C SER D 197 -52.90 -16.29 13.53
N ARG D 198 -52.71 -15.69 12.36
CA ARG D 198 -53.60 -15.76 11.19
C ARG D 198 -52.83 -16.27 9.98
N PRO D 199 -52.31 -17.51 10.02
CA PRO D 199 -51.58 -18.07 8.88
C PRO D 199 -52.61 -18.56 7.86
N ASN D 200 -52.22 -18.56 6.59
CA ASN D 200 -53.08 -19.05 5.46
C ASN D 200 -52.26 -20.01 4.58
N TYR D 201 -51.03 -20.35 4.97
CA TYR D 201 -50.14 -21.23 4.18
C TYR D 201 -49.18 -21.92 5.13
N PHE D 202 -49.07 -23.24 5.03
CA PHE D 202 -48.34 -24.09 6.00
C PHE D 202 -47.25 -24.88 5.28
N VAL D 203 -46.35 -25.45 6.07
CA VAL D 203 -45.18 -26.24 5.61
C VAL D 203 -45.02 -27.37 6.61
N ASP D 204 -45.13 -28.64 6.14
CA ASP D 204 -44.89 -29.82 6.99
C ASP D 204 -43.41 -29.78 7.39
N ILE D 205 -43.12 -29.89 8.68
CA ILE D 205 -41.72 -29.93 9.20
C ILE D 205 -41.55 -31.16 10.10
N THR D 206 -42.49 -32.11 10.05
CA THR D 206 -42.51 -33.32 10.93
C THR D 206 -41.21 -34.10 10.77
N ASP D 207 -40.72 -34.24 9.53
CA ASP D 207 -39.46 -34.96 9.15
C ASP D 207 -38.25 -34.21 9.72
N VAL D 208 -38.31 -32.87 9.79
CA VAL D 208 -37.13 -31.98 9.99
C VAL D 208 -37.09 -31.47 11.43
N MET D 209 -38.15 -31.71 12.20
CA MET D 209 -38.33 -31.19 13.59
C MET D 209 -37.05 -31.38 14.42
N ASP D 210 -36.48 -32.59 14.42
CA ASP D 210 -35.30 -32.92 15.28
C ASP D 210 -34.13 -32.02 14.89
N LEU D 211 -33.91 -31.75 13.61
CA LEU D 211 -32.84 -30.82 13.16
C LEU D 211 -33.16 -29.41 13.66
N LYS D 212 -34.40 -28.94 13.43
CA LYS D 212 -34.86 -27.61 13.91
C LYS D 212 -34.50 -27.46 15.38
N LEU D 213 -34.96 -28.39 16.24
CA LEU D 213 -34.75 -28.35 17.71
C LEU D 213 -33.26 -28.36 18.03
N LYS D 214 -32.44 -29.10 17.28
CA LYS D 214 -30.96 -29.15 17.51
C LYS D 214 -30.35 -27.80 17.14
N ALA D 215 -30.88 -27.16 16.08
CA ALA D 215 -30.40 -25.85 15.55
C ALA D 215 -30.81 -24.71 16.49
N ILE D 216 -31.88 -24.92 17.27
CA ILE D 216 -32.32 -23.96 18.31
C ILE D 216 -31.34 -24.05 19.49
N ARG D 217 -31.06 -25.27 19.95
CA ARG D 217 -30.19 -25.54 21.11
C ARG D 217 -28.76 -25.10 20.80
N ALA D 218 -28.43 -24.90 19.52
CA ALA D 218 -27.13 -24.33 19.10
C ALA D 218 -26.92 -22.99 19.83
N HIS D 219 -28.03 -22.30 20.11
CA HIS D 219 -28.10 -21.09 20.97
C HIS D 219 -28.02 -21.51 22.42
N LYS D 220 -26.82 -21.93 22.87
CA LYS D 220 -26.59 -22.50 24.22
C LYS D 220 -26.96 -21.45 25.26
N SER D 221 -26.48 -20.22 25.07
CA SER D 221 -26.67 -19.06 25.99
C SER D 221 -28.15 -18.88 26.28
N GLN D 222 -29.03 -19.09 25.30
CA GLN D 222 -30.49 -18.85 25.45
C GLN D 222 -31.19 -20.08 26.02
N PHE D 223 -30.61 -21.28 25.91
CA PHE D 223 -31.31 -22.55 26.25
C PHE D 223 -30.39 -23.50 27.01
N PRO D 224 -30.02 -23.21 28.29
CA PRO D 224 -29.55 -24.24 29.20
C PRO D 224 -30.67 -25.26 29.45
N ASP D 225 -30.42 -26.30 30.25
CA ASP D 225 -31.35 -27.44 30.43
C ASP D 225 -32.54 -26.99 31.30
N ASP D 226 -32.29 -26.17 32.32
CA ASP D 226 -33.30 -25.48 33.17
C ASP D 226 -34.42 -24.96 32.25
N ILE D 227 -34.03 -24.04 31.36
CA ILE D 227 -34.90 -23.28 30.41
C ILE D 227 -35.54 -24.27 29.45
N TRP D 228 -34.73 -25.16 28.86
CA TRP D 228 -35.14 -26.05 27.75
C TRP D 228 -36.28 -26.97 28.19
N GLU D 229 -36.40 -27.24 29.50
CA GLU D 229 -37.47 -28.09 30.07
C GLU D 229 -38.83 -27.47 29.74
N THR D 230 -38.90 -26.13 29.65
CA THR D 230 -40.15 -25.38 29.37
C THR D 230 -40.26 -25.07 27.86
N TRP D 231 -39.15 -24.76 27.20
CA TRP D 231 -39.18 -24.32 25.77
C TRP D 231 -39.48 -25.50 24.84
N GLU D 232 -38.85 -26.65 25.00
CA GLU D 232 -39.08 -27.82 24.09
C GLU D 232 -40.58 -28.09 24.02
N PRO D 233 -41.29 -28.33 25.15
CA PRO D 233 -42.74 -28.55 25.11
C PRO D 233 -43.49 -27.41 24.39
N PHE D 234 -43.14 -26.15 24.69
CA PHE D 234 -43.73 -24.95 24.05
C PHE D 234 -43.60 -25.08 22.51
N LEU D 235 -42.36 -25.11 22.01
CA LEU D 235 -42.03 -25.19 20.55
C LEU D 235 -42.82 -26.30 19.87
N ARG D 236 -42.99 -27.44 20.52
CA ARG D 236 -43.79 -28.58 20.00
C ARG D 236 -45.26 -28.17 19.95
N THR D 237 -45.77 -27.55 21.01
CA THR D 237 -47.17 -27.10 21.12
C THR D 237 -47.45 -26.10 19.99
N VAL D 238 -46.47 -25.27 19.63
CA VAL D 238 -46.63 -24.27 18.53
C VAL D 238 -46.79 -25.04 17.22
N ALA D 239 -45.82 -25.91 16.92
CA ALA D 239 -45.81 -26.76 15.70
C ALA D 239 -47.14 -27.53 15.57
N LEU D 240 -47.76 -27.94 16.69
CA LEU D 240 -49.03 -28.70 16.69
C LEU D 240 -50.19 -27.77 16.30
N TYR D 241 -50.22 -26.54 16.84
CA TYR D 241 -51.22 -25.49 16.53
C TYR D 241 -51.27 -25.29 15.01
N TYR D 242 -50.11 -25.05 14.41
CA TYR D 242 -49.93 -24.90 12.95
C TYR D 242 -50.28 -26.22 12.25
N GLY D 243 -49.80 -27.35 12.80
CA GLY D 243 -50.08 -28.71 12.28
C GLY D 243 -51.57 -28.99 12.14
N GLN D 244 -52.35 -28.74 13.21
CA GLN D 244 -53.82 -28.98 13.24
C GLN D 244 -54.46 -28.40 11.98
N LYS D 245 -54.10 -27.18 11.61
CA LYS D 245 -54.73 -26.41 10.51
C LYS D 245 -54.24 -26.93 9.15
N ALA D 246 -53.10 -27.61 9.11
CA ALA D 246 -52.45 -28.13 7.88
C ALA D 246 -52.68 -29.64 7.73
N GLY D 247 -53.42 -30.24 8.67
CA GLY D 247 -53.66 -31.70 8.78
C GLY D 247 -52.38 -32.52 8.73
N VAL D 248 -51.29 -32.06 9.36
CA VAL D 248 -50.08 -32.89 9.64
C VAL D 248 -49.81 -32.83 11.15
N LYS D 249 -48.70 -33.40 11.62
CA LYS D 249 -48.33 -33.37 13.05
C LYS D 249 -47.73 -32.00 13.37
N TYR D 250 -46.53 -31.72 12.85
CA TYR D 250 -45.69 -30.54 13.10
C TYR D 250 -45.58 -29.71 11.80
N ALA D 251 -46.09 -28.47 11.82
CA ALA D 251 -46.07 -27.51 10.70
C ALA D 251 -45.52 -26.14 11.14
N GLU D 252 -45.14 -25.31 10.18
CA GLU D 252 -44.82 -23.87 10.36
C GLU D 252 -45.82 -23.06 9.53
N GLY D 253 -46.48 -22.10 10.16
CA GLY D 253 -47.50 -21.24 9.52
C GLY D 253 -46.91 -19.95 9.04
N PHE D 254 -47.43 -19.44 7.93
CA PHE D 254 -47.08 -18.11 7.37
C PHE D 254 -48.36 -17.43 6.93
N ARG D 255 -48.39 -16.10 6.97
CA ARG D 255 -49.46 -15.34 6.30
C ARG D 255 -48.87 -14.74 5.04
N ILE D 256 -49.46 -15.11 3.91
CA ILE D 256 -49.08 -14.60 2.57
C ILE D 256 -50.31 -13.90 2.00
N MET D 257 -50.15 -12.65 1.58
CA MET D 257 -51.20 -11.85 0.93
C MET D 257 -50.58 -11.12 -0.25
N PRO D 258 -51.41 -10.64 -1.20
CA PRO D 258 -50.91 -9.77 -2.27
C PRO D 258 -50.36 -8.47 -1.68
N GLY D 259 -49.30 -7.90 -2.26
CA GLY D 259 -48.72 -6.61 -1.81
C GLY D 259 -49.79 -5.57 -1.57
N LEU D 260 -50.85 -5.55 -2.41
CA LEU D 260 -51.88 -4.49 -2.41
C LEU D 260 -52.66 -4.46 -1.09
N PHE D 261 -52.84 -5.62 -0.45
CA PHE D 261 -53.68 -5.82 0.75
C PHE D 261 -53.05 -5.23 2.01
N TYR D 262 -51.78 -4.83 1.94
CA TYR D 262 -51.04 -4.20 3.06
C TYR D 262 -51.32 -2.68 3.06
N HIS D 263 -52.40 -2.25 2.39
CA HIS D 263 -52.78 -0.82 2.27
C HIS D 263 -54.26 -0.70 1.93
N ILE D 264 -55.00 -0.03 2.81
CA ILE D 264 -56.40 0.44 2.62
C ILE D 264 -57.28 -0.69 2.07
N THR D 265 -57.08 -1.91 2.59
CA THR D 265 -57.85 -3.10 2.18
C THR D 265 -58.70 -3.55 3.37
N PRO D 266 -59.99 -3.13 3.40
CA PRO D 266 -60.88 -3.44 4.50
C PRO D 266 -61.29 -4.92 4.59
N PHE D 267 -61.01 -5.71 3.54
CA PHE D 267 -61.34 -7.16 3.48
C PHE D 267 -60.05 -7.98 3.56
N ALA D 268 -58.92 -7.34 3.92
CA ALA D 268 -57.60 -8.00 4.06
C ALA D 268 -57.73 -9.21 5.00
N GLU D 269 -58.55 -9.08 6.05
CA GLU D 269 -58.72 -10.14 7.10
C GLU D 269 -59.28 -11.43 6.48
N LEU D 270 -59.93 -11.37 5.31
CA LEU D 270 -60.67 -12.52 4.70
C LEU D 270 -59.74 -13.32 3.79
N ILE D 271 -58.62 -13.82 4.28
CA ILE D 271 -57.66 -14.64 3.47
C ILE D 271 -57.02 -15.68 4.40
N PHE E 6 -22.81 45.40 51.42
CA PHE E 6 -23.72 45.81 50.32
C PHE E 6 -23.15 47.10 49.65
N GLU E 7 -21.81 47.12 49.52
CA GLU E 7 -21.04 48.36 49.19
C GLU E 7 -21.32 48.87 47.76
N GLU E 8 -21.66 50.15 47.75
CA GLU E 8 -21.50 51.08 46.58
C GLU E 8 -20.00 51.37 46.31
N ILE E 9 -19.36 50.36 45.73
CA ILE E 9 -18.00 50.41 45.14
C ILE E 9 -18.10 50.98 43.72
N ASN E 10 -17.06 51.75 43.30
CA ASN E 10 -17.04 52.51 42.02
C ASN E 10 -15.95 52.07 41.03
N ASP E 11 -15.00 51.24 41.46
CA ASP E 11 -14.07 50.51 40.54
C ASP E 11 -14.59 49.10 40.32
N PHE E 12 -14.53 48.57 39.09
CA PHE E 12 -14.85 47.15 38.81
C PHE E 12 -13.78 46.27 39.47
N GLU E 13 -12.49 46.55 39.20
CA GLU E 13 -11.33 45.74 39.67
C GLU E 13 -11.44 45.49 41.17
N THR E 14 -11.89 46.49 41.94
CA THR E 14 -12.08 46.40 43.41
C THR E 14 -13.17 45.36 43.71
N ALA E 15 -14.35 45.55 43.14
CA ALA E 15 -15.57 44.73 43.36
C ALA E 15 -15.28 43.27 42.97
N PHE E 16 -14.55 43.10 41.87
CA PHE E 16 -14.13 41.78 41.33
C PHE E 16 -13.29 41.07 42.39
N LYS E 17 -12.21 41.70 42.85
CA LYS E 17 -11.27 41.12 43.85
C LYS E 17 -12.03 40.81 45.14
N ARG E 18 -12.96 41.69 45.53
CA ARG E 18 -13.75 41.51 46.78
C ARG E 18 -14.75 40.38 46.57
N LEU E 19 -15.33 40.25 45.37
CA LEU E 19 -16.31 39.17 45.07
C LEU E 19 -15.62 37.80 45.22
N LEU E 20 -14.45 37.63 44.61
CA LEU E 20 -13.73 36.32 44.60
C LEU E 20 -13.19 35.99 46.00
N ASN E 21 -12.52 36.95 46.65
CA ASN E 21 -11.77 36.71 47.93
C ASN E 21 -12.75 36.63 49.09
N GLU E 22 -13.64 37.63 49.26
CA GLU E 22 -14.45 37.77 50.49
C GLU E 22 -15.81 37.06 50.33
N VAL E 23 -16.51 37.28 49.22
CA VAL E 23 -17.93 36.84 49.04
C VAL E 23 -17.96 35.34 48.71
N LEU E 24 -17.15 34.91 47.75
CA LEU E 24 -17.11 33.51 47.24
C LEU E 24 -16.04 32.67 47.95
N GLU E 25 -15.00 33.27 48.53
CA GLU E 25 -13.90 32.52 49.20
C GLU E 25 -13.24 31.58 48.18
N PHE E 26 -13.14 32.02 46.92
CA PHE E 26 -12.52 31.28 45.81
C PHE E 26 -11.01 31.14 46.02
N ASP E 27 -10.53 29.91 46.21
CA ASP E 27 -9.14 29.57 46.58
C ASP E 27 -8.46 28.88 45.40
N LEU E 28 -7.84 29.64 44.50
CA LEU E 28 -7.10 29.08 43.33
C LEU E 28 -5.78 28.45 43.80
N GLN E 29 -5.27 28.86 44.97
CA GLN E 29 -3.99 28.40 45.57
C GLN E 29 -4.08 26.92 45.94
N ASN E 30 -4.90 26.55 46.93
CA ASN E 30 -5.19 25.12 47.28
C ASN E 30 -6.68 24.85 47.12
N PRO E 31 -7.13 24.53 45.88
CA PRO E 31 -8.55 24.38 45.57
C PRO E 31 -9.14 23.02 45.94
N LEU E 32 -8.29 22.05 46.27
CA LEU E 32 -8.71 20.67 46.60
C LEU E 32 -8.78 20.53 48.13
N LYS E 33 -8.74 21.64 48.86
CA LYS E 33 -8.54 21.63 50.33
C LYS E 33 -9.26 20.41 50.96
N ASP E 34 -10.58 20.36 50.94
CA ASP E 34 -11.37 19.44 51.80
C ASP E 34 -11.97 18.27 51.00
N VAL E 35 -11.35 17.88 49.89
CA VAL E 35 -11.86 16.83 48.96
C VAL E 35 -11.33 15.48 49.41
N LYS E 36 -12.22 14.58 49.84
CA LYS E 36 -11.89 13.18 50.21
C LYS E 36 -12.28 12.23 49.06
N LYS E 37 -13.20 12.63 48.18
CA LYS E 37 -13.72 11.77 47.08
C LYS E 37 -14.06 12.61 45.83
N VAL E 38 -13.54 12.18 44.66
CA VAL E 38 -13.82 12.84 43.34
C VAL E 38 -14.31 11.80 42.34
N LEU E 39 -15.17 12.23 41.39
CA LEU E 39 -15.48 11.52 40.13
C LEU E 39 -14.63 12.11 39.00
N CYS E 40 -14.02 11.24 38.20
CA CYS E 40 -13.46 11.59 36.87
C CYS E 40 -14.41 11.01 35.83
N ILE E 41 -14.98 11.90 35.01
CA ILE E 41 -15.95 11.52 33.96
C ILE E 41 -15.19 11.51 32.63
N GLU E 42 -15.13 10.34 31.99
CA GLU E 42 -14.41 10.14 30.70
C GLU E 42 -15.43 9.73 29.64
N PRO E 43 -15.38 10.36 28.44
CA PRO E 43 -16.17 9.94 27.29
C PRO E 43 -15.90 8.48 26.85
N HIS E 44 -14.63 8.13 26.69
CA HIS E 44 -14.16 6.80 26.22
C HIS E 44 -13.21 6.17 27.22
N PRO E 45 -13.07 4.84 27.21
CA PRO E 45 -12.05 4.17 28.02
C PRO E 45 -10.66 4.63 27.58
N ASP E 46 -9.97 5.39 28.43
CA ASP E 46 -8.57 5.88 28.24
C ASP E 46 -8.53 7.39 28.40
N ASP E 47 -9.69 8.07 28.45
CA ASP E 47 -9.74 9.55 28.40
C ASP E 47 -9.26 10.09 29.75
N CYS E 48 -9.56 9.41 30.86
CA CYS E 48 -9.13 9.83 32.22
C CYS E 48 -7.62 9.70 32.35
N VAL E 49 -7.08 8.54 32.00
CA VAL E 49 -5.60 8.29 32.11
C VAL E 49 -4.85 9.25 31.16
N ILE E 50 -5.30 9.46 29.91
CA ILE E 50 -4.60 10.37 28.95
C ILE E 50 -4.71 11.80 29.46
N GLY E 51 -5.88 12.19 29.97
CA GLY E 51 -6.18 13.58 30.32
C GLY E 51 -5.48 13.99 31.59
N MET E 52 -5.64 13.20 32.65
CA MET E 52 -5.22 13.58 34.01
C MET E 52 -4.71 12.35 34.80
N GLY E 53 -4.13 11.38 34.11
CA GLY E 53 -3.61 10.14 34.72
C GLY E 53 -2.60 10.42 35.83
N GLY E 54 -1.70 11.37 35.60
CA GLY E 54 -0.68 11.76 36.60
C GLY E 54 -1.36 12.26 37.87
N THR E 55 -2.20 13.28 37.72
CA THR E 55 -2.95 13.88 38.84
C THR E 55 -3.74 12.81 39.60
N ILE E 56 -4.30 11.81 38.91
CA ILE E 56 -5.12 10.76 39.58
C ILE E 56 -4.21 9.94 40.50
N LYS E 57 -3.00 9.61 40.04
CA LYS E 57 -1.97 8.90 40.85
C LYS E 57 -1.71 9.73 42.11
N ARG E 58 -1.36 11.01 41.96
CA ARG E 58 -1.01 11.90 43.09
C ARG E 58 -2.18 11.99 44.08
N LEU E 59 -3.44 12.05 43.63
CA LEU E 59 -4.64 12.12 44.50
C LEU E 59 -4.87 10.79 45.23
N THR E 60 -4.68 9.67 44.52
CA THR E 60 -4.76 8.30 45.06
C THR E 60 -3.76 8.15 46.23
N ASP E 61 -2.53 8.64 46.04
CA ASP E 61 -1.39 8.55 47.00
C ASP E 61 -1.70 9.42 48.24
N ARG E 62 -2.06 10.68 48.04
CA ARG E 62 -2.50 11.62 49.13
C ARG E 62 -3.76 11.05 49.82
N GLY E 63 -4.22 9.84 49.47
CA GLY E 63 -5.28 9.11 50.18
C GLY E 63 -6.70 9.48 49.74
N ILE E 64 -6.87 10.14 48.59
CA ILE E 64 -8.21 10.60 48.07
C ILE E 64 -8.79 9.52 47.16
N GLU E 65 -10.05 9.12 47.42
CA GLU E 65 -10.86 8.16 46.62
C GLU E 65 -11.17 8.78 45.25
N VAL E 66 -10.88 8.06 44.18
CA VAL E 66 -11.10 8.51 42.78
C VAL E 66 -11.96 7.45 42.10
N ILE E 67 -13.14 7.85 41.61
CA ILE E 67 -14.08 6.94 40.89
C ILE E 67 -14.19 7.41 39.44
N TYR E 68 -14.06 6.49 38.49
CA TYR E 68 -14.30 6.72 37.05
C TYR E 68 -15.79 6.56 36.73
N ILE E 69 -16.33 7.47 35.92
CA ILE E 69 -17.56 7.23 35.10
C ILE E 69 -17.15 7.25 33.63
N CYS E 70 -17.37 6.14 32.93
CA CYS E 70 -17.10 5.99 31.48
C CYS E 70 -18.43 6.02 30.74
N MET E 71 -18.60 7.06 29.91
CA MET E 71 -19.86 7.37 29.18
C MET E 71 -20.10 6.29 28.12
N THR E 72 -19.08 5.96 27.31
CA THR E 72 -19.20 5.02 26.17
C THR E 72 -18.43 3.71 26.42
N ASP E 73 -18.53 2.81 25.44
CA ASP E 73 -18.09 1.39 25.51
C ASP E 73 -16.83 1.19 24.64
N GLY E 74 -16.41 2.24 23.92
CA GLY E 74 -15.24 2.20 23.02
C GLY E 74 -15.42 1.34 21.77
N TYR E 75 -16.65 0.96 21.45
CA TYR E 75 -17.06 0.00 20.38
C TYR E 75 -16.42 0.31 19.03
N MET E 76 -16.10 1.56 18.72
CA MET E 76 -15.72 1.96 17.35
C MET E 76 -14.21 2.03 17.14
N GLY E 77 -13.41 2.06 18.22
CA GLY E 77 -12.01 2.52 18.21
C GLY E 77 -10.99 1.49 17.75
N THR E 78 -11.11 0.99 16.50
CA THR E 78 -10.13 0.10 15.82
C THR E 78 -10.31 0.21 14.31
N THR E 79 -9.20 0.21 13.58
CA THR E 79 -9.13 0.09 12.09
C THR E 79 -9.06 -1.38 11.67
N ASP E 80 -8.88 -2.30 12.62
CA ASP E 80 -8.73 -3.75 12.33
C ASP E 80 -10.09 -4.33 11.93
N GLU E 81 -10.26 -4.71 10.65
CA GLU E 81 -11.54 -5.24 10.10
C GLU E 81 -11.93 -6.59 10.72
N ASN E 82 -11.13 -7.17 11.62
CA ASN E 82 -11.38 -8.52 12.22
C ASN E 82 -12.02 -8.41 13.60
N ILE E 83 -11.90 -7.25 14.26
CA ILE E 83 -12.41 -7.03 15.64
C ILE E 83 -13.80 -6.41 15.56
N THR E 84 -14.85 -7.17 15.90
CA THR E 84 -16.23 -6.62 16.06
C THR E 84 -16.22 -5.61 17.20
N GLY E 85 -17.08 -4.61 17.14
CA GLY E 85 -17.21 -3.60 18.23
C GLY E 85 -17.49 -4.27 19.56
N HIS E 86 -18.25 -5.37 19.55
CA HIS E 86 -18.59 -6.16 20.75
C HIS E 86 -17.32 -6.72 21.41
N GLU E 87 -16.38 -7.25 20.61
CA GLU E 87 -15.07 -7.76 21.11
C GLU E 87 -14.35 -6.57 21.73
N LEU E 88 -14.20 -5.50 20.95
CA LEU E 88 -13.37 -4.34 21.35
C LEU E 88 -13.86 -3.79 22.70
N ALA E 89 -15.17 -3.77 22.93
CA ALA E 89 -15.77 -3.29 24.20
C ALA E 89 -15.21 -4.13 25.36
N GLN E 90 -15.43 -5.45 25.27
CA GLN E 90 -14.96 -6.47 26.24
C GLN E 90 -13.48 -6.22 26.55
N ILE E 91 -12.66 -6.04 25.51
CA ILE E 91 -11.19 -5.81 25.61
C ILE E 91 -10.95 -4.53 26.41
N ARG E 92 -11.49 -3.42 25.94
CA ARG E 92 -11.17 -2.06 26.49
C ARG E 92 -11.69 -1.97 27.93
N ARG E 93 -12.69 -2.77 28.29
CA ARG E 93 -13.12 -2.88 29.71
C ARG E 93 -11.93 -3.37 30.54
N LYS E 94 -11.34 -4.50 30.13
CA LYS E 94 -10.14 -5.10 30.79
C LYS E 94 -8.99 -4.09 30.76
N GLU E 95 -8.74 -3.46 29.61
CA GLU E 95 -7.62 -2.47 29.51
C GLU E 95 -7.82 -1.35 30.53
N GLU E 96 -9.06 -0.88 30.78
CA GLU E 96 -9.30 0.28 31.70
C GLU E 96 -9.12 -0.25 33.13
N GLU E 97 -9.62 -1.45 33.44
CA GLU E 97 -9.43 -2.11 34.77
C GLU E 97 -7.92 -2.19 35.12
N GLU E 98 -7.04 -2.47 34.15
CA GLU E 98 -5.58 -2.61 34.39
C GLU E 98 -4.95 -1.21 34.60
N SER E 99 -5.23 -0.29 33.68
CA SER E 99 -4.86 1.15 33.76
C SER E 99 -5.32 1.73 35.11
N ALA E 100 -6.56 1.41 35.51
CA ALA E 100 -7.19 1.90 36.77
C ALA E 100 -6.33 1.48 37.97
N LYS E 101 -6.04 0.18 38.09
CA LYS E 101 -5.22 -0.40 39.19
C LYS E 101 -3.88 0.32 39.28
N MET E 102 -3.17 0.50 38.15
CA MET E 102 -1.84 1.15 38.12
C MET E 102 -1.90 2.57 38.73
N LEU E 103 -3.07 3.19 38.80
CA LEU E 103 -3.24 4.61 39.26
C LEU E 103 -3.93 4.67 40.63
N GLY E 104 -4.48 3.54 41.09
CA GLY E 104 -5.07 3.39 42.43
C GLY E 104 -6.58 3.59 42.42
N VAL E 105 -7.22 3.33 41.28
CA VAL E 105 -8.68 3.53 41.11
C VAL E 105 -9.34 2.16 41.25
N LYS E 106 -10.35 2.07 42.12
CA LYS E 106 -10.93 0.78 42.56
C LYS E 106 -12.30 0.60 41.91
N LYS E 107 -13.12 1.65 41.85
CA LYS E 107 -14.53 1.60 41.33
C LYS E 107 -14.61 2.31 39.97
N ILE E 108 -15.30 1.70 38.99
CA ILE E 108 -15.61 2.29 37.66
C ILE E 108 -17.08 2.01 37.31
N TYR E 109 -17.85 3.05 37.05
CA TYR E 109 -19.22 2.95 36.47
C TYR E 109 -19.14 2.99 34.94
N TRP E 110 -19.82 2.07 34.27
CA TRP E 110 -19.92 1.98 32.80
C TRP E 110 -21.35 2.28 32.37
N LEU E 111 -21.59 3.43 31.74
CA LEU E 111 -22.94 3.77 31.22
C LEU E 111 -23.24 2.90 30.00
N ASN E 112 -22.25 2.59 29.16
CA ASN E 112 -22.41 1.64 28.02
C ASN E 112 -23.25 2.26 26.89
N TYR E 113 -23.39 3.58 26.85
CA TYR E 113 -23.76 4.28 25.61
C TYR E 113 -22.69 3.87 24.59
N ARG E 114 -23.08 3.64 23.33
CA ARG E 114 -22.14 3.21 22.26
C ARG E 114 -21.26 4.38 21.82
N ASP E 115 -19.95 4.15 21.73
CA ASP E 115 -18.94 5.05 21.12
C ASP E 115 -19.57 5.67 19.85
N THR E 116 -19.49 7.00 19.72
CA THR E 116 -19.96 7.83 18.57
C THR E 116 -21.46 8.12 18.66
N GLU E 117 -22.17 7.53 19.63
CA GLU E 117 -23.64 7.52 19.67
C GLU E 117 -24.09 7.93 21.08
N LEU E 118 -23.36 8.86 21.69
CA LEU E 118 -23.68 9.35 23.06
C LEU E 118 -24.66 10.50 22.92
N PRO E 119 -25.93 10.31 23.30
CA PRO E 119 -26.93 11.37 23.23
C PRO E 119 -26.57 12.54 24.15
N TYR E 120 -26.83 13.78 23.73
CA TYR E 120 -26.96 14.93 24.66
C TYR E 120 -28.43 15.01 25.05
N SER E 121 -28.93 13.97 25.73
CA SER E 121 -30.36 13.81 26.13
C SER E 121 -30.53 14.06 27.63
N ARG E 122 -31.78 14.30 28.03
CA ARG E 122 -32.21 14.37 29.44
C ARG E 122 -31.88 13.04 30.13
N GLU E 123 -32.21 11.93 29.47
CA GLU E 123 -31.95 10.56 29.97
C GLU E 123 -30.51 10.42 30.47
N VAL E 124 -29.52 10.92 29.74
CA VAL E 124 -28.10 10.73 30.12
C VAL E 124 -27.79 11.59 31.34
N ARG E 125 -28.35 12.80 31.42
CA ARG E 125 -28.24 13.65 32.63
C ARG E 125 -28.74 12.87 33.85
N LYS E 126 -29.91 12.23 33.72
CA LYS E 126 -30.58 11.49 34.82
C LYS E 126 -29.64 10.37 35.30
N ASP E 127 -28.98 9.67 34.38
CA ASP E 127 -28.02 8.56 34.68
C ASP E 127 -26.85 9.11 35.50
N LEU E 128 -26.23 10.21 35.08
CA LEU E 128 -25.08 10.84 35.78
C LEU E 128 -25.48 11.32 37.18
N VAL E 129 -26.66 11.92 37.31
CA VAL E 129 -27.15 12.51 38.60
C VAL E 129 -27.31 11.36 39.58
N LYS E 130 -27.99 10.29 39.17
CA LYS E 130 -28.19 9.04 39.94
C LYS E 130 -26.86 8.66 40.61
N ILE E 131 -25.76 8.65 39.87
CA ILE E 131 -24.43 8.25 40.41
C ILE E 131 -23.96 9.32 41.39
N ILE E 132 -23.86 10.57 40.95
CA ILE E 132 -23.47 11.72 41.81
C ILE E 132 -24.25 11.68 43.15
N ARG E 133 -25.55 11.43 43.10
CA ARG E 133 -26.41 11.46 44.30
C ARG E 133 -26.08 10.30 45.23
N LYS E 134 -25.69 9.16 44.67
CA LYS E 134 -25.26 7.95 45.44
C LYS E 134 -23.89 8.20 46.07
N GLU E 135 -22.87 8.46 45.26
CA GLU E 135 -21.44 8.55 45.69
C GLU E 135 -21.17 9.85 46.44
N LYS E 136 -22.11 10.79 46.49
CA LYS E 136 -21.96 12.10 47.18
C LYS E 136 -20.52 12.61 47.09
N PRO E 137 -19.91 12.73 45.90
CA PRO E 137 -18.52 13.21 45.80
C PRO E 137 -18.35 14.70 46.10
N ASP E 138 -17.16 15.07 46.56
CA ASP E 138 -16.80 16.47 46.93
C ASP E 138 -16.40 17.21 45.66
N GLY E 139 -15.88 16.48 44.67
CA GLY E 139 -15.27 17.02 43.45
C GLY E 139 -15.69 16.23 42.22
N VAL E 140 -15.72 16.89 41.07
CA VAL E 140 -15.95 16.23 39.74
C VAL E 140 -14.97 16.83 38.73
N PHE E 141 -14.24 15.96 38.05
CA PHE E 141 -13.42 16.32 36.87
C PHE E 141 -14.16 15.85 35.60
N LEU E 142 -14.17 16.72 34.60
CA LEU E 142 -14.86 16.49 33.32
C LEU E 142 -14.14 17.28 32.23
N PRO E 143 -14.23 16.83 30.97
CA PRO E 143 -13.53 17.50 29.87
C PRO E 143 -14.20 18.82 29.48
N ASP E 144 -13.37 19.84 29.25
CA ASP E 144 -13.82 21.22 28.88
C ASP E 144 -14.55 21.11 27.55
N PRO E 145 -15.89 21.33 27.51
CA PRO E 145 -16.63 21.24 26.27
C PRO E 145 -16.36 22.42 25.33
N TRP E 146 -15.70 23.48 25.81
CA TRP E 146 -15.32 24.67 25.01
C TRP E 146 -13.90 24.52 24.45
N LEU E 147 -13.29 23.34 24.55
CA LEU E 147 -11.93 23.14 24.01
C LEU E 147 -11.99 23.40 22.51
N PRO E 148 -11.20 24.36 21.97
CA PRO E 148 -11.27 24.68 20.54
C PRO E 148 -10.90 23.49 19.63
N TYR E 149 -11.69 23.37 18.57
CA TYR E 149 -11.53 22.43 17.43
C TYR E 149 -11.75 20.98 17.91
N GLU E 150 -12.40 20.78 19.06
CA GLU E 150 -12.80 19.42 19.50
C GLU E 150 -13.97 18.97 18.62
N ALA E 151 -13.72 18.00 17.76
CA ALA E 151 -14.62 17.56 16.66
C ALA E 151 -15.28 16.23 17.03
N HIS E 152 -15.00 15.70 18.21
CA HIS E 152 -15.57 14.41 18.67
C HIS E 152 -16.82 14.68 19.50
N PRO E 153 -18.02 14.29 18.98
CA PRO E 153 -19.28 14.60 19.66
C PRO E 153 -19.38 14.03 21.09
N ASP E 154 -18.83 12.86 21.31
CA ASP E 154 -18.83 12.20 22.63
C ASP E 154 -18.14 13.11 23.66
N HIS E 155 -17.09 13.85 23.26
CA HIS E 155 -16.35 14.76 24.17
C HIS E 155 -17.20 15.99 24.48
N ARG E 156 -17.69 16.68 23.44
CA ARG E 156 -18.56 17.87 23.60
C ARG E 156 -19.73 17.49 24.52
N ALA E 157 -20.43 16.40 24.19
CA ALA E 157 -21.59 15.92 24.97
C ALA E 157 -21.19 15.70 26.44
N THR E 158 -20.14 14.94 26.68
CA THR E 158 -19.73 14.53 28.05
C THR E 158 -19.54 15.80 28.86
N GLY E 159 -18.77 16.75 28.33
CA GLY E 159 -18.51 18.05 28.99
C GLY E 159 -19.81 18.71 29.43
N PHE E 160 -20.73 18.93 28.50
CA PHE E 160 -22.00 19.63 28.77
C PHE E 160 -22.81 18.82 29.78
N LEU E 161 -23.05 17.54 29.51
CA LEU E 161 -23.85 16.63 30.38
C LEU E 161 -23.31 16.64 31.81
N ALA E 162 -21.99 16.62 31.99
CA ALA E 162 -21.33 16.58 33.31
C ALA E 162 -21.73 17.83 34.10
N LEU E 163 -21.51 19.01 33.51
CA LEU E 163 -21.88 20.32 34.11
C LEU E 163 -23.36 20.32 34.46
N ASP E 164 -24.22 19.89 33.55
CA ASP E 164 -25.69 19.85 33.78
C ASP E 164 -25.96 18.97 35.00
N ALA E 165 -25.33 17.80 35.06
CA ALA E 165 -25.55 16.81 36.14
C ALA E 165 -25.15 17.42 37.48
N VAL E 166 -23.98 18.04 37.53
CA VAL E 166 -23.48 18.76 38.74
C VAL E 166 -24.51 19.81 39.18
N ALA E 167 -24.96 20.63 38.24
CA ALA E 167 -25.89 21.76 38.49
C ALA E 167 -27.26 21.28 38.97
N PHE E 168 -27.73 20.12 38.50
CA PHE E 168 -29.13 19.67 38.71
C PHE E 168 -29.19 18.62 39.83
N SER E 169 -28.05 18.03 40.25
CA SER E 169 -27.99 17.00 41.31
C SER E 169 -28.65 17.52 42.58
N PRO E 170 -28.46 18.81 42.97
CA PRO E 170 -29.08 19.37 44.17
C PRO E 170 -30.55 19.81 44.09
N LEU E 171 -31.19 19.68 42.92
CA LEU E 171 -32.59 20.11 42.76
C LEU E 171 -33.49 18.91 42.99
N PRO E 172 -34.29 18.90 44.07
CA PRO E 172 -35.12 17.73 44.40
C PRO E 172 -36.21 17.44 43.36
N ASN E 173 -36.60 18.44 42.56
CA ASN E 173 -37.63 18.27 41.50
C ASN E 173 -37.08 17.56 40.25
N PHE E 174 -35.76 17.47 40.13
CA PHE E 174 -35.04 16.85 38.97
C PHE E 174 -34.86 15.35 39.20
N SER E 175 -35.46 14.52 38.35
CA SER E 175 -35.44 13.05 38.47
C SER E 175 -35.92 12.70 39.87
N ASN E 176 -37.17 13.05 40.19
CA ASN E 176 -37.65 13.03 41.59
C ASN E 176 -37.70 11.58 42.10
N ILE E 177 -37.83 10.59 41.20
CA ILE E 177 -37.88 9.14 41.59
C ILE E 177 -36.58 8.76 42.32
N ASP E 178 -35.44 9.33 41.94
CA ASP E 178 -34.14 9.16 42.67
C ASP E 178 -34.36 9.36 44.18
N LEU E 179 -35.09 10.41 44.56
CA LEU E 179 -35.40 10.72 45.99
C LEU E 179 -36.33 9.65 46.55
N ASP E 180 -37.47 9.42 45.89
CA ASP E 180 -38.53 8.48 46.32
C ASP E 180 -37.95 7.06 46.58
N ILE E 181 -36.72 6.77 46.17
CA ILE E 181 -36.08 5.43 46.39
C ILE E 181 -34.81 5.55 47.24
N GLY E 182 -34.55 6.70 47.89
CA GLY E 182 -33.46 6.81 48.86
C GLY E 182 -32.48 7.93 48.56
N LEU E 183 -32.08 8.09 47.33
CA LEU E 183 -30.99 9.04 46.96
C LEU E 183 -31.43 10.48 47.23
N LYS E 184 -30.80 11.14 48.22
CA LYS E 184 -31.03 12.56 48.55
C LYS E 184 -30.25 13.42 47.55
N PRO E 185 -30.70 14.67 47.30
CA PRO E 185 -29.94 15.66 46.54
C PRO E 185 -28.50 15.78 47.01
N HIS E 186 -27.62 16.30 46.17
CA HIS E 186 -26.19 16.50 46.51
C HIS E 186 -25.64 17.70 45.77
N SER E 187 -24.87 18.53 46.47
CA SER E 187 -24.08 19.65 45.88
C SER E 187 -22.61 19.26 45.83
N VAL E 188 -22.04 19.19 44.64
CA VAL E 188 -20.57 19.02 44.48
C VAL E 188 -19.93 20.34 44.94
N SER E 189 -18.75 20.28 45.57
CA SER E 189 -18.04 21.44 46.16
C SER E 189 -17.00 21.95 45.18
N PHE E 190 -16.55 21.12 44.23
CA PHE E 190 -15.40 21.41 43.35
C PHE E 190 -15.66 20.91 41.92
N ILE E 191 -15.38 21.75 40.92
CA ILE E 191 -15.50 21.37 39.48
C ILE E 191 -14.16 21.67 38.80
N GLY E 192 -13.53 20.63 38.25
CA GLY E 192 -12.30 20.74 37.45
C GLY E 192 -12.53 20.34 36.00
N LEU E 193 -12.19 21.21 35.06
CA LEU E 193 -12.19 20.90 33.62
C LEU E 193 -10.79 20.42 33.24
N TYR E 194 -10.67 19.19 32.72
CA TYR E 194 -9.42 18.68 32.10
C TYR E 194 -9.53 18.80 30.58
N TYR E 195 -8.45 18.51 29.85
CA TYR E 195 -8.39 18.70 28.39
C TYR E 195 -8.86 20.12 28.05
N THR E 196 -8.28 21.18 28.62
CA THR E 196 -8.67 22.59 28.39
C THR E 196 -7.51 23.38 27.82
N SER E 197 -7.82 24.41 27.05
CA SER E 197 -6.83 25.32 26.46
C SER E 197 -6.69 26.58 27.33
N ARG E 198 -7.55 26.74 28.34
CA ARG E 198 -7.56 27.89 29.28
C ARG E 198 -7.46 27.37 30.72
N PRO E 199 -6.35 26.70 31.08
CA PRO E 199 -6.18 26.20 32.44
C PRO E 199 -5.74 27.36 33.33
N ASN E 200 -6.09 27.30 34.62
CA ASN E 200 -5.70 28.32 35.63
C ASN E 200 -5.10 27.64 36.87
N TYR E 201 -4.90 26.32 36.82
CA TYR E 201 -4.35 25.54 37.96
C TYR E 201 -3.66 24.30 37.41
N PHE E 202 -2.42 24.07 37.85
CA PHE E 202 -1.51 23.04 37.28
C PHE E 202 -1.09 22.06 38.37
N VAL E 203 -0.53 20.93 37.95
CA VAL E 203 -0.08 19.82 38.81
C VAL E 203 1.20 19.27 38.18
N ASP E 204 2.33 19.32 38.89
CA ASP E 204 3.60 18.72 38.42
C ASP E 204 3.37 17.22 38.33
N ILE E 205 3.70 16.61 37.19
CA ILE E 205 3.61 15.13 36.99
C ILE E 205 4.95 14.61 36.45
N THR E 206 6.02 15.40 36.57
CA THR E 206 7.37 15.06 36.03
C THR E 206 7.84 13.73 36.66
N ASP E 207 7.60 13.57 37.97
CA ASP E 207 7.94 12.34 38.77
C ASP E 207 7.10 11.15 38.30
N VAL E 208 5.87 11.37 37.87
CA VAL E 208 4.84 10.32 37.66
C VAL E 208 4.74 9.96 36.16
N MET E 209 5.34 10.76 35.29
CA MET E 209 5.19 10.67 33.81
C MET E 209 5.34 9.22 33.34
N ASP E 210 6.40 8.53 33.74
CA ASP E 210 6.72 7.18 33.24
C ASP E 210 5.58 6.21 33.59
N LEU E 211 5.00 6.34 34.80
CA LEU E 211 3.83 5.52 35.21
C LEU E 211 2.63 5.88 34.34
N LYS E 212 2.33 7.17 34.19
CA LYS E 212 1.22 7.68 33.33
C LYS E 212 1.33 7.01 31.97
N LEU E 213 2.47 7.15 31.29
CA LEU E 213 2.69 6.61 29.92
C LEU E 213 2.52 5.09 29.91
N LYS E 214 2.95 4.38 30.97
CA LYS E 214 2.80 2.91 31.04
C LYS E 214 1.31 2.56 31.21
N ALA E 215 0.57 3.38 31.96
CA ALA E 215 -0.88 3.21 32.25
C ALA E 215 -1.72 3.53 30.99
N ILE E 216 -1.18 4.35 30.10
CA ILE E 216 -1.82 4.64 28.78
C ILE E 216 -1.64 3.41 27.88
N ARG E 217 -0.41 2.88 27.80
CA ARG E 217 -0.06 1.73 26.94
C ARG E 217 -0.79 0.48 27.43
N ALA E 218 -1.30 0.48 28.66
CA ALA E 218 -2.17 -0.59 29.19
C ALA E 218 -3.33 -0.81 28.22
N HIS E 219 -3.75 0.27 27.56
CA HIS E 219 -4.73 0.28 26.45
C HIS E 219 -4.03 -0.19 25.17
N LYS E 220 -3.75 -1.49 25.10
CA LYS E 220 -2.95 -2.11 24.00
C LYS E 220 -3.69 -1.88 22.68
N SER E 221 -5.00 -2.16 22.67
CA SER E 221 -5.90 -2.06 21.49
C SER E 221 -5.76 -0.67 20.85
N GLN E 222 -5.62 0.38 21.66
CA GLN E 222 -5.56 1.78 21.17
C GLN E 222 -4.14 2.17 20.77
N PHE E 223 -3.11 1.50 21.29
CA PHE E 223 -1.69 1.93 21.12
C PHE E 223 -0.77 0.75 20.83
N PRO E 224 -0.86 0.13 19.63
CA PRO E 224 0.24 -0.68 19.11
C PRO E 224 1.46 0.24 18.87
N ASP E 225 2.57 -0.33 18.40
CA ASP E 225 3.88 0.39 18.31
C ASP E 225 3.81 1.37 17.13
N ASP E 226 3.17 0.99 16.02
CA ASP E 226 2.84 1.88 14.86
C ASP E 226 2.36 3.23 15.39
N ILE E 227 1.23 3.18 16.10
CA ILE E 227 0.46 4.33 16.65
C ILE E 227 1.34 5.04 17.68
N TRP E 228 1.95 4.30 18.60
CA TRP E 228 2.67 4.84 19.77
C TRP E 228 3.84 5.72 19.34
N GLU E 229 4.36 5.50 18.12
CA GLU E 229 5.47 6.31 17.54
C GLU E 229 5.02 7.78 17.45
N THR E 230 3.74 8.02 17.22
CA THR E 230 3.14 9.37 17.07
C THR E 230 2.57 9.86 18.41
N TRP E 231 1.97 8.99 19.21
CA TRP E 231 1.25 9.40 20.43
C TRP E 231 2.24 9.78 21.53
N GLU E 232 3.30 8.98 21.78
CA GLU E 232 4.27 9.29 22.87
C GLU E 232 4.76 10.73 22.71
N PRO E 233 5.34 11.12 21.54
CA PRO E 233 5.79 12.50 21.35
C PRO E 233 4.67 13.52 21.61
N PHE E 234 3.46 13.27 21.11
CA PHE E 234 2.27 14.14 21.30
C PHE E 234 2.05 14.35 22.81
N LEU E 235 1.78 13.27 23.54
CA LEU E 235 1.47 13.29 25.00
C LEU E 235 2.54 14.08 25.78
N ARG E 236 3.80 13.95 25.39
CA ARG E 236 4.92 14.71 26.01
C ARG E 236 4.77 16.19 25.67
N THR E 237 4.49 16.49 24.40
CA THR E 237 4.34 17.88 23.90
C THR E 237 3.18 18.54 24.67
N VAL E 238 2.13 17.80 25.01
CA VAL E 238 0.96 18.33 25.77
C VAL E 238 1.45 18.70 27.18
N ALA E 239 2.06 17.74 27.88
CA ALA E 239 2.62 17.92 29.24
C ALA E 239 3.56 19.12 29.27
N LEU E 240 4.31 19.40 28.18
CA LEU E 240 5.26 20.54 28.12
C LEU E 240 4.49 21.85 28.02
N TYR E 241 3.43 21.90 27.20
CA TYR E 241 2.53 23.07 27.03
C TYR E 241 2.04 23.52 28.40
N TYR E 242 1.48 22.58 29.16
CA TYR E 242 1.00 22.78 30.56
C TYR E 242 2.19 23.11 31.46
N GLY E 243 3.30 22.38 31.31
CA GLY E 243 4.54 22.60 32.08
C GLY E 243 5.06 24.02 31.97
N GLN E 244 5.18 24.55 30.73
CA GLN E 244 5.69 25.92 30.45
C GLN E 244 4.98 26.91 31.36
N LYS E 245 3.65 26.81 31.50
CA LYS E 245 2.81 27.80 32.23
C LYS E 245 2.95 27.60 33.74
N ALA E 246 3.38 26.41 34.18
CA ALA E 246 3.50 26.03 35.62
C ALA E 246 4.96 26.08 36.07
N GLY E 247 5.88 26.49 35.18
CA GLY E 247 7.33 26.49 35.39
C GLY E 247 7.87 25.16 35.91
N VAL E 248 7.36 24.02 35.42
CA VAL E 248 8.00 22.69 35.61
C VAL E 248 8.21 22.08 34.22
N LYS E 249 8.67 20.82 34.15
CA LYS E 249 8.88 20.13 32.85
C LYS E 249 7.53 19.65 32.32
N TYR E 250 6.94 18.67 33.00
CA TYR E 250 5.69 17.95 32.63
C TYR E 250 4.62 18.26 33.69
N ALA E 251 3.53 18.89 33.27
CA ALA E 251 2.37 19.27 34.11
C ALA E 251 1.04 18.82 33.48
N GLU E 252 -0.03 18.78 34.27
CA GLU E 252 -1.44 18.62 33.81
C GLU E 252 -2.21 19.88 34.19
N GLY E 253 -2.89 20.49 33.23
CA GLY E 253 -3.67 21.73 33.42
C GLY E 253 -5.12 21.43 33.69
N PHE E 254 -5.76 22.24 34.51
CA PHE E 254 -7.21 22.20 34.79
C PHE E 254 -7.75 23.63 34.80
N ARG E 255 -9.02 23.81 34.43
CA ARG E 255 -9.70 25.10 34.67
C ARG E 255 -10.64 24.90 35.84
N ILE E 256 -10.42 25.68 36.89
CA ILE E 256 -11.24 25.68 38.13
C ILE E 256 -11.84 27.07 38.26
N MET E 257 -13.16 27.14 38.39
CA MET E 257 -13.91 28.39 38.61
C MET E 257 -14.97 28.14 39.68
N PRO E 258 -15.50 29.20 40.33
CA PRO E 258 -16.64 29.05 41.22
C PRO E 258 -17.86 28.56 40.45
N GLY E 259 -18.71 27.72 41.06
CA GLY E 259 -19.98 27.26 40.47
C GLY E 259 -20.74 28.40 39.78
N LEU E 260 -20.72 29.59 40.37
CA LEU E 260 -21.56 30.74 39.95
C LEU E 260 -21.18 31.23 38.55
N PHE E 261 -19.89 31.10 38.19
CA PHE E 261 -19.30 31.65 36.95
C PHE E 261 -19.71 30.85 35.71
N TYR E 262 -20.33 29.69 35.90
CA TYR E 262 -20.84 28.84 34.80
C TYR E 262 -22.24 29.33 34.37
N HIS E 263 -22.63 30.54 34.74
CA HIS E 263 -23.97 31.13 34.45
C HIS E 263 -23.90 32.65 34.49
N ILE E 264 -24.24 33.26 33.35
CA ILE E 264 -24.49 34.72 33.18
C ILE E 264 -23.35 35.53 33.80
N THR E 265 -22.11 35.06 33.64
CA THR E 265 -20.91 35.75 34.16
C THR E 265 -20.06 36.23 32.99
N PRO E 266 -20.24 37.51 32.60
CA PRO E 266 -19.53 38.08 31.45
C PRO E 266 -18.03 38.29 31.68
N PHE E 267 -17.55 38.15 32.92
CA PHE E 267 -16.10 38.29 33.27
C PHE E 267 -15.52 36.93 33.66
N ALA E 268 -16.25 35.85 33.36
CA ALA E 268 -15.83 34.46 33.63
C ALA E 268 -14.44 34.21 33.04
N GLU E 269 -14.17 34.77 31.86
CA GLU E 269 -12.90 34.59 31.10
C GLU E 269 -11.70 35.10 31.92
N LEU E 270 -11.89 36.00 32.91
CA LEU E 270 -10.80 36.67 33.65
C LEU E 270 -10.40 35.87 34.88
N ILE E 271 -9.99 34.60 34.74
CA ILE E 271 -9.45 33.76 35.85
C ILE E 271 -8.34 32.85 35.33
N PHE F 3 71.08 -42.50 -42.20
CA PHE F 3 70.25 -43.80 -42.26
C PHE F 3 69.58 -43.91 -43.67
N THR F 4 68.56 -44.75 -43.90
CA THR F 4 67.92 -44.94 -45.25
C THR F 4 66.73 -43.97 -45.44
N MET F 5 66.47 -43.54 -46.67
CA MET F 5 65.69 -42.33 -47.09
C MET F 5 64.19 -42.59 -46.98
N PHE F 6 63.43 -41.62 -46.45
CA PHE F 6 62.01 -41.73 -46.04
C PHE F 6 61.09 -41.53 -47.26
N GLU F 7 61.58 -40.89 -48.32
CA GLU F 7 60.83 -40.66 -49.57
C GLU F 7 60.45 -41.99 -50.22
N GLU F 8 61.33 -43.00 -50.09
CA GLU F 8 61.25 -44.31 -50.77
C GLU F 8 60.14 -45.15 -50.17
N ILE F 9 59.52 -44.76 -49.06
CA ILE F 9 58.53 -45.62 -48.35
C ILE F 9 57.15 -45.44 -48.98
N ASN F 10 56.43 -46.55 -49.20
CA ASN F 10 55.11 -46.62 -49.88
C ASN F 10 54.06 -47.28 -48.97
N ASP F 11 54.46 -47.94 -47.87
CA ASP F 11 53.56 -48.46 -46.82
C ASP F 11 53.46 -47.43 -45.68
N PHE F 12 52.28 -47.20 -45.14
CA PHE F 12 52.10 -46.36 -43.93
C PHE F 12 52.72 -47.11 -42.74
N GLU F 13 52.37 -48.39 -42.53
CA GLU F 13 52.79 -49.20 -41.35
C GLU F 13 54.32 -49.13 -41.21
N THR F 14 55.05 -49.14 -42.32
CA THR F 14 56.55 -49.04 -42.33
C THR F 14 56.96 -47.68 -41.77
N ALA F 15 56.47 -46.60 -42.38
CA ALA F 15 56.81 -45.20 -42.06
C ALA F 15 56.46 -44.89 -40.60
N PHE F 16 55.33 -45.43 -40.13
CA PHE F 16 54.83 -45.30 -38.76
C PHE F 16 55.86 -45.89 -37.79
N LYS F 17 56.22 -47.17 -37.99
CA LYS F 17 57.19 -47.90 -37.14
C LYS F 17 58.53 -47.17 -37.16
N ARG F 18 58.94 -46.67 -38.33
CA ARG F 18 60.24 -45.96 -38.49
C ARG F 18 60.16 -44.60 -37.79
N LEU F 19 59.00 -43.93 -37.85
CA LEU F 19 58.80 -42.60 -37.22
C LEU F 19 58.98 -42.74 -35.69
N LEU F 20 58.32 -43.72 -35.08
CA LEU F 20 58.33 -43.91 -33.60
C LEU F 20 59.71 -44.39 -33.14
N ASN F 21 60.28 -45.42 -33.78
CA ASN F 21 61.52 -46.11 -33.34
C ASN F 21 62.75 -45.24 -33.65
N GLU F 22 62.91 -44.81 -34.90
CA GLU F 22 64.18 -44.19 -35.37
C GLU F 22 64.13 -42.66 -35.23
N VAL F 23 63.04 -42.02 -35.67
CA VAL F 23 62.98 -40.53 -35.79
C VAL F 23 62.73 -39.91 -34.42
N LEU F 24 61.75 -40.43 -33.68
CA LEU F 24 61.38 -40.00 -32.31
C LEU F 24 61.94 -41.21 -31.52
N GLU F 25 62.64 -41.14 -30.43
CA GLU F 25 63.12 -42.48 -30.00
C GLU F 25 62.06 -42.90 -29.02
N PHE F 26 60.83 -43.15 -29.42
CA PHE F 26 59.68 -43.39 -28.51
C PHE F 26 59.83 -44.76 -27.85
N ASP F 27 60.02 -44.78 -26.54
CA ASP F 27 60.33 -45.97 -25.73
C ASP F 27 59.13 -46.26 -24.81
N LEU F 28 58.17 -47.06 -25.28
CA LEU F 28 56.99 -47.44 -24.46
C LEU F 28 57.39 -48.48 -23.39
N GLN F 29 58.51 -49.18 -23.62
CA GLN F 29 59.04 -50.26 -22.73
C GLN F 29 59.50 -49.66 -21.40
N ASN F 30 60.55 -48.84 -21.39
CA ASN F 30 61.02 -48.10 -20.19
C ASN F 30 60.99 -46.60 -20.47
N PRO F 31 59.82 -45.95 -20.30
CA PRO F 31 59.61 -44.55 -20.67
C PRO F 31 60.11 -43.55 -19.63
N LEU F 32 60.44 -44.02 -18.43
CA LEU F 32 60.90 -43.15 -17.31
C LEU F 32 62.42 -43.18 -17.24
N LYS F 33 63.08 -43.67 -18.30
CA LYS F 33 64.54 -43.96 -18.30
C LYS F 33 65.29 -42.94 -17.43
N ASP F 34 65.36 -41.66 -17.80
CA ASP F 34 66.35 -40.72 -17.21
C ASP F 34 65.70 -39.72 -16.24
N VAL F 35 64.57 -40.09 -15.63
CA VAL F 35 63.74 -39.15 -14.82
C VAL F 35 64.20 -39.18 -13.36
N LYS F 36 64.77 -38.06 -12.86
CA LYS F 36 65.17 -37.89 -11.45
C LYS F 36 64.12 -37.08 -10.69
N LYS F 37 63.30 -36.27 -11.39
CA LYS F 37 62.28 -35.38 -10.78
C LYS F 37 61.03 -35.26 -11.67
N VAL F 38 59.85 -35.48 -11.08
CA VAL F 38 58.53 -35.34 -11.77
C VAL F 38 57.62 -34.39 -10.96
N LEU F 39 56.72 -33.68 -11.68
CA LEU F 39 55.53 -33.02 -11.11
C LEU F 39 54.31 -33.93 -11.30
N CYS F 40 53.51 -34.11 -10.26
CA CYS F 40 52.12 -34.59 -10.36
C CYS F 40 51.19 -33.40 -10.16
N ILE F 41 50.38 -33.12 -11.19
CA ILE F 41 49.43 -31.97 -11.18
C ILE F 41 48.05 -32.54 -10.87
N GLU F 42 47.47 -32.10 -9.75
CA GLU F 42 46.14 -32.56 -9.27
C GLU F 42 45.19 -31.35 -9.24
N PRO F 43 43.95 -31.52 -9.78
CA PRO F 43 42.89 -30.53 -9.65
C PRO F 43 42.54 -30.19 -8.19
N HIS F 44 42.26 -31.23 -7.40
CA HIS F 44 41.85 -31.11 -5.97
C HIS F 44 42.81 -31.86 -5.07
N PRO F 45 42.87 -31.50 -3.77
CA PRO F 45 43.62 -32.29 -2.80
C PRO F 45 43.02 -33.70 -2.70
N ASP F 46 43.76 -34.71 -3.18
CA ASP F 46 43.44 -36.16 -3.10
C ASP F 46 43.51 -36.77 -4.50
N ASP F 47 43.62 -35.95 -5.55
CA ASP F 47 43.48 -36.45 -6.95
C ASP F 47 44.76 -37.23 -7.31
N CYS F 48 45.93 -36.80 -6.81
CA CYS F 48 47.21 -37.50 -7.08
C CYS F 48 47.22 -38.87 -6.40
N VAL F 49 46.90 -38.91 -5.11
CA VAL F 49 46.89 -40.18 -4.34
C VAL F 49 45.83 -41.13 -4.93
N ILE F 50 44.62 -40.67 -5.25
CA ILE F 50 43.55 -41.56 -5.81
C ILE F 50 43.98 -42.05 -7.20
N GLY F 51 44.57 -41.15 -7.99
CA GLY F 51 44.85 -41.41 -9.41
C GLY F 51 46.04 -42.34 -9.57
N MET F 52 47.16 -42.01 -8.90
CA MET F 52 48.45 -42.69 -9.14
C MET F 52 49.26 -42.76 -7.83
N GLY F 53 48.57 -42.89 -6.69
CA GLY F 53 49.21 -42.97 -5.35
C GLY F 53 50.20 -44.10 -5.26
N GLY F 54 49.86 -45.27 -5.80
CA GLY F 54 50.75 -46.45 -5.80
C GLY F 54 52.04 -46.13 -6.53
N THR F 55 51.92 -45.70 -7.79
CA THR F 55 53.07 -45.34 -8.65
C THR F 55 53.93 -44.30 -7.96
N ILE F 56 53.35 -43.35 -7.22
CA ILE F 56 54.14 -42.26 -6.58
C ILE F 56 55.03 -42.89 -5.49
N LYS F 57 54.48 -43.84 -4.72
CA LYS F 57 55.22 -44.60 -3.69
C LYS F 57 56.42 -45.28 -4.37
N ARG F 58 56.17 -46.06 -5.42
CA ARG F 58 57.22 -46.83 -6.13
C ARG F 58 58.32 -45.89 -6.66
N LEU F 59 57.97 -44.70 -7.18
CA LEU F 59 58.94 -43.71 -7.73
C LEU F 59 59.75 -43.08 -6.59
N THR F 60 59.09 -42.76 -5.48
CA THR F 60 59.69 -42.23 -4.24
C THR F 60 60.77 -43.20 -3.73
N ASP F 61 60.46 -44.50 -3.71
CA ASP F 61 61.32 -45.60 -3.21
C ASP F 61 62.54 -45.77 -4.13
N ARG F 62 62.32 -45.91 -5.45
CA ARG F 62 63.39 -45.95 -6.47
C ARG F 62 64.20 -44.64 -6.45
N GLY F 63 63.95 -43.73 -5.51
CA GLY F 63 64.79 -42.54 -5.24
C GLY F 63 64.45 -41.33 -6.12
N ILE F 64 63.29 -41.29 -6.77
CA ILE F 64 62.87 -40.18 -7.66
C ILE F 64 62.07 -39.15 -6.88
N GLU F 65 62.46 -37.87 -6.96
CA GLU F 65 61.77 -36.69 -6.35
C GLU F 65 60.41 -36.51 -7.04
N VAL F 66 59.34 -36.40 -6.26
CA VAL F 66 57.95 -36.20 -6.74
C VAL F 66 57.41 -34.94 -6.06
N ILE F 67 57.03 -33.94 -6.85
CA ILE F 67 56.42 -32.67 -6.36
C ILE F 67 54.95 -32.61 -6.80
N TYR F 68 54.04 -32.30 -5.87
CA TYR F 68 52.61 -32.03 -6.17
C TYR F 68 52.43 -30.57 -6.56
N ILE F 69 51.61 -30.34 -7.60
CA ILE F 69 50.94 -29.02 -7.83
C ILE F 69 49.44 -29.25 -7.68
N CYS F 70 48.82 -28.57 -6.71
CA CYS F 70 47.37 -28.62 -6.43
C CYS F 70 46.73 -27.32 -6.94
N MET F 71 45.87 -27.46 -7.95
CA MET F 71 45.25 -26.35 -8.69
C MET F 71 44.27 -25.62 -7.77
N THR F 72 43.40 -26.36 -7.07
CA THR F 72 42.32 -25.79 -6.22
C THR F 72 42.58 -26.05 -4.73
N ASP F 73 41.67 -25.52 -3.89
CA ASP F 73 41.78 -25.40 -2.42
C ASP F 73 40.81 -26.42 -1.76
N GLY F 74 40.00 -27.12 -2.54
CA GLY F 74 39.02 -28.12 -2.05
C GLY F 74 37.84 -27.51 -1.30
N TYR F 75 37.64 -26.18 -1.39
CA TYR F 75 36.67 -25.34 -0.64
C TYR F 75 35.25 -25.93 -0.66
N MET F 76 34.85 -26.64 -1.71
CA MET F 76 33.42 -26.99 -1.90
C MET F 76 33.08 -28.40 -1.39
N GLY F 77 34.08 -29.25 -1.15
CA GLY F 77 33.91 -30.72 -1.06
C GLY F 77 33.40 -31.25 0.28
N THR F 78 32.21 -30.85 0.72
CA THR F 78 31.51 -31.36 1.94
C THR F 78 30.01 -31.11 1.82
N THR F 79 29.20 -32.07 2.31
CA THR F 79 27.73 -31.94 2.48
C THR F 79 27.40 -31.36 3.87
N ASP F 80 28.39 -31.26 4.75
CA ASP F 80 28.18 -30.85 6.17
C ASP F 80 27.91 -29.34 6.22
N GLU F 81 26.68 -28.93 6.56
CA GLU F 81 26.24 -27.51 6.60
C GLU F 81 26.99 -26.71 7.68
N ASN F 82 27.88 -27.31 8.48
CA ASN F 82 28.58 -26.63 9.60
C ASN F 82 29.98 -26.19 9.21
N ILE F 83 30.55 -26.81 8.16
CA ILE F 83 31.97 -26.56 7.73
C ILE F 83 31.97 -25.48 6.64
N THR F 84 32.44 -24.27 6.93
CA THR F 84 32.66 -23.22 5.91
C THR F 84 33.75 -23.72 4.96
N GLY F 85 33.71 -23.29 3.70
CA GLY F 85 34.73 -23.66 2.69
C GLY F 85 36.13 -23.29 3.18
N HIS F 86 36.25 -22.18 3.92
CA HIS F 86 37.53 -21.68 4.48
C HIS F 86 38.11 -22.72 5.46
N GLU F 87 37.27 -23.31 6.32
CA GLU F 87 37.68 -24.38 7.25
C GLU F 87 38.15 -25.56 6.41
N LEU F 88 37.31 -26.01 5.50
CA LEU F 88 37.54 -27.26 4.72
C LEU F 88 38.88 -27.14 3.99
N ALA F 89 39.24 -25.96 3.48
CA ALA F 89 40.53 -25.71 2.78
C ALA F 89 41.67 -26.05 3.74
N GLN F 90 41.70 -25.35 4.88
CA GLN F 90 42.67 -25.53 6.00
C GLN F 90 42.82 -27.02 6.31
N ILE F 91 41.70 -27.73 6.46
CA ILE F 91 41.64 -29.18 6.79
C ILE F 91 42.34 -29.96 5.69
N ARG F 92 41.87 -29.83 4.45
CA ARG F 92 42.30 -30.67 3.31
C ARG F 92 43.78 -30.38 3.00
N ARG F 93 44.27 -29.21 3.36
CA ARG F 93 45.73 -28.90 3.27
C ARG F 93 46.47 -29.89 4.16
N LYS F 94 46.08 -29.98 5.44
CA LYS F 94 46.67 -30.93 6.42
C LYS F 94 46.47 -32.37 5.93
N GLU F 95 45.27 -32.73 5.45
CA GLU F 95 45.01 -34.11 4.97
C GLU F 95 46.00 -34.43 3.83
N GLU F 96 46.33 -33.50 2.92
CA GLU F 96 47.21 -33.78 1.75
C GLU F 96 48.65 -33.90 2.27
N GLU F 97 49.06 -33.02 3.19
CA GLU F 97 50.40 -33.08 3.84
C GLU F 97 50.63 -34.47 4.47
N GLU F 98 49.62 -35.09 5.08
CA GLU F 98 49.74 -36.42 5.74
C GLU F 98 49.81 -37.52 4.69
N SER F 99 48.87 -37.54 3.74
CA SER F 99 48.85 -38.42 2.55
C SER F 99 50.20 -38.33 1.82
N ALA F 100 50.72 -37.10 1.64
CA ALA F 100 51.98 -36.82 0.92
C ALA F 100 53.13 -37.57 1.60
N LYS F 101 53.30 -37.38 2.91
CA LYS F 101 54.38 -38.02 3.72
C LYS F 101 54.31 -39.54 3.57
N MET F 102 53.12 -40.14 3.69
CA MET F 102 52.94 -41.61 3.57
C MET F 102 53.47 -42.14 2.22
N LEU F 103 53.61 -41.29 1.21
CA LEU F 103 53.99 -41.68 -0.18
C LEU F 103 55.40 -41.18 -0.53
N GLY F 104 55.97 -40.32 0.30
CA GLY F 104 57.36 -39.85 0.18
C GLY F 104 57.46 -38.52 -0.53
N VAL F 105 56.40 -37.72 -0.49
CA VAL F 105 56.35 -36.43 -1.22
C VAL F 105 56.61 -35.32 -0.20
N LYS F 106 57.57 -34.45 -0.51
CA LYS F 106 58.15 -33.50 0.48
C LYS F 106 57.64 -32.09 0.17
N LYS F 107 57.62 -31.68 -1.10
CA LYS F 107 57.20 -30.33 -1.58
C LYS F 107 55.80 -30.40 -2.22
N ILE F 108 54.93 -29.43 -1.92
CA ILE F 108 53.59 -29.23 -2.56
C ILE F 108 53.38 -27.73 -2.85
N TYR F 109 53.14 -27.38 -4.11
CA TYR F 109 52.68 -26.03 -4.52
C TYR F 109 51.14 -25.96 -4.49
N TRP F 110 50.60 -24.91 -3.88
CA TRP F 110 49.15 -24.64 -3.79
C TRP F 110 48.83 -23.39 -4.61
N LEU F 111 48.15 -23.53 -5.75
CA LEU F 111 47.76 -22.37 -6.57
C LEU F 111 46.62 -21.61 -5.88
N ASN F 112 45.71 -22.32 -5.19
CA ASN F 112 44.65 -21.69 -4.36
C ASN F 112 43.57 -21.05 -5.22
N TYR F 113 43.46 -21.44 -6.48
CA TYR F 113 42.19 -21.25 -7.25
C TYR F 113 41.13 -21.98 -6.43
N ARG F 114 39.92 -21.43 -6.33
CA ARG F 114 38.80 -22.02 -5.54
C ARG F 114 38.23 -23.21 -6.30
N ASP F 115 38.04 -24.33 -5.60
CA ASP F 115 37.28 -25.53 -6.04
C ASP F 115 36.05 -25.04 -6.83
N THR F 116 35.82 -25.59 -8.02
CA THR F 116 34.67 -25.34 -8.94
C THR F 116 34.87 -24.07 -9.77
N GLU F 117 35.92 -23.30 -9.52
CA GLU F 117 36.09 -21.94 -10.05
C GLU F 117 37.51 -21.83 -10.63
N LEU F 118 37.99 -22.91 -11.25
CA LEU F 118 39.36 -22.94 -11.85
C LEU F 118 39.24 -22.45 -13.26
N PRO F 119 39.76 -21.23 -13.56
CA PRO F 119 39.71 -20.69 -14.91
C PRO F 119 40.53 -21.55 -15.88
N TYR F 120 40.05 -21.74 -17.12
CA TYR F 120 40.92 -22.14 -18.25
C TYR F 120 41.46 -20.84 -18.88
N SER F 121 42.24 -20.06 -18.12
CA SER F 121 42.77 -18.73 -18.51
C SER F 121 44.26 -18.81 -18.83
N ARG F 122 44.75 -17.79 -19.53
CA ARG F 122 46.18 -17.54 -19.79
C ARG F 122 46.91 -17.42 -18.45
N GLU F 123 46.35 -16.64 -17.53
CA GLU F 123 46.91 -16.42 -16.17
C GLU F 123 47.29 -17.74 -15.52
N VAL F 124 46.46 -18.77 -15.60
CA VAL F 124 46.72 -20.06 -14.89
C VAL F 124 47.88 -20.78 -15.59
N ARG F 125 47.93 -20.73 -16.92
CA ARG F 125 49.08 -21.26 -17.69
C ARG F 125 50.38 -20.61 -17.19
N LYS F 126 50.39 -19.29 -17.04
CA LYS F 126 51.57 -18.50 -16.62
C LYS F 126 52.04 -18.99 -15.25
N ASP F 127 51.11 -19.25 -14.32
CA ASP F 127 51.38 -19.75 -12.95
C ASP F 127 52.09 -21.12 -13.04
N LEU F 128 51.54 -22.07 -13.81
CA LEU F 128 52.11 -23.44 -13.98
C LEU F 128 53.50 -23.39 -14.61
N VAL F 129 53.70 -22.52 -15.61
CA VAL F 129 54.98 -22.42 -16.36
C VAL F 129 56.05 -21.94 -15.36
N LYS F 130 55.75 -20.87 -14.63
CA LYS F 130 56.61 -20.33 -13.55
C LYS F 130 57.18 -21.48 -12.72
N ILE F 131 56.34 -22.40 -12.29
CA ILE F 131 56.78 -23.55 -11.43
C ILE F 131 57.68 -24.47 -12.26
N ILE F 132 57.16 -24.98 -13.38
CA ILE F 132 57.92 -25.86 -14.31
C ILE F 132 59.30 -25.26 -14.58
N ARG F 133 59.38 -23.97 -14.85
CA ARG F 133 60.65 -23.31 -15.24
C ARG F 133 61.62 -23.29 -14.06
N LYS F 134 61.10 -23.15 -12.84
CA LYS F 134 61.90 -23.15 -11.60
C LYS F 134 62.39 -24.57 -11.30
N GLU F 135 61.48 -25.53 -11.12
CA GLU F 135 61.80 -26.91 -10.67
C GLU F 135 62.44 -27.74 -11.80
N LYS F 136 62.51 -27.23 -13.02
CA LYS F 136 63.11 -27.93 -14.19
C LYS F 136 62.85 -29.44 -14.12
N PRO F 137 61.61 -29.93 -13.95
CA PRO F 137 61.36 -31.37 -13.88
C PRO F 137 61.54 -32.11 -15.21
N ASP F 138 61.87 -33.39 -15.13
CA ASP F 138 62.14 -34.27 -16.30
C ASP F 138 60.80 -34.79 -16.81
N GLY F 139 59.82 -34.92 -15.92
CA GLY F 139 58.52 -35.55 -16.20
C GLY F 139 57.37 -34.76 -15.60
N VAL F 140 56.19 -34.86 -16.20
CA VAL F 140 54.94 -34.29 -15.65
C VAL F 140 53.81 -35.32 -15.81
N PHE F 141 53.10 -35.60 -14.73
CA PHE F 141 51.85 -36.37 -14.74
C PHE F 141 50.69 -35.41 -14.53
N LEU F 142 49.63 -35.62 -15.31
CA LEU F 142 48.41 -34.76 -15.32
C LEU F 142 47.23 -35.61 -15.76
N PRO F 143 46.00 -35.24 -15.36
CA PRO F 143 44.82 -36.03 -15.68
C PRO F 143 44.41 -35.86 -17.16
N ASP F 144 44.05 -36.97 -17.79
CA ASP F 144 43.63 -37.03 -19.22
C ASP F 144 42.38 -36.18 -19.35
N PRO F 145 42.45 -35.02 -20.05
CA PRO F 145 41.27 -34.16 -20.21
C PRO F 145 40.23 -34.78 -21.16
N TRP F 146 40.61 -35.81 -21.92
CA TRP F 146 39.69 -36.54 -22.86
C TRP F 146 39.05 -37.74 -22.18
N LEU F 147 39.15 -37.88 -20.86
CA LEU F 147 38.51 -39.00 -20.14
C LEU F 147 37.01 -38.91 -20.39
N PRO F 148 36.36 -39.93 -20.98
CA PRO F 148 34.94 -39.88 -21.26
C PRO F 148 34.06 -39.70 -20.00
N TYR F 149 33.08 -38.82 -20.15
CA TYR F 149 31.99 -38.52 -19.18
C TYR F 149 32.56 -37.82 -17.95
N GLU F 150 33.77 -37.25 -18.04
CA GLU F 150 34.31 -36.40 -16.96
C GLU F 150 33.54 -35.08 -16.94
N ALA F 151 32.72 -34.88 -15.91
CA ALA F 151 31.75 -33.78 -15.80
C ALA F 151 32.26 -32.70 -14.85
N HIS F 152 33.47 -32.88 -14.30
CA HIS F 152 34.05 -31.92 -13.34
C HIS F 152 34.94 -30.93 -14.08
N PRO F 153 34.55 -29.64 -14.15
CA PRO F 153 35.29 -28.64 -14.93
C PRO F 153 36.76 -28.50 -14.51
N ASP F 154 37.02 -28.58 -13.21
CA ASP F 154 38.38 -28.45 -12.63
C ASP F 154 39.27 -29.54 -13.22
N HIS F 155 38.75 -30.73 -13.50
CA HIS F 155 39.53 -31.86 -14.10
C HIS F 155 39.85 -31.54 -15.54
N ARG F 156 38.83 -31.25 -16.35
CA ARG F 156 38.99 -30.90 -17.79
C ARG F 156 40.02 -29.77 -17.87
N ALA F 157 39.81 -28.69 -17.13
CA ALA F 157 40.71 -27.51 -17.15
C ALA F 157 42.15 -27.94 -16.81
N THR F 158 42.35 -28.66 -15.72
CA THR F 158 43.69 -29.01 -15.22
C THR F 158 44.43 -29.74 -16.35
N GLY F 159 43.78 -30.74 -16.93
CA GLY F 159 44.34 -31.52 -18.04
C GLY F 159 44.85 -30.61 -19.16
N PHE F 160 44.00 -29.75 -19.67
CA PHE F 160 44.33 -28.86 -20.81
C PHE F 160 45.45 -27.91 -20.39
N LEU F 161 45.28 -27.19 -19.27
CA LEU F 161 46.25 -26.20 -18.76
C LEU F 161 47.63 -26.84 -18.59
N ALA F 162 47.70 -28.07 -18.07
CA ALA F 162 48.98 -28.79 -17.82
C ALA F 162 49.71 -28.96 -19.14
N LEU F 163 49.05 -29.55 -20.15
CA LEU F 163 49.60 -29.75 -21.51
C LEU F 163 50.08 -28.42 -22.09
N ASP F 164 49.27 -27.38 -21.98
CA ASP F 164 49.63 -26.04 -22.52
C ASP F 164 50.92 -25.58 -21.82
N ALA F 165 51.00 -25.73 -20.49
CA ALA F 165 52.15 -25.26 -19.68
C ALA F 165 53.42 -26.01 -20.13
N VAL F 166 53.33 -27.33 -20.27
CA VAL F 166 54.44 -28.18 -20.77
C VAL F 166 54.92 -27.65 -22.13
N ALA F 167 53.98 -27.45 -23.06
CA ALA F 167 54.24 -27.02 -24.45
C ALA F 167 54.87 -25.64 -24.52
N PHE F 168 54.51 -24.72 -23.61
CA PHE F 168 54.87 -23.29 -23.71
C PHE F 168 56.04 -22.95 -22.80
N SER F 169 56.39 -23.82 -21.83
CA SER F 169 57.50 -23.59 -20.87
C SER F 169 58.80 -23.30 -21.63
N PRO F 170 59.08 -23.99 -22.76
CA PRO F 170 60.29 -23.75 -23.54
C PRO F 170 60.31 -22.55 -24.49
N LEU F 171 59.22 -21.79 -24.58
CA LEU F 171 59.16 -20.61 -25.48
C LEU F 171 59.55 -19.38 -24.70
N PRO F 172 60.70 -18.75 -25.01
CA PRO F 172 61.14 -17.58 -24.27
C PRO F 172 60.23 -16.35 -24.39
N ASN F 173 59.40 -16.30 -25.43
CA ASN F 173 58.46 -15.17 -25.65
C ASN F 173 57.21 -15.29 -24.75
N PHE F 174 56.97 -16.46 -24.15
CA PHE F 174 55.80 -16.79 -23.31
C PHE F 174 56.08 -16.42 -21.85
N SER F 175 55.31 -15.48 -21.31
CA SER F 175 55.51 -14.97 -19.92
C SER F 175 56.97 -14.51 -19.81
N ASN F 176 57.35 -13.51 -20.61
CA ASN F 176 58.78 -13.19 -20.83
C ASN F 176 59.39 -12.66 -19.51
N ILE F 177 58.60 -12.09 -18.61
CA ILE F 177 59.08 -11.54 -17.31
C ILE F 177 59.72 -12.66 -16.49
N ASP F 178 59.21 -13.91 -16.58
CA ASP F 178 59.83 -15.12 -15.97
C ASP F 178 61.34 -15.14 -16.28
N LEU F 179 61.72 -14.89 -17.54
CA LEU F 179 63.14 -14.85 -17.98
C LEU F 179 63.86 -13.65 -17.36
N ASP F 180 63.31 -12.46 -17.56
CA ASP F 180 63.89 -11.17 -17.09
C ASP F 180 64.18 -11.20 -15.58
N ILE F 181 63.68 -12.20 -14.83
CA ILE F 181 63.93 -12.30 -13.35
C ILE F 181 64.65 -13.61 -13.02
N GLY F 182 65.21 -14.33 -13.99
CA GLY F 182 66.09 -15.48 -13.71
C GLY F 182 65.64 -16.77 -14.37
N LEU F 183 64.36 -17.10 -14.34
CA LEU F 183 63.85 -18.41 -14.80
C LEU F 183 64.08 -18.56 -16.31
N LYS F 184 64.97 -19.48 -16.70
CA LYS F 184 65.23 -19.82 -18.12
C LYS F 184 64.13 -20.78 -18.58
N PRO F 185 63.82 -20.82 -19.89
CA PRO F 185 62.95 -21.82 -20.49
C PRO F 185 63.31 -23.24 -20.07
N HIS F 186 62.38 -24.16 -20.21
CA HIS F 186 62.58 -25.58 -19.86
C HIS F 186 61.69 -26.46 -20.74
N SER F 187 62.26 -27.55 -21.23
CA SER F 187 61.54 -28.62 -21.97
C SER F 187 61.40 -29.83 -21.06
N VAL F 188 60.17 -30.22 -20.76
CA VAL F 188 59.90 -31.49 -20.04
C VAL F 188 60.24 -32.62 -21.02
N SER F 189 60.78 -33.74 -20.52
CA SER F 189 61.24 -34.90 -21.33
C SER F 189 60.15 -35.96 -21.41
N PHE F 190 59.20 -35.96 -20.48
CA PHE F 190 58.21 -37.05 -20.31
C PHE F 190 56.82 -36.48 -19.93
N ILE F 191 55.76 -36.97 -20.56
CA ILE F 191 54.36 -36.56 -20.26
C ILE F 191 53.52 -37.81 -20.02
N GLY F 192 52.96 -37.94 -18.83
CA GLY F 192 52.05 -39.05 -18.46
C GLY F 192 50.66 -38.56 -18.12
N LEU F 193 49.65 -39.12 -18.76
CA LEU F 193 48.22 -38.85 -18.44
C LEU F 193 47.75 -39.93 -17.47
N TYR F 194 47.31 -39.56 -16.28
CA TYR F 194 46.61 -40.47 -15.33
C TYR F 194 45.10 -40.28 -15.45
N TYR F 195 44.30 -41.09 -14.75
CA TYR F 195 42.83 -41.07 -14.88
C TYR F 195 42.43 -41.12 -16.35
N THR F 196 42.90 -42.09 -17.12
CA THR F 196 42.64 -42.24 -18.59
C THR F 196 41.94 -43.56 -18.87
N SER F 197 41.15 -43.58 -19.92
CA SER F 197 40.42 -44.78 -20.39
C SER F 197 41.20 -45.44 -21.51
N ARG F 198 42.26 -44.79 -22.03
CA ARG F 198 43.12 -45.33 -23.13
C ARG F 198 44.57 -45.34 -22.67
N PRO F 199 44.90 -46.14 -21.63
CA PRO F 199 46.26 -46.24 -21.15
C PRO F 199 47.04 -47.16 -22.08
N ASN F 200 48.36 -46.93 -22.18
CA ASN F 200 49.27 -47.75 -23.02
C ASN F 200 50.49 -48.17 -22.18
N TYR F 201 50.51 -47.87 -20.89
CA TYR F 201 51.64 -48.19 -19.99
C TYR F 201 51.12 -48.32 -18.57
N PHE F 202 51.49 -49.42 -17.91
CA PHE F 202 50.91 -49.83 -16.60
C PHE F 202 52.02 -49.96 -15.56
N VAL F 203 51.60 -50.04 -14.30
CA VAL F 203 52.49 -50.16 -13.11
C VAL F 203 51.78 -51.09 -12.14
N ASP F 204 52.39 -52.23 -11.79
CA ASP F 204 51.81 -53.15 -10.77
C ASP F 204 51.85 -52.39 -9.45
N ILE F 205 50.72 -52.35 -8.74
CA ILE F 205 50.62 -51.70 -7.40
C ILE F 205 50.01 -52.69 -6.40
N THR F 206 49.99 -53.99 -6.75
CA THR F 206 49.40 -55.07 -5.94
C THR F 206 50.06 -55.09 -4.55
N ASP F 207 51.38 -54.92 -4.51
CA ASP F 207 52.21 -54.88 -3.27
C ASP F 207 51.85 -53.65 -2.41
N VAL F 208 51.52 -52.52 -3.06
CA VAL F 208 51.44 -51.16 -2.44
C VAL F 208 49.98 -50.80 -2.15
N MET F 209 49.02 -51.57 -2.66
CA MET F 209 47.56 -51.25 -2.62
C MET F 209 47.15 -50.79 -1.22
N ASP F 210 47.51 -51.54 -0.19
CA ASP F 210 47.05 -51.29 1.20
C ASP F 210 47.55 -49.93 1.66
N LEU F 211 48.78 -49.54 1.30
CA LEU F 211 49.33 -48.20 1.63
C LEU F 211 48.54 -47.14 0.87
N LYS F 212 48.35 -47.34 -0.44
CA LYS F 212 47.55 -46.42 -1.30
C LYS F 212 46.22 -46.14 -0.60
N LEU F 213 45.45 -47.19 -0.31
CA LEU F 213 44.10 -47.08 0.31
C LEU F 213 44.18 -46.35 1.67
N LYS F 214 45.24 -46.58 2.45
CA LYS F 214 45.41 -45.91 3.77
C LYS F 214 45.70 -44.42 3.54
N ALA F 215 46.46 -44.11 2.49
CA ALA F 215 46.88 -42.73 2.10
C ALA F 215 45.69 -41.95 1.53
N ILE F 216 44.71 -42.65 0.97
CA ILE F 216 43.44 -42.05 0.50
C ILE F 216 42.60 -41.67 1.72
N ARG F 217 42.44 -42.61 2.66
CA ARG F 217 41.60 -42.43 3.87
C ARG F 217 42.21 -41.35 4.76
N ALA F 218 43.49 -40.99 4.55
CA ALA F 218 44.14 -39.85 5.23
C ALA F 218 43.27 -38.60 5.02
N HIS F 219 42.60 -38.54 3.86
CA HIS F 219 41.58 -37.52 3.52
C HIS F 219 40.28 -37.88 4.23
N LYS F 220 40.25 -37.68 5.54
CA LYS F 220 39.12 -38.07 6.41
C LYS F 220 37.86 -37.34 5.93
N SER F 221 37.96 -36.03 5.72
CA SER F 221 36.84 -35.13 5.32
C SER F 221 36.14 -35.70 4.08
N GLN F 222 36.89 -36.29 3.14
CA GLN F 222 36.32 -36.80 1.87
C GLN F 222 35.80 -38.23 2.02
N PHE F 223 36.25 -38.99 3.03
CA PHE F 223 35.94 -40.45 3.16
C PHE F 223 35.61 -40.84 4.59
N PRO F 224 34.45 -40.42 5.15
CA PRO F 224 33.87 -41.09 6.31
C PRO F 224 33.50 -42.53 5.93
N ASP F 225 32.97 -43.30 6.88
CA ASP F 225 32.74 -44.76 6.72
C ASP F 225 31.52 -44.96 5.80
N ASP F 226 30.49 -44.12 5.92
CA ASP F 226 29.29 -44.06 5.02
C ASP F 226 29.79 -44.17 3.57
N ILE F 227 30.60 -43.17 3.18
CA ILE F 227 31.15 -42.94 1.81
C ILE F 227 32.04 -44.12 1.46
N TRP F 228 32.96 -44.48 2.37
CA TRP F 228 34.05 -45.46 2.12
C TRP F 228 33.48 -46.83 1.75
N GLU F 229 32.24 -47.12 2.18
CA GLU F 229 31.53 -48.40 1.86
C GLU F 229 31.41 -48.53 0.34
N THR F 230 31.27 -47.40 -0.38
CA THR F 230 31.09 -47.37 -1.85
C THR F 230 32.45 -47.14 -2.55
N TRP F 231 33.33 -46.31 -1.97
CA TRP F 231 34.60 -45.92 -2.64
C TRP F 231 35.60 -47.07 -2.63
N GLU F 232 35.80 -47.77 -1.50
CA GLU F 232 36.78 -48.89 -1.45
C GLU F 232 36.51 -49.87 -2.59
N PRO F 233 35.29 -50.44 -2.71
CA PRO F 233 34.99 -51.35 -3.83
C PRO F 233 35.28 -50.71 -5.20
N PHE F 234 34.90 -49.45 -5.40
CA PHE F 234 35.15 -48.69 -6.65
C PHE F 234 36.65 -48.70 -6.96
N LEU F 235 37.47 -48.12 -6.07
CA LEU F 235 38.94 -48.00 -6.20
C LEU F 235 39.59 -49.34 -6.57
N ARG F 236 39.10 -50.43 -5.97
CA ARG F 236 39.58 -51.79 -6.28
C ARG F 236 39.18 -52.17 -7.71
N THR F 237 37.92 -51.89 -8.07
CA THR F 237 37.37 -52.20 -9.42
C THR F 237 38.20 -51.45 -10.47
N VAL F 238 38.67 -50.24 -10.15
CA VAL F 238 39.48 -49.42 -11.10
C VAL F 238 40.82 -50.13 -11.28
N ALA F 239 41.51 -50.41 -10.17
CA ALA F 239 42.82 -51.13 -10.16
C ALA F 239 42.72 -52.45 -10.95
N LEU F 240 41.57 -53.12 -10.91
CA LEU F 240 41.37 -54.41 -11.64
C LEU F 240 41.26 -54.16 -13.15
N TYR F 241 40.53 -53.12 -13.56
CA TYR F 241 40.37 -52.70 -14.97
C TYR F 241 41.76 -52.52 -15.59
N TYR F 242 42.60 -51.72 -14.93
CA TYR F 242 44.01 -51.47 -15.32
C TYR F 242 44.80 -52.78 -15.22
N GLY F 243 44.61 -53.53 -14.13
CA GLY F 243 45.26 -54.84 -13.90
C GLY F 243 45.05 -55.82 -15.03
N GLN F 244 43.80 -56.01 -15.46
CA GLN F 244 43.43 -56.94 -16.55
C GLN F 244 44.36 -56.74 -17.75
N LYS F 245 44.57 -55.48 -18.14
CA LYS F 245 45.32 -55.10 -19.37
C LYS F 245 46.83 -55.27 -19.15
N ALA F 246 47.30 -55.29 -17.89
CA ALA F 246 48.73 -55.38 -17.51
C ALA F 246 49.07 -56.79 -17.05
N GLY F 247 48.11 -57.72 -17.09
CA GLY F 247 48.21 -59.09 -16.55
C GLY F 247 48.76 -59.15 -15.13
N VAL F 248 48.33 -58.25 -14.26
CA VAL F 248 48.54 -58.34 -12.77
C VAL F 248 47.14 -58.25 -12.12
N LYS F 249 47.07 -58.24 -10.80
CA LYS F 249 45.80 -58.07 -10.06
C LYS F 249 45.42 -56.58 -10.08
N TYR F 250 46.21 -55.76 -9.37
CA TYR F 250 45.97 -54.30 -9.14
C TYR F 250 47.08 -53.49 -9.84
N ALA F 251 46.71 -52.66 -10.82
CA ALA F 251 47.62 -51.80 -11.63
C ALA F 251 47.12 -50.35 -11.68
N GLU F 252 47.99 -49.41 -12.06
CA GLU F 252 47.66 -48.01 -12.39
C GLU F 252 48.03 -47.78 -13.86
N GLY F 253 47.09 -47.27 -14.65
CA GLY F 253 47.27 -47.01 -16.09
C GLY F 253 47.70 -45.57 -16.34
N PHE F 254 48.51 -45.36 -17.37
CA PHE F 254 48.91 -44.04 -17.87
C PHE F 254 48.87 -44.07 -19.40
N ARG F 255 48.58 -42.93 -20.02
CA ARG F 255 48.79 -42.78 -21.48
C ARG F 255 50.04 -41.93 -21.67
N ILE F 256 51.01 -42.52 -22.36
CA ILE F 256 52.30 -41.88 -22.70
C ILE F 256 52.38 -41.82 -24.22
N MET F 257 52.62 -40.64 -24.77
CA MET F 257 52.82 -40.43 -26.22
C MET F 257 53.98 -39.46 -26.41
N PRO F 258 54.62 -39.42 -27.60
CA PRO F 258 55.62 -38.40 -27.89
C PRO F 258 54.98 -37.01 -27.89
N GLY F 259 55.71 -35.98 -27.44
CA GLY F 259 55.26 -34.58 -27.44
C GLY F 259 54.56 -34.20 -28.74
N LEU F 260 55.09 -34.69 -29.86
CA LEU F 260 54.67 -34.28 -31.23
C LEU F 260 53.21 -34.65 -31.50
N PHE F 261 52.75 -35.77 -30.93
CA PHE F 261 51.43 -36.39 -31.19
C PHE F 261 50.28 -35.59 -30.57
N TYR F 262 50.59 -34.61 -29.71
CA TYR F 262 49.59 -33.73 -29.08
C TYR F 262 49.26 -32.55 -30.03
N HIS F 263 49.58 -32.68 -31.31
CA HIS F 263 49.37 -31.63 -32.34
C HIS F 263 49.33 -32.25 -33.74
N ILE F 264 48.19 -32.05 -34.41
CA ILE F 264 47.98 -32.32 -35.87
C ILE F 264 48.45 -33.74 -36.21
N THR F 265 48.19 -34.70 -35.32
CA THR F 265 48.58 -36.11 -35.52
C THR F 265 47.31 -36.95 -35.66
N PRO F 266 46.89 -37.22 -36.91
CA PRO F 266 45.67 -37.98 -37.16
C PRO F 266 45.76 -39.47 -36.80
N PHE F 267 46.95 -39.99 -36.50
CA PHE F 267 47.16 -41.39 -36.11
C PHE F 267 47.57 -41.47 -34.63
N ALA F 268 47.40 -40.37 -33.89
CA ALA F 268 47.69 -40.29 -32.44
C ALA F 268 47.01 -41.42 -31.69
N GLU F 269 45.77 -41.74 -32.09
CA GLU F 269 44.88 -42.75 -31.47
C GLU F 269 45.54 -44.13 -31.51
N LEU F 270 46.51 -44.40 -32.41
CA LEU F 270 47.08 -45.74 -32.66
C LEU F 270 48.32 -45.96 -31.78
N ILE F 271 48.18 -45.85 -30.47
CA ILE F 271 49.31 -46.06 -29.52
C ILE F 271 48.75 -46.68 -28.23
N ASP G 1 2.23 23.21 -5.75
CA ASP G 1 2.29 21.94 -6.58
C ASP G 1 1.05 21.92 -7.49
N PRO G 2 -0.16 22.30 -7.03
CA PRO G 2 -1.26 22.58 -7.94
C PRO G 2 -1.33 24.08 -8.31
N PHE G 3 -0.95 24.98 -7.40
CA PHE G 3 -1.11 26.45 -7.61
C PHE G 3 0.20 27.04 -8.14
N THR G 4 1.27 26.25 -8.27
CA THR G 4 2.45 26.58 -9.12
C THR G 4 2.29 25.95 -10.51
N MET G 5 2.71 26.68 -11.55
CA MET G 5 2.93 26.23 -12.96
C MET G 5 4.46 26.19 -13.16
N PHE G 6 5.03 25.12 -13.73
CA PHE G 6 6.52 24.98 -13.76
C PHE G 6 7.13 25.74 -14.93
N GLU G 7 6.33 25.94 -15.99
CA GLU G 7 6.70 26.71 -17.21
C GLU G 7 7.01 28.17 -16.83
N GLU G 8 6.30 28.72 -15.85
CA GLU G 8 6.34 30.16 -15.46
C GLU G 8 7.67 30.52 -14.80
N ILE G 9 8.48 29.53 -14.40
CA ILE G 9 9.73 29.81 -13.62
C ILE G 9 10.85 30.25 -14.56
N ASN G 10 11.60 31.28 -14.17
CA ASN G 10 12.68 31.95 -14.94
C ASN G 10 14.02 31.90 -14.17
N ASP G 11 14.00 31.63 -12.86
CA ASP G 11 15.21 31.43 -12.02
C ASP G 11 15.48 29.92 -11.90
N PHE G 12 16.74 29.50 -11.96
CA PHE G 12 17.14 28.10 -11.65
C PHE G 12 16.93 27.87 -10.15
N GLU G 13 17.45 28.76 -9.28
CA GLU G 13 17.42 28.58 -7.80
C GLU G 13 15.99 28.30 -7.33
N THR G 14 14.99 28.94 -7.95
CA THR G 14 13.56 28.75 -7.63
C THR G 14 13.14 27.32 -7.99
N ALA G 15 13.37 26.91 -9.23
CA ALA G 15 12.98 25.60 -9.80
C ALA G 15 13.65 24.48 -9.01
N PHE G 16 14.91 24.71 -8.63
CA PHE G 16 15.73 23.76 -7.83
C PHE G 16 15.05 23.54 -6.49
N LYS G 17 14.78 24.61 -5.74
CA LYS G 17 14.13 24.56 -4.39
C LYS G 17 12.76 23.90 -4.52
N ARG G 18 12.02 24.20 -5.59
CA ARG G 18 10.67 23.63 -5.81
C ARG G 18 10.79 22.15 -6.17
N LEU G 19 11.82 21.77 -6.94
CA LEU G 19 12.06 20.36 -7.34
C LEU G 19 12.30 19.51 -6.08
N LEU G 20 13.17 19.95 -5.19
CA LEU G 20 13.58 19.20 -3.96
C LEU G 20 12.40 19.15 -2.97
N ASN G 21 11.77 20.29 -2.67
CA ASN G 21 10.75 20.43 -1.59
C ASN G 21 9.42 19.84 -2.04
N GLU G 22 8.90 20.25 -3.20
CA GLU G 22 7.50 19.91 -3.60
C GLU G 22 7.48 18.63 -4.44
N VAL G 23 8.36 18.49 -5.45
CA VAL G 23 8.28 17.39 -6.46
C VAL G 23 8.83 16.10 -5.87
N LEU G 24 10.02 16.17 -5.25
CA LEU G 24 10.75 15.00 -4.70
C LEU G 24 10.47 14.79 -3.21
N GLU G 25 10.05 15.81 -2.45
CA GLU G 25 9.81 15.70 -0.99
C GLU G 25 11.11 15.25 -0.30
N PHE G 26 12.26 15.72 -0.80
CA PHE G 26 13.62 15.40 -0.30
C PHE G 26 13.81 16.04 1.07
N ASP G 27 13.99 15.21 2.10
CA ASP G 27 14.12 15.61 3.52
C ASP G 27 15.54 15.39 4.02
N LEU G 28 16.42 16.37 3.87
CA LEU G 28 17.83 16.31 4.36
C LEU G 28 17.84 16.44 5.89
N GLN G 29 16.79 17.03 6.47
CA GLN G 29 16.66 17.33 7.92
C GLN G 29 16.52 16.01 8.69
N ASN G 30 15.43 15.25 8.50
CA ASN G 30 15.25 13.91 9.10
C ASN G 30 15.04 12.89 7.99
N PRO G 31 16.14 12.38 7.38
CA PRO G 31 16.07 11.51 6.20
C PRO G 31 15.80 10.03 6.54
N LEU G 32 15.88 9.68 7.81
CA LEU G 32 15.69 8.28 8.27
C LEU G 32 14.26 8.08 8.75
N LYS G 33 13.39 9.05 8.49
CA LYS G 33 12.03 9.15 9.09
C LYS G 33 11.47 7.74 9.35
N ASP G 34 11.12 6.98 8.32
CA ASP G 34 10.24 5.78 8.47
C ASP G 34 11.04 4.50 8.24
N VAL G 35 12.33 4.48 8.60
CA VAL G 35 13.25 3.33 8.34
C VAL G 35 13.19 2.38 9.54
N LYS G 36 12.70 1.15 9.33
CA LYS G 36 12.66 0.09 10.36
C LYS G 36 13.78 -0.92 10.13
N LYS G 37 14.31 -1.02 8.89
CA LYS G 37 15.37 -2.00 8.52
C LYS G 37 16.32 -1.41 7.46
N VAL G 38 17.64 -1.51 7.69
CA VAL G 38 18.69 -1.07 6.73
C VAL G 38 19.69 -2.22 6.49
N LEU G 39 20.27 -2.24 5.29
CA LEU G 39 21.51 -3.00 4.97
C LEU G 39 22.71 -2.06 5.03
N CYS G 40 23.79 -2.50 5.69
CA CYS G 40 25.13 -1.90 5.54
C CYS G 40 25.96 -2.87 4.70
N ILE G 41 26.43 -2.38 3.55
CA ILE G 41 27.23 -3.18 2.59
C ILE G 41 28.69 -2.79 2.79
N GLU G 42 29.52 -3.77 3.19
CA GLU G 42 30.97 -3.56 3.45
C GLU G 42 31.77 -4.42 2.47
N PRO G 43 32.81 -3.83 1.83
CA PRO G 43 33.76 -4.57 1.01
C PRO G 43 34.49 -5.70 1.76
N HIS G 44 35.06 -5.37 2.92
CA HIS G 44 35.83 -6.30 3.79
C HIS G 44 35.22 -6.38 5.17
N PRO G 45 35.51 -7.47 5.91
CA PRO G 45 35.15 -7.54 7.33
C PRO G 45 35.88 -6.42 8.10
N ASP G 46 35.13 -5.44 8.59
CA ASP G 46 35.61 -4.32 9.45
C ASP G 46 35.20 -2.98 8.82
N ASP G 47 34.72 -2.97 7.58
CA ASP G 47 34.51 -1.71 6.83
C ASP G 47 33.27 -1.02 7.40
N CYS G 48 32.25 -1.76 7.82
CA CYS G 48 31.01 -1.19 8.41
C CYS G 48 31.32 -0.54 9.76
N VAL G 49 31.98 -1.28 10.64
CA VAL G 49 32.32 -0.78 11.99
C VAL G 49 33.26 0.43 11.87
N ILE G 50 34.29 0.39 11.01
CA ILE G 50 35.25 1.55 10.86
C ILE G 50 34.50 2.75 10.27
N GLY G 51 33.63 2.49 9.29
CA GLY G 51 32.98 3.55 8.50
C GLY G 51 31.89 4.24 9.29
N MET G 52 30.98 3.47 9.87
CA MET G 52 29.73 3.99 10.48
C MET G 52 29.32 3.16 11.71
N GLY G 53 30.31 2.62 12.43
CA GLY G 53 30.09 1.80 13.64
C GLY G 53 29.25 2.52 14.68
N GLY G 54 29.55 3.80 14.92
CA GLY G 54 28.80 4.64 15.88
C GLY G 54 27.34 4.70 15.50
N THR G 55 27.06 5.16 14.28
CA THR G 55 25.69 5.30 13.73
C THR G 55 24.95 3.97 13.85
N ILE G 56 25.63 2.83 13.64
CA ILE G 56 24.96 1.50 13.66
C ILE G 56 24.48 1.23 15.09
N LYS G 57 25.30 1.56 16.10
CA LYS G 57 24.95 1.43 17.53
C LYS G 57 23.68 2.25 17.78
N ARG G 58 23.70 3.54 17.43
CA ARG G 58 22.56 4.45 17.68
C ARG G 58 21.28 3.94 17.01
N LEU G 59 21.36 3.38 15.79
CA LEU G 59 20.18 2.84 15.06
C LEU G 59 19.67 1.56 15.72
N THR G 60 20.59 0.70 16.15
CA THR G 60 20.31 -0.56 16.88
C THR G 60 19.51 -0.24 18.15
N ASP G 61 19.94 0.80 18.90
CA ASP G 61 19.35 1.24 20.19
C ASP G 61 17.95 1.81 19.97
N ARG G 62 17.80 2.75 19.04
CA ARG G 62 16.48 3.31 18.62
C ARG G 62 15.59 2.20 18.04
N GLY G 63 16.02 0.93 18.09
CA GLY G 63 15.18 -0.24 17.76
C GLY G 63 15.14 -0.59 16.28
N ILE G 64 16.06 -0.08 15.45
CA ILE G 64 16.09 -0.32 13.98
C ILE G 64 16.99 -1.52 13.67
N GLU G 65 16.47 -2.49 12.91
CA GLU G 65 17.19 -3.71 12.41
C GLU G 65 18.29 -3.29 11.43
N VAL G 66 19.51 -3.75 11.66
CA VAL G 66 20.70 -3.47 10.83
C VAL G 66 21.29 -4.81 10.40
N ILE G 67 21.35 -5.05 9.09
CA ILE G 67 21.95 -6.28 8.50
C ILE G 67 23.21 -5.93 7.73
N TYR G 68 24.32 -6.65 7.97
CA TYR G 68 25.58 -6.54 7.19
C TYR G 68 25.50 -7.43 5.94
N ILE G 69 25.96 -6.89 4.80
CA ILE G 69 26.42 -7.71 3.65
C ILE G 69 27.93 -7.46 3.48
N CYS G 70 28.71 -8.54 3.59
CA CYS G 70 30.19 -8.52 3.43
C CYS G 70 30.53 -9.15 2.08
N MET G 71 31.10 -8.32 1.20
CA MET G 71 31.39 -8.67 -0.22
C MET G 71 32.51 -9.70 -0.26
N THR G 72 33.61 -9.49 0.48
CA THR G 72 34.81 -10.35 0.45
C THR G 72 35.01 -11.10 1.78
N ASP G 73 36.05 -11.92 1.81
CA ASP G 73 36.35 -12.94 2.86
C ASP G 73 37.55 -12.46 3.69
N GLY G 74 38.18 -11.35 3.32
CA GLY G 74 39.35 -10.79 4.03
C GLY G 74 40.63 -11.61 3.88
N TYR G 75 40.66 -12.57 2.93
CA TYR G 75 41.72 -13.59 2.71
C TYR G 75 43.13 -12.99 2.65
N MET G 76 43.30 -11.74 2.22
CA MET G 76 44.64 -11.21 1.90
C MET G 76 45.24 -10.39 3.05
N GLY G 77 44.42 -9.96 4.03
CA GLY G 77 44.75 -8.84 4.93
C GLY G 77 45.65 -9.19 6.12
N THR G 78 46.87 -9.66 5.86
CA THR G 78 47.94 -9.94 6.86
C THR G 78 49.30 -9.91 6.17
N THR G 79 50.30 -9.37 6.87
CA THR G 79 51.74 -9.41 6.50
C THR G 79 52.40 -10.66 7.11
N ASP G 80 51.71 -11.38 7.99
CA ASP G 80 52.27 -12.54 8.73
C ASP G 80 52.40 -13.73 7.76
N GLU G 81 53.63 -14.13 7.42
CA GLU G 81 53.92 -15.21 6.44
C GLU G 81 53.43 -16.59 6.93
N ASN G 82 52.87 -16.70 8.14
CA ASN G 82 52.47 -18.01 8.75
C ASN G 82 50.96 -18.26 8.59
N ILE G 83 50.18 -17.20 8.35
CA ILE G 83 48.69 -17.28 8.28
C ILE G 83 48.27 -17.45 6.81
N THR G 84 47.79 -18.64 6.42
CA THR G 84 47.18 -18.86 5.08
C THR G 84 45.92 -17.99 5.00
N GLY G 85 45.56 -17.55 3.78
CA GLY G 85 44.33 -16.77 3.56
C GLY G 85 43.10 -17.49 4.09
N HIS G 86 43.09 -18.82 3.99
CA HIS G 86 41.98 -19.68 4.48
C HIS G 86 41.82 -19.54 6.00
N GLU G 87 42.92 -19.51 6.74
CA GLU G 87 42.90 -19.29 8.22
C GLU G 87 42.32 -17.90 8.46
N LEU G 88 42.91 -16.90 7.80
CA LEU G 88 42.57 -15.48 8.06
C LEU G 88 41.07 -15.26 7.85
N ALA G 89 40.47 -15.91 6.85
CA ALA G 89 39.02 -15.81 6.56
C ALA G 89 38.24 -16.27 7.78
N GLN G 90 38.48 -17.53 8.19
CA GLN G 90 37.89 -18.18 9.40
C GLN G 90 37.97 -17.22 10.59
N ILE G 91 39.15 -16.63 10.82
CA ILE G 91 39.43 -15.68 11.94
C ILE G 91 38.50 -14.47 11.80
N ARG G 92 38.61 -13.77 10.67
CA ARG G 92 37.94 -12.46 10.46
C ARG G 92 36.42 -12.65 10.46
N ARG G 93 35.94 -13.85 10.15
CA ARG G 93 34.50 -14.18 10.30
C ARG G 93 34.13 -14.03 11.78
N LYS G 94 34.87 -14.69 12.67
CA LYS G 94 34.67 -14.61 14.14
C LYS G 94 34.86 -13.16 14.59
N GLU G 95 35.91 -12.48 14.14
CA GLU G 95 36.14 -11.06 14.55
C GLU G 95 34.91 -10.20 14.19
N GLU G 96 34.25 -10.43 13.03
CA GLU G 96 33.12 -9.56 12.60
C GLU G 96 31.90 -9.94 13.44
N GLU G 97 31.67 -11.24 13.69
CA GLU G 97 30.58 -11.74 14.57
C GLU G 97 30.67 -11.06 15.96
N GLU G 98 31.88 -10.85 16.52
CA GLU G 98 32.07 -10.24 17.87
C GLU G 98 31.80 -8.73 17.78
N SER G 99 32.44 -8.05 16.83
CA SER G 99 32.20 -6.62 16.49
C SER G 99 30.71 -6.38 16.27
N ALA G 100 30.04 -7.28 15.53
CA ALA G 100 28.61 -7.19 15.18
C ALA G 100 27.78 -7.14 16.46
N LYS G 101 27.96 -8.12 17.35
CA LYS G 101 27.23 -8.23 18.65
C LYS G 101 27.39 -6.94 19.45
N MET G 102 28.62 -6.42 19.59
CA MET G 102 28.90 -5.18 20.35
C MET G 102 28.07 -4.00 19.84
N LEU G 103 27.57 -4.04 18.59
CA LEU G 103 26.86 -2.91 17.93
C LEU G 103 25.37 -3.22 17.77
N GLY G 104 24.97 -4.48 17.99
CA GLY G 104 23.56 -4.91 18.01
C GLY G 104 23.14 -5.50 16.69
N VAL G 105 24.08 -6.03 15.92
CA VAL G 105 23.81 -6.59 14.57
C VAL G 105 23.74 -8.11 14.72
N LYS G 106 22.67 -8.70 14.21
CA LYS G 106 22.29 -10.10 14.51
C LYS G 106 22.54 -10.94 13.25
N LYS G 107 22.17 -10.43 12.06
CA LYS G 107 22.31 -11.16 10.76
C LYS G 107 23.47 -10.57 9.93
N ILE G 108 24.31 -11.43 9.34
CA ILE G 108 25.39 -11.07 8.38
C ILE G 108 25.35 -12.03 7.18
N TYR G 109 25.20 -11.50 5.97
CA TYR G 109 25.38 -12.25 4.71
C TYR G 109 26.85 -12.17 4.26
N TRP G 110 27.44 -13.32 3.92
CA TRP G 110 28.83 -13.42 3.40
C TRP G 110 28.79 -13.85 1.94
N LEU G 111 29.12 -12.96 1.01
CA LEU G 111 29.18 -13.34 -0.43
C LEU G 111 30.41 -14.23 -0.67
N ASN G 112 31.52 -14.01 0.03
CA ASN G 112 32.72 -14.89 -0.03
C ASN G 112 33.45 -14.76 -1.37
N TYR G 113 33.24 -13.69 -2.10
CA TYR G 113 34.21 -13.25 -3.13
C TYR G 113 35.53 -13.07 -2.37
N ARG G 114 36.67 -13.46 -2.98
CA ARG G 114 38.01 -13.35 -2.36
C ARG G 114 38.47 -11.90 -2.34
N ASP G 115 38.96 -11.46 -1.18
CA ASP G 115 39.67 -10.17 -0.98
C ASP G 115 40.59 -9.93 -2.18
N THR G 116 40.52 -8.73 -2.79
CA THR G 116 41.34 -8.23 -3.93
C THR G 116 40.80 -8.74 -5.27
N GLU G 117 39.79 -9.60 -5.27
CA GLU G 117 39.34 -10.35 -6.46
C GLU G 117 37.81 -10.23 -6.56
N LEU G 118 37.28 -9.06 -6.19
CA LEU G 118 35.82 -8.81 -6.25
C LEU G 118 35.49 -8.29 -7.63
N PRO G 119 34.81 -9.10 -8.46
CA PRO G 119 34.43 -8.69 -9.81
C PRO G 119 33.48 -7.50 -9.77
N TYR G 120 33.61 -6.55 -10.71
CA TYR G 120 32.50 -5.62 -11.06
C TYR G 120 31.69 -6.29 -12.17
N SER G 121 31.09 -7.45 -11.87
CA SER G 121 30.34 -8.31 -12.83
C SER G 121 28.84 -8.20 -12.60
N ARG G 122 28.09 -8.62 -13.61
CA ARG G 122 26.61 -8.79 -13.56
C ARG G 122 26.27 -9.76 -12.44
N GLU G 123 26.98 -10.89 -12.40
CA GLU G 123 26.80 -11.96 -11.38
C GLU G 123 26.75 -11.36 -9.97
N VAL G 124 27.63 -10.43 -9.63
CA VAL G 124 27.70 -9.89 -8.24
C VAL G 124 26.47 -9.00 -8.00
N ARG G 125 26.06 -8.22 -9.00
CA ARG G 125 24.79 -7.44 -8.92
C ARG G 125 23.62 -8.37 -8.58
N LYS G 126 23.52 -9.50 -9.29
CA LYS G 126 22.43 -10.49 -9.14
C LYS G 126 22.41 -11.00 -7.70
N ASP G 127 23.58 -11.28 -7.11
CA ASP G 127 23.74 -11.76 -5.71
C ASP G 127 23.18 -10.71 -4.74
N LEU G 128 23.58 -9.43 -4.87
CA LEU G 128 23.12 -8.32 -4.00
C LEU G 128 21.60 -8.10 -4.12
N VAL G 129 21.05 -8.18 -5.33
CA VAL G 129 19.62 -7.92 -5.60
C VAL G 129 18.83 -9.01 -4.87
N LYS G 130 19.21 -10.27 -5.07
CA LYS G 130 18.63 -11.46 -4.38
C LYS G 130 18.42 -11.13 -2.91
N ILE G 131 19.43 -10.59 -2.23
CA ILE G 131 19.34 -10.27 -0.78
C ILE G 131 18.36 -9.12 -0.58
N ILE G 132 18.59 -7.98 -1.23
CA ILE G 132 17.69 -6.79 -1.17
C ILE G 132 16.23 -7.23 -1.36
N ARG G 133 15.97 -8.08 -2.34
CA ARG G 133 14.58 -8.49 -2.68
C ARG G 133 13.98 -9.34 -1.56
N LYS G 134 14.80 -10.14 -0.89
CA LYS G 134 14.39 -10.98 0.26
C LYS G 134 14.13 -10.11 1.48
N GLU G 135 15.14 -9.38 1.96
CA GLU G 135 15.10 -8.61 3.23
C GLU G 135 14.23 -7.33 3.09
N LYS G 136 13.78 -6.99 1.89
CA LYS G 136 12.95 -5.78 1.64
C LYS G 136 13.36 -4.62 2.54
N PRO G 137 14.64 -4.20 2.61
CA PRO G 137 15.02 -3.11 3.49
C PRO G 137 14.55 -1.72 3.03
N ASP G 138 14.38 -0.81 3.97
CA ASP G 138 13.90 0.58 3.74
C ASP G 138 15.09 1.44 3.32
N GLY G 139 16.28 1.06 3.77
CA GLY G 139 17.52 1.85 3.61
C GLY G 139 18.70 0.96 3.24
N VAL G 140 19.67 1.54 2.52
CA VAL G 140 20.97 0.87 2.23
C VAL G 140 22.10 1.87 2.44
N PHE G 141 23.09 1.48 3.22
CA PHE G 141 24.37 2.22 3.35
C PHE G 141 25.45 1.45 2.58
N LEU G 142 26.27 2.21 1.85
CA LEU G 142 27.34 1.67 0.98
C LEU G 142 28.43 2.73 0.86
N PRO G 143 29.69 2.32 0.59
CA PRO G 143 30.80 3.26 0.51
C PRO G 143 30.77 4.08 -0.80
N ASP G 144 31.03 5.38 -0.68
CA ASP G 144 31.04 6.35 -1.80
C ASP G 144 32.12 5.90 -2.77
N PRO G 145 31.77 5.42 -3.99
CA PRO G 145 32.76 4.98 -4.95
C PRO G 145 33.55 6.15 -5.56
N TRP G 146 33.08 7.39 -5.37
CA TRP G 146 33.76 8.62 -5.86
C TRP G 146 34.69 9.20 -4.80
N LEU G 147 34.96 8.48 -3.71
CA LEU G 147 35.88 8.97 -2.65
C LEU G 147 37.24 9.20 -3.30
N PRO G 148 37.80 10.43 -3.27
CA PRO G 148 39.08 10.71 -3.89
C PRO G 148 40.24 9.87 -3.33
N TYR G 149 41.06 9.39 -4.27
CA TYR G 149 42.34 8.67 -4.05
C TYR G 149 42.07 7.28 -3.46
N GLU G 150 40.84 6.78 -3.51
CA GLU G 150 40.54 5.38 -3.08
C GLU G 150 41.13 4.41 -4.10
N ALA G 151 42.18 3.71 -3.70
CA ALA G 151 43.04 2.88 -4.58
C ALA G 151 42.72 1.39 -4.40
N HIS G 152 41.75 1.07 -3.55
CA HIS G 152 41.38 -0.34 -3.29
C HIS G 152 40.21 -0.74 -4.18
N PRO G 153 40.43 -1.65 -5.16
CA PRO G 153 39.41 -2.02 -6.14
C PRO G 153 38.11 -2.55 -5.52
N ASP G 154 38.23 -3.31 -4.45
CA ASP G 154 37.07 -3.91 -3.73
C ASP G 154 36.15 -2.78 -3.24
N HIS G 155 36.70 -1.62 -2.84
CA HIS G 155 35.89 -0.46 -2.36
C HIS G 155 35.16 0.18 -3.54
N ARG G 156 35.90 0.55 -4.60
CA ARG G 156 35.31 1.16 -5.81
C ARG G 156 34.19 0.23 -6.32
N ALA G 157 34.48 -1.06 -6.49
CA ALA G 157 33.51 -2.06 -6.98
C ALA G 157 32.26 -2.08 -6.08
N THR G 158 32.45 -2.21 -4.77
CA THR G 158 31.33 -2.38 -3.81
C THR G 158 30.40 -1.19 -3.99
N GLY G 159 30.95 0.01 -3.98
CA GLY G 159 30.18 1.26 -4.17
C GLY G 159 29.31 1.20 -5.40
N PHE G 160 29.90 0.94 -6.56
CA PHE G 160 29.17 0.91 -7.85
C PHE G 160 28.13 -0.21 -7.81
N LEU G 161 28.54 -1.44 -7.49
CA LEU G 161 27.65 -2.64 -7.44
C LEU G 161 26.43 -2.37 -6.55
N ALA G 162 26.64 -1.74 -5.38
CA ALA G 162 25.55 -1.45 -4.42
C ALA G 162 24.50 -0.58 -5.08
N LEU G 163 24.92 0.57 -5.64
CA LEU G 163 24.03 1.53 -6.36
C LEU G 163 23.29 0.78 -7.49
N ASP G 164 24.00 -0.03 -8.28
CA ASP G 164 23.38 -0.77 -9.39
C ASP G 164 22.30 -1.69 -8.79
N ALA G 165 22.60 -2.39 -7.71
CA ALA G 165 21.69 -3.37 -7.08
C ALA G 165 20.42 -2.65 -6.60
N VAL G 166 20.60 -1.53 -5.92
CA VAL G 166 19.47 -0.66 -5.46
C VAL G 166 18.59 -0.28 -6.65
N ALA G 167 19.22 0.22 -7.71
CA ALA G 167 18.53 0.73 -8.92
C ALA G 167 17.78 -0.38 -9.66
N PHE G 168 18.30 -1.61 -9.65
CA PHE G 168 17.79 -2.71 -10.52
C PHE G 168 16.90 -3.66 -9.73
N SER G 169 16.91 -3.61 -8.39
CA SER G 169 16.08 -4.49 -7.51
C SER G 169 14.60 -4.38 -7.89
N PRO G 170 14.09 -3.17 -8.22
CA PRO G 170 12.68 -3.01 -8.60
C PRO G 170 12.30 -3.37 -10.05
N LEU G 171 13.24 -3.78 -10.89
CA LEU G 171 12.96 -4.10 -12.30
C LEU G 171 12.70 -5.59 -12.42
N PRO G 172 11.45 -6.00 -12.74
CA PRO G 172 11.12 -7.42 -12.80
C PRO G 172 11.86 -8.21 -13.89
N ASN G 173 12.38 -7.53 -14.89
CA ASN G 173 13.11 -8.17 -16.02
C ASN G 173 14.56 -8.51 -15.61
N PHE G 174 15.05 -7.94 -14.50
CA PHE G 174 16.43 -8.13 -13.99
C PHE G 174 16.50 -9.34 -13.06
N SER G 175 17.28 -10.34 -13.43
CA SER G 175 17.41 -11.61 -12.68
C SER G 175 16.00 -12.17 -12.47
N ASN G 176 15.32 -12.49 -13.57
CA ASN G 176 13.86 -12.77 -13.53
C ASN G 176 13.61 -14.06 -12.72
N ILE G 177 14.58 -14.98 -12.63
CA ILE G 177 14.42 -16.26 -11.87
C ILE G 177 14.13 -15.95 -10.40
N ASP G 178 14.71 -14.88 -9.83
CA ASP G 178 14.38 -14.39 -8.45
C ASP G 178 12.85 -14.34 -8.28
N LEU G 179 12.13 -13.79 -9.26
CA LEU G 179 10.64 -13.68 -9.23
C LEU G 179 10.02 -15.07 -9.32
N ASP G 180 10.38 -15.84 -10.35
CA ASP G 180 9.83 -17.18 -10.66
C ASP G 180 9.94 -18.11 -9.43
N ILE G 181 10.71 -17.76 -8.39
CA ILE G 181 10.88 -18.61 -7.18
C ILE G 181 10.40 -17.87 -5.92
N GLY G 182 9.68 -16.76 -6.05
CA GLY G 182 9.01 -16.12 -4.90
C GLY G 182 9.39 -14.67 -4.69
N LEU G 183 10.67 -14.32 -4.81
CA LEU G 183 11.16 -12.95 -4.49
C LEU G 183 10.53 -11.93 -5.44
N LYS G 184 9.67 -11.05 -4.91
CA LYS G 184 9.09 -9.92 -5.66
C LYS G 184 10.10 -8.79 -5.71
N PRO G 185 10.02 -7.92 -6.75
CA PRO G 185 10.81 -6.70 -6.83
C PRO G 185 10.72 -5.86 -5.56
N HIS G 186 11.67 -4.97 -5.33
CA HIS G 186 11.70 -4.10 -4.14
C HIS G 186 12.38 -2.77 -4.48
N SER G 187 11.78 -1.66 -4.02
CA SER G 187 12.36 -0.31 -4.09
C SER G 187 12.84 0.10 -2.70
N VAL G 188 14.13 0.35 -2.57
CA VAL G 188 14.70 0.94 -1.34
C VAL G 188 14.22 2.37 -1.26
N SER G 189 13.95 2.91 -0.07
CA SER G 189 13.42 4.27 0.18
C SER G 189 14.58 5.24 0.45
N PHE G 190 15.73 4.76 0.88
CA PHE G 190 16.84 5.59 1.40
C PHE G 190 18.20 5.04 0.95
N ILE G 191 19.09 5.92 0.48
CA ILE G 191 20.50 5.55 0.12
C ILE G 191 21.46 6.47 0.86
N GLY G 192 22.32 5.89 1.69
CA GLY G 192 23.41 6.61 2.38
C GLY G 192 24.77 6.14 1.91
N LEU G 193 25.62 7.08 1.49
CA LEU G 193 27.04 6.81 1.18
C LEU G 193 27.86 7.10 2.42
N TYR G 194 28.59 6.12 2.95
CA TYR G 194 29.59 6.32 4.03
C TYR G 194 30.98 6.40 3.41
N TYR G 195 31.99 6.70 4.20
CA TYR G 195 33.38 6.91 3.70
C TYR G 195 33.34 7.90 2.53
N THR G 196 32.77 9.10 2.70
CA THR G 196 32.65 10.14 1.62
C THR G 196 33.38 11.40 2.05
N SER G 197 33.89 12.15 1.07
CA SER G 197 34.56 13.45 1.29
C SER G 197 33.56 14.59 1.08
N ARG G 198 32.35 14.30 0.59
CA ARG G 198 31.27 15.28 0.33
C ARG G 198 30.01 14.84 1.08
N PRO G 199 30.05 14.81 2.43
CA PRO G 199 28.89 14.45 3.23
C PRO G 199 27.97 15.66 3.30
N ASN G 200 26.66 15.43 3.44
CA ASN G 200 25.63 16.48 3.57
C ASN G 200 24.73 16.18 4.77
N TYR G 201 25.04 15.15 5.54
CA TYR G 201 24.24 14.73 6.71
C TYR G 201 25.14 14.01 7.72
N PHE G 202 25.08 14.40 8.98
CA PHE G 202 26.01 13.97 10.04
C PHE G 202 25.24 13.32 11.19
N VAL G 203 25.98 12.64 12.05
CA VAL G 203 25.46 11.89 13.23
C VAL G 203 26.47 12.05 14.34
N ASP G 204 26.08 12.64 15.48
CA ASP G 204 26.96 12.77 16.67
C ASP G 204 27.25 11.35 17.15
N ILE G 205 28.53 11.03 17.36
CA ILE G 205 28.98 9.71 17.90
C ILE G 205 29.91 9.94 19.10
N THR G 206 29.93 11.16 19.65
CA THR G 206 30.84 11.56 20.75
C THR G 206 30.60 10.64 21.96
N ASP G 207 29.33 10.34 22.25
CA ASP G 207 28.88 9.45 23.37
C ASP G 207 29.33 8.00 23.11
N VAL G 208 29.37 7.57 21.84
CA VAL G 208 29.49 6.14 21.44
C VAL G 208 30.94 5.81 21.06
N MET G 209 31.79 6.84 20.89
CA MET G 209 33.16 6.69 20.32
C MET G 209 33.91 5.51 20.95
N ASP G 210 33.94 5.43 22.29
CA ASP G 210 34.76 4.40 22.99
C ASP G 210 34.26 3.01 22.64
N LEU G 211 32.95 2.82 22.50
CA LEU G 211 32.39 1.51 22.07
C LEU G 211 32.81 1.23 20.62
N LYS G 212 32.64 2.21 19.73
CA LYS G 212 33.06 2.11 18.30
C LYS G 212 34.50 1.59 18.26
N LEU G 213 35.43 2.31 18.90
CA LEU G 213 36.87 1.98 18.90
C LEU G 213 37.12 0.57 19.48
N LYS G 214 36.36 0.16 20.48
CA LYS G 214 36.51 -1.19 21.10
C LYS G 214 36.01 -2.24 20.09
N ALA G 215 34.96 -1.92 19.33
CA ALA G 215 34.34 -2.80 18.32
C ALA G 215 35.24 -2.93 17.08
N ILE G 216 36.09 -1.93 16.84
CA ILE G 216 37.11 -1.97 15.76
C ILE G 216 38.22 -2.93 16.19
N ARG G 217 38.73 -2.77 17.42
CA ARG G 217 39.85 -3.57 17.96
C ARG G 217 39.42 -5.02 18.10
N ALA G 218 38.12 -5.30 18.08
CA ALA G 218 37.57 -6.69 18.05
C ALA G 218 38.22 -7.43 16.89
N HIS G 219 38.53 -6.70 15.82
CA HIS G 219 39.31 -7.18 14.64
C HIS G 219 40.79 -7.20 15.03
N LYS G 220 41.18 -8.16 15.87
CA LYS G 220 42.53 -8.28 16.44
C LYS G 220 43.54 -8.42 15.30
N SER G 221 43.25 -9.31 14.36
CA SER G 221 44.13 -9.65 13.20
C SER G 221 44.51 -8.37 12.45
N GLN G 222 43.59 -7.41 12.33
CA GLN G 222 43.81 -6.17 11.56
C GLN G 222 44.49 -5.08 12.41
N PHE G 223 44.40 -5.16 13.75
CA PHE G 223 44.86 -4.07 14.65
C PHE G 223 45.61 -4.63 15.87
N PRO G 224 46.84 -5.17 15.70
CA PRO G 224 47.77 -5.32 16.81
C PRO G 224 48.14 -3.92 17.34
N ASP G 225 48.99 -3.86 18.38
CA ASP G 225 49.30 -2.59 19.07
C ASP G 225 50.22 -1.73 18.19
N ASP G 226 51.16 -2.36 17.48
CA ASP G 226 52.03 -1.73 16.44
C ASP G 226 51.17 -0.82 15.57
N ILE G 227 50.20 -1.44 14.90
CA ILE G 227 49.27 -0.82 13.90
C ILE G 227 48.42 0.23 14.62
N TRP G 228 47.84 -0.15 15.76
CA TRP G 228 46.81 0.67 16.48
C TRP G 228 47.40 2.02 16.91
N GLU G 229 48.72 2.11 17.07
CA GLU G 229 49.44 3.37 17.41
C GLU G 229 49.13 4.43 16.35
N THR G 230 48.97 4.01 15.09
CA THR G 230 48.73 4.92 13.94
C THR G 230 47.22 5.02 13.66
N TRP G 231 46.45 3.94 13.81
CA TRP G 231 45.02 3.93 13.43
C TRP G 231 44.18 4.72 14.43
N GLU G 232 44.36 4.54 15.75
CA GLU G 232 43.54 5.26 16.75
C GLU G 232 43.58 6.77 16.45
N PRO G 233 44.76 7.42 16.38
CA PRO G 233 44.82 8.84 16.05
C PRO G 233 44.10 9.18 14.72
N PHE G 234 44.30 8.36 13.69
CA PHE G 234 43.65 8.52 12.36
C PHE G 234 42.13 8.56 12.55
N LEU G 235 41.55 7.47 13.05
CA LEU G 235 40.08 7.30 13.27
C LEU G 235 39.48 8.50 14.01
N ARG G 236 40.20 9.02 15.00
CA ARG G 236 39.78 10.22 15.77
C ARG G 236 39.81 11.44 14.85
N THR G 237 40.88 11.60 14.08
CA THR G 237 41.07 12.73 13.13
C THR G 237 39.93 12.71 12.12
N VAL G 238 39.45 11.52 11.71
CA VAL G 238 38.32 11.39 10.74
C VAL G 238 37.07 11.92 11.41
N ALA G 239 36.73 11.39 12.58
CA ALA G 239 35.56 11.80 13.39
C ALA G 239 35.55 13.33 13.61
N LEU G 240 36.73 13.95 13.74
CA LEU G 240 36.86 15.42 13.97
C LEU G 240 36.53 16.17 12.68
N TYR G 241 37.02 15.69 11.53
CA TYR G 241 36.74 16.25 10.18
C TYR G 241 35.22 16.36 9.99
N TYR G 242 34.53 15.26 10.21
CA TYR G 242 33.04 15.16 10.14
C TYR G 242 32.44 16.04 11.25
N GLY G 243 32.99 15.97 12.46
CA GLY G 243 32.55 16.76 13.63
C GLY G 243 32.54 18.25 13.35
N GLN G 244 33.65 18.80 12.82
CA GLN G 244 33.81 20.24 12.49
C GLN G 244 32.59 20.74 11.74
N LYS G 245 32.15 19.98 10.73
CA LYS G 245 31.07 20.38 9.79
C LYS G 245 29.70 20.23 10.46
N ALA G 246 29.59 19.43 11.51
CA ALA G 246 28.33 19.13 12.23
C ALA G 246 28.26 19.90 13.56
N GLY G 247 29.27 20.73 13.85
CA GLY G 247 29.45 21.47 15.11
C GLY G 247 29.33 20.57 16.34
N VAL G 248 29.86 19.35 16.32
CA VAL G 248 30.09 18.51 17.53
C VAL G 248 31.57 18.12 17.56
N LYS G 249 31.97 17.26 18.51
CA LYS G 249 33.37 16.80 18.62
C LYS G 249 33.60 15.71 17.57
N TYR G 250 32.97 14.54 17.77
CA TYR G 250 33.11 13.30 16.96
C TYR G 250 31.79 13.00 16.26
N ALA G 251 31.80 13.02 14.92
CA ALA G 251 30.63 12.73 14.04
C ALA G 251 30.98 11.68 12.97
N GLU G 252 29.96 11.09 12.35
CA GLU G 252 30.06 10.25 11.13
C GLU G 252 29.27 10.94 10.01
N GLY G 253 29.91 11.13 8.88
CA GLY G 253 29.33 11.81 7.70
C GLY G 253 28.75 10.82 6.72
N PHE G 254 27.67 11.20 6.07
CA PHE G 254 27.02 10.43 4.98
C PHE G 254 26.66 11.41 3.86
N ARG G 255 26.65 10.93 2.62
CA ARG G 255 26.03 11.68 1.51
C ARG G 255 24.70 11.04 1.18
N ILE G 256 23.63 11.82 1.30
CA ILE G 256 22.24 11.41 1.01
C ILE G 256 21.73 12.30 -0.10
N MET G 257 21.23 11.72 -1.17
CA MET G 257 20.61 12.43 -2.33
C MET G 257 19.39 11.64 -2.75
N PRO G 258 18.42 12.27 -3.46
CA PRO G 258 17.30 11.53 -4.05
C PRO G 258 17.81 10.51 -5.07
N GLY G 259 17.15 9.35 -5.18
CA GLY G 259 17.46 8.32 -6.20
C GLY G 259 17.75 8.92 -7.57
N LEU G 260 16.99 9.95 -7.95
CA LEU G 260 16.98 10.52 -9.32
C LEU G 260 18.33 11.17 -9.64
N PHE G 261 19.01 11.72 -8.64
CA PHE G 261 20.26 12.51 -8.78
C PHE G 261 21.47 11.63 -9.11
N TYR G 262 21.33 10.31 -9.00
CA TYR G 262 22.41 9.34 -9.34
C TYR G 262 22.41 9.07 -10.86
N HIS G 263 21.73 9.91 -11.63
CA HIS G 263 21.57 9.73 -13.11
C HIS G 263 21.29 11.07 -13.76
N ILE G 264 22.16 11.45 -14.69
CA ILE G 264 22.00 12.57 -15.66
C ILE G 264 21.58 13.84 -14.91
N THR G 265 22.15 14.08 -13.71
CA THR G 265 21.82 15.26 -12.89
C THR G 265 23.08 16.14 -12.81
N PRO G 266 23.17 17.16 -13.67
CA PRO G 266 24.33 18.04 -13.70
C PRO G 266 24.48 18.97 -12.49
N PHE G 267 23.45 19.07 -11.64
CA PHE G 267 23.47 19.90 -10.41
C PHE G 267 23.50 19.00 -9.16
N ALA G 268 23.77 17.70 -9.35
CA ALA G 268 23.86 16.71 -8.26
C ALA G 268 24.87 17.21 -7.21
N GLU G 269 25.97 17.81 -7.65
CA GLU G 269 27.07 18.25 -6.75
C GLU G 269 26.59 19.31 -5.76
N LEU G 270 25.49 20.01 -6.06
CA LEU G 270 25.02 21.20 -5.28
C LEU G 270 24.07 20.79 -4.15
N ILE G 271 24.53 20.01 -3.17
CA ILE G 271 23.70 19.35 -2.12
C ILE G 271 24.59 19.09 -0.87
N ASP H 1 -82.47 9.48 31.01
CA ASP H 1 -82.46 10.47 32.13
C ASP H 1 -83.87 10.79 32.62
N PRO H 2 -84.87 9.86 32.64
CA PRO H 2 -86.23 10.20 33.02
C PRO H 2 -86.52 9.96 34.51
N PHE H 3 -87.53 9.15 34.81
CA PHE H 3 -87.84 8.69 36.19
C PHE H 3 -86.79 7.70 36.66
N THR H 4 -86.35 6.75 35.83
CA THR H 4 -85.75 5.46 36.28
C THR H 4 -84.36 5.65 36.90
N MET H 5 -84.06 4.84 37.93
CA MET H 5 -82.77 4.70 38.65
C MET H 5 -81.79 3.90 37.78
N PHE H 6 -80.54 4.35 37.62
CA PHE H 6 -79.48 3.59 36.89
C PHE H 6 -78.85 2.54 37.81
N GLU H 7 -78.91 2.78 39.13
CA GLU H 7 -78.45 1.82 40.17
C GLU H 7 -79.30 0.54 40.11
N GLU H 8 -80.59 0.70 39.81
CA GLU H 8 -81.60 -0.39 39.87
C GLU H 8 -81.43 -1.36 38.70
N ILE H 9 -80.53 -1.11 37.74
CA ILE H 9 -80.41 -1.99 36.54
C ILE H 9 -79.51 -3.19 36.88
N ASN H 10 -79.91 -4.39 36.44
CA ASN H 10 -79.23 -5.69 36.73
C ASN H 10 -78.80 -6.40 35.44
N ASP H 11 -79.31 -6.00 34.27
CA ASP H 11 -78.90 -6.52 32.94
C ASP H 11 -77.89 -5.54 32.34
N PHE H 12 -76.82 -6.04 31.70
CA PHE H 12 -75.90 -5.18 30.92
C PHE H 12 -76.64 -4.64 29.68
N GLU H 13 -77.30 -5.51 28.91
CA GLU H 13 -77.99 -5.14 27.64
C GLU H 13 -78.91 -3.93 27.86
N THR H 14 -79.59 -3.88 29.01
CA THR H 14 -80.51 -2.77 29.38
C THR H 14 -79.70 -1.48 29.55
N ALA H 15 -78.68 -1.51 30.41
CA ALA H 15 -77.81 -0.36 30.78
C ALA H 15 -77.12 0.19 29.52
N PHE H 16 -76.70 -0.73 28.64
CA PHE H 16 -76.02 -0.41 27.36
C PHE H 16 -76.99 0.40 26.49
N LYS H 17 -78.19 -0.13 26.24
CA LYS H 17 -79.24 0.53 25.40
C LYS H 17 -79.59 1.89 26.03
N ARG H 18 -79.69 1.97 27.35
CA ARG H 18 -80.05 3.23 28.07
C ARG H 18 -78.87 4.20 27.97
N LEU H 19 -77.62 3.72 28.03
CA LEU H 19 -76.41 4.58 27.93
C LEU H 19 -76.40 5.28 26.57
N LEU H 20 -76.58 4.52 25.48
CA LEU H 20 -76.50 5.05 24.09
C LEU H 20 -77.68 5.97 23.79
N ASN H 21 -78.91 5.53 24.09
CA ASN H 21 -80.17 6.22 23.69
C ASN H 21 -80.41 7.44 24.60
N GLU H 22 -80.38 7.28 25.92
CA GLU H 22 -80.84 8.33 26.86
C GLU H 22 -79.67 9.20 27.30
N VAL H 23 -78.54 8.61 27.71
CA VAL H 23 -77.41 9.34 28.37
C VAL H 23 -76.60 10.09 27.31
N LEU H 24 -76.22 9.40 26.22
CA LEU H 24 -75.34 9.94 25.15
C LEU H 24 -76.15 10.50 23.99
N GLU H 25 -77.40 10.09 23.78
CA GLU H 25 -78.25 10.56 22.64
C GLU H 25 -77.53 10.21 21.32
N PHE H 26 -76.86 9.07 21.29
CA PHE H 26 -76.10 8.56 20.12
C PHE H 26 -77.06 8.16 19.01
N ASP H 27 -76.96 8.87 17.88
CA ASP H 27 -77.87 8.75 16.71
C ASP H 27 -77.10 8.11 15.54
N LEU H 28 -77.11 6.79 15.44
CA LEU H 28 -76.46 6.05 14.32
C LEU H 28 -77.28 6.22 13.02
N GLN H 29 -78.58 6.53 13.16
CA GLN H 29 -79.56 6.67 12.04
C GLN H 29 -79.19 7.91 11.22
N ASN H 30 -79.29 9.13 11.75
CA ASN H 30 -78.85 10.38 11.09
C ASN H 30 -77.78 11.07 11.93
N PRO H 31 -76.50 10.64 11.81
CA PRO H 31 -75.43 11.11 12.68
C PRO H 31 -74.82 12.44 12.27
N LEU H 32 -75.12 12.92 11.07
CA LEU H 32 -74.55 14.18 10.54
C LEU H 32 -75.55 15.32 10.74
N LYS H 33 -76.58 15.10 11.56
CA LYS H 33 -77.81 15.96 11.55
C LYS H 33 -77.42 17.43 11.25
N ASP H 34 -76.72 18.09 12.17
CA ASP H 34 -76.60 19.59 12.18
C ASP H 34 -75.19 20.03 11.77
N VAL H 35 -74.53 19.27 10.89
CA VAL H 35 -73.13 19.52 10.42
C VAL H 35 -73.18 20.46 9.21
N LYS H 36 -72.62 21.67 9.36
CA LYS H 36 -72.51 22.66 8.26
C LYS H 36 -71.08 22.67 7.70
N LYS H 37 -70.09 22.22 8.46
CA LYS H 37 -68.64 22.25 8.07
C LYS H 37 -67.89 21.04 8.63
N VAL H 38 -67.16 20.31 7.77
CA VAL H 38 -66.30 19.16 8.16
C VAL H 38 -64.87 19.36 7.64
N LEU H 39 -63.89 18.82 8.38
CA LEU H 39 -62.52 18.55 7.88
C LEU H 39 -62.41 17.08 7.45
N CYS H 40 -61.83 16.84 6.28
CA CYS H 40 -61.31 15.51 5.88
C CYS H 40 -59.79 15.57 5.99
N ILE H 41 -59.23 14.72 6.83
CA ILE H 41 -57.77 14.64 7.08
C ILE H 41 -57.23 13.46 6.28
N GLU H 42 -56.34 13.73 5.34
CA GLU H 42 -55.72 12.71 4.43
C GLU H 42 -54.23 12.69 4.68
N PRO H 43 -53.63 11.47 4.83
CA PRO H 43 -52.19 11.29 4.89
C PRO H 43 -51.44 11.82 3.66
N HIS H 44 -51.89 11.40 2.47
CA HIS H 44 -51.30 11.76 1.16
C HIS H 44 -52.33 12.44 0.28
N PRO H 45 -51.87 13.22 -0.73
CA PRO H 45 -52.77 13.73 -1.76
C PRO H 45 -53.40 12.56 -2.52
N ASP H 46 -54.71 12.37 -2.34
CA ASP H 46 -55.55 11.36 -3.05
C ASP H 46 -56.30 10.49 -2.03
N ASP H 47 -55.96 10.59 -0.75
CA ASP H 47 -56.47 9.65 0.28
C ASP H 47 -57.94 9.99 0.55
N CYS H 48 -58.31 11.27 0.53
CA CYS H 48 -59.71 11.72 0.77
C CYS H 48 -60.60 11.26 -0.38
N VAL H 49 -60.20 11.54 -1.62
CA VAL H 49 -60.99 11.17 -2.82
C VAL H 49 -61.10 9.64 -2.89
N ILE H 50 -60.03 8.86 -2.67
CA ILE H 50 -60.07 7.37 -2.76
C ILE H 50 -60.97 6.83 -1.63
N GLY H 51 -60.84 7.42 -0.45
CA GLY H 51 -61.47 6.91 0.78
C GLY H 51 -62.96 7.19 0.79
N MET H 52 -63.34 8.45 0.56
CA MET H 52 -64.72 8.93 0.77
C MET H 52 -65.07 10.02 -0.27
N GLY H 53 -64.52 9.92 -1.46
CA GLY H 53 -64.75 10.90 -2.55
C GLY H 53 -66.22 11.03 -2.89
N GLY H 54 -66.95 9.92 -2.95
CA GLY H 54 -68.40 9.92 -3.22
C GLY H 54 -69.13 10.74 -2.18
N THR H 55 -68.97 10.36 -0.92
CA THR H 55 -69.62 11.04 0.23
C THR H 55 -69.29 12.53 0.20
N ILE H 56 -68.07 12.93 -0.18
CA ILE H 56 -67.67 14.37 -0.18
C ILE H 56 -68.51 15.12 -1.21
N LYS H 57 -68.71 14.51 -2.39
CA LYS H 57 -69.57 15.08 -3.46
C LYS H 57 -70.96 15.30 -2.88
N ARG H 58 -71.57 14.25 -2.32
CA ARG H 58 -72.96 14.32 -1.78
C ARG H 58 -73.08 15.42 -0.71
N LEU H 59 -72.08 15.59 0.15
CA LEU H 59 -72.08 16.62 1.24
C LEU H 59 -71.93 18.01 0.65
N THR H 60 -71.06 18.16 -0.34
CA THR H 60 -70.84 19.42 -1.09
C THR H 60 -72.16 19.88 -1.71
N ASP H 61 -72.91 18.96 -2.34
CA ASP H 61 -74.19 19.19 -3.05
C ASP H 61 -75.27 19.61 -2.05
N ARG H 62 -75.47 18.84 -0.97
CA ARG H 62 -76.39 19.16 0.15
C ARG H 62 -75.96 20.48 0.83
N GLY H 63 -74.95 21.17 0.30
CA GLY H 63 -74.56 22.55 0.72
C GLY H 63 -73.61 22.61 1.90
N ILE H 64 -72.95 21.50 2.27
CA ILE H 64 -72.02 21.42 3.45
C ILE H 64 -70.59 21.71 3.00
N GLU H 65 -69.92 22.64 3.69
CA GLU H 65 -68.49 23.04 3.47
C GLU H 65 -67.59 21.86 3.87
N VAL H 66 -66.67 21.47 2.99
CA VAL H 66 -65.70 20.37 3.20
C VAL H 66 -64.30 20.93 2.99
N ILE H 67 -63.45 20.87 4.01
CA ILE H 67 -62.04 21.34 3.96
C ILE H 67 -61.09 20.13 4.08
N TYR H 68 -60.11 20.02 3.19
CA TYR H 68 -59.03 19.01 3.27
C TYR H 68 -57.90 19.52 4.18
N ILE H 69 -57.38 18.64 5.03
CA ILE H 69 -56.00 18.75 5.58
C ILE H 69 -55.17 17.60 5.05
N CYS H 70 -54.10 17.93 4.33
CA CYS H 70 -53.14 16.95 3.74
C CYS H 70 -51.85 16.97 4.56
N MET H 71 -51.56 15.84 5.21
CA MET H 71 -50.46 15.69 6.18
C MET H 71 -49.13 15.77 5.44
N THR H 72 -48.99 15.02 4.33
CA THR H 72 -47.72 14.90 3.57
C THR H 72 -47.81 15.58 2.19
N ASP H 73 -46.69 15.54 1.47
CA ASP H 73 -46.41 16.30 0.22
C ASP H 73 -46.42 15.32 -0.97
N GLY H 74 -46.54 14.01 -0.72
CA GLY H 74 -46.55 12.96 -1.76
C GLY H 74 -45.20 12.75 -2.45
N TYR H 75 -44.11 13.30 -1.88
CA TYR H 75 -42.73 13.39 -2.45
C TYR H 75 -42.23 12.02 -2.96
N MET H 76 -42.67 10.89 -2.40
CA MET H 76 -42.01 9.60 -2.65
C MET H 76 -42.75 8.78 -3.72
N GLY H 77 -43.99 9.13 -4.07
CA GLY H 77 -44.97 8.23 -4.75
C GLY H 77 -44.78 8.14 -6.27
N THR H 78 -43.63 7.67 -6.74
CA THR H 78 -43.30 7.39 -8.16
C THR H 78 -42.14 6.40 -8.22
N THR H 79 -42.21 5.46 -9.17
CA THR H 79 -41.13 4.54 -9.57
C THR H 79 -40.27 5.16 -10.69
N ASP H 80 -40.69 6.30 -11.26
CA ASP H 80 -39.99 6.95 -12.40
C ASP H 80 -38.71 7.61 -11.88
N GLU H 81 -37.53 7.09 -12.26
CA GLU H 81 -36.20 7.55 -11.81
C GLU H 81 -35.90 8.99 -12.28
N ASN H 82 -36.78 9.63 -13.07
CA ASN H 82 -36.51 10.96 -13.69
C ASN H 82 -37.21 12.07 -12.92
N ILE H 83 -38.23 11.74 -12.12
CA ILE H 83 -39.05 12.72 -11.37
C ILE H 83 -38.47 12.88 -9.96
N THR H 84 -37.84 14.03 -9.66
CA THR H 84 -37.39 14.36 -8.29
C THR H 84 -38.63 14.48 -7.40
N GLY H 85 -38.51 14.18 -6.11
CA GLY H 85 -39.65 14.28 -5.17
C GLY H 85 -40.19 15.70 -5.16
N HIS H 86 -39.35 16.71 -5.36
CA HIS H 86 -39.73 18.14 -5.41
C HIS H 86 -40.70 18.39 -6.58
N GLU H 87 -40.44 17.80 -7.74
CA GLU H 87 -41.34 17.88 -8.92
C GLU H 87 -42.65 17.22 -8.52
N LEU H 88 -42.57 15.99 -8.04
CA LEU H 88 -43.77 15.15 -7.78
C LEU H 88 -44.71 15.89 -6.80
N ALA H 89 -44.15 16.60 -5.82
CA ALA H 89 -44.93 17.38 -4.83
C ALA H 89 -45.76 18.42 -5.58
N GLN H 90 -45.07 19.29 -6.31
CA GLN H 90 -45.63 20.36 -7.17
C GLN H 90 -46.79 19.78 -8.01
N ILE H 91 -46.56 18.64 -8.66
CA ILE H 91 -47.54 17.93 -9.53
C ILE H 91 -48.77 17.56 -8.70
N ARG H 92 -48.56 16.78 -7.64
CA ARG H 92 -49.67 16.17 -6.86
C ARG H 92 -50.46 17.27 -6.16
N ARG H 93 -49.86 18.43 -5.90
CA ARG H 93 -50.59 19.60 -5.39
C ARG H 93 -51.66 19.99 -6.42
N LYS H 94 -51.25 20.18 -7.69
CA LYS H 94 -52.17 20.53 -8.81
C LYS H 94 -53.18 19.38 -8.99
N GLU H 95 -52.74 18.12 -8.96
CA GLU H 95 -53.69 16.96 -9.13
C GLU H 95 -54.76 17.03 -8.03
N GLU H 96 -54.44 17.42 -6.78
CA GLU H 96 -55.43 17.41 -5.66
C GLU H 96 -56.36 18.61 -5.88
N GLU H 97 -55.82 19.77 -6.26
CA GLU H 97 -56.62 20.99 -6.60
C GLU H 97 -57.68 20.66 -7.66
N GLU H 98 -57.37 19.83 -8.67
CA GLU H 98 -58.31 19.47 -9.78
C GLU H 98 -59.36 18.49 -9.24
N SER H 99 -58.91 17.40 -8.59
CA SER H 99 -59.76 16.41 -7.87
C SER H 99 -60.70 17.15 -6.90
N ALA H 100 -60.17 18.12 -6.16
CA ALA H 100 -60.91 18.91 -5.14
C ALA H 100 -62.09 19.61 -5.79
N LYS H 101 -61.84 20.38 -6.85
CA LYS H 101 -62.87 21.14 -7.62
C LYS H 101 -63.97 20.18 -8.10
N MET H 102 -63.61 19.05 -8.70
CA MET H 102 -64.59 18.04 -9.21
C MET H 102 -65.56 17.59 -8.10
N LEU H 103 -65.20 17.73 -6.82
CA LEU H 103 -65.98 17.22 -5.66
C LEU H 103 -66.60 18.37 -4.87
N GLY H 104 -66.20 19.61 -5.14
CA GLY H 104 -66.77 20.85 -4.57
C GLY H 104 -66.01 21.32 -3.36
N VAL H 105 -64.71 21.00 -3.29
CA VAL H 105 -63.85 21.36 -2.14
C VAL H 105 -63.03 22.58 -2.55
N LYS H 106 -63.07 23.61 -1.72
CA LYS H 106 -62.63 24.99 -2.07
C LYS H 106 -61.30 25.27 -1.37
N LYS H 107 -61.17 24.92 -0.09
CA LYS H 107 -60.00 25.19 0.79
C LYS H 107 -59.25 23.88 1.05
N ILE H 108 -57.90 23.91 1.00
CA ILE H 108 -57.00 22.77 1.36
C ILE H 108 -55.81 23.30 2.16
N TYR H 109 -55.60 22.79 3.37
CA TYR H 109 -54.38 23.02 4.18
C TYR H 109 -53.32 21.96 3.86
N TRP H 110 -52.09 22.40 3.61
CA TRP H 110 -50.93 21.51 3.33
C TRP H 110 -49.94 21.62 4.48
N LEU H 111 -49.80 20.58 5.30
CA LEU H 111 -48.79 20.58 6.39
C LEU H 111 -47.38 20.44 5.81
N ASN H 112 -47.21 19.70 4.72
CA ASN H 112 -45.91 19.60 3.99
C ASN H 112 -44.87 18.81 4.77
N TYR H 113 -45.27 18.00 5.75
CA TYR H 113 -44.44 16.89 6.24
C TYR H 113 -44.15 16.03 5.00
N ARG H 114 -42.93 15.49 4.88
CA ARG H 114 -42.50 14.67 3.72
C ARG H 114 -43.14 13.29 3.79
N ASP H 115 -43.72 12.83 2.67
CA ASP H 115 -44.19 11.44 2.43
C ASP H 115 -43.17 10.49 3.06
N THR H 116 -43.64 9.53 3.86
CA THR H 116 -42.86 8.43 4.53
C THR H 116 -42.19 8.92 5.81
N GLU H 117 -42.26 10.22 6.12
CA GLU H 117 -41.45 10.86 7.18
C GLU H 117 -42.40 11.72 8.04
N LEU H 118 -43.63 11.23 8.25
CA LEU H 118 -44.64 11.96 9.05
C LEU H 118 -44.44 11.55 10.50
N PRO H 119 -43.93 12.46 11.35
CA PRO H 119 -43.74 12.16 12.76
C PRO H 119 -45.07 11.88 13.47
N TYR H 120 -45.10 10.92 14.40
CA TYR H 120 -46.16 10.86 15.45
C TYR H 120 -45.64 11.68 16.62
N SER H 121 -45.46 12.99 16.43
CA SER H 121 -44.90 13.94 17.41
C SER H 121 -46.00 14.84 17.97
N ARG H 122 -45.69 15.46 19.11
CA ARG H 122 -46.49 16.53 19.75
C ARG H 122 -46.64 17.69 18.76
N GLU H 123 -45.54 18.09 18.13
CA GLU H 123 -45.49 19.18 17.14
C GLU H 123 -46.60 19.02 16.09
N VAL H 124 -46.83 17.82 15.57
CA VAL H 124 -47.83 17.62 14.49
C VAL H 124 -49.24 17.76 15.08
N ARG H 125 -49.46 17.27 16.30
CA ARG H 125 -50.74 17.50 17.01
C ARG H 125 -51.03 19.00 17.11
N LYS H 126 -50.02 19.78 17.50
CA LYS H 126 -50.14 21.26 17.69
C LYS H 126 -50.60 21.90 16.37
N ASP H 127 -50.03 21.47 15.24
CA ASP H 127 -50.33 21.97 13.87
C ASP H 127 -51.82 21.69 13.56
N LEU H 128 -52.29 20.45 13.76
CA LEU H 128 -53.70 20.05 13.48
C LEU H 128 -54.68 20.83 14.36
N VAL H 129 -54.35 21.03 15.64
CA VAL H 129 -55.25 21.69 16.61
C VAL H 129 -55.42 23.15 16.15
N LYS H 130 -54.31 23.83 15.86
CA LYS H 130 -54.28 25.21 15.30
C LYS H 130 -55.37 25.34 14.23
N ILE H 131 -55.44 24.41 13.29
CA ILE H 131 -56.42 24.47 12.17
C ILE H 131 -57.82 24.24 12.73
N ILE H 132 -58.04 23.13 13.42
CA ILE H 132 -59.35 22.80 14.07
C ILE H 132 -59.87 24.03 14.84
N ARG H 133 -59.00 24.68 15.61
CA ARG H 133 -59.41 25.81 16.48
C ARG H 133 -59.82 27.02 15.63
N LYS H 134 -59.18 27.21 14.48
CA LYS H 134 -59.49 28.29 13.52
C LYS H 134 -60.81 28.01 12.81
N GLU H 135 -60.90 26.89 12.10
CA GLU H 135 -62.05 26.56 11.20
C GLU H 135 -63.27 26.11 12.01
N LYS H 136 -63.14 25.94 13.33
CA LYS H 136 -64.25 25.51 14.22
C LYS H 136 -65.20 24.52 13.51
N PRO H 137 -64.71 23.42 12.93
CA PRO H 137 -65.60 22.48 12.23
C PRO H 137 -66.51 21.66 13.16
N ASP H 138 -67.66 21.24 12.65
CA ASP H 138 -68.68 20.46 13.39
C ASP H 138 -68.27 18.98 13.36
N GLY H 139 -67.56 18.59 12.33
CA GLY H 139 -67.22 17.18 12.02
C GLY H 139 -65.78 17.03 11.58
N VAL H 140 -65.19 15.87 11.83
CA VAL H 140 -63.85 15.48 11.31
C VAL H 140 -63.90 14.04 10.80
N PHE H 141 -63.47 13.84 9.56
CA PHE H 141 -63.21 12.51 8.99
C PHE H 141 -61.70 12.27 8.97
N LEU H 142 -61.32 11.05 9.34
CA LEU H 142 -59.90 10.63 9.45
C LEU H 142 -59.82 9.12 9.25
N PRO H 143 -58.69 8.59 8.77
CA PRO H 143 -58.57 7.16 8.49
C PRO H 143 -58.43 6.35 9.80
N ASP H 144 -59.13 5.22 9.86
CA ASP H 144 -59.15 4.30 11.02
C ASP H 144 -57.74 3.79 11.22
N PRO H 145 -57.05 4.17 12.31
CA PRO H 145 -55.67 3.71 12.55
C PRO H 145 -55.61 2.23 12.95
N TRP H 146 -56.75 1.63 13.29
CA TRP H 146 -56.86 0.18 13.64
C TRP H 146 -57.19 -0.66 12.41
N LEU H 147 -57.13 -0.11 11.20
CA LEU H 147 -57.41 -0.88 9.98
C LEU H 147 -56.40 -2.04 9.90
N PRO H 148 -56.85 -3.31 9.88
CA PRO H 148 -55.91 -4.42 9.84
C PRO H 148 -55.00 -4.44 8.61
N TYR H 149 -53.74 -4.76 8.87
CA TYR H 149 -52.63 -4.99 7.90
C TYR H 149 -52.27 -3.66 7.20
N GLU H 150 -52.65 -2.52 7.77
CA GLU H 150 -52.21 -1.21 7.23
C GLU H 150 -50.73 -1.03 7.58
N ALA H 151 -49.86 -1.10 6.57
CA ALA H 151 -48.40 -1.15 6.70
C ALA H 151 -47.78 0.19 6.39
N HIS H 152 -48.60 1.20 6.08
CA HIS H 152 -48.09 2.55 5.73
C HIS H 152 -48.06 3.44 6.97
N PRO H 153 -46.88 3.82 7.47
CA PRO H 153 -46.76 4.58 8.71
C PRO H 153 -47.52 5.90 8.71
N ASP H 154 -47.52 6.59 7.57
CA ASP H 154 -48.21 7.89 7.41
C ASP H 154 -49.71 7.70 7.68
N HIS H 155 -50.30 6.55 7.34
CA HIS H 155 -51.74 6.26 7.59
C HIS H 155 -51.97 6.05 9.08
N ARG H 156 -51.24 5.13 9.69
CA ARG H 156 -51.34 4.83 11.15
C ARG H 156 -51.18 6.16 11.90
N ALA H 157 -50.12 6.91 11.62
CA ALA H 157 -49.84 8.21 12.30
C ALA H 157 -51.02 9.16 12.14
N THR H 158 -51.50 9.37 10.92
CA THR H 158 -52.54 10.36 10.62
C THR H 158 -53.76 10.03 11.48
N GLY H 159 -54.18 8.77 11.48
CA GLY H 159 -55.31 8.30 12.28
C GLY H 159 -55.17 8.69 13.75
N PHE H 160 -54.06 8.32 14.36
CA PHE H 160 -53.81 8.57 15.81
C PHE H 160 -53.76 10.09 16.03
N LEU H 161 -52.93 10.81 15.29
CA LEU H 161 -52.74 12.28 15.43
C LEU H 161 -54.09 13.01 15.32
N ALA H 162 -54.96 12.60 14.38
CA ALA H 162 -56.27 13.24 14.15
C ALA H 162 -57.10 13.14 15.42
N LEU H 163 -57.27 11.91 15.95
CA LEU H 163 -58.02 11.63 17.20
C LEU H 163 -57.44 12.47 18.34
N ASP H 164 -56.12 12.50 18.48
CA ASP H 164 -55.46 13.28 19.57
C ASP H 164 -55.83 14.75 19.39
N ALA H 165 -55.78 15.27 18.17
CA ALA H 165 -56.04 16.70 17.87
C ALA H 165 -57.48 17.04 18.24
N VAL H 166 -58.43 16.19 17.82
CA VAL H 166 -59.87 16.31 18.18
C VAL H 166 -60.02 16.39 19.70
N ALA H 167 -59.42 15.44 20.40
CA ALA H 167 -59.50 15.28 21.87
C ALA H 167 -58.89 16.49 22.61
N PHE H 168 -57.83 17.09 22.08
CA PHE H 168 -57.03 18.10 22.82
C PHE H 168 -57.39 19.52 22.37
N SER H 169 -58.10 19.69 21.25
CA SER H 169 -58.49 21.02 20.70
C SER H 169 -59.25 21.81 21.76
N PRO H 170 -60.15 21.17 22.56
CA PRO H 170 -60.90 21.88 23.60
C PRO H 170 -60.19 22.16 24.93
N LEU H 171 -58.94 21.73 25.09
CA LEU H 171 -58.20 21.92 26.36
C LEU H 171 -57.39 23.21 26.26
N PRO H 172 -57.72 24.25 27.02
CA PRO H 172 -57.02 25.53 26.93
C PRO H 172 -55.53 25.45 27.34
N ASN H 173 -55.15 24.44 28.11
CA ASN H 173 -53.73 24.27 28.55
C ASN H 173 -52.86 23.65 27.44
N PHE H 174 -53.46 23.11 26.38
CA PHE H 174 -52.78 22.47 25.24
C PHE H 174 -52.44 23.50 24.16
N SER H 175 -51.16 23.70 23.90
CA SER H 175 -50.68 24.69 22.91
C SER H 175 -51.27 26.05 23.29
N ASN H 176 -50.94 26.55 24.47
CA ASN H 176 -51.68 27.68 25.08
C ASN H 176 -51.45 28.95 24.23
N ILE H 177 -50.35 29.05 23.49
CA ILE H 177 -50.03 30.23 22.63
C ILE H 177 -51.14 30.42 21.59
N ASP H 178 -51.75 29.34 21.08
CA ASP H 178 -52.93 29.39 20.16
C ASP H 178 -53.98 30.36 20.75
N LEU H 179 -54.27 30.25 22.05
CA LEU H 179 -55.24 31.13 22.76
C LEU H 179 -54.71 32.55 22.83
N ASP H 180 -53.50 32.72 23.36
CA ASP H 180 -52.83 34.04 23.58
C ASP H 180 -52.79 34.86 22.28
N ILE H 181 -53.07 34.27 21.11
CA ILE H 181 -53.06 35.01 19.81
C ILE H 181 -54.44 34.97 19.15
N GLY H 182 -55.50 34.58 19.84
CA GLY H 182 -56.88 34.72 19.33
C GLY H 182 -57.66 33.42 19.30
N LEU H 183 -57.05 32.31 18.87
CA LEU H 183 -57.79 31.04 18.66
C LEU H 183 -58.31 30.50 20.00
N LYS H 184 -59.63 30.48 20.16
CA LYS H 184 -60.32 29.88 21.33
C LYS H 184 -60.39 28.37 21.13
N PRO H 185 -60.41 27.59 22.24
CA PRO H 185 -60.66 26.14 22.19
C PRO H 185 -61.87 25.78 21.34
N HIS H 186 -61.94 24.53 20.87
CA HIS H 186 -63.07 24.05 20.06
C HIS H 186 -63.32 22.56 20.31
N SER H 187 -64.58 22.19 20.48
CA SER H 187 -65.05 20.78 20.56
C SER H 187 -65.73 20.39 19.25
N VAL H 188 -65.19 19.42 18.56
CA VAL H 188 -65.82 18.82 17.37
C VAL H 188 -67.05 18.04 17.87
N SER H 189 -68.14 18.02 17.10
CA SER H 189 -69.42 17.37 17.45
C SER H 189 -69.49 15.96 16.87
N PHE H 190 -68.72 15.66 15.84
CA PHE H 190 -68.82 14.41 15.04
C PHE H 190 -67.44 13.87 14.63
N ILE H 191 -67.21 12.58 14.80
CA ILE H 191 -65.94 11.91 14.35
C ILE H 191 -66.32 10.71 13.47
N GLY H 192 -65.88 10.75 12.21
CA GLY H 192 -66.03 9.63 11.26
C GLY H 192 -64.68 9.03 10.88
N LEU H 193 -64.54 7.72 11.02
CA LEU H 193 -63.35 6.97 10.55
C LEU H 193 -63.68 6.45 9.16
N TYR H 194 -62.89 6.82 8.15
CA TYR H 194 -62.95 6.21 6.79
C TYR H 194 -61.86 5.16 6.67
N TYR H 195 -61.83 4.43 5.55
CA TYR H 195 -60.88 3.30 5.35
C TYR H 195 -60.92 2.38 6.58
N THR H 196 -62.09 1.87 6.99
CA THR H 196 -62.25 0.98 8.18
C THR H 196 -62.80 -0.37 7.74
N SER H 197 -62.46 -1.42 8.49
CA SER H 197 -62.96 -2.79 8.26
C SER H 197 -64.15 -3.06 9.17
N ARG H 198 -64.45 -2.15 10.11
CA ARG H 198 -65.58 -2.27 11.07
C ARG H 198 -66.46 -1.03 10.95
N PRO H 199 -67.11 -0.81 9.78
CA PRO H 199 -67.98 0.34 9.59
C PRO H 199 -69.33 0.02 10.24
N ASN H 200 -70.04 1.05 10.70
CA ASN H 200 -71.38 0.92 11.30
C ASN H 200 -72.35 1.92 10.65
N TYR H 201 -71.92 2.64 9.62
CA TYR H 201 -72.73 3.66 8.93
C TYR H 201 -72.25 3.80 7.48
N PHE H 202 -73.18 3.75 6.54
CA PHE H 202 -72.89 3.65 5.09
C PHE H 202 -73.54 4.82 4.36
N VAL H 203 -73.10 5.02 3.12
CA VAL H 203 -73.54 6.11 2.21
C VAL H 203 -73.60 5.51 0.81
N ASP H 204 -74.79 5.49 0.18
CA ASP H 204 -74.95 5.01 -1.21
C ASP H 204 -74.16 5.99 -2.09
N ILE H 205 -73.28 5.47 -2.94
CA ILE H 205 -72.49 6.27 -3.91
C ILE H 205 -72.66 5.70 -5.32
N THR H 206 -73.66 4.84 -5.52
CA THR H 206 -73.92 4.15 -6.82
C THR H 206 -74.11 5.20 -7.93
N ASP H 207 -74.85 6.28 -7.63
CA ASP H 207 -75.13 7.43 -8.52
C ASP H 207 -73.84 8.21 -8.82
N VAL H 208 -72.91 8.28 -7.88
CA VAL H 208 -71.75 9.22 -7.87
C VAL H 208 -70.47 8.50 -8.31
N MET H 209 -70.51 7.17 -8.39
CA MET H 209 -69.30 6.30 -8.57
C MET H 209 -68.44 6.83 -9.72
N ASP H 210 -69.05 7.09 -10.90
CA ASP H 210 -68.29 7.44 -12.12
C ASP H 210 -67.56 8.76 -11.89
N LEU H 211 -68.16 9.72 -11.18
CA LEU H 211 -67.47 11.00 -10.84
C LEU H 211 -66.31 10.70 -9.89
N LYS H 212 -66.55 9.93 -8.83
CA LYS H 212 -65.51 9.50 -7.85
C LYS H 212 -64.31 8.98 -8.64
N LEU H 213 -64.52 7.95 -9.47
CA LEU H 213 -63.44 7.29 -10.25
C LEU H 213 -62.72 8.29 -11.16
N LYS H 214 -63.45 9.24 -11.75
CA LYS H 214 -62.84 10.28 -12.63
C LYS H 214 -61.98 11.23 -11.77
N ALA H 215 -62.43 11.52 -10.54
CA ALA H 215 -61.74 12.42 -9.59
C ALA H 215 -60.50 11.75 -9.00
N ILE H 216 -60.48 10.42 -8.99
CA ILE H 216 -59.28 9.63 -8.58
C ILE H 216 -58.25 9.73 -9.69
N ARG H 217 -58.66 9.48 -10.94
CA ARG H 217 -57.77 9.46 -12.12
C ARG H 217 -57.22 10.86 -12.37
N ALA H 218 -57.83 11.90 -11.77
CA ALA H 218 -57.29 13.28 -11.80
C ALA H 218 -55.85 13.26 -11.29
N HIS H 219 -55.56 12.32 -10.38
CA HIS H 219 -54.20 11.99 -9.86
C HIS H 219 -53.50 11.14 -10.91
N LYS H 220 -53.09 11.78 -12.01
CA LYS H 220 -52.51 11.10 -13.20
C LYS H 220 -51.24 10.36 -12.76
N SER H 221 -50.37 11.07 -12.02
CA SER H 221 -49.06 10.59 -11.53
C SER H 221 -49.23 9.24 -10.83
N GLN H 222 -50.31 9.07 -10.06
CA GLN H 222 -50.53 7.85 -9.24
C GLN H 222 -51.24 6.76 -10.07
N PHE H 223 -51.93 7.09 -11.16
CA PHE H 223 -52.80 6.14 -11.90
C PHE H 223 -52.64 6.28 -13.42
N PRO H 224 -51.49 5.89 -14.01
CA PRO H 224 -51.44 5.58 -15.44
C PRO H 224 -52.33 4.38 -15.74
N ASP H 225 -52.42 3.98 -17.01
CA ASP H 225 -53.38 2.93 -17.47
C ASP H 225 -52.89 1.56 -16.99
N ASP H 226 -51.57 1.32 -17.02
CA ASP H 226 -50.85 0.15 -16.42
C ASP H 226 -51.49 -0.17 -15.07
N ILE H 227 -51.35 0.80 -14.17
CA ILE H 227 -51.75 0.74 -12.72
C ILE H 227 -53.27 0.60 -12.67
N TRP H 228 -53.99 1.44 -13.42
CA TRP H 228 -55.47 1.58 -13.34
C TRP H 228 -56.17 0.26 -13.68
N GLU H 229 -55.51 -0.61 -14.44
CA GLU H 229 -56.03 -1.95 -14.81
C GLU H 229 -56.31 -2.75 -13.54
N THR H 230 -55.50 -2.54 -12.50
CA THR H 230 -55.60 -3.27 -11.20
C THR H 230 -56.43 -2.45 -10.20
N TRP H 231 -56.30 -1.13 -10.19
CA TRP H 231 -56.95 -0.27 -9.16
C TRP H 231 -58.47 -0.18 -9.41
N GLU H 232 -58.92 0.06 -10.65
CA GLU H 232 -60.38 0.19 -10.94
C GLU H 232 -61.11 -1.02 -10.37
N PRO H 233 -60.76 -2.27 -10.75
CA PRO H 233 -61.42 -3.45 -10.19
C PRO H 233 -61.39 -3.46 -8.65
N PHE H 234 -60.24 -3.14 -8.04
CA PHE H 234 -60.06 -3.08 -6.57
C PHE H 234 -61.11 -2.11 -5.98
N LEU H 235 -61.05 -0.83 -6.37
CA LEU H 235 -61.94 0.27 -5.87
C LEU H 235 -63.41 -0.16 -5.96
N ARG H 236 -63.80 -0.84 -7.03
CA ARG H 236 -65.19 -1.36 -7.21
C ARG H 236 -65.45 -2.45 -6.17
N THR H 237 -64.51 -3.36 -6.00
CA THR H 237 -64.61 -4.50 -5.05
C THR H 237 -64.78 -3.93 -3.64
N VAL H 238 -64.12 -2.81 -3.32
CA VAL H 238 -64.22 -2.15 -1.99
C VAL H 238 -65.66 -1.63 -1.83
N ALA H 239 -66.13 -0.82 -2.79
CA ALA H 239 -67.49 -0.24 -2.81
C ALA H 239 -68.54 -1.36 -2.66
N LEU H 240 -68.29 -2.56 -3.20
CA LEU H 240 -69.23 -3.70 -3.13
C LEU H 240 -69.25 -4.26 -1.71
N TYR H 241 -68.08 -4.42 -1.08
CA TYR H 241 -67.91 -4.89 0.32
C TYR H 241 -68.79 -4.04 1.24
N TYR H 242 -68.63 -2.72 1.15
CA TYR H 242 -69.43 -1.71 1.89
C TYR H 242 -70.90 -1.80 1.44
N GLY H 243 -71.15 -1.90 0.14
CA GLY H 243 -72.49 -2.03 -0.46
C GLY H 243 -73.27 -3.20 0.12
N GLN H 244 -72.67 -4.39 0.15
CA GLN H 244 -73.30 -5.65 0.67
C GLN H 244 -73.95 -5.36 2.03
N LYS H 245 -73.23 -4.67 2.91
CA LYS H 245 -73.65 -4.44 4.32
C LYS H 245 -74.72 -3.34 4.39
N ALA H 246 -74.84 -2.50 3.35
CA ALA H 246 -75.79 -1.36 3.28
C ALA H 246 -76.97 -1.69 2.37
N GLY H 247 -77.02 -2.92 1.84
CA GLY H 247 -78.00 -3.40 0.83
C GLY H 247 -78.16 -2.45 -0.35
N VAL H 248 -77.07 -1.86 -0.86
CA VAL H 248 -77.04 -1.17 -2.18
C VAL H 248 -75.92 -1.81 -3.01
N LYS H 249 -75.62 -1.25 -4.20
CA LYS H 249 -74.54 -1.76 -5.07
C LYS H 249 -73.19 -1.26 -4.53
N TYR H 250 -72.96 0.05 -4.65
CA TYR H 250 -71.70 0.76 -4.31
C TYR H 250 -71.96 1.72 -3.15
N ALA H 251 -71.29 1.49 -2.01
CA ALA H 251 -71.37 2.30 -0.77
C ALA H 251 -69.96 2.70 -0.27
N GLU H 252 -69.90 3.68 0.61
CA GLU H 252 -68.70 4.07 1.40
C GLU H 252 -69.04 3.86 2.89
N GLY H 253 -68.20 3.11 3.58
CA GLY H 253 -68.36 2.78 5.00
C GLY H 253 -67.61 3.76 5.88
N PHE H 254 -68.16 4.05 7.05
CA PHE H 254 -67.53 4.87 8.11
C PHE H 254 -67.79 4.17 9.46
N ARG H 255 -66.88 4.35 10.41
CA ARG H 255 -67.14 3.97 11.81
C ARG H 255 -67.39 5.25 12.59
N ILE H 256 -68.57 5.35 13.16
CA ILE H 256 -69.00 6.51 13.99
C ILE H 256 -69.32 5.96 15.38
N MET H 257 -68.71 6.55 16.40
CA MET H 257 -68.96 6.20 17.83
C MET H 257 -69.03 7.50 18.61
N PRO H 258 -69.64 7.49 19.83
CA PRO H 258 -69.59 8.65 20.72
C PRO H 258 -68.13 8.94 21.12
N GLY H 259 -67.77 10.20 21.29
CA GLY H 259 -66.42 10.62 21.75
C GLY H 259 -65.92 9.77 22.91
N LEU H 260 -66.82 9.41 23.83
CA LEU H 260 -66.47 8.74 25.11
C LEU H 260 -65.86 7.36 24.87
N PHE H 261 -66.30 6.68 23.81
CA PHE H 261 -65.96 5.27 23.48
C PHE H 261 -64.51 5.13 22.97
N TYR H 262 -63.84 6.24 22.68
CA TYR H 262 -62.43 6.28 22.23
C TYR H 262 -61.50 6.23 23.46
N HIS H 263 -62.01 5.84 24.62
CA HIS H 263 -61.27 5.80 25.91
C HIS H 263 -61.93 4.86 26.89
N ILE H 264 -61.15 3.85 27.31
CA ILE H 264 -61.46 2.92 28.44
C ILE H 264 -62.87 2.36 28.30
N THR H 265 -63.27 2.05 27.06
CA THR H 265 -64.61 1.48 26.77
C THR H 265 -64.44 0.06 26.26
N PRO H 266 -64.57 -0.94 27.17
CA PRO H 266 -64.36 -2.34 26.81
C PRO H 266 -65.45 -2.93 25.91
N PHE H 267 -66.57 -2.22 25.72
CA PHE H 267 -67.70 -2.66 24.85
C PHE H 267 -67.77 -1.78 23.60
N ALA H 268 -66.73 -0.98 23.35
CA ALA H 268 -66.63 -0.09 22.16
C ALA H 268 -66.88 -0.90 20.89
N GLU H 269 -66.35 -2.13 20.84
CA GLU H 269 -66.43 -3.00 19.64
C GLU H 269 -67.87 -3.35 19.30
N LEU H 270 -68.81 -3.24 20.24
CA LEU H 270 -70.23 -3.69 20.08
C LEU H 270 -71.10 -2.57 19.50
N ILE H 271 -70.86 -2.16 18.26
CA ILE H 271 -71.54 -0.99 17.61
C ILE H 271 -71.49 -1.20 16.09
N PHE I 3 55.52 14.19 22.93
CA PHE I 3 54.83 13.57 21.78
C PHE I 3 53.67 12.71 22.28
N THR I 4 53.69 12.32 23.57
CA THR I 4 52.73 11.35 24.18
C THR I 4 51.57 12.16 24.81
N MET I 5 50.47 12.30 24.06
CA MET I 5 49.13 12.82 24.42
C MET I 5 48.25 12.67 23.15
N PHE I 6 46.98 12.24 23.23
CA PHE I 6 46.01 12.38 22.10
C PHE I 6 44.53 12.40 22.56
N GLU I 7 43.65 12.69 21.60
CA GLU I 7 42.18 12.51 21.77
C GLU I 7 41.66 13.64 22.66
N GLU I 8 42.46 14.40 23.41
CA GLU I 8 42.13 15.70 24.05
C GLU I 8 41.77 16.78 23.01
N ILE I 9 42.08 16.56 21.74
CA ILE I 9 41.91 17.55 20.65
C ILE I 9 40.42 17.71 20.28
N ASN I 10 40.00 18.97 20.10
CA ASN I 10 38.61 19.40 19.78
C ASN I 10 38.60 20.19 18.46
N ASP I 11 39.74 20.66 17.94
CA ASP I 11 39.91 21.23 16.59
C ASP I 11 40.35 20.12 15.63
N PHE I 12 39.77 20.09 14.43
CA PHE I 12 40.22 19.17 13.35
C PHE I 12 41.62 19.62 12.88
N GLU I 13 41.79 20.89 12.57
CA GLU I 13 43.04 21.49 12.02
C GLU I 13 44.25 21.04 12.87
N THR I 14 44.09 21.00 14.21
CA THR I 14 45.14 20.60 15.16
C THR I 14 45.47 19.12 14.93
N ALA I 15 44.45 18.25 15.01
CA ALA I 15 44.56 16.78 14.91
C ALA I 15 45.17 16.39 13.57
N PHE I 16 44.78 17.11 12.51
CA PHE I 16 45.26 16.93 11.13
C PHE I 16 46.77 17.15 11.11
N LYS I 17 47.21 18.33 11.56
CA LYS I 17 48.65 18.72 11.56
C LYS I 17 49.44 17.73 12.41
N ARG I 18 48.87 17.30 13.55
CA ARG I 18 49.54 16.35 14.46
C ARG I 18 49.60 14.96 13.80
N LEU I 19 48.55 14.56 13.09
CA LEU I 19 48.49 13.24 12.41
C LEU I 19 49.62 13.15 11.37
N LEU I 20 49.76 14.17 10.50
CA LEU I 20 50.75 14.14 9.40
C LEU I 20 52.18 14.27 9.93
N ASN I 21 52.41 15.23 10.83
CA ASN I 21 53.79 15.58 11.31
C ASN I 21 54.28 14.54 12.32
N GLU I 22 53.51 14.22 13.34
CA GLU I 22 54.00 13.43 14.50
C GLU I 22 53.70 11.94 14.29
N VAL I 23 52.47 11.58 13.91
CA VAL I 23 52.00 10.16 13.89
C VAL I 23 52.53 9.45 12.65
N LEU I 24 52.38 10.07 11.48
CA LEU I 24 52.84 9.57 10.16
C LEU I 24 54.06 10.49 9.97
N GLU I 25 55.20 10.03 9.62
CA GLU I 25 56.31 11.02 9.69
C GLU I 25 56.29 11.73 8.37
N PHE I 26 55.21 12.37 7.91
CA PHE I 26 55.05 12.72 6.46
C PHE I 26 55.97 13.89 6.11
N ASP I 27 56.96 13.64 5.24
CA ASP I 27 58.03 14.62 4.90
C ASP I 27 57.85 15.08 3.45
N LEU I 28 57.06 16.13 3.24
CA LEU I 28 56.81 16.72 1.90
C LEU I 28 58.04 17.52 1.46
N GLN I 29 58.89 17.95 2.41
CA GLN I 29 60.09 18.80 2.19
C GLN I 29 61.14 17.98 1.41
N ASN I 30 61.72 16.92 2.00
CA ASN I 30 62.64 16.01 1.28
C ASN I 30 62.08 14.59 1.34
N PRO I 31 61.17 14.24 0.41
CA PRO I 31 60.45 12.97 0.44
C PRO I 31 61.25 11.80 -0.14
N LEU I 32 62.36 12.06 -0.82
CA LEU I 32 63.18 11.02 -1.48
C LEU I 32 64.36 10.65 -0.58
N LYS I 33 64.31 11.07 0.70
CA LYS I 33 65.47 11.00 1.61
C LYS I 33 66.30 9.72 1.32
N ASP I 34 65.78 8.52 1.58
CA ASP I 34 66.62 7.29 1.69
C ASP I 34 66.43 6.37 0.48
N VAL I 35 66.05 6.92 -0.68
CA VAL I 35 65.71 6.13 -1.89
C VAL I 35 66.96 5.88 -2.73
N LYS I 36 67.38 4.63 -2.86
CA LYS I 36 68.56 4.23 -3.68
C LYS I 36 68.09 3.62 -5.03
N LYS I 37 66.86 3.12 -5.09
CA LYS I 37 66.28 2.47 -6.30
C LYS I 37 64.78 2.78 -6.44
N VAL I 38 64.36 3.24 -7.63
CA VAL I 38 62.93 3.50 -7.96
C VAL I 38 62.54 2.76 -9.24
N LEU I 39 61.26 2.38 -9.35
CA LEU I 39 60.58 1.99 -10.61
C LEU I 39 59.80 3.20 -11.15
N CYS I 40 59.93 3.47 -12.43
CA CYS I 40 58.97 4.31 -13.20
C CYS I 40 58.11 3.38 -14.05
N ILE I 41 56.80 3.40 -13.80
CA ILE I 41 55.83 2.54 -14.52
C ILE I 41 55.15 3.40 -15.60
N GLU I 42 55.34 3.03 -16.87
CA GLU I 42 54.80 3.77 -18.03
C GLU I 42 53.82 2.86 -18.78
N PRO I 43 52.63 3.39 -19.13
CA PRO I 43 51.67 2.68 -20.00
C PRO I 43 52.25 2.32 -21.38
N HIS I 44 52.83 3.31 -22.05
CA HIS I 44 53.41 3.18 -23.41
C HIS I 44 54.88 3.57 -23.41
N PRO I 45 55.66 3.09 -24.40
CA PRO I 45 57.03 3.57 -24.60
C PRO I 45 57.00 5.08 -24.90
N ASP I 46 57.51 5.90 -23.97
CA ASP I 46 57.67 7.37 -24.09
C ASP I 46 56.98 8.07 -22.92
N ASP I 47 56.20 7.34 -22.12
CA ASP I 47 55.33 7.98 -21.09
C ASP I 47 56.22 8.43 -19.93
N CYS I 48 57.28 7.69 -19.61
CA CYS I 48 58.22 8.04 -18.52
C CYS I 48 58.99 9.31 -18.90
N VAL I 49 59.60 9.30 -20.08
CA VAL I 49 60.42 10.46 -20.55
C VAL I 49 59.51 11.70 -20.68
N ILE I 50 58.31 11.60 -21.25
CA ILE I 50 57.39 12.77 -21.42
C ILE I 50 56.94 13.26 -20.04
N GLY I 51 56.63 12.33 -19.14
CA GLY I 51 56.01 12.63 -17.85
C GLY I 51 57.01 13.23 -16.88
N MET I 52 58.15 12.58 -16.71
CA MET I 52 59.12 12.91 -15.64
C MET I 52 60.57 12.67 -16.13
N GLY I 53 60.83 12.87 -17.42
CA GLY I 53 62.15 12.67 -18.03
C GLY I 53 63.22 13.50 -17.35
N GLY I 54 62.92 14.76 -17.03
CA GLY I 54 63.84 15.67 -16.34
C GLY I 54 64.24 15.09 -15.00
N THR I 55 63.24 14.82 -14.16
CA THR I 55 63.43 14.24 -12.81
C THR I 55 64.24 12.95 -12.89
N ILE I 56 64.06 12.13 -13.92
CA ILE I 56 64.78 10.83 -14.05
C ILE I 56 66.27 11.12 -14.23
N LYS I 57 66.60 12.11 -15.07
CA LYS I 57 68.00 12.57 -15.29
C LYS I 57 68.59 12.97 -13.92
N ARG I 58 67.93 13.87 -13.21
CA ARG I 58 68.39 14.38 -11.89
C ARG I 58 68.62 13.23 -10.89
N LEU I 59 67.76 12.22 -10.87
CA LEU I 59 67.87 11.06 -9.95
C LEU I 59 69.03 10.15 -10.36
N THR I 60 69.20 9.94 -11.65
CA THR I 60 70.31 9.17 -12.26
C THR I 60 71.65 9.80 -11.83
N ASP I 61 71.75 11.13 -11.91
CA ASP I 61 72.96 11.95 -11.61
C ASP I 61 73.27 11.88 -10.11
N ARG I 62 72.28 12.15 -9.24
CA ARG I 62 72.39 11.99 -7.77
C ARG I 62 72.69 10.52 -7.40
N GLY I 63 72.93 9.65 -8.38
CA GLY I 63 73.43 8.27 -8.18
C GLY I 63 72.34 7.25 -7.87
N ILE I 64 71.07 7.55 -8.13
CA ILE I 64 69.91 6.65 -7.82
C ILE I 64 69.59 5.80 -9.05
N GLU I 65 69.50 4.47 -8.86
CA GLU I 65 69.09 3.46 -9.89
C GLU I 65 67.62 3.69 -10.26
N VAL I 66 67.33 3.80 -11.55
CA VAL I 66 65.96 4.03 -12.09
C VAL I 66 65.67 2.90 -13.08
N ILE I 67 64.62 2.11 -12.81
CA ILE I 67 64.17 1.00 -13.69
C ILE I 67 62.81 1.36 -14.30
N TYR I 68 62.66 1.20 -15.62
CA TYR I 68 61.36 1.33 -16.32
C TYR I 68 60.60 0.00 -16.28
N ILE I 69 59.29 0.09 -16.02
CA ILE I 69 58.32 -0.99 -16.42
C ILE I 69 57.38 -0.40 -17.47
N CYS I 70 57.38 -1.00 -18.66
CA CYS I 70 56.52 -0.60 -19.80
C CYS I 70 55.40 -1.64 -19.95
N MET I 71 54.17 -1.19 -19.73
CA MET I 71 52.95 -2.03 -19.67
C MET I 71 52.65 -2.56 -21.07
N THR I 72 52.66 -1.69 -22.08
CA THR I 72 52.27 -2.04 -23.48
C THR I 72 53.47 -2.00 -24.43
N ASP I 73 53.21 -2.35 -25.69
CA ASP I 73 54.20 -2.62 -26.76
C ASP I 73 54.17 -1.46 -27.78
N GLY I 74 53.24 -0.50 -27.61
CA GLY I 74 53.08 0.66 -28.51
C GLY I 74 52.55 0.32 -29.90
N TYR I 75 52.02 -0.90 -30.09
CA TYR I 75 51.60 -1.53 -31.37
C TYR I 75 50.69 -0.60 -32.21
N MET I 76 49.91 0.28 -31.59
CA MET I 76 48.84 1.01 -32.31
C MET I 76 49.27 2.40 -32.77
N GLY I 77 50.37 2.95 -32.23
CA GLY I 77 50.67 4.39 -32.24
C GLY I 77 51.31 4.91 -33.53
N THR I 78 50.63 4.78 -34.67
CA THR I 78 51.01 5.36 -35.98
C THR I 78 49.75 5.48 -36.85
N THR I 79 49.67 6.58 -37.62
CA THR I 79 48.68 6.82 -38.70
C THR I 79 49.20 6.26 -40.03
N ASP I 80 50.47 5.86 -40.11
CA ASP I 80 51.11 5.39 -41.37
C ASP I 80 50.57 4.00 -41.72
N GLU I 81 49.79 3.89 -42.79
CA GLU I 81 49.15 2.60 -43.22
C GLU I 81 50.18 1.56 -43.68
N ASN I 82 51.47 1.86 -43.69
CA ASN I 82 52.54 0.94 -44.19
C ASN I 82 53.22 0.20 -43.04
N ILE I 83 53.13 0.73 -41.82
CA ILE I 83 53.82 0.17 -40.61
C ILE I 83 52.84 -0.77 -39.89
N THR I 84 53.06 -2.09 -39.95
CA THR I 84 52.29 -3.07 -39.14
C THR I 84 52.60 -2.79 -37.66
N GLY I 85 51.67 -3.09 -36.77
CA GLY I 85 51.87 -2.94 -35.32
C GLY I 85 53.11 -3.69 -34.85
N HIS I 86 53.37 -4.85 -35.45
CA HIS I 86 54.55 -5.70 -35.13
C HIS I 86 55.86 -4.95 -35.41
N GLU I 87 55.93 -4.22 -36.53
CA GLU I 87 57.10 -3.38 -36.88
C GLU I 87 57.21 -2.31 -35.80
N LEU I 88 56.12 -1.58 -35.58
CA LEU I 88 56.13 -0.38 -34.71
C LEU I 88 56.61 -0.77 -33.32
N ALA I 89 56.25 -1.96 -32.82
CA ALA I 89 56.68 -2.47 -31.50
C ALA I 89 58.22 -2.53 -31.48
N GLN I 90 58.78 -3.30 -32.41
CA GLN I 90 60.23 -3.49 -32.64
C GLN I 90 60.93 -2.12 -32.61
N ILE I 91 60.39 -1.17 -33.37
CA ILE I 91 60.93 0.22 -33.50
C ILE I 91 60.94 0.89 -32.14
N ARG I 92 59.77 0.99 -31.50
CA ARG I 92 59.58 1.80 -30.27
C ARG I 92 60.37 1.16 -29.13
N ARG I 93 60.67 -0.14 -29.20
CA ARG I 93 61.59 -0.80 -28.24
C ARG I 93 62.95 -0.10 -28.35
N LYS I 94 63.51 -0.03 -29.57
CA LYS I 94 64.80 0.65 -29.84
C LYS I 94 64.70 2.12 -29.45
N GLU I 95 63.62 2.81 -29.82
CA GLU I 95 63.47 4.25 -29.45
C GLU I 95 63.53 4.42 -27.92
N GLU I 96 62.96 3.51 -27.13
CA GLU I 96 62.92 3.67 -25.65
C GLU I 96 64.34 3.36 -25.12
N GLU I 97 65.00 2.33 -25.64
CA GLU I 97 66.41 1.99 -25.30
C GLU I 97 67.32 3.23 -25.49
N GLU I 98 67.13 4.03 -26.54
CA GLU I 98 67.97 5.22 -26.84
C GLU I 98 67.63 6.35 -25.87
N SER I 99 66.34 6.68 -25.75
CA SER I 99 65.79 7.63 -24.75
C SER I 99 66.28 7.27 -23.34
N ALA I 100 66.25 5.98 -23.00
CA ALA I 100 66.65 5.44 -21.68
C ALA I 100 68.10 5.83 -21.40
N LYS I 101 69.01 5.48 -22.32
CA LYS I 101 70.47 5.76 -22.20
C LYS I 101 70.70 7.27 -21.98
N MET I 102 70.07 8.14 -22.76
CA MET I 102 70.22 9.61 -22.64
C MET I 102 69.88 10.10 -21.22
N LEU I 103 69.12 9.33 -20.44
CA LEU I 103 68.62 9.75 -19.09
C LEU I 103 69.32 8.95 -17.98
N GLY I 104 70.05 7.89 -18.35
CA GLY I 104 70.87 7.10 -17.41
C GLY I 104 70.17 5.85 -16.93
N VAL I 105 69.20 5.35 -17.70
CA VAL I 105 68.39 4.17 -17.30
C VAL I 105 68.95 2.95 -18.05
N LYS I 106 69.23 1.89 -17.31
CA LYS I 106 70.01 0.72 -17.80
C LYS I 106 69.07 -0.46 -18.04
N LYS I 107 68.13 -0.71 -17.11
CA LYS I 107 67.20 -1.87 -17.10
C LYS I 107 65.78 -1.41 -17.47
N ILE I 108 65.09 -2.15 -18.35
CA ILE I 108 63.65 -1.94 -18.74
C ILE I 108 62.95 -3.30 -18.81
N TYR I 109 61.87 -3.46 -18.03
CA TYR I 109 60.96 -4.62 -18.14
C TYR I 109 59.84 -4.31 -19.14
N TRP I 110 59.57 -5.23 -20.07
CA TRP I 110 58.49 -5.11 -21.07
C TRP I 110 57.41 -6.16 -20.80
N LEU I 111 56.24 -5.75 -20.34
CA LEU I 111 55.12 -6.70 -20.10
C LEU I 111 54.56 -7.19 -21.44
N ASN I 112 54.53 -6.33 -22.47
CA ASN I 112 54.12 -6.73 -23.84
C ASN I 112 52.61 -6.98 -23.94
N TYR I 113 51.83 -6.49 -23.01
CA TYR I 113 50.38 -6.29 -23.23
C TYR I 113 50.31 -5.37 -24.46
N ARG I 114 49.34 -5.60 -25.34
CA ARG I 114 49.17 -4.82 -26.60
C ARG I 114 48.56 -3.45 -26.27
N ASP I 115 49.17 -2.40 -26.83
CA ASP I 115 48.62 -1.01 -26.85
C ASP I 115 47.11 -1.10 -27.09
N THR I 116 46.31 -0.40 -26.26
CA THR I 116 44.83 -0.26 -26.31
C THR I 116 44.12 -1.47 -25.68
N GLU I 117 44.87 -2.49 -25.28
CA GLU I 117 44.30 -3.80 -24.89
C GLU I 117 44.94 -4.24 -23.56
N LEU I 118 45.18 -3.27 -22.68
CA LEU I 118 45.78 -3.54 -21.36
C LEU I 118 44.67 -3.87 -20.39
N PRO I 119 44.55 -5.14 -19.95
CA PRO I 119 43.52 -5.54 -19.00
C PRO I 119 43.72 -4.84 -17.65
N TYR I 120 42.64 -4.42 -16.99
CA TYR I 120 42.64 -4.15 -15.53
C TYR I 120 42.29 -5.47 -14.83
N SER I 121 43.14 -6.49 -15.01
CA SER I 121 42.93 -7.88 -14.50
C SER I 121 43.85 -8.14 -13.29
N ARG I 122 43.51 -9.19 -12.55
CA ARG I 122 44.33 -9.77 -11.46
C ARG I 122 45.69 -10.17 -12.04
N GLU I 123 45.67 -10.87 -13.17
CA GLU I 123 46.88 -11.35 -13.89
C GLU I 123 47.91 -10.22 -14.02
N VAL I 124 47.50 -9.01 -14.39
CA VAL I 124 48.48 -7.90 -14.65
C VAL I 124 49.05 -7.44 -13.30
N ARG I 125 48.22 -7.39 -12.25
CA ARG I 125 48.72 -7.10 -10.88
C ARG I 125 49.82 -8.10 -10.50
N LYS I 126 49.59 -9.38 -10.75
CA LYS I 126 50.51 -10.49 -10.41
C LYS I 126 51.86 -10.24 -11.11
N ASP I 127 51.83 -9.84 -12.39
CA ASP I 127 53.03 -9.54 -13.22
C ASP I 127 53.83 -8.39 -12.56
N LEU I 128 53.18 -7.29 -12.22
CA LEU I 128 53.83 -6.09 -11.59
C LEU I 128 54.44 -6.45 -10.23
N VAL I 129 53.73 -7.24 -9.43
CA VAL I 129 54.16 -7.61 -8.05
C VAL I 129 55.44 -8.42 -8.18
N LYS I 130 55.42 -9.45 -9.03
CA LYS I 130 56.60 -10.29 -9.38
C LYS I 130 57.83 -9.40 -9.52
N ILE I 131 57.74 -8.32 -10.30
CA ILE I 131 58.90 -7.42 -10.55
C ILE I 131 59.23 -6.68 -9.25
N ILE I 132 58.27 -5.97 -8.68
CA ILE I 132 58.45 -5.24 -7.39
C ILE I 132 59.12 -6.15 -6.35
N ARG I 133 58.69 -7.40 -6.23
CA ARG I 133 59.20 -8.33 -5.20
C ARG I 133 60.65 -8.71 -5.50
N LYS I 134 61.01 -8.81 -6.77
CA LYS I 134 62.40 -9.11 -7.22
C LYS I 134 63.30 -7.89 -6.98
N GLU I 135 62.99 -6.75 -7.59
CA GLU I 135 63.85 -5.53 -7.61
C GLU I 135 63.81 -4.80 -6.26
N LYS I 136 62.96 -5.21 -5.33
CA LYS I 136 62.82 -4.58 -3.98
C LYS I 136 63.04 -3.08 -4.04
N PRO I 137 62.36 -2.30 -4.90
CA PRO I 137 62.60 -0.85 -4.96
C PRO I 137 62.06 -0.07 -3.75
N ASP I 138 62.69 1.07 -3.46
CA ASP I 138 62.35 1.94 -2.31
C ASP I 138 61.19 2.84 -2.72
N GLY I 139 61.08 3.14 -4.01
CA GLY I 139 60.13 4.12 -4.57
C GLY I 139 59.48 3.59 -5.84
N VAL I 140 58.26 4.06 -6.12
CA VAL I 140 57.55 3.77 -7.40
C VAL I 140 56.89 5.06 -7.89
N PHE I 141 57.16 5.43 -9.13
CA PHE I 141 56.43 6.50 -9.85
C PHE I 141 55.46 5.84 -10.84
N LEU I 142 54.24 6.39 -10.90
CA LEU I 142 53.13 5.87 -11.74
C LEU I 142 52.20 7.03 -12.08
N PRO I 143 51.47 6.94 -13.21
CA PRO I 143 50.60 8.04 -13.63
C PRO I 143 49.32 8.10 -12.77
N ASP I 144 48.92 9.32 -12.42
CA ASP I 144 47.73 9.60 -11.57
C ASP I 144 46.53 9.12 -12.35
N PRO I 145 45.84 8.04 -11.89
CA PRO I 145 44.67 7.53 -12.60
C PRO I 145 43.45 8.45 -12.45
N TRP I 146 43.49 9.42 -11.52
CA TRP I 146 42.41 10.42 -11.30
C TRP I 146 42.66 11.69 -12.13
N LEU I 147 43.62 11.69 -13.06
CA LEU I 147 43.88 12.88 -13.89
C LEU I 147 42.61 13.19 -14.67
N PRO I 148 42.02 14.39 -14.52
CA PRO I 148 40.79 14.72 -15.24
C PRO I 148 40.91 14.67 -16.76
N TYR I 149 39.86 14.09 -17.36
CA TYR I 149 39.58 13.98 -18.80
C TYR I 149 40.60 13.04 -19.47
N GLU I 150 41.30 12.20 -18.70
CA GLU I 150 42.20 11.17 -19.28
C GLU I 150 41.32 10.09 -19.90
N ALA I 151 41.33 10.02 -21.24
CA ALA I 151 40.40 9.19 -22.04
C ALA I 151 41.12 7.95 -22.57
N HIS I 152 42.39 7.77 -22.22
CA HIS I 152 43.20 6.61 -22.69
C HIS I 152 43.14 5.49 -21.65
N PRO I 153 42.48 4.36 -21.95
CA PRO I 153 42.27 3.28 -20.99
C PRO I 153 43.59 2.71 -20.41
N ASP I 154 44.62 2.61 -21.23
CA ASP I 154 45.94 2.09 -20.82
C ASP I 154 46.50 2.97 -19.69
N HIS I 155 46.24 4.27 -19.69
CA HIS I 155 46.72 5.21 -18.63
C HIS I 155 45.93 4.96 -17.34
N ARG I 156 44.60 5.00 -17.42
CA ARG I 156 43.71 4.76 -16.25
C ARG I 156 44.13 3.41 -15.63
N ALA I 157 44.20 2.36 -16.44
CA ALA I 157 44.54 0.99 -15.98
C ALA I 157 45.90 1.00 -15.26
N THR I 158 46.92 1.56 -15.91
CA THR I 158 48.32 1.51 -15.40
C THR I 158 48.32 2.13 -14.01
N GLY I 159 47.72 3.32 -13.88
CA GLY I 159 47.63 4.01 -12.58
C GLY I 159 47.06 3.11 -11.50
N PHE I 160 45.88 2.55 -11.73
CA PHE I 160 45.19 1.71 -10.73
C PHE I 160 46.04 0.47 -10.45
N LEU I 161 46.43 -0.27 -11.49
CA LEU I 161 47.22 -1.53 -11.36
C LEU I 161 48.49 -1.28 -10.54
N ALA I 162 49.19 -0.15 -10.77
CA ALA I 162 50.46 0.19 -10.09
C ALA I 162 50.19 0.28 -8.57
N LEU I 163 49.21 1.10 -8.18
CA LEU I 163 48.80 1.28 -6.76
C LEU I 163 48.44 -0.08 -6.16
N ASP I 164 47.65 -0.89 -6.86
CA ASP I 164 47.23 -2.22 -6.36
C ASP I 164 48.50 -3.06 -6.13
N ALA I 165 49.45 -3.04 -7.07
CA ALA I 165 50.67 -3.87 -7.01
C ALA I 165 51.50 -3.45 -5.79
N VAL I 166 51.67 -2.15 -5.61
CA VAL I 166 52.39 -1.57 -4.43
C VAL I 166 51.73 -2.08 -3.14
N ALA I 167 50.41 -1.96 -3.05
CA ALA I 167 49.60 -2.30 -1.86
C ALA I 167 49.67 -3.80 -1.55
N PHE I 168 49.75 -4.65 -2.57
CA PHE I 168 49.58 -6.12 -2.40
C PHE I 168 50.94 -6.83 -2.40
N SER I 169 52.02 -6.17 -2.83
CA SER I 169 53.39 -6.76 -2.88
C SER I 169 53.77 -7.31 -1.51
N PRO I 170 53.43 -6.62 -0.38
CA PRO I 170 53.77 -7.11 0.95
C PRO I 170 52.87 -8.19 1.56
N LEU I 171 51.82 -8.62 0.86
CA LEU I 171 50.88 -9.63 1.40
C LEU I 171 51.32 -11.00 0.91
N PRO I 172 51.81 -11.88 1.79
CA PRO I 172 52.33 -13.18 1.37
C PRO I 172 51.28 -14.11 0.74
N ASN I 173 50.00 -13.89 1.02
CA ASN I 173 48.88 -14.70 0.48
C ASN I 173 48.52 -14.29 -0.97
N PHE I 174 49.04 -13.16 -1.45
CA PHE I 174 48.83 -12.63 -2.81
C PHE I 174 49.89 -13.21 -3.76
N SER I 175 49.45 -13.95 -4.76
CA SER I 175 50.35 -14.60 -5.76
C SER I 175 51.35 -15.44 -4.97
N ASN I 176 50.87 -16.44 -4.23
CA ASN I 176 51.71 -17.11 -3.20
C ASN I 176 52.86 -17.87 -3.87
N ILE I 177 52.71 -18.28 -5.13
CA ILE I 177 53.75 -19.04 -5.89
C ILE I 177 55.03 -18.19 -5.97
N ASP I 178 54.93 -16.86 -6.08
CA ASP I 178 56.08 -15.93 -6.04
C ASP I 178 56.98 -16.29 -4.84
N LEU I 179 56.38 -16.51 -3.67
CA LEU I 179 57.13 -16.88 -2.43
C LEU I 179 57.72 -18.28 -2.57
N ASP I 180 56.89 -19.27 -2.91
CA ASP I 180 57.27 -20.70 -3.03
C ASP I 180 58.47 -20.87 -3.98
N ILE I 181 58.86 -19.86 -4.77
CA ILE I 181 60.01 -19.96 -5.72
C ILE I 181 61.09 -18.92 -5.36
N GLY I 182 61.04 -18.28 -4.20
CA GLY I 182 62.15 -17.43 -3.72
C GLY I 182 61.74 -16.01 -3.39
N LEU I 183 60.92 -15.37 -4.21
CA LEU I 183 60.59 -13.93 -4.03
C LEU I 183 59.84 -13.72 -2.71
N LYS I 184 60.48 -13.02 -1.77
CA LYS I 184 59.86 -12.61 -0.49
C LYS I 184 59.00 -11.38 -0.74
N PRO I 185 57.95 -11.15 0.08
CA PRO I 185 57.17 -9.92 0.07
C PRO I 185 58.04 -8.67 0.11
N HIS I 186 57.50 -7.53 -0.28
CA HIS I 186 58.21 -6.23 -0.26
C HIS I 186 57.24 -5.09 -0.02
N SER I 187 57.61 -4.14 0.82
CA SER I 187 56.88 -2.86 1.03
C SER I 187 57.66 -1.73 0.36
N VAL I 188 57.06 -1.07 -0.60
CA VAL I 188 57.64 0.17 -1.19
C VAL I 188 57.54 1.25 -0.11
N SER I 189 58.52 2.15 -0.02
CA SER I 189 58.62 3.21 1.01
C SER I 189 58.04 4.52 0.48
N PHE I 190 57.96 4.68 -0.84
CA PHE I 190 57.62 5.97 -1.48
C PHE I 190 56.73 5.77 -2.71
N ILE I 191 55.66 6.57 -2.85
CA ILE I 191 54.75 6.51 -4.02
C ILE I 191 54.61 7.92 -4.60
N GLY I 192 55.03 8.11 -5.85
CA GLY I 192 54.89 9.38 -6.59
C GLY I 192 53.97 9.23 -7.79
N LEU I 193 52.96 10.08 -7.89
CA LEU I 193 52.05 10.14 -9.05
C LEU I 193 52.60 11.21 -9.99
N TYR I 194 52.92 10.86 -11.23
CA TYR I 194 53.25 11.84 -12.30
C TYR I 194 52.02 12.05 -13.19
N TYR I 195 52.09 12.99 -14.13
CA TYR I 195 50.92 13.35 -14.98
C TYR I 195 49.70 13.62 -14.07
N THR I 196 49.80 14.51 -13.08
CA THR I 196 48.68 14.84 -12.13
C THR I 196 48.33 16.32 -12.23
N SER I 197 47.07 16.63 -11.95
CA SER I 197 46.56 18.02 -11.94
C SER I 197 46.56 18.56 -10.51
N ARG I 198 46.86 17.73 -9.52
CA ARG I 198 46.92 18.07 -8.08
C ARG I 198 48.30 17.71 -7.52
N PRO I 199 49.38 18.34 -8.02
CA PRO I 199 50.73 18.04 -7.53
C PRO I 199 50.93 18.80 -6.21
N ASN I 200 51.77 18.25 -5.33
CA ASN I 200 52.12 18.89 -4.03
C ASN I 200 53.64 18.92 -3.85
N TYR I 201 54.40 18.50 -4.86
CA TYR I 201 55.88 18.43 -4.78
C TYR I 201 56.45 18.57 -6.20
N PHE I 202 57.41 19.48 -6.36
CA PHE I 202 57.92 19.91 -7.68
C PHE I 202 59.43 19.64 -7.76
N VAL I 203 59.94 19.70 -8.99
CA VAL I 203 61.37 19.46 -9.32
C VAL I 203 61.72 20.44 -10.42
N ASP I 204 62.68 21.36 -10.18
CA ASP I 204 63.18 22.29 -11.21
C ASP I 204 63.83 21.43 -12.29
N ILE I 205 63.45 21.64 -13.55
CA ILE I 205 64.05 20.92 -14.71
C ILE I 205 64.47 21.94 -15.76
N THR I 206 64.57 23.23 -15.39
CA THR I 206 64.92 24.34 -16.31
C THR I 206 66.29 24.07 -16.95
N ASP I 207 67.24 23.57 -16.15
CA ASP I 207 68.62 23.18 -16.54
C ASP I 207 68.59 21.99 -17.51
N VAL I 208 67.64 21.08 -17.35
CA VAL I 208 67.63 19.72 -17.98
C VAL I 208 66.70 19.71 -19.19
N MET I 209 65.86 20.74 -19.36
CA MET I 209 64.76 20.79 -20.35
C MET I 209 65.24 20.33 -21.74
N ASP I 210 66.36 20.88 -22.22
CA ASP I 210 66.84 20.62 -23.59
C ASP I 210 67.17 19.13 -23.75
N LEU I 211 67.75 18.50 -22.73
CA LEU I 211 68.03 17.03 -22.77
C LEU I 211 66.70 16.27 -22.79
N LYS I 212 65.77 16.62 -21.88
CA LYS I 212 64.42 16.01 -21.82
C LYS I 212 63.83 16.01 -23.24
N LEU I 213 63.70 17.19 -23.85
CA LEU I 213 63.09 17.37 -25.20
C LEU I 213 63.83 16.53 -26.24
N LYS I 214 65.16 16.42 -26.16
CA LYS I 214 65.96 15.62 -27.12
C LYS I 214 65.65 14.13 -26.90
N ALA I 215 65.45 13.73 -25.64
CA ALA I 215 65.16 12.33 -25.23
C ALA I 215 63.74 11.92 -25.62
N ILE I 216 62.85 12.91 -25.75
CA ILE I 216 61.46 12.69 -26.24
C ILE I 216 61.53 12.43 -27.75
N ARG I 217 62.24 13.29 -28.49
CA ARG I 217 62.35 13.22 -29.97
C ARG I 217 63.10 11.94 -30.37
N ALA I 218 63.80 11.30 -29.42
CA ALA I 218 64.42 9.98 -29.65
C ALA I 218 63.35 9.00 -30.16
N HIS I 219 62.11 9.21 -29.71
CA HIS I 219 60.89 8.52 -30.19
C HIS I 219 60.49 9.14 -31.53
N LYS I 220 61.25 8.81 -32.59
CA LYS I 220 61.10 9.41 -33.93
C LYS I 220 59.69 9.08 -34.45
N SER I 221 59.29 7.81 -34.35
CA SER I 221 58.00 7.26 -34.82
C SER I 221 56.85 8.11 -34.29
N GLN I 222 56.93 8.58 -33.05
CA GLN I 222 55.84 9.32 -32.38
C GLN I 222 55.91 10.82 -32.69
N PHE I 223 57.08 11.35 -33.10
CA PHE I 223 57.30 12.81 -33.23
C PHE I 223 58.09 13.14 -34.50
N PRO I 224 57.50 12.98 -35.71
CA PRO I 224 57.98 13.68 -36.90
C PRO I 224 57.85 15.19 -36.69
N ASP I 225 58.28 16.00 -37.68
CA ASP I 225 58.33 17.48 -37.54
C ASP I 225 56.92 18.05 -37.58
N ASP I 226 56.05 17.50 -38.44
CA ASP I 226 54.59 17.79 -38.50
C ASP I 226 54.04 17.88 -37.07
N ILE I 227 54.13 16.75 -36.38
CA ILE I 227 53.59 16.51 -35.00
C ILE I 227 54.31 17.45 -34.02
N TRP I 228 55.64 17.49 -34.09
CA TRP I 228 56.51 18.18 -33.10
C TRP I 228 56.20 19.68 -33.05
N GLU I 229 55.65 20.23 -34.14
CA GLU I 229 55.23 21.66 -34.23
C GLU I 229 54.22 21.96 -33.12
N THR I 230 53.38 20.97 -32.78
CA THR I 230 52.30 21.11 -31.77
C THR I 230 52.78 20.61 -30.40
N TRP I 231 53.58 19.56 -30.35
CA TRP I 231 53.98 18.92 -29.06
C TRP I 231 55.01 19.79 -28.33
N GLU I 232 56.04 20.31 -28.99
CA GLU I 232 57.08 21.13 -28.30
C GLU I 232 56.39 22.25 -27.51
N PRO I 233 55.56 23.12 -28.14
CA PRO I 233 54.86 24.16 -27.40
C PRO I 233 54.03 23.61 -26.23
N PHE I 234 53.31 22.51 -26.44
CA PHE I 234 52.50 21.82 -25.39
C PHE I 234 53.41 21.50 -24.19
N LEU I 235 54.42 20.65 -24.41
CA LEU I 235 55.37 20.16 -23.36
C LEU I 235 55.94 21.34 -22.55
N ARG I 236 56.24 22.45 -23.21
CA ARG I 236 56.74 23.68 -22.54
C ARG I 236 55.63 24.28 -21.68
N THR I 237 54.42 24.36 -22.23
CA THR I 237 53.24 24.91 -21.53
C THR I 237 52.97 24.09 -20.27
N VAL I 238 53.20 22.77 -20.32
CA VAL I 238 52.99 21.86 -19.15
C VAL I 238 54.03 22.24 -18.09
N ALA I 239 55.30 22.24 -18.47
CA ALA I 239 56.44 22.59 -17.59
C ALA I 239 56.19 23.95 -16.92
N LEU I 240 55.55 24.90 -17.62
CA LEU I 240 55.27 26.26 -17.08
C LEU I 240 54.17 26.18 -16.02
N TYR I 241 53.11 25.40 -16.27
CA TYR I 241 51.98 25.15 -15.32
C TYR I 241 52.55 24.69 -13.98
N TYR I 242 53.38 23.65 -14.02
CA TYR I 242 54.10 23.09 -12.85
C TYR I 242 55.08 24.15 -12.31
N GLY I 243 55.81 24.83 -13.19
CA GLY I 243 56.77 25.89 -12.83
C GLY I 243 56.13 27.00 -12.01
N GLN I 244 54.99 27.54 -12.46
CA GLN I 244 54.24 28.63 -11.78
C GLN I 244 54.10 28.31 -10.29
N LYS I 245 53.72 27.06 -9.97
CA LYS I 245 53.39 26.63 -8.59
C LYS I 245 54.67 26.40 -7.79
N ALA I 246 55.81 26.20 -8.45
CA ALA I 246 57.12 25.92 -7.82
C ALA I 246 58.01 27.15 -7.83
N GLY I 247 57.50 28.29 -8.33
CA GLY I 247 58.24 29.55 -8.56
C GLY I 247 59.56 29.35 -9.29
N VAL I 248 59.61 28.47 -10.30
CA VAL I 248 60.73 28.41 -11.29
C VAL I 248 60.12 28.55 -12.69
N LYS I 249 60.94 28.40 -13.74
CA LYS I 249 60.44 28.49 -15.14
C LYS I 249 59.79 27.16 -15.50
N TYR I 250 60.59 26.10 -15.62
CA TYR I 250 60.19 24.74 -16.06
C TYR I 250 60.36 23.74 -14.89
N ALA I 251 59.24 23.14 -14.45
CA ALA I 251 59.18 22.15 -13.36
C ALA I 251 58.42 20.88 -13.80
N GLU I 252 58.59 19.79 -13.04
CA GLU I 252 57.78 18.56 -13.13
C GLU I 252 57.07 18.38 -11.79
N GLY I 253 55.75 18.23 -11.83
CA GLY I 253 54.89 18.07 -10.64
C GLY I 253 54.66 16.60 -10.34
N PHE I 254 54.56 16.28 -9.06
CA PHE I 254 54.19 14.93 -8.56
C PHE I 254 53.19 15.11 -7.41
N ARG I 255 52.31 14.13 -7.23
CA ARG I 255 51.51 14.06 -5.99
C ARG I 255 52.11 12.96 -5.13
N ILE I 256 52.53 13.34 -3.93
CA ILE I 256 53.07 12.41 -2.91
C ILE I 256 52.15 12.51 -1.69
N MET I 257 51.65 11.38 -1.21
CA MET I 257 50.81 11.28 0.00
C MET I 257 51.28 10.08 0.81
N PRO I 258 50.96 10.02 2.12
CA PRO I 258 51.21 8.81 2.90
C PRO I 258 50.41 7.62 2.34
N GLY I 259 50.97 6.41 2.39
CA GLY I 259 50.28 5.18 1.95
C GLY I 259 48.83 5.13 2.43
N LEU I 260 48.60 5.58 3.66
CA LEU I 260 47.31 5.42 4.38
C LEU I 260 46.18 6.18 3.67
N PHE I 261 46.52 7.32 3.05
CA PHE I 261 45.57 8.29 2.45
C PHE I 261 44.95 7.76 1.15
N TYR I 262 45.48 6.66 0.61
CA TYR I 262 44.96 6.00 -0.62
C TYR I 262 43.81 5.05 -0.23
N HIS I 263 43.21 5.21 0.96
CA HIS I 263 42.12 4.36 1.48
C HIS I 263 41.34 5.10 2.57
N ILE I 264 40.04 5.26 2.32
CA ILE I 264 39.01 5.72 3.30
C ILE I 264 39.49 6.98 4.00
N THR I 265 40.13 7.90 3.27
CA THR I 265 40.64 9.18 3.83
C THR I 265 39.88 10.32 3.17
N PRO I 266 38.80 10.80 3.84
CA PRO I 266 37.95 11.85 3.27
C PRO I 266 38.61 13.23 3.20
N PHE I 267 39.77 13.40 3.84
CA PHE I 267 40.53 14.68 3.81
C PHE I 267 41.81 14.52 2.97
N ALA I 268 41.91 13.42 2.21
CA ALA I 268 43.06 13.12 1.33
C ALA I 268 43.32 14.32 0.40
N GLU I 269 42.25 14.96 -0.10
CA GLU I 269 42.35 16.07 -1.07
C GLU I 269 43.09 17.27 -0.48
N LEU I 270 43.18 17.38 0.85
CA LEU I 270 43.80 18.56 1.55
C LEU I 270 45.31 18.39 1.74
N ILE I 271 46.06 18.22 0.66
CA ILE I 271 47.55 18.20 0.68
C ILE I 271 48.04 18.79 -0.65
N PHE J 6 35.38 -57.32 -0.97
CA PHE J 6 35.81 -56.88 -2.37
C PHE J 6 37.28 -57.22 -2.61
N GLU J 7 38.04 -57.42 -1.52
CA GLU J 7 39.46 -57.85 -1.53
C GLU J 7 39.59 -59.23 -2.19
N GLU J 8 38.61 -60.10 -2.02
CA GLU J 8 38.59 -61.51 -2.43
C GLU J 8 38.55 -61.64 -3.97
N ILE J 9 38.22 -60.56 -4.68
CA ILE J 9 37.87 -60.64 -6.13
C ILE J 9 39.16 -60.54 -6.94
N ASN J 10 39.28 -61.38 -7.99
CA ASN J 10 40.47 -61.48 -8.87
C ASN J 10 40.13 -61.16 -10.33
N ASP J 11 38.85 -61.20 -10.72
CA ASP J 11 38.36 -60.82 -12.08
C ASP J 11 37.83 -59.39 -12.02
N PHE J 12 38.08 -58.57 -13.05
CA PHE J 12 37.44 -57.23 -13.19
C PHE J 12 35.93 -57.44 -13.45
N GLU J 13 35.57 -58.28 -14.43
CA GLU J 13 34.17 -58.50 -14.87
C GLU J 13 33.28 -58.81 -13.66
N THR J 14 33.79 -59.57 -12.70
CA THR J 14 33.07 -59.95 -11.45
C THR J 14 32.81 -58.68 -10.62
N ALA J 15 33.88 -57.95 -10.29
CA ALA J 15 33.87 -56.73 -9.44
C ALA J 15 32.96 -55.67 -10.07
N PHE J 16 33.00 -55.55 -11.39
CA PHE J 16 32.18 -54.62 -12.19
C PHE J 16 30.70 -54.95 -11.95
N LYS J 17 30.29 -56.19 -12.22
CA LYS J 17 28.89 -56.66 -12.07
C LYS J 17 28.45 -56.47 -10.62
N ARG J 18 29.33 -56.75 -9.65
CA ARG J 18 29.02 -56.63 -8.20
C ARG J 18 28.90 -55.14 -7.85
N LEU J 19 29.74 -54.28 -8.43
CA LEU J 19 29.72 -52.82 -8.17
C LEU J 19 28.37 -52.25 -8.59
N LEU J 20 27.91 -52.55 -9.81
CA LEU J 20 26.65 -51.99 -10.38
C LEU J 20 25.43 -52.56 -9.64
N ASN J 21 25.36 -53.89 -9.46
CA ASN J 21 24.16 -54.59 -8.93
C ASN J 21 24.05 -54.39 -7.42
N GLU J 22 25.11 -54.69 -6.66
CA GLU J 22 25.04 -54.80 -5.18
C GLU J 22 25.39 -53.45 -4.54
N VAL J 23 26.50 -52.82 -4.96
CA VAL J 23 27.06 -51.61 -4.26
C VAL J 23 26.24 -50.37 -4.63
N LEU J 24 26.00 -50.17 -5.93
CA LEU J 24 25.30 -48.96 -6.46
C LEU J 24 23.80 -49.20 -6.64
N GLU J 25 23.32 -50.44 -6.77
CA GLU J 25 21.89 -50.75 -7.00
C GLU J 25 21.41 -50.05 -8.27
N PHE J 26 22.29 -49.98 -9.28
CA PHE J 26 22.01 -49.36 -10.61
C PHE J 26 20.98 -50.19 -11.36
N ASP J 27 19.81 -49.62 -11.62
CA ASP J 27 18.63 -50.30 -12.23
C ASP J 27 18.40 -49.74 -13.65
N LEU J 28 19.04 -50.35 -14.65
CA LEU J 28 18.89 -49.95 -16.07
C LEU J 28 17.50 -50.37 -16.59
N GLN J 29 16.89 -51.37 -15.96
CA GLN J 29 15.61 -52.01 -16.35
C GLN J 29 14.47 -51.00 -16.14
N ASN J 30 14.16 -50.61 -14.90
CA ASN J 30 13.16 -49.54 -14.62
C ASN J 30 13.84 -48.42 -13.83
N PRO J 31 14.52 -47.48 -14.51
CA PRO J 31 15.33 -46.45 -13.87
C PRO J 31 14.52 -45.24 -13.37
N LEU J 32 13.25 -45.14 -13.77
CA LEU J 32 12.39 -43.99 -13.39
C LEU J 32 11.52 -44.37 -12.20
N LYS J 33 11.83 -45.50 -11.55
CA LYS J 33 10.98 -46.10 -10.50
C LYS J 33 10.31 -44.99 -9.67
N ASP J 34 11.05 -44.18 -8.90
CA ASP J 34 10.48 -43.37 -7.81
C ASP J 34 10.41 -41.87 -8.17
N VAL J 35 10.37 -41.54 -9.46
CA VAL J 35 10.43 -40.14 -9.95
C VAL J 35 9.01 -39.57 -10.04
N LYS J 36 8.69 -38.57 -9.23
CA LYS J 36 7.37 -37.85 -9.26
C LYS J 36 7.53 -36.51 -9.98
N LYS J 37 8.74 -35.95 -10.04
CA LYS J 37 9.02 -34.62 -10.66
C LYS J 37 10.40 -34.61 -11.35
N VAL J 38 10.46 -34.20 -12.61
CA VAL J 38 11.71 -34.05 -13.41
C VAL J 38 11.82 -32.64 -13.99
N LEU J 39 13.05 -32.16 -14.17
CA LEU J 39 13.41 -31.01 -15.05
C LEU J 39 13.90 -31.52 -16.40
N CYS J 40 13.41 -30.93 -17.48
CA CYS J 40 14.04 -31.01 -18.82
C CYS J 40 14.71 -29.66 -19.09
N ILE J 41 16.03 -29.69 -19.27
CA ILE J 41 16.85 -28.48 -19.53
C ILE J 41 17.11 -28.43 -21.03
N GLU J 42 16.63 -27.36 -21.68
CA GLU J 42 16.77 -27.15 -23.15
C GLU J 42 17.58 -25.88 -23.38
N PRO J 43 18.59 -25.96 -24.29
CA PRO J 43 19.33 -24.78 -24.75
C PRO J 43 18.44 -23.70 -25.37
N HIS J 44 17.60 -24.09 -26.33
CA HIS J 44 16.70 -23.20 -27.09
C HIS J 44 15.25 -23.64 -26.93
N PRO J 45 14.28 -22.73 -27.16
CA PRO J 45 12.88 -23.10 -27.24
C PRO J 45 12.68 -24.07 -28.42
N ASP J 46 12.35 -25.34 -28.11
CA ASP J 46 12.02 -26.42 -29.08
C ASP J 46 12.93 -27.63 -28.85
N ASP J 47 13.96 -27.49 -28.01
CA ASP J 47 15.01 -28.54 -27.89
C ASP J 47 14.43 -29.71 -27.09
N CYS J 48 13.58 -29.44 -26.10
CA CYS J 48 12.93 -30.49 -25.27
C CYS J 48 11.95 -31.30 -26.13
N VAL J 49 11.06 -30.61 -26.84
CA VAL J 49 10.03 -31.27 -27.69
C VAL J 49 10.75 -32.08 -28.80
N ILE J 50 11.75 -31.52 -29.47
CA ILE J 50 12.47 -32.24 -30.58
C ILE J 50 13.22 -33.45 -30.00
N GLY J 51 13.84 -33.26 -28.83
CA GLY J 51 14.75 -34.25 -28.25
C GLY J 51 14.00 -35.41 -27.66
N MET J 52 13.01 -35.12 -26.81
CA MET J 52 12.33 -36.15 -25.98
C MET J 52 10.85 -35.79 -25.78
N GLY J 53 10.24 -35.15 -26.78
CA GLY J 53 8.82 -34.73 -26.74
C GLY J 53 7.89 -35.90 -26.48
N GLY J 54 8.13 -37.04 -27.13
CA GLY J 54 7.33 -38.26 -26.95
C GLY J 54 7.37 -38.70 -25.49
N THR J 55 8.57 -38.93 -24.98
CA THR J 55 8.81 -39.36 -23.59
C THR J 55 8.14 -38.39 -22.62
N ILE J 56 8.14 -37.09 -22.90
CA ILE J 56 7.55 -36.07 -21.97
C ILE J 56 6.04 -36.32 -21.89
N LYS J 57 5.40 -36.58 -23.03
CA LYS J 57 3.95 -36.93 -23.11
C LYS J 57 3.71 -38.15 -22.21
N ARG J 58 4.44 -39.24 -22.44
CA ARG J 58 4.29 -40.51 -21.68
C ARG J 58 4.45 -40.27 -20.17
N LEU J 59 5.39 -39.44 -19.74
CA LEU J 59 5.66 -39.14 -18.30
C LEU J 59 4.53 -38.27 -17.73
N THR J 60 4.05 -37.31 -18.50
CA THR J 60 2.90 -36.43 -18.15
C THR J 60 1.67 -37.30 -17.87
N ASP J 61 1.41 -38.29 -18.74
CA ASP J 61 0.24 -39.22 -18.71
C ASP J 61 0.34 -40.13 -17.49
N ARG J 62 1.48 -40.80 -17.29
CA ARG J 62 1.77 -41.63 -16.09
C ARG J 62 1.74 -40.75 -14.81
N GLY J 63 1.36 -39.48 -14.92
CA GLY J 63 1.09 -38.58 -13.78
C GLY J 63 2.32 -37.89 -13.21
N ILE J 64 3.45 -37.87 -13.92
CA ILE J 64 4.73 -37.26 -13.44
C ILE J 64 4.82 -35.79 -13.89
N GLU J 65 5.09 -34.88 -12.95
CA GLU J 65 5.32 -33.42 -13.16
C GLU J 65 6.60 -33.24 -13.97
N VAL J 66 6.54 -32.47 -15.06
CA VAL J 66 7.68 -32.17 -15.97
C VAL J 66 7.79 -30.65 -16.06
N ILE J 67 8.94 -30.12 -15.65
CA ILE J 67 9.25 -28.66 -15.71
C ILE J 67 10.36 -28.42 -16.74
N TYR J 68 10.16 -27.45 -17.65
CA TYR J 68 11.19 -26.99 -18.60
C TYR J 68 12.05 -25.90 -17.93
N ILE J 69 13.36 -25.99 -18.15
CA ILE J 69 14.28 -24.82 -18.04
C ILE J 69 14.84 -24.53 -19.42
N CYS J 70 14.59 -23.32 -19.93
CA CYS J 70 15.07 -22.84 -21.24
C CYS J 70 16.20 -21.84 -21.00
N MET J 71 17.40 -22.21 -21.46
CA MET J 71 18.67 -21.48 -21.21
C MET J 71 18.63 -20.16 -21.99
N THR J 72 18.27 -20.20 -23.27
CA THR J 72 18.30 -19.02 -24.18
C THR J 72 16.89 -18.57 -24.58
N ASP J 73 16.84 -17.49 -25.37
CA ASP J 73 15.62 -16.70 -25.71
C ASP J 73 15.26 -16.96 -27.18
N GLY J 74 16.09 -17.71 -27.91
CA GLY J 74 15.87 -18.02 -29.35
C GLY J 74 16.04 -16.83 -30.28
N TYR J 75 16.63 -15.72 -29.80
CA TYR J 75 16.77 -14.39 -30.47
C TYR J 75 17.31 -14.50 -31.89
N MET J 76 18.13 -15.49 -32.21
CA MET J 76 18.90 -15.50 -33.48
C MET J 76 18.22 -16.33 -34.58
N GLY J 77 17.25 -17.20 -34.23
CA GLY J 77 16.82 -18.33 -35.07
C GLY J 77 15.82 -17.98 -36.17
N THR J 78 16.21 -17.10 -37.11
CA THR J 78 15.44 -16.73 -38.33
C THR J 78 16.41 -16.16 -39.37
N THR J 79 16.16 -16.50 -40.65
CA THR J 79 16.81 -15.91 -41.86
C THR J 79 16.00 -14.68 -42.34
N ASP J 80 14.81 -14.44 -41.78
CA ASP J 80 13.90 -13.37 -42.24
C ASP J 80 14.45 -12.01 -41.76
N GLU J 81 14.93 -11.17 -42.70
CA GLU J 81 15.56 -9.85 -42.37
C GLU J 81 14.56 -8.87 -41.75
N ASN J 82 13.28 -9.22 -41.61
CA ASN J 82 12.21 -8.29 -41.11
C ASN J 82 11.90 -8.54 -39.64
N ILE J 83 12.28 -9.70 -39.09
CA ILE J 83 11.99 -10.09 -37.68
C ILE J 83 13.21 -9.72 -36.82
N THR J 84 13.09 -8.68 -35.96
CA THR J 84 14.13 -8.35 -34.97
C THR J 84 14.22 -9.53 -33.98
N GLY J 85 15.39 -9.76 -33.40
CA GLY J 85 15.58 -10.83 -32.40
C GLY J 85 14.59 -10.68 -31.25
N HIS J 86 14.28 -9.44 -30.87
CA HIS J 86 13.34 -9.08 -29.78
C HIS J 86 11.93 -9.63 -30.10
N GLU J 87 11.48 -9.49 -31.36
CA GLU J 87 10.18 -10.03 -31.82
C GLU J 87 10.26 -11.54 -31.68
N LEU J 88 11.30 -12.13 -32.28
CA LEU J 88 11.41 -13.61 -32.40
C LEU J 88 11.36 -14.23 -31.00
N ALA J 89 11.95 -13.60 -29.99
CA ALA J 89 11.96 -14.08 -28.59
C ALA J 89 10.51 -14.19 -28.12
N GLN J 90 9.80 -13.06 -28.15
CA GLN J 90 8.35 -12.92 -27.80
C GLN J 90 7.55 -14.06 -28.46
N ILE J 91 7.77 -14.28 -29.76
CA ILE J 91 7.08 -15.30 -30.57
C ILE J 91 7.39 -16.68 -30.00
N ARG J 92 8.67 -17.04 -29.92
CA ARG J 92 9.10 -18.41 -29.58
C ARG J 92 8.72 -18.72 -28.13
N ARG J 93 8.55 -17.70 -27.29
CA ARG J 93 7.98 -17.90 -25.93
C ARG J 93 6.58 -18.49 -26.06
N LYS J 94 5.71 -17.83 -26.85
CA LYS J 94 4.32 -18.30 -27.13
C LYS J 94 4.38 -19.67 -27.80
N GLU J 95 5.25 -19.88 -28.79
CA GLU J 95 5.35 -21.19 -29.47
C GLU J 95 5.67 -22.29 -28.45
N GLU J 96 6.52 -22.04 -27.44
CA GLU J 96 6.94 -23.10 -26.47
C GLU J 96 5.76 -23.33 -25.52
N GLU J 97 5.10 -22.26 -25.07
CA GLU J 97 3.89 -22.35 -24.21
C GLU J 97 2.82 -23.25 -24.87
N GLU J 98 2.64 -23.20 -26.20
CA GLU J 98 1.62 -24.00 -26.93
C GLU J 98 2.10 -25.45 -27.02
N SER J 99 3.33 -25.67 -27.50
CA SER J 99 4.02 -26.98 -27.54
C SER J 99 3.96 -27.63 -26.14
N ALA J 100 4.23 -26.84 -25.09
CA ALA J 100 4.27 -27.31 -23.68
C ALA J 100 2.92 -27.92 -23.31
N LYS J 101 1.84 -27.15 -23.50
CA LYS J 101 0.44 -27.58 -23.18
C LYS J 101 0.12 -28.89 -23.89
N MET J 102 0.42 -29.01 -25.18
CA MET J 102 0.13 -30.23 -25.99
C MET J 102 0.80 -31.48 -25.36
N LEU J 103 1.83 -31.31 -24.51
CA LEU J 103 2.62 -32.44 -23.94
C LEU J 103 2.35 -32.58 -22.44
N GLY J 104 1.68 -31.61 -21.83
CA GLY J 104 1.22 -31.65 -20.42
C GLY J 104 2.19 -30.94 -19.50
N VAL J 105 2.93 -29.98 -20.01
CA VAL J 105 3.95 -29.24 -19.21
C VAL J 105 3.34 -27.90 -18.81
N LYS J 106 3.37 -27.58 -17.53
CA LYS J 106 2.60 -26.47 -16.94
C LYS J 106 3.54 -25.31 -16.61
N LYS J 107 4.71 -25.60 -16.03
CA LYS J 107 5.73 -24.62 -15.56
C LYS J 107 6.93 -24.59 -16.52
N ILE J 108 7.41 -23.39 -16.87
CA ILE J 108 8.65 -23.15 -17.69
C ILE J 108 9.45 -22.00 -17.07
N TYR J 109 10.71 -22.25 -16.70
CA TYR J 109 11.68 -21.20 -16.30
C TYR J 109 12.45 -20.71 -17.54
N TRP J 110 12.54 -19.38 -17.70
CA TRP J 110 13.29 -18.74 -18.81
C TRP J 110 14.51 -18.01 -18.25
N LEU J 111 15.71 -18.50 -18.49
CA LEU J 111 16.94 -17.82 -18.01
C LEU J 111 17.17 -16.54 -18.84
N ASN J 112 16.84 -16.55 -20.13
CA ASN J 112 16.90 -15.33 -20.99
C ASN J 112 18.34 -14.93 -21.31
N TYR J 113 19.29 -15.83 -21.16
CA TYR J 113 20.60 -15.70 -21.86
C TYR J 113 20.24 -15.63 -23.35
N ARG J 114 20.92 -14.78 -24.13
CA ARG J 114 20.69 -14.59 -25.58
C ARG J 114 21.23 -15.80 -26.36
N ASP J 115 20.40 -16.33 -27.25
CA ASP J 115 20.76 -17.34 -28.27
C ASP J 115 22.16 -17.00 -28.82
N THR J 116 23.07 -17.98 -28.85
CA THR J 116 24.47 -17.92 -29.39
C THR J 116 25.44 -17.31 -28.36
N GLU J 117 24.94 -16.84 -27.23
CA GLU J 117 25.73 -16.00 -26.28
C GLU J 117 25.51 -16.57 -24.87
N LEU J 118 25.43 -17.90 -24.77
CA LEU J 118 25.22 -18.58 -23.46
C LEU J 118 26.58 -18.83 -22.85
N PRO J 119 26.94 -18.10 -21.78
CA PRO J 119 28.22 -18.30 -21.10
C PRO J 119 28.34 -19.70 -20.50
N TYR J 120 29.51 -20.33 -20.57
CA TYR J 120 29.90 -21.43 -19.66
C TYR J 120 30.55 -20.80 -18.44
N SER J 121 29.79 -19.99 -17.69
CA SER J 121 30.24 -19.23 -16.51
C SER J 121 29.71 -19.87 -15.22
N ARG J 122 30.34 -19.50 -14.11
CA ARG J 122 29.90 -19.81 -12.73
C ARG J 122 28.50 -19.26 -12.52
N GLU J 123 28.28 -18.01 -12.92
CA GLU J 123 26.98 -17.30 -12.81
C GLU J 123 25.84 -18.18 -13.33
N VAL J 124 26.01 -18.85 -14.47
CA VAL J 124 24.90 -19.63 -15.07
C VAL J 124 24.67 -20.88 -14.23
N ARG J 125 25.73 -21.51 -13.72
CA ARG J 125 25.60 -22.65 -12.76
C ARG J 125 24.75 -22.21 -11.57
N LYS J 126 25.05 -21.04 -11.00
CA LYS J 126 24.36 -20.50 -9.80
C LYS J 126 22.86 -20.37 -10.10
N ASP J 127 22.50 -19.88 -11.28
CA ASP J 127 21.09 -19.71 -11.75
C ASP J 127 20.39 -21.08 -11.77
N LEU J 128 20.98 -22.09 -12.40
CA LEU J 128 20.41 -23.46 -12.51
C LEU J 128 20.24 -24.10 -11.13
N VAL J 129 21.22 -23.92 -10.24
CA VAL J 129 21.22 -24.55 -8.89
C VAL J 129 20.04 -23.96 -8.12
N LYS J 130 19.93 -22.64 -8.11
CA LYS J 130 18.79 -21.89 -7.50
C LYS J 130 17.48 -22.59 -7.84
N ILE J 131 17.25 -22.94 -9.10
CA ILE J 131 15.99 -23.58 -9.55
C ILE J 131 15.94 -25.00 -8.98
N ILE J 132 16.94 -25.82 -9.26
CA ILE J 132 17.05 -27.22 -8.72
C ILE J 132 16.76 -27.22 -7.21
N ARG J 133 17.34 -26.30 -6.47
CA ARG J 133 17.21 -26.27 -4.98
C ARG J 133 15.78 -25.93 -4.58
N LYS J 134 15.09 -25.09 -5.36
CA LYS J 134 13.68 -24.71 -5.14
C LYS J 134 12.76 -25.88 -5.48
N GLU J 135 12.78 -26.36 -6.73
CA GLU J 135 11.83 -27.37 -7.26
C GLU J 135 12.16 -28.78 -6.73
N LYS J 136 13.27 -28.96 -6.02
CA LYS J 136 13.70 -30.26 -5.45
C LYS J 136 13.31 -31.42 -6.38
N PRO J 137 13.66 -31.43 -7.68
CA PRO J 137 13.26 -32.52 -8.57
C PRO J 137 14.01 -33.85 -8.30
N ASP J 138 13.37 -34.96 -8.63
CA ASP J 138 13.90 -36.33 -8.43
C ASP J 138 14.81 -36.66 -9.61
N GLY J 139 14.56 -36.05 -10.77
CA GLY J 139 15.22 -36.36 -12.06
C GLY J 139 15.57 -35.11 -12.83
N VAL J 140 16.61 -35.17 -13.65
CA VAL J 140 16.98 -34.09 -14.61
C VAL J 140 17.35 -34.71 -15.95
N PHE J 141 16.74 -34.24 -17.02
CA PHE J 141 17.14 -34.54 -18.40
C PHE J 141 17.86 -33.32 -18.98
N LEU J 142 18.96 -33.58 -19.69
CA LEU J 142 19.85 -32.57 -20.27
C LEU J 142 20.54 -33.16 -21.48
N PRO J 143 20.95 -32.32 -22.46
CA PRO J 143 21.55 -32.83 -23.69
C PRO J 143 22.99 -33.29 -23.46
N ASP J 144 23.35 -34.42 -24.07
CA ASP J 144 24.68 -35.05 -23.95
C ASP J 144 25.68 -34.08 -24.54
N PRO J 145 26.58 -33.47 -23.72
CA PRO J 145 27.56 -32.53 -24.25
C PRO J 145 28.67 -33.22 -25.05
N TRP J 146 28.76 -34.55 -24.97
CA TRP J 146 29.75 -35.36 -25.74
C TRP J 146 29.16 -35.84 -27.06
N LEU J 147 27.99 -35.34 -27.47
CA LEU J 147 27.39 -35.75 -28.76
C LEU J 147 28.36 -35.38 -29.87
N PRO J 148 28.85 -36.33 -30.69
CA PRO J 148 29.81 -36.02 -31.74
C PRO J 148 29.28 -35.03 -32.79
N TYR J 149 30.17 -34.11 -33.16
CA TYR J 149 30.01 -33.10 -34.24
C TYR J 149 28.95 -32.06 -33.84
N GLU J 150 28.59 -31.96 -32.56
CA GLU J 150 27.72 -30.86 -32.08
C GLU J 150 28.52 -29.56 -32.10
N ALA J 151 28.18 -28.66 -33.03
CA ALA J 151 28.95 -27.44 -33.35
C ALA J 151 28.24 -26.22 -32.77
N HIS J 152 27.13 -26.42 -32.07
CA HIS J 152 26.35 -25.31 -31.47
C HIS J 152 26.78 -25.11 -30.02
N PRO J 153 27.45 -23.97 -29.71
CA PRO J 153 27.99 -23.73 -28.38
C PRO J 153 26.96 -23.79 -27.25
N ASP J 154 25.76 -23.30 -27.52
CA ASP J 154 24.65 -23.28 -26.52
C ASP J 154 24.34 -24.71 -26.09
N HIS J 155 24.47 -25.71 -26.99
CA HIS J 155 24.21 -27.14 -26.66
C HIS J 155 25.32 -27.68 -25.78
N ARG J 156 26.57 -27.54 -26.23
CA ARG J 156 27.76 -28.00 -25.45
C ARG J 156 27.68 -27.38 -24.05
N ALA J 157 27.50 -26.06 -23.96
CA ALA J 157 27.43 -25.33 -22.68
C ALA J 157 26.31 -25.91 -21.80
N THR J 158 25.10 -26.03 -22.33
CA THR J 158 23.91 -26.45 -21.55
C THR J 158 24.24 -27.80 -20.92
N GLY J 159 24.73 -28.74 -21.72
CA GLY J 159 25.10 -30.08 -21.24
C GLY J 159 26.02 -30.00 -20.04
N PHE J 160 27.15 -29.30 -20.18
CA PHE J 160 28.17 -29.21 -19.12
C PHE J 160 27.56 -28.50 -17.90
N LEU J 161 26.98 -27.32 -18.09
CA LEU J 161 26.36 -26.51 -17.01
C LEU J 161 25.34 -27.34 -16.22
N ALA J 162 24.51 -28.14 -16.89
CA ALA J 162 23.45 -28.95 -16.26
C ALA J 162 24.10 -29.95 -15.30
N LEU J 163 25.07 -30.73 -15.78
CA LEU J 163 25.82 -31.71 -14.97
C LEU J 163 26.46 -31.00 -13.77
N ASP J 164 27.11 -29.86 -13.99
CA ASP J 164 27.77 -29.11 -12.90
C ASP J 164 26.69 -28.73 -11.87
N ALA J 165 25.53 -28.25 -12.31
CA ALA J 165 24.45 -27.78 -11.42
C ALA J 165 23.94 -28.93 -10.58
N VAL J 166 23.70 -30.08 -11.21
CA VAL J 166 23.28 -31.32 -10.51
C VAL J 166 24.31 -31.68 -9.42
N ALA J 167 25.58 -31.70 -9.79
CA ALA J 167 26.71 -32.10 -8.92
C ALA J 167 26.88 -31.14 -7.74
N PHE J 168 26.61 -29.84 -7.94
CA PHE J 168 26.97 -28.80 -6.95
C PHE J 168 25.74 -28.38 -6.12
N SER J 169 24.52 -28.73 -6.56
CA SER J 169 23.27 -28.38 -5.85
C SER J 169 23.31 -28.86 -4.41
N PRO J 170 23.86 -30.05 -4.11
CA PRO J 170 23.94 -30.55 -2.73
C PRO J 170 25.09 -30.02 -1.86
N LEU J 171 25.96 -29.16 -2.37
CA LEU J 171 27.11 -28.63 -1.60
C LEU J 171 26.69 -27.30 -0.98
N PRO J 172 26.57 -27.23 0.36
CA PRO J 172 26.09 -26.02 1.02
C PRO J 172 27.01 -24.81 0.85
N ASN J 173 28.29 -25.04 0.55
CA ASN J 173 29.30 -23.96 0.38
C ASN J 173 29.19 -23.31 -1.01
N PHE J 174 28.45 -23.93 -1.94
CA PHE J 174 28.25 -23.46 -3.33
C PHE J 174 27.03 -22.53 -3.39
N SER J 175 27.25 -21.27 -3.77
CA SER J 175 26.21 -20.23 -3.83
C SER J 175 25.53 -20.20 -2.45
N ASN J 176 26.28 -19.86 -1.41
CA ASN J 176 25.81 -20.06 -0.02
C ASN J 176 24.62 -19.15 0.27
N ILE J 177 24.48 -18.02 -0.45
CA ILE J 177 23.35 -17.06 -0.24
C ILE J 177 22.02 -17.77 -0.50
N ASP J 178 21.96 -18.72 -1.45
CA ASP J 178 20.77 -19.58 -1.70
C ASP J 178 20.24 -20.14 -0.36
N LEU J 179 21.15 -20.64 0.49
CA LEU J 179 20.80 -21.21 1.82
C LEU J 179 20.32 -20.09 2.75
N ASP J 180 21.13 -19.04 2.90
CA ASP J 180 20.86 -17.89 3.82
C ASP J 180 19.49 -17.26 3.54
N ILE J 181 18.81 -17.60 2.42
CA ILE J 181 17.47 -17.03 2.09
C ILE J 181 16.42 -18.14 1.98
N GLY J 182 16.71 -19.36 2.43
CA GLY J 182 15.68 -20.41 2.54
C GLY J 182 16.01 -21.68 1.78
N LEU J 183 16.53 -21.60 0.57
CA LEU J 183 16.75 -22.79 -0.29
C LEU J 183 17.79 -23.71 0.34
N LYS J 184 17.37 -24.91 0.76
CA LYS J 184 18.26 -25.96 1.29
C LYS J 184 18.91 -26.69 0.10
N PRO J 185 20.11 -27.28 0.30
CA PRO J 185 20.74 -28.14 -0.69
C PRO J 185 19.80 -29.23 -1.19
N HIS J 186 20.09 -29.82 -2.34
CA HIS J 186 19.27 -30.90 -2.94
C HIS J 186 20.14 -31.82 -3.77
N SER J 187 19.94 -33.13 -3.64
CA SER J 187 20.55 -34.18 -4.49
C SER J 187 19.50 -34.71 -5.45
N VAL J 188 19.74 -34.56 -6.75
CA VAL J 188 18.89 -35.22 -7.77
C VAL J 188 19.15 -36.73 -7.69
N SER J 189 18.14 -37.57 -7.91
CA SER J 189 18.21 -39.05 -7.80
C SER J 189 18.49 -39.67 -9.17
N PHE J 190 18.21 -38.97 -10.26
CA PHE J 190 18.23 -39.53 -11.63
C PHE J 190 18.79 -38.50 -12.64
N ILE J 191 19.69 -38.93 -13.52
CA ILE J 191 20.25 -38.06 -14.60
C ILE J 191 20.08 -38.78 -15.94
N GLY J 192 19.33 -38.17 -16.86
CA GLY J 192 19.17 -38.66 -18.24
C GLY J 192 19.76 -37.70 -19.26
N LEU J 193 20.62 -38.21 -20.14
CA LEU J 193 21.16 -37.45 -21.28
C LEU J 193 20.28 -37.75 -22.49
N TYR J 194 19.67 -36.72 -23.08
CA TYR J 194 18.97 -36.84 -24.39
C TYR J 194 19.89 -36.33 -25.50
N TYR J 195 19.47 -36.47 -26.76
CA TYR J 195 20.33 -36.10 -27.92
C TYR J 195 21.71 -36.77 -27.75
N THR J 196 21.79 -38.09 -27.56
CA THR J 196 23.08 -38.83 -27.37
C THR J 196 23.25 -39.88 -28.47
N SER J 197 24.50 -40.18 -28.81
CA SER J 197 24.86 -41.22 -29.80
C SER J 197 25.17 -42.53 -29.09
N ARG J 198 25.24 -42.53 -27.75
CA ARG J 198 25.53 -43.72 -26.91
C ARG J 198 24.40 -43.88 -25.89
N PRO J 199 23.16 -44.16 -26.35
CA PRO J 199 22.05 -44.36 -25.42
C PRO J 199 22.13 -45.79 -24.88
N ASN J 200 21.62 -46.01 -23.67
CA ASN J 200 21.57 -47.35 -23.04
C ASN J 200 20.14 -47.63 -22.53
N TYR J 201 19.18 -46.76 -22.81
CA TYR J 201 17.78 -46.89 -22.33
C TYR J 201 16.85 -46.18 -23.30
N PHE J 202 15.79 -46.86 -23.73
CA PHE J 202 14.91 -46.41 -24.84
C PHE J 202 13.47 -46.32 -24.34
N VAL J 203 12.64 -45.65 -25.13
CA VAL J 203 11.20 -45.40 -24.84
C VAL J 203 10.47 -45.49 -26.17
N ASP J 204 9.53 -46.43 -26.32
CA ASP J 204 8.69 -46.55 -27.53
C ASP J 204 7.85 -45.27 -27.60
N ILE J 205 7.85 -44.60 -28.75
CA ILE J 205 7.03 -43.38 -28.98
C ILE J 205 6.22 -43.55 -30.27
N THR J 206 6.12 -44.78 -30.79
CA THR J 206 5.44 -45.09 -32.07
C THR J 206 3.98 -44.60 -32.01
N ASP J 207 3.30 -44.82 -30.87
CA ASP J 207 1.89 -44.38 -30.63
C ASP J 207 1.79 -42.86 -30.59
N VAL J 208 2.84 -42.19 -30.08
CA VAL J 208 2.80 -40.74 -29.68
C VAL J 208 3.42 -39.87 -30.78
N MET J 209 4.10 -40.48 -31.76
CA MET J 209 4.90 -39.79 -32.81
C MET J 209 4.09 -38.62 -33.42
N ASP J 210 2.84 -38.86 -33.81
CA ASP J 210 2.03 -37.84 -34.54
C ASP J 210 1.81 -36.62 -33.63
N LEU J 211 1.60 -36.83 -32.33
CA LEU J 211 1.47 -35.70 -31.36
C LEU J 211 2.81 -34.96 -31.26
N LYS J 212 3.90 -35.71 -31.07
CA LYS J 212 5.28 -35.15 -31.02
C LYS J 212 5.46 -34.21 -32.22
N LEU J 213 5.29 -34.72 -33.44
CA LEU J 213 5.49 -33.95 -34.70
C LEU J 213 4.58 -32.72 -34.74
N LYS J 214 3.34 -32.82 -34.24
CA LYS J 214 2.40 -31.67 -34.21
C LYS J 214 2.90 -30.63 -33.21
N ALA J 215 3.48 -31.09 -32.09
CA ALA J 215 4.01 -30.25 -30.99
C ALA J 215 5.31 -29.56 -31.43
N ILE J 216 6.03 -30.14 -32.38
CA ILE J 216 7.23 -29.53 -33.00
C ILE J 216 6.78 -28.40 -33.90
N ARG J 217 5.80 -28.67 -34.78
CA ARG J 217 5.30 -27.70 -35.79
C ARG J 217 4.63 -26.52 -35.07
N ALA J 218 4.28 -26.68 -33.79
CA ALA J 218 3.78 -25.57 -32.94
C ALA J 218 4.76 -24.41 -33.00
N HIS J 219 6.05 -24.75 -33.15
CA HIS J 219 7.17 -23.80 -33.40
C HIS J 219 7.13 -23.39 -34.86
N LYS J 220 6.16 -22.55 -35.22
CA LYS J 220 5.87 -22.14 -36.63
C LYS J 220 7.11 -21.44 -37.19
N SER J 221 7.65 -20.49 -36.42
CA SER J 221 8.81 -19.65 -36.78
C SER J 221 9.98 -20.53 -37.23
N GLN J 222 10.18 -21.68 -36.59
CA GLN J 222 11.33 -22.58 -36.88
C GLN J 222 11.01 -23.55 -38.03
N PHE J 223 9.73 -23.81 -38.32
CA PHE J 223 9.32 -24.87 -39.29
C PHE J 223 8.18 -24.41 -40.20
N PRO J 224 8.44 -23.47 -41.15
CA PRO J 224 7.57 -23.30 -42.30
C PRO J 224 7.60 -24.59 -43.16
N ASP J 225 6.85 -24.63 -44.27
CA ASP J 225 6.65 -25.85 -45.08
C ASP J 225 7.93 -26.14 -45.88
N ASP J 226 8.60 -25.10 -46.38
CA ASP J 226 9.95 -25.14 -47.02
C ASP J 226 10.84 -26.09 -46.20
N ILE J 227 11.06 -25.67 -44.95
CA ILE J 227 11.98 -26.29 -43.95
C ILE J 227 11.45 -27.68 -43.63
N TRP J 228 10.15 -27.80 -43.34
CA TRP J 228 9.52 -29.02 -42.80
C TRP J 228 9.67 -30.19 -43.78
N GLU J 229 9.84 -29.89 -45.08
CA GLU J 229 10.04 -30.91 -46.15
C GLU J 229 11.29 -31.74 -45.80
N THR J 230 12.29 -31.11 -45.19
CA THR J 230 13.60 -31.75 -44.86
C THR J 230 13.58 -32.25 -43.41
N TRP J 231 12.95 -31.52 -42.48
CA TRP J 231 12.99 -31.86 -41.03
C TRP J 231 12.13 -33.09 -40.74
N GLU J 232 10.90 -33.18 -41.25
CA GLU J 232 10.02 -34.35 -40.96
C GLU J 232 10.78 -35.65 -41.26
N PRO J 233 11.30 -35.86 -42.49
CA PRO J 233 12.08 -37.07 -42.79
C PRO J 233 13.25 -37.29 -41.82
N PHE J 234 13.99 -36.22 -41.49
CA PHE J 234 15.13 -36.26 -40.54
C PHE J 234 14.64 -36.83 -39.19
N LEU J 235 13.69 -36.13 -38.54
CA LEU J 235 13.12 -36.49 -37.22
C LEU J 235 12.68 -37.96 -37.19
N ARG J 236 12.10 -38.45 -38.28
CA ARG J 236 11.68 -39.87 -38.41
C ARG J 236 12.92 -40.76 -38.44
N THR J 237 13.92 -40.37 -39.23
CA THR J 237 15.19 -41.13 -39.39
C THR J 237 15.87 -41.25 -38.02
N VAL J 238 15.75 -40.21 -37.18
CA VAL J 238 16.36 -40.22 -35.81
C VAL J 238 15.62 -41.27 -34.98
N ALA J 239 14.30 -41.15 -34.90
CA ALA J 239 13.41 -42.08 -34.18
C ALA J 239 13.68 -43.55 -34.61
N LEU J 240 14.02 -43.77 -35.88
CA LEU J 240 14.29 -45.13 -36.42
C LEU J 240 15.65 -45.64 -35.89
N TYR J 241 16.66 -44.77 -35.86
CA TYR J 241 18.02 -45.07 -35.32
C TYR J 241 17.87 -45.62 -33.89
N TYR J 242 17.18 -44.86 -33.05
CA TYR J 242 16.84 -45.23 -31.66
C TYR J 242 15.95 -46.49 -31.66
N GLY J 243 14.94 -46.53 -32.53
CA GLY J 243 14.02 -47.67 -32.70
C GLY J 243 14.75 -48.99 -32.95
N GLN J 244 15.67 -49.00 -33.92
CA GLN J 244 16.47 -50.21 -34.32
C GLN J 244 17.03 -50.87 -33.06
N LYS J 245 17.60 -50.08 -32.15
CA LYS J 245 18.34 -50.58 -30.96
C LYS J 245 17.34 -51.03 -29.87
N ALA J 246 16.09 -50.57 -29.92
CA ALA J 246 15.03 -50.87 -28.93
C ALA J 246 14.05 -51.90 -29.48
N GLY J 247 14.29 -52.42 -30.69
CA GLY J 247 13.41 -53.33 -31.45
C GLY J 247 11.97 -52.84 -31.53
N VAL J 248 11.73 -51.55 -31.71
CA VAL J 248 10.40 -50.99 -32.10
C VAL J 248 10.60 -50.15 -33.38
N LYS J 249 9.55 -49.45 -33.82
CA LYS J 249 9.63 -48.59 -35.02
C LYS J 249 10.31 -47.26 -34.63
N TYR J 250 9.61 -46.45 -33.82
CA TYR J 250 10.01 -45.08 -33.41
C TYR J 250 10.24 -45.07 -31.89
N ALA J 251 11.50 -44.77 -31.48
CA ALA J 251 11.94 -44.70 -30.06
C ALA J 251 12.68 -43.37 -29.79
N GLU J 252 12.83 -43.03 -28.51
CA GLU J 252 13.72 -41.94 -28.02
C GLU J 252 14.77 -42.58 -27.12
N GLY J 253 16.05 -42.28 -27.39
CA GLY J 253 17.20 -42.83 -26.64
C GLY J 253 17.64 -41.87 -25.54
N PHE J 254 18.09 -42.42 -24.43
CA PHE J 254 18.72 -41.66 -23.32
C PHE J 254 19.96 -42.42 -22.86
N ARG J 255 20.97 -41.71 -22.35
CA ARG J 255 22.07 -42.35 -21.62
C ARG J 255 21.84 -42.09 -20.14
N ILE J 256 21.72 -43.17 -19.38
CA ILE J 256 21.55 -43.15 -17.91
C ILE J 256 22.74 -43.88 -17.31
N MET J 257 23.44 -43.23 -16.38
CA MET J 257 24.56 -43.85 -15.61
C MET J 257 24.43 -43.44 -14.15
N PRO J 258 25.07 -44.17 -13.22
CA PRO J 258 25.14 -43.72 -11.82
C PRO J 258 25.91 -42.39 -11.73
N GLY J 259 25.50 -41.49 -10.81
CA GLY J 259 26.20 -40.22 -10.55
C GLY J 259 27.71 -40.38 -10.52
N LEU J 260 28.21 -41.48 -9.95
CA LEU J 260 29.65 -41.69 -9.67
C LEU J 260 30.46 -41.76 -10.97
N PHE J 261 29.86 -42.27 -12.04
CA PHE J 261 30.51 -42.57 -13.33
C PHE J 261 30.83 -41.29 -14.13
N TYR J 262 30.29 -40.15 -13.70
CA TYR J 262 30.54 -38.82 -14.34
C TYR J 262 31.83 -38.21 -13.75
N HIS J 263 32.68 -39.03 -13.14
CA HIS J 263 33.96 -38.60 -12.51
C HIS J 263 34.92 -39.77 -12.41
N ILE J 264 36.09 -39.62 -13.04
CA ILE J 264 37.28 -40.49 -12.89
C ILE J 264 36.89 -41.97 -13.03
N THR J 265 35.99 -42.28 -13.95
CA THR J 265 35.52 -43.68 -14.19
C THR J 265 35.97 -44.10 -15.59
N PRO J 266 37.12 -44.78 -15.68
CA PRO J 266 37.68 -45.20 -16.98
C PRO J 266 36.89 -46.31 -17.68
N PHE J 267 35.92 -46.93 -17.00
CA PHE J 267 35.03 -47.98 -17.58
C PHE J 267 33.61 -47.43 -17.77
N ALA J 268 33.44 -46.11 -17.66
CA ALA J 268 32.15 -45.43 -17.83
C ALA J 268 31.53 -45.82 -19.19
N GLU J 269 32.36 -45.96 -20.23
CA GLU J 269 31.90 -46.28 -21.61
C GLU J 269 31.19 -47.63 -21.66
N LEU J 270 31.39 -48.53 -20.69
CA LEU J 270 30.88 -49.93 -20.71
C LEU J 270 29.49 -50.01 -20.04
N ILE J 271 28.50 -49.25 -20.52
CA ILE J 271 27.08 -49.34 -20.06
C ILE J 271 26.14 -49.10 -21.25
N PHE K 3 13.67 11.14 13.50
CA PHE K 3 13.11 10.32 14.59
C PHE K 3 14.30 9.82 15.45
N THR K 4 14.51 10.61 16.53
CA THR K 4 15.60 10.44 17.52
C THR K 4 15.32 11.21 18.86
N MET K 5 15.09 10.46 19.95
CA MET K 5 15.07 10.81 21.41
C MET K 5 14.14 11.99 21.82
N PHE K 6 12.84 11.74 22.05
CA PHE K 6 11.83 12.80 22.31
C PHE K 6 11.81 13.18 23.80
N GLU K 7 12.17 12.23 24.68
CA GLU K 7 11.90 12.36 26.15
C GLU K 7 12.74 13.51 26.72
N GLU K 8 13.95 13.69 26.18
CA GLU K 8 14.95 14.65 26.72
C GLU K 8 14.62 16.05 26.23
N ILE K 9 13.48 16.35 25.62
CA ILE K 9 13.11 17.76 25.29
C ILE K 9 12.51 18.45 26.53
N ASN K 10 12.92 19.70 26.80
CA ASN K 10 12.56 20.50 28.00
C ASN K 10 11.91 21.84 27.59
N ASP K 11 11.98 22.25 26.31
CA ASP K 11 11.23 23.40 25.77
C ASP K 11 9.95 22.88 25.10
N PHE K 12 8.82 23.56 25.28
CA PHE K 12 7.57 23.25 24.53
C PHE K 12 7.80 23.59 23.04
N GLU K 13 8.29 24.81 22.75
CA GLU K 13 8.45 25.34 21.38
C GLU K 13 9.22 24.35 20.52
N THR K 14 10.23 23.70 21.08
CA THR K 14 11.07 22.67 20.39
C THR K 14 10.20 21.48 20.02
N ALA K 15 9.53 20.87 21.01
CA ALA K 15 8.71 19.65 20.88
C ALA K 15 7.56 19.90 19.88
N PHE K 16 6.99 21.11 19.94
CA PHE K 16 5.90 21.57 19.05
C PHE K 16 6.39 21.55 17.61
N LYS K 17 7.50 22.24 17.32
CA LYS K 17 8.10 22.33 15.96
C LYS K 17 8.47 20.92 15.48
N ARG K 18 8.98 20.07 16.36
CA ARG K 18 9.37 18.68 16.00
C ARG K 18 8.11 17.85 15.75
N LEU K 19 7.04 18.07 16.53
CA LEU K 19 5.76 17.34 16.36
C LEU K 19 5.18 17.63 14.97
N LEU K 20 5.11 18.90 14.57
CA LEU K 20 4.49 19.32 13.27
C LEU K 20 5.37 18.88 12.10
N ASN K 21 6.68 19.15 12.14
CA ASN K 21 7.63 18.94 11.02
C ASN K 21 7.94 17.45 10.85
N GLU K 22 8.37 16.77 11.91
CA GLU K 22 8.96 15.41 11.80
C GLU K 22 7.87 14.35 12.02
N VAL K 23 7.04 14.48 13.06
CA VAL K 23 6.09 13.40 13.49
C VAL K 23 4.87 13.39 12.57
N LEU K 24 4.28 14.57 12.33
CA LEU K 24 3.03 14.74 11.53
C LEU K 24 3.33 15.07 10.07
N GLU K 25 4.49 15.61 9.72
CA GLU K 25 4.85 16.01 8.33
C GLU K 25 3.82 17.03 7.82
N PHE K 26 3.35 17.90 8.70
CA PHE K 26 2.33 18.95 8.42
C PHE K 26 2.93 20.02 7.51
N ASP K 27 2.40 20.14 6.29
CA ASP K 27 2.90 21.03 5.22
C ASP K 27 1.90 22.16 4.98
N LEU K 28 2.04 23.28 5.69
CA LEU K 28 1.15 24.46 5.52
C LEU K 28 1.47 25.18 4.20
N GLN K 29 2.71 25.00 3.70
CA GLN K 29 3.24 25.66 2.47
C GLN K 29 2.48 25.15 1.23
N ASN K 30 2.63 23.88 0.88
CA ASN K 30 1.84 23.25 -0.23
C ASN K 30 1.03 22.07 0.32
N PRO K 31 -0.16 22.35 0.89
CA PRO K 31 -0.96 21.34 1.59
C PRO K 31 -1.81 20.47 0.67
N LEU K 32 -1.92 20.84 -0.61
CA LEU K 32 -2.77 20.10 -1.59
C LEU K 32 -1.87 19.18 -2.41
N LYS K 33 -0.63 18.96 -1.97
CA LYS K 33 0.42 18.26 -2.75
C LYS K 33 -0.20 17.18 -3.64
N ASP K 34 -0.74 16.09 -3.09
CA ASP K 34 -1.03 14.85 -3.88
C ASP K 34 -2.53 14.66 -4.13
N VAL K 35 -3.31 15.74 -4.12
CA VAL K 35 -4.80 15.67 -4.16
C VAL K 35 -5.29 15.66 -5.61
N LYS K 36 -5.89 14.54 -6.05
CA LYS K 36 -6.49 14.39 -7.40
C LYS K 36 -8.02 14.56 -7.33
N LYS K 37 -8.62 14.36 -6.16
CA LYS K 37 -10.11 14.41 -5.98
C LYS K 37 -10.47 14.99 -4.60
N VAL K 38 -11.35 15.99 -4.57
CA VAL K 38 -11.89 16.60 -3.30
C VAL K 38 -13.41 16.60 -3.32
N LEU K 39 -14.02 16.50 -2.12
CA LEU K 39 -15.44 16.87 -1.87
C LEU K 39 -15.51 18.28 -1.30
N CYS K 40 -16.42 19.10 -1.82
CA CYS K 40 -16.88 20.34 -1.17
C CYS K 40 -18.28 20.07 -0.62
N ILE K 41 -18.42 20.19 0.70
CA ILE K 41 -19.70 19.93 1.41
C ILE K 41 -20.34 21.29 1.69
N GLU K 42 -21.52 21.53 1.14
CA GLU K 42 -22.27 22.80 1.29
C GLU K 42 -23.60 22.50 1.99
N PRO K 43 -23.95 23.32 3.01
CA PRO K 43 -25.26 23.26 3.66
C PRO K 43 -26.43 23.48 2.69
N HIS K 44 -26.36 24.57 1.92
CA HIS K 44 -27.41 24.99 0.95
C HIS K 44 -26.83 25.10 -0.44
N PRO K 45 -27.68 25.02 -1.49
CA PRO K 45 -27.25 25.31 -2.86
C PRO K 45 -26.77 26.77 -2.94
N ASP K 46 -25.47 26.97 -3.14
CA ASP K 46 -24.80 28.29 -3.36
C ASP K 46 -23.67 28.46 -2.35
N ASP K 47 -23.56 27.58 -1.35
CA ASP K 47 -22.62 27.81 -0.22
C ASP K 47 -21.20 27.52 -0.72
N CYS K 48 -21.02 26.55 -1.62
CA CYS K 48 -19.68 26.21 -2.18
C CYS K 48 -19.18 27.35 -3.06
N VAL K 49 -20.01 27.81 -4.00
CA VAL K 49 -19.62 28.91 -4.93
C VAL K 49 -19.35 30.19 -4.13
N ILE K 50 -20.20 30.56 -3.16
CA ILE K 50 -20.00 31.81 -2.37
C ILE K 50 -18.73 31.67 -1.51
N GLY K 51 -18.53 30.50 -0.93
CA GLY K 51 -17.47 30.26 0.06
C GLY K 51 -16.11 30.18 -0.59
N MET K 52 -15.98 29.34 -1.62
CA MET K 52 -14.67 28.97 -2.21
C MET K 52 -14.80 28.74 -3.72
N GLY K 53 -15.72 29.48 -4.38
CA GLY K 53 -15.97 29.37 -5.82
C GLY K 53 -14.71 29.60 -6.64
N GLY K 54 -13.92 30.61 -6.28
CA GLY K 54 -12.65 30.93 -6.97
C GLY K 54 -11.72 29.74 -6.91
N THR K 55 -11.40 29.29 -5.70
CA THR K 55 -10.50 28.14 -5.46
C THR K 55 -10.99 26.91 -6.24
N ILE K 56 -12.30 26.70 -6.36
CA ILE K 56 -12.85 25.49 -7.06
C ILE K 56 -12.48 25.59 -8.54
N LYS K 57 -12.61 26.79 -9.13
CA LYS K 57 -12.22 27.06 -10.53
C LYS K 57 -10.74 26.69 -10.70
N ARG K 58 -9.86 27.26 -9.88
CA ARG K 58 -8.40 27.03 -9.95
C ARG K 58 -8.06 25.53 -9.84
N LEU K 59 -8.74 24.79 -8.97
CA LEU K 59 -8.51 23.32 -8.76
C LEU K 59 -9.00 22.53 -9.99
N THR K 60 -10.16 22.91 -10.52
CA THR K 60 -10.76 22.33 -11.74
C THR K 60 -9.77 22.47 -12.92
N ASP K 61 -9.17 23.65 -13.07
CA ASP K 61 -8.22 24.02 -14.16
C ASP K 61 -6.92 23.21 -14.01
N ARG K 62 -6.31 23.23 -12.82
CA ARG K 62 -5.12 22.39 -12.49
C ARG K 62 -5.45 20.90 -12.63
N GLY K 63 -6.65 20.54 -13.11
CA GLY K 63 -7.03 19.16 -13.48
C GLY K 63 -7.53 18.31 -12.32
N ILE K 64 -7.92 18.91 -11.18
CA ILE K 64 -8.39 18.18 -9.97
C ILE K 64 -9.92 18.05 -10.02
N GLU K 65 -10.43 16.82 -9.86
CA GLU K 65 -11.88 16.47 -9.77
C GLU K 65 -12.45 17.07 -8.49
N VAL K 66 -13.55 17.81 -8.59
CA VAL K 66 -14.25 18.47 -7.46
C VAL K 66 -15.70 18.01 -7.48
N ILE K 67 -16.14 17.37 -6.40
CA ILE K 67 -17.54 16.88 -6.24
C ILE K 67 -18.23 17.68 -5.13
N TYR K 68 -19.43 18.18 -5.40
CA TYR K 68 -20.30 18.83 -4.39
C TYR K 68 -21.11 17.76 -3.64
N ILE K 69 -21.22 17.91 -2.32
CA ILE K 69 -22.34 17.33 -1.51
C ILE K 69 -23.16 18.49 -0.96
N CYS K 70 -24.44 18.52 -1.33
CA CYS K 70 -25.41 19.53 -0.85
C CYS K 70 -26.35 18.87 0.18
N MET K 71 -26.26 19.36 1.43
CA MET K 71 -26.94 18.78 2.61
C MET K 71 -28.45 19.01 2.47
N THR K 72 -28.86 20.24 2.15
CA THR K 72 -30.29 20.66 2.09
C THR K 72 -30.74 20.95 0.65
N ASP K 73 -32.02 21.28 0.51
CA ASP K 73 -32.78 21.39 -0.76
C ASP K 73 -33.07 22.87 -1.05
N GLY K 74 -32.72 23.78 -0.13
CA GLY K 74 -32.94 25.23 -0.28
C GLY K 74 -34.42 25.65 -0.21
N TYR K 75 -35.31 24.75 0.25
CA TYR K 75 -36.80 24.86 0.25
C TYR K 75 -37.28 26.17 0.85
N MET K 76 -36.56 26.79 1.78
CA MET K 76 -37.10 27.93 2.56
C MET K 76 -36.70 29.29 1.99
N GLY K 77 -35.69 29.35 1.12
CA GLY K 77 -34.91 30.58 0.82
C GLY K 77 -35.57 31.52 -0.20
N THR K 78 -36.77 32.03 0.10
CA THR K 78 -37.50 33.07 -0.68
C THR K 78 -38.51 33.75 0.22
N THR K 79 -38.63 35.07 0.08
CA THR K 79 -39.69 35.93 0.69
C THR K 79 -40.90 36.02 -0.24
N ASP K 80 -40.80 35.51 -1.48
CA ASP K 80 -41.91 35.55 -2.47
C ASP K 80 -43.02 34.57 -2.05
N GLU K 81 -44.18 35.09 -1.64
CA GLU K 81 -45.34 34.30 -1.14
C GLU K 81 -45.94 33.41 -2.23
N ASN K 82 -45.46 33.45 -3.49
CA ASN K 82 -46.05 32.71 -4.63
C ASN K 82 -45.28 31.43 -4.92
N ILE K 83 -44.03 31.33 -4.46
CA ILE K 83 -43.13 30.19 -4.76
C ILE K 83 -43.24 29.17 -3.60
N THR K 84 -43.86 27.98 -3.85
CA THR K 84 -43.85 26.90 -2.83
C THR K 84 -42.41 26.41 -2.67
N GLY K 85 -42.05 25.91 -1.49
CA GLY K 85 -40.70 25.36 -1.22
C GLY K 85 -40.34 24.29 -2.25
N HIS K 86 -41.32 23.50 -2.68
CA HIS K 86 -41.14 22.42 -3.69
C HIS K 86 -40.66 22.99 -5.01
N GLU K 87 -41.23 24.12 -5.45
CA GLU K 87 -40.81 24.85 -6.69
C GLU K 87 -39.38 25.29 -6.47
N LEU K 88 -39.13 26.00 -5.37
CA LEU K 88 -37.82 26.65 -5.11
C LEU K 88 -36.71 25.60 -5.14
N ALA K 89 -36.97 24.40 -4.62
CA ALA K 89 -35.99 23.28 -4.61
C ALA K 89 -35.60 22.97 -6.06
N GLN K 90 -36.59 22.63 -6.87
CA GLN K 90 -36.49 22.33 -8.32
C GLN K 90 -35.63 23.40 -9.00
N ILE K 91 -35.94 24.67 -8.74
CA ILE K 91 -35.23 25.86 -9.31
C ILE K 91 -33.77 25.82 -8.89
N ARG K 92 -33.51 25.81 -7.58
CA ARG K 92 -32.14 25.97 -7.02
C ARG K 92 -31.29 24.76 -7.42
N ARG K 93 -31.90 23.62 -7.72
CA ARG K 93 -31.19 22.45 -8.29
C ARG K 93 -30.58 22.88 -9.63
N LYS K 94 -31.41 23.43 -10.54
CA LYS K 94 -30.97 23.93 -11.86
C LYS K 94 -29.95 25.06 -11.64
N GLU K 95 -30.20 26.00 -10.74
CA GLU K 95 -29.24 27.11 -10.49
C GLU K 95 -27.87 26.54 -10.09
N GLU K 96 -27.80 25.46 -9.28
CA GLU K 96 -26.50 24.92 -8.80
C GLU K 96 -25.83 24.18 -9.96
N GLU K 97 -26.60 23.42 -10.75
CA GLU K 97 -26.09 22.71 -11.96
C GLU K 97 -25.42 23.73 -12.91
N GLU K 98 -25.95 24.95 -13.07
CA GLU K 98 -25.38 25.96 -14.00
C GLU K 98 -24.13 26.59 -13.37
N SER K 99 -24.21 27.03 -12.12
CA SER K 99 -23.06 27.51 -11.29
C SER K 99 -21.95 26.46 -11.32
N ALA K 100 -22.30 25.18 -11.16
CA ALA K 100 -21.35 24.04 -11.12
C ALA K 100 -20.54 24.00 -12.41
N LYS K 101 -21.23 23.97 -13.56
CA LYS K 101 -20.61 23.92 -14.91
C LYS K 101 -19.63 25.09 -15.08
N MET K 102 -20.03 26.31 -14.74
CA MET K 102 -19.17 27.52 -14.87
C MET K 102 -17.84 27.35 -14.12
N LEU K 103 -17.76 26.43 -13.13
CA LEU K 103 -16.58 26.27 -12.24
C LEU K 103 -15.86 24.94 -12.54
N GLY K 104 -16.48 24.07 -13.34
CA GLY K 104 -15.88 22.81 -13.82
C GLY K 104 -16.28 21.63 -12.97
N VAL K 105 -17.42 21.70 -12.29
CA VAL K 105 -17.88 20.63 -11.37
C VAL K 105 -18.94 19.83 -12.11
N LYS K 106 -18.77 18.51 -12.15
CA LYS K 106 -19.52 17.59 -13.05
C LYS K 106 -20.54 16.81 -12.23
N LYS K 107 -20.16 16.32 -11.05
CA LYS K 107 -20.96 15.45 -10.15
C LYS K 107 -21.42 16.26 -8.92
N ILE K 108 -22.69 16.12 -8.53
CA ILE K 108 -23.29 16.71 -7.29
C ILE K 108 -24.18 15.66 -6.62
N TYR K 109 -23.92 15.33 -5.35
CA TYR K 109 -24.81 14.52 -4.50
C TYR K 109 -25.80 15.45 -3.75
N TRP K 110 -27.09 15.10 -3.79
CA TRP K 110 -28.16 15.85 -3.07
C TRP K 110 -28.72 14.97 -1.95
N LEU K 111 -28.44 15.32 -0.70
CA LEU K 111 -29.02 14.56 0.45
C LEU K 111 -30.52 14.86 0.58
N ASN K 112 -30.95 16.08 0.26
CA ASN K 112 -32.38 16.47 0.24
C ASN K 112 -33.00 16.54 1.63
N TYR K 113 -32.19 16.63 2.68
CA TYR K 113 -32.67 17.14 3.98
C TYR K 113 -33.25 18.52 3.69
N ARG K 114 -34.37 18.89 4.32
CA ARG K 114 -35.07 20.17 4.09
C ARG K 114 -34.29 21.31 4.76
N ASP K 115 -34.07 22.39 4.01
CA ASP K 115 -33.56 23.70 4.48
C ASP K 115 -34.19 23.97 5.86
N THR K 116 -33.37 24.32 6.86
CA THR K 116 -33.74 24.72 8.25
C THR K 116 -33.99 23.49 9.13
N GLU K 117 -33.97 22.28 8.57
CA GLU K 117 -34.44 21.05 9.25
C GLU K 117 -33.37 19.97 9.05
N LEU K 118 -32.09 20.37 9.09
CA LEU K 118 -30.96 19.42 8.91
C LEU K 118 -30.61 18.87 10.28
N PRO K 119 -30.91 17.58 10.54
CA PRO K 119 -30.57 16.96 11.82
C PRO K 119 -29.06 16.92 12.04
N TYR K 120 -28.59 17.15 13.27
CA TYR K 120 -27.25 16.71 13.73
C TYR K 120 -27.44 15.29 14.30
N SER K 121 -27.84 14.34 13.45
CA SER K 121 -28.14 12.94 13.82
C SER K 121 -27.03 12.00 13.35
N ARG K 122 -27.01 10.80 13.92
CA ARG K 122 -26.17 9.65 13.49
C ARG K 122 -26.47 9.33 12.03
N GLU K 123 -27.77 9.25 11.70
CA GLU K 123 -28.28 8.96 10.34
C GLU K 123 -27.56 9.82 9.30
N VAL K 124 -27.38 11.12 9.55
CA VAL K 124 -26.80 12.04 8.52
C VAL K 124 -25.31 11.72 8.40
N ARG K 125 -24.62 11.43 9.50
CA ARG K 125 -23.21 10.97 9.45
C ARG K 125 -23.09 9.75 8.55
N LYS K 126 -23.97 8.77 8.71
CA LYS K 126 -23.97 7.49 7.96
C LYS K 126 -24.08 7.80 6.46
N ASP K 127 -24.96 8.74 6.08
CA ASP K 127 -25.19 9.17 4.68
C ASP K 127 -23.88 9.74 4.10
N LEU K 128 -23.23 10.68 4.80
CA LEU K 128 -21.96 11.32 4.35
C LEU K 128 -20.83 10.29 4.22
N VAL K 129 -20.73 9.34 5.15
CA VAL K 129 -19.65 8.32 5.18
C VAL K 129 -19.81 7.45 3.94
N LYS K 130 -21.02 6.95 3.70
CA LYS K 130 -21.40 6.18 2.49
C LYS K 130 -20.77 6.83 1.25
N ILE K 131 -20.92 8.15 1.09
CA ILE K 131 -20.40 8.87 -0.10
C ILE K 131 -18.87 8.87 -0.03
N ILE K 132 -18.29 9.38 1.05
CA ILE K 132 -16.81 9.42 1.27
C ILE K 132 -16.21 8.04 0.94
N ARG K 133 -16.83 6.97 1.41
CA ARG K 133 -16.28 5.60 1.25
C ARG K 133 -16.33 5.17 -0.22
N LYS K 134 -17.35 5.62 -0.95
CA LYS K 134 -17.51 5.35 -2.41
C LYS K 134 -16.49 6.16 -3.21
N GLU K 135 -16.53 7.49 -3.10
CA GLU K 135 -15.73 8.43 -3.93
C GLU K 135 -14.26 8.45 -3.49
N LYS K 136 -13.90 7.80 -2.40
CA LYS K 136 -12.51 7.73 -1.87
C LYS K 136 -11.76 9.04 -2.12
N PRO K 137 -12.28 10.22 -1.74
CA PRO K 137 -11.57 11.48 -2.02
C PRO K 137 -10.32 11.69 -1.15
N ASP K 138 -9.36 12.45 -1.68
CA ASP K 138 -8.07 12.74 -1.02
C ASP K 138 -8.27 13.90 -0.04
N GLY K 139 -9.25 14.77 -0.35
CA GLY K 139 -9.50 16.02 0.39
C GLY K 139 -10.98 16.25 0.62
N VAL K 140 -11.32 16.96 1.70
CA VAL K 140 -12.69 17.42 1.99
C VAL K 140 -12.65 18.88 2.45
N PHE K 141 -13.45 19.72 1.80
CA PHE K 141 -13.71 21.10 2.26
C PHE K 141 -15.11 21.14 2.87
N LEU K 142 -15.22 21.85 3.99
CA LEU K 142 -16.45 21.97 4.79
C LEU K 142 -16.41 23.28 5.56
N PRO K 143 -17.58 23.86 5.91
CA PRO K 143 -17.62 25.15 6.59
C PRO K 143 -17.21 25.03 8.06
N ASP K 144 -16.41 25.99 8.52
CA ASP K 144 -15.89 26.04 9.92
C ASP K 144 -17.09 26.17 10.84
N PRO K 145 -17.41 25.14 11.65
CA PRO K 145 -18.56 25.21 12.56
C PRO K 145 -18.30 26.16 13.74
N TRP K 146 -17.05 26.57 13.96
CA TRP K 146 -16.66 27.53 15.04
C TRP K 146 -16.64 28.96 14.52
N LEU K 147 -17.17 29.23 13.32
CA LEU K 147 -17.22 30.61 12.80
C LEU K 147 -18.05 31.46 13.76
N PRO K 148 -17.50 32.53 14.35
CA PRO K 148 -18.25 33.34 15.30
C PRO K 148 -19.52 33.98 14.73
N TYR K 149 -20.57 33.92 15.53
CA TYR K 149 -21.91 34.55 15.31
C TYR K 149 -22.62 33.88 14.13
N GLU K 150 -22.21 32.68 13.73
CA GLU K 150 -22.97 31.89 12.73
C GLU K 150 -24.26 31.38 13.38
N ALA K 151 -25.39 31.92 12.97
CA ALA K 151 -26.71 31.73 13.61
C ALA K 151 -27.57 30.77 12.79
N HIS K 152 -27.03 30.23 11.70
CA HIS K 152 -27.78 29.31 10.81
C HIS K 152 -27.48 27.86 11.20
N PRO K 153 -28.47 27.12 11.75
CA PRO K 153 -28.24 25.77 12.26
C PRO K 153 -27.69 24.79 11.22
N ASP K 154 -28.16 24.92 9.99
CA ASP K 154 -27.73 24.05 8.86
C ASP K 154 -26.21 24.18 8.68
N HIS K 155 -25.63 25.38 8.91
CA HIS K 155 -24.17 25.61 8.76
C HIS K 155 -23.43 24.93 9.91
N ARG K 156 -23.81 25.22 11.15
CA ARG K 156 -23.19 24.62 12.36
C ARG K 156 -23.24 23.09 12.19
N ALA K 157 -24.41 22.54 11.90
CA ALA K 157 -24.60 21.08 11.73
C ALA K 157 -23.65 20.54 10.66
N THR K 158 -23.65 21.15 9.48
CA THR K 158 -22.88 20.64 8.31
C THR K 158 -21.42 20.53 8.73
N GLY K 159 -20.88 21.60 9.32
CA GLY K 159 -19.50 21.64 9.81
C GLY K 159 -19.18 20.44 10.70
N PHE K 160 -19.96 20.25 11.74
CA PHE K 160 -19.72 19.17 12.72
C PHE K 160 -19.87 17.81 12.03
N LEU K 161 -20.98 17.58 11.34
CA LEU K 161 -21.29 16.30 10.64
C LEU K 161 -20.14 15.94 9.68
N ALA K 162 -19.61 16.91 8.94
CA ALA K 162 -18.54 16.68 7.94
C ALA K 162 -17.31 16.11 8.65
N LEU K 163 -16.84 16.81 9.69
CA LEU K 163 -15.68 16.38 10.52
C LEU K 163 -15.92 14.97 11.07
N ASP K 164 -17.10 14.72 11.61
CA ASP K 164 -17.45 13.38 12.19
C ASP K 164 -17.33 12.35 11.06
N ALA K 165 -17.87 12.64 9.88
CA ALA K 165 -17.89 11.70 8.74
C ALA K 165 -16.46 11.37 8.31
N VAL K 166 -15.62 12.40 8.18
CA VAL K 166 -14.17 12.24 7.87
C VAL K 166 -13.52 11.30 8.90
N ALA K 167 -13.73 11.58 10.18
CA ALA K 167 -13.13 10.86 11.33
C ALA K 167 -13.59 9.40 11.37
N PHE K 168 -14.83 9.11 10.99
CA PHE K 168 -15.45 7.78 11.22
C PHE K 168 -15.42 6.93 9.94
N SER K 169 -15.17 7.53 8.78
CA SER K 169 -15.13 6.82 7.47
C SER K 169 -14.15 5.65 7.53
N PRO K 170 -12.97 5.80 8.19
CA PRO K 170 -12.00 4.71 8.29
C PRO K 170 -12.25 3.62 9.35
N LEU K 171 -13.31 3.73 10.15
CA LEU K 171 -13.61 2.74 11.21
C LEU K 171 -14.54 1.69 10.66
N PRO K 172 -14.09 0.44 10.50
CA PRO K 172 -14.92 -0.61 9.89
C PRO K 172 -16.17 -0.97 10.70
N ASN K 173 -16.17 -0.68 11.99
CA ASN K 173 -17.33 -0.97 12.89
C ASN K 173 -18.45 0.08 12.75
N PHE K 174 -18.16 1.22 12.10
CA PHE K 174 -19.10 2.34 11.89
C PHE K 174 -19.89 2.13 10.59
N SER K 175 -21.21 1.99 10.71
CA SER K 175 -22.10 1.72 9.56
C SER K 175 -21.58 0.48 8.85
N ASN K 176 -21.56 -0.66 9.54
CA ASN K 176 -20.79 -1.85 9.07
C ASN K 176 -21.42 -2.39 7.79
N ILE K 177 -22.72 -2.15 7.55
CA ILE K 177 -23.43 -2.65 6.35
C ILE K 177 -22.78 -2.06 5.08
N ASP K 178 -22.26 -0.82 5.13
CA ASP K 178 -21.46 -0.20 4.05
C ASP K 178 -20.39 -1.19 3.56
N LEU K 179 -19.68 -1.83 4.48
CA LEU K 179 -18.62 -2.84 4.15
C LEU K 179 -19.26 -4.08 3.55
N ASP K 180 -20.22 -4.68 4.24
CA ASP K 180 -20.92 -5.93 3.85
C ASP K 180 -21.50 -5.82 2.42
N ILE K 181 -21.57 -4.64 1.82
CA ILE K 181 -22.11 -4.45 0.43
C ILE K 181 -21.05 -3.85 -0.50
N GLY K 182 -19.78 -3.83 -0.12
CA GLY K 182 -18.69 -3.47 -1.04
C GLY K 182 -17.82 -2.32 -0.56
N LEU K 183 -18.40 -1.27 -0.01
CA LEU K 183 -17.65 -0.03 0.34
C LEU K 183 -16.64 -0.33 1.45
N LYS K 184 -15.35 -0.26 1.12
CA LYS K 184 -14.24 -0.40 2.11
C LYS K 184 -14.08 0.92 2.85
N PRO K 185 -13.56 0.89 4.09
CA PRO K 185 -13.18 2.10 4.83
C PRO K 185 -12.28 3.01 4.01
N HIS K 186 -12.20 4.29 4.38
CA HIS K 186 -11.39 5.29 3.67
C HIS K 186 -10.91 6.35 4.66
N SER K 187 -9.64 6.73 4.55
CA SER K 187 -9.04 7.86 5.28
C SER K 187 -8.84 9.02 4.32
N VAL K 188 -9.48 10.15 4.58
CA VAL K 188 -9.22 11.40 3.84
C VAL K 188 -7.82 11.87 4.24
N SER K 189 -7.07 12.47 3.31
CA SER K 189 -5.66 12.91 3.51
C SER K 189 -5.62 14.38 3.90
N PHE K 190 -6.66 15.15 3.58
CA PHE K 190 -6.66 16.62 3.70
C PHE K 190 -8.04 17.14 4.18
N ILE K 191 -8.04 18.06 5.14
CA ILE K 191 -9.30 18.69 5.64
C ILE K 191 -9.12 20.21 5.58
N GLY K 192 -9.96 20.88 4.78
CA GLY K 192 -10.01 22.35 4.69
C GLY K 192 -11.32 22.91 5.19
N LEU K 193 -11.25 23.86 6.12
CA LEU K 193 -12.44 24.62 6.59
C LEU K 193 -12.53 25.90 5.77
N TYR K 194 -13.64 26.11 5.06
CA TYR K 194 -13.96 27.41 4.39
C TYR K 194 -14.92 28.21 5.28
N TYR K 195 -15.23 29.43 4.91
CA TYR K 195 -16.05 30.35 5.74
C TYR K 195 -15.48 30.37 7.17
N THR K 196 -14.18 30.66 7.37
CA THR K 196 -13.52 30.69 8.71
C THR K 196 -13.00 32.09 9.01
N SER K 197 -12.94 32.43 10.30
CA SER K 197 -12.40 33.73 10.77
C SER K 197 -10.95 33.54 11.20
N ARG K 198 -10.46 32.29 11.27
CA ARG K 198 -9.05 31.97 11.66
C ARG K 198 -8.41 31.12 10.56
N PRO K 199 -8.26 31.69 9.34
CA PRO K 199 -7.65 30.97 8.24
C PRO K 199 -6.12 31.00 8.43
N ASN K 200 -5.44 29.97 7.92
CA ASN K 200 -3.96 29.87 8.00
C ASN K 200 -3.39 29.56 6.60
N TYR K 201 -4.22 29.56 5.57
CA TYR K 201 -3.80 29.25 4.18
C TYR K 201 -4.75 29.93 3.20
N PHE K 202 -4.18 30.64 2.23
CA PHE K 202 -4.93 31.54 1.33
C PHE K 202 -4.72 31.13 -0.13
N VAL K 203 -5.57 31.66 -1.00
CA VAL K 203 -5.58 31.38 -2.46
C VAL K 203 -5.94 32.70 -3.15
N ASP K 204 -5.06 33.23 -4.00
CA ASP K 204 -5.33 34.44 -4.81
C ASP K 204 -6.46 34.07 -5.76
N ILE K 205 -7.51 34.89 -5.80
CA ILE K 205 -8.66 34.70 -6.73
C ILE K 205 -8.92 36.00 -7.50
N THR K 206 -7.96 36.93 -7.47
CA THR K 206 -8.08 38.28 -8.11
C THR K 206 -8.40 38.12 -9.60
N ASP K 207 -7.73 37.17 -10.26
CA ASP K 207 -7.89 36.84 -11.71
C ASP K 207 -9.29 36.27 -11.97
N VAL K 208 -9.84 35.51 -11.01
CA VAL K 208 -11.04 34.62 -11.20
C VAL K 208 -12.30 35.31 -10.66
N MET K 209 -12.14 36.41 -9.90
CA MET K 209 -13.23 37.07 -9.15
C MET K 209 -14.48 37.25 -10.03
N ASP K 210 -14.32 37.78 -11.24
CA ASP K 210 -15.47 38.13 -12.12
C ASP K 210 -16.24 36.85 -12.47
N LEU K 211 -15.56 35.74 -12.70
CA LEU K 211 -16.24 34.43 -12.97
C LEU K 211 -16.97 33.99 -11.70
N LYS K 212 -16.29 34.02 -10.54
CA LYS K 212 -16.89 33.67 -9.23
C LYS K 212 -18.22 34.41 -9.09
N LEU K 213 -18.19 35.75 -9.19
CA LEU K 213 -19.38 36.62 -9.00
C LEU K 213 -20.47 36.27 -10.03
N LYS K 214 -20.11 35.92 -11.26
CA LYS K 214 -21.09 35.53 -12.31
C LYS K 214 -21.71 34.18 -11.93
N ALA K 215 -20.91 33.27 -11.35
CA ALA K 215 -21.32 31.91 -10.94
C ALA K 215 -22.23 31.98 -9.69
N ILE K 216 -22.09 33.04 -8.90
CA ILE K 216 -22.97 33.31 -7.74
C ILE K 216 -24.34 33.77 -8.27
N ARG K 217 -24.33 34.73 -9.19
CA ARG K 217 -25.57 35.34 -9.76
C ARG K 217 -26.33 34.28 -10.56
N ALA K 218 -25.69 33.18 -10.92
CA ALA K 218 -26.36 32.02 -11.56
C ALA K 218 -27.53 31.59 -10.67
N HIS K 219 -27.39 31.77 -9.36
CA HIS K 219 -28.44 31.60 -8.34
C HIS K 219 -29.36 32.81 -8.39
N LYS K 220 -30.19 32.89 -9.43
CA LYS K 220 -31.06 34.06 -9.72
C LYS K 220 -32.02 34.26 -8.53
N SER K 221 -32.66 33.16 -8.10
CA SER K 221 -33.66 33.12 -7.01
C SER K 221 -33.10 33.81 -5.76
N GLN K 222 -31.82 33.62 -5.46
CA GLN K 222 -31.20 34.16 -4.23
C GLN K 222 -30.69 35.60 -4.44
N PHE K 223 -30.46 36.04 -5.68
CA PHE K 223 -29.80 37.34 -5.97
C PHE K 223 -30.48 38.08 -7.13
N PRO K 224 -31.71 38.61 -6.94
CA PRO K 224 -32.22 39.68 -7.80
C PRO K 224 -31.34 40.93 -7.62
N ASP K 225 -31.65 42.01 -8.34
CA ASP K 225 -30.80 43.23 -8.40
C ASP K 225 -30.91 44.00 -7.09
N ASP K 226 -32.12 44.06 -6.52
CA ASP K 226 -32.42 44.61 -5.16
C ASP K 226 -31.33 44.13 -4.19
N ILE K 227 -31.28 42.81 -4.03
CA ILE K 227 -30.41 42.05 -3.08
C ILE K 227 -28.95 42.29 -3.48
N TRP K 228 -28.63 42.13 -4.77
CA TRP K 228 -27.25 42.12 -5.30
C TRP K 228 -26.55 43.45 -5.02
N GLU K 229 -27.33 44.54 -4.86
CA GLU K 229 -26.79 45.89 -4.54
C GLU K 229 -26.00 45.82 -3.23
N THR K 230 -26.43 44.96 -2.29
CA THR K 230 -25.83 44.81 -0.95
C THR K 230 -24.82 43.65 -0.94
N TRP K 231 -25.10 42.57 -1.65
CA TRP K 231 -24.24 41.35 -1.59
C TRP K 231 -22.93 41.56 -2.35
N GLU K 232 -22.94 42.13 -3.56
CA GLU K 232 -21.68 42.33 -4.34
C GLU K 232 -20.66 43.07 -3.46
N PRO K 233 -20.97 44.26 -2.90
CA PRO K 233 -20.02 44.95 -2.03
C PRO K 233 -19.54 44.07 -0.85
N PHE K 234 -20.46 43.35 -0.21
CA PHE K 234 -20.15 42.41 0.90
C PHE K 234 -19.09 41.40 0.44
N LEU K 235 -19.42 40.58 -0.56
CA LEU K 235 -18.55 39.51 -1.13
C LEU K 235 -17.14 40.05 -1.44
N ARG K 236 -17.05 41.27 -1.96
CA ARG K 236 -15.76 41.94 -2.26
C ARG K 236 -15.04 42.26 -0.95
N THR K 237 -15.77 42.79 0.03
CA THR K 237 -15.23 43.16 1.36
C THR K 237 -14.66 41.89 2.02
N VAL K 238 -15.29 40.73 1.81
CA VAL K 238 -14.82 39.44 2.39
C VAL K 238 -13.49 39.09 1.73
N ALA K 239 -13.47 39.03 0.39
CA ALA K 239 -12.26 38.74 -0.42
C ALA K 239 -11.09 39.67 0.00
N LEU K 240 -11.38 40.92 0.37
CA LEU K 240 -10.34 41.89 0.78
C LEU K 240 -9.79 41.52 2.16
N TYR K 241 -10.66 41.13 3.10
CA TYR K 241 -10.29 40.68 4.47
C TYR K 241 -9.25 39.56 4.36
N TYR K 242 -9.58 38.53 3.57
CA TYR K 242 -8.70 37.38 3.27
C TYR K 242 -7.46 37.88 2.49
N GLY K 243 -7.67 38.76 1.50
CA GLY K 243 -6.59 39.36 0.68
C GLY K 243 -5.53 40.04 1.54
N GLN K 244 -5.94 40.91 2.46
CA GLN K 244 -5.03 41.66 3.36
C GLN K 244 -4.00 40.72 3.97
N LYS K 245 -4.45 39.57 4.47
CA LYS K 245 -3.60 38.61 5.23
C LYS K 245 -2.71 37.81 4.28
N ALA K 246 -3.06 37.74 2.98
CA ALA K 246 -2.33 36.96 1.94
C ALA K 246 -1.50 37.89 1.05
N GLY K 247 -1.49 39.20 1.36
CA GLY K 247 -0.83 40.25 0.57
C GLY K 247 -1.20 40.21 -0.91
N VAL K 248 -2.47 39.92 -1.26
CA VAL K 248 -3.02 40.16 -2.63
C VAL K 248 -4.27 41.03 -2.49
N LYS K 249 -5.00 41.26 -3.58
CA LYS K 249 -6.25 42.07 -3.56
C LYS K 249 -7.38 41.20 -3.01
N TYR K 250 -7.79 40.19 -3.78
CA TYR K 250 -8.94 39.29 -3.53
C TYR K 250 -8.42 37.86 -3.32
N ALA K 251 -8.64 37.31 -2.11
CA ALA K 251 -8.24 35.94 -1.71
C ALA K 251 -9.42 35.17 -1.09
N GLU K 252 -9.28 33.85 -0.99
CA GLU K 252 -10.17 32.94 -0.22
C GLU K 252 -9.34 32.29 0.88
N GLY K 253 -9.81 32.38 2.12
CA GLY K 253 -9.12 31.82 3.29
C GLY K 253 -9.63 30.43 3.62
N PHE K 254 -8.75 29.56 4.11
CA PHE K 254 -9.09 28.21 4.63
C PHE K 254 -8.32 27.98 5.93
N ARG K 255 -8.88 27.19 6.84
CA ARG K 255 -8.12 26.70 8.01
C ARG K 255 -7.79 25.24 7.74
N ILE K 256 -6.50 24.93 7.72
CA ILE K 256 -5.95 23.57 7.49
C ILE K 256 -5.15 23.21 8.74
N MET K 257 -5.47 22.08 9.35
CA MET K 257 -4.74 21.53 10.53
C MET K 257 -4.59 20.03 10.33
N PRO K 258 -3.64 19.38 11.04
CA PRO K 258 -3.55 17.92 11.03
C PRO K 258 -4.81 17.31 11.64
N GLY K 259 -5.27 16.17 11.13
CA GLY K 259 -6.44 15.44 11.67
C GLY K 259 -6.39 15.35 13.19
N LEU K 260 -5.19 15.17 13.77
CA LEU K 260 -5.01 14.89 15.21
C LEU K 260 -5.48 16.07 16.08
N PHE K 261 -5.33 17.28 15.57
CA PHE K 261 -5.58 18.56 16.29
C PHE K 261 -7.07 18.83 16.51
N TYR K 262 -7.94 18.06 15.85
CA TYR K 262 -9.41 18.16 16.00
C TYR K 262 -9.87 17.33 17.22
N HIS K 263 -8.94 17.00 18.13
CA HIS K 263 -9.21 16.16 19.33
C HIS K 263 -8.15 16.39 20.40
N ILE K 264 -8.60 16.84 21.56
CA ILE K 264 -7.83 16.93 22.83
C ILE K 264 -6.47 17.62 22.58
N THR K 265 -6.46 18.65 21.75
CA THR K 265 -5.24 19.41 21.41
C THR K 265 -5.38 20.83 21.96
N PRO K 266 -4.80 21.07 23.16
CA PRO K 266 -4.93 22.37 23.82
C PRO K 266 -4.14 23.51 23.13
N PHE K 267 -3.27 23.18 22.18
CA PHE K 267 -2.44 24.14 21.42
C PHE K 267 -2.91 24.19 19.97
N ALA K 268 -4.09 23.65 19.68
CA ALA K 268 -4.71 23.63 18.33
C ALA K 268 -4.77 25.07 17.79
N GLU K 269 -5.06 26.04 18.65
CA GLU K 269 -5.23 27.46 18.28
C GLU K 269 -3.93 28.04 17.71
N LEU K 270 -2.76 27.45 17.98
CA LEU K 270 -1.43 27.97 17.56
C LEU K 270 -1.03 27.47 16.17
N ILE K 271 -1.84 27.73 15.16
CA ILE K 271 -1.53 27.36 13.76
C ILE K 271 -2.13 28.42 12.82
N PHE L 6 -19.12 50.06 -6.69
CA PHE L 6 -17.69 50.54 -6.52
C PHE L 6 -16.72 49.44 -6.00
N GLU L 7 -16.45 48.56 -6.96
CA GLU L 7 -15.55 47.37 -6.85
C GLU L 7 -14.12 47.82 -6.49
N GLU L 8 -13.67 48.99 -6.97
CA GLU L 8 -12.24 49.29 -7.23
C GLU L 8 -11.53 49.67 -5.93
N ILE L 9 -12.00 49.22 -4.78
CA ILE L 9 -11.37 49.45 -3.45
C ILE L 9 -10.28 48.41 -3.25
N ASN L 10 -9.11 48.83 -2.72
CA ASN L 10 -7.90 47.98 -2.54
C ASN L 10 -7.47 47.87 -1.06
N ASP L 11 -8.02 48.68 -0.17
CA ASP L 11 -7.86 48.53 1.32
C ASP L 11 -9.10 47.81 1.86
N PHE L 12 -8.94 46.86 2.78
CA PHE L 12 -10.09 46.23 3.49
C PHE L 12 -10.74 47.30 4.40
N GLU L 13 -9.94 47.98 5.23
CA GLU L 13 -10.44 48.96 6.24
C GLU L 13 -11.38 49.98 5.57
N THR L 14 -11.07 50.40 4.34
CA THR L 14 -11.90 51.35 3.55
C THR L 14 -13.26 50.69 3.25
N ALA L 15 -13.24 49.53 2.61
CA ALA L 15 -14.43 48.76 2.15
C ALA L 15 -15.32 48.43 3.34
N PHE L 16 -14.70 48.09 4.47
CA PHE L 16 -15.38 47.75 5.75
C PHE L 16 -16.18 48.97 6.20
N LYS L 17 -15.52 50.12 6.35
CA LYS L 17 -16.15 51.40 6.82
C LYS L 17 -17.26 51.79 5.85
N ARG L 18 -17.04 51.61 4.55
CA ARG L 18 -18.04 51.96 3.50
C ARG L 18 -19.21 50.97 3.56
N LEU L 19 -18.94 49.70 3.83
CA LEU L 19 -19.99 48.64 3.94
C LEU L 19 -20.95 49.00 5.09
N LEU L 20 -20.42 49.32 6.27
CA LEU L 20 -21.24 49.60 7.48
C LEU L 20 -22.00 50.92 7.31
N ASN L 21 -21.31 51.99 6.91
CA ASN L 21 -21.85 53.38 6.89
C ASN L 21 -22.80 53.56 5.70
N GLU L 22 -22.37 53.24 4.48
CA GLU L 22 -23.11 53.59 3.24
C GLU L 22 -24.05 52.46 2.83
N VAL L 23 -23.57 51.21 2.79
CA VAL L 23 -24.31 50.07 2.19
C VAL L 23 -25.39 49.58 3.16
N LEU L 24 -25.01 49.36 4.43
CA LEU L 24 -25.91 48.83 5.49
C LEU L 24 -26.57 49.93 6.30
N GLU L 25 -26.02 51.14 6.37
CA GLU L 25 -26.58 52.26 7.19
C GLU L 25 -26.66 51.81 8.66
N PHE L 26 -25.66 51.04 9.11
CA PHE L 26 -25.57 50.50 10.48
C PHE L 26 -25.29 51.64 11.47
N ASP L 27 -26.24 51.89 12.38
CA ASP L 27 -26.22 53.02 13.34
C ASP L 27 -25.99 52.51 14.77
N LEU L 28 -24.74 52.38 15.19
CA LEU L 28 -24.37 51.94 16.56
C LEU L 28 -24.65 53.08 17.55
N GLN L 29 -24.69 54.33 17.07
CA GLN L 29 -24.87 55.57 17.88
C GLN L 29 -26.28 55.58 18.48
N ASN L 30 -27.34 55.69 17.67
CA ASN L 30 -28.75 55.58 18.13
C ASN L 30 -29.45 54.43 17.40
N PRO L 31 -29.27 53.18 17.88
CA PRO L 31 -29.73 51.99 17.18
C PRO L 31 -31.21 51.67 17.38
N LEU L 32 -31.87 52.34 18.34
CA LEU L 32 -33.28 52.09 18.67
C LEU L 32 -34.18 53.10 17.95
N LYS L 33 -33.61 53.83 16.99
CA LYS L 33 -34.25 55.00 16.32
C LYS L 33 -35.77 54.80 16.25
N ASP L 34 -36.29 53.86 15.47
CA ASP L 34 -37.73 53.84 15.06
C ASP L 34 -38.50 52.72 15.76
N VAL L 35 -38.06 52.30 16.95
CA VAL L 35 -38.60 51.10 17.66
C VAL L 35 -39.74 51.54 18.57
N LYS L 36 -40.97 51.12 18.26
CA LYS L 36 -42.18 51.39 19.09
C LYS L 36 -42.53 50.16 19.94
N LYS L 37 -42.10 48.96 19.52
CA LYS L 37 -42.44 47.68 20.20
C LYS L 37 -41.27 46.68 20.11
N VAL L 38 -40.87 46.11 21.26
CA VAL L 38 -39.80 45.06 21.34
C VAL L 38 -40.33 43.84 22.09
N LEU L 39 -39.80 42.65 21.74
CA LEU L 39 -39.87 41.41 22.55
C LEU L 39 -38.56 41.25 23.33
N CYS L 40 -38.66 40.93 24.62
CA CYS L 40 -37.56 40.36 25.43
C CYS L 40 -37.85 38.88 25.63
N ILE L 41 -36.95 38.04 25.13
CA ILE L 41 -37.07 36.56 25.22
C ILE L 41 -36.18 36.09 26.36
N GLU L 42 -36.79 35.49 27.38
CA GLU L 42 -36.10 34.99 28.60
C GLU L 42 -36.28 33.48 28.69
N PRO L 43 -35.17 32.75 28.95
CA PRO L 43 -35.23 31.31 29.22
C PRO L 43 -36.10 30.94 30.42
N HIS L 44 -35.88 31.60 31.55
CA HIS L 44 -36.60 31.38 32.84
C HIS L 44 -37.25 32.66 33.32
N PRO L 45 -38.28 32.56 34.18
CA PRO L 45 -38.84 33.72 34.85
C PRO L 45 -37.76 34.38 35.73
N ASP L 46 -37.33 35.57 35.35
CA ASP L 46 -36.36 36.43 36.09
C ASP L 46 -35.19 36.81 35.18
N ASP L 47 -35.08 36.19 33.99
CA ASP L 47 -33.87 36.33 33.15
C ASP L 47 -33.90 37.73 32.50
N CYS L 48 -35.09 38.23 32.15
CA CYS L 48 -35.24 39.58 31.53
C CYS L 48 -34.89 40.66 32.55
N VAL L 49 -35.48 40.59 33.74
CA VAL L 49 -35.24 41.61 34.81
C VAL L 49 -33.75 41.56 35.22
N ILE L 50 -33.15 40.38 35.41
CA ILE L 50 -31.72 40.27 35.85
C ILE L 50 -30.83 40.80 34.72
N GLY L 51 -31.15 40.45 33.47
CA GLY L 51 -30.29 40.72 32.31
C GLY L 51 -30.33 42.19 31.93
N MET L 52 -31.53 42.74 31.76
CA MET L 52 -31.72 44.09 31.16
C MET L 52 -32.93 44.80 31.80
N GLY L 53 -33.18 44.54 33.09
CA GLY L 53 -34.30 45.14 33.84
C GLY L 53 -34.26 46.67 33.80
N GLY L 54 -33.07 47.25 33.97
CA GLY L 54 -32.89 48.71 33.94
C GLY L 54 -33.32 49.26 32.59
N THR L 55 -32.73 48.76 31.53
CA THR L 55 -33.03 49.17 30.14
C THR L 55 -34.54 49.03 29.85
N ILE L 56 -35.20 48.01 30.39
CA ILE L 56 -36.64 47.78 30.11
C ILE L 56 -37.44 48.93 30.73
N LYS L 57 -37.07 49.35 31.95
CA LYS L 57 -37.68 50.52 32.64
C LYS L 57 -37.54 51.75 31.74
N ARG L 58 -36.31 52.06 31.32
CA ARG L 58 -36.03 53.26 30.49
C ARG L 58 -36.83 53.23 29.19
N LEU L 59 -37.00 52.07 28.55
CA LEU L 59 -37.77 51.92 27.28
C LEU L 59 -39.28 52.10 27.54
N THR L 60 -39.77 51.53 28.64
CA THR L 60 -41.16 51.66 29.12
C THR L 60 -41.50 53.15 29.31
N ASP L 61 -40.59 53.91 29.93
CA ASP L 61 -40.74 55.35 30.28
C ASP L 61 -40.75 56.20 29.00
N ARG L 62 -39.76 56.01 28.12
CA ARG L 62 -39.70 56.66 26.78
C ARG L 62 -40.91 56.23 25.92
N GLY L 63 -41.87 55.49 26.48
CA GLY L 63 -43.17 55.18 25.85
C GLY L 63 -43.15 53.98 24.91
N ILE L 64 -42.13 53.12 24.97
CA ILE L 64 -41.97 51.93 24.06
C ILE L 64 -42.60 50.70 24.72
N GLU L 65 -43.49 50.00 23.99
CA GLU L 65 -44.15 48.73 24.40
C GLU L 65 -43.10 47.63 24.49
N VAL L 66 -43.05 46.91 25.62
CA VAL L 66 -42.10 45.80 25.88
C VAL L 66 -42.91 44.56 26.24
N ILE L 67 -42.78 43.49 25.46
CA ILE L 67 -43.47 42.19 25.70
C ILE L 67 -42.42 41.13 26.06
N TYR L 68 -42.66 40.38 27.15
CA TYR L 68 -41.85 39.21 27.55
C TYR L 68 -42.34 37.95 26.80
N ILE L 69 -41.39 37.14 26.31
CA ILE L 69 -41.62 35.70 26.03
C ILE L 69 -40.77 34.88 26.99
N CYS L 70 -41.41 34.05 27.81
CA CYS L 70 -40.76 33.15 28.79
C CYS L 70 -40.83 31.71 28.25
N MET L 71 -39.65 31.15 27.97
CA MET L 71 -39.48 29.85 27.30
C MET L 71 -39.92 28.74 28.26
N THR L 72 -39.45 28.77 29.51
CA THR L 72 -39.70 27.71 30.52
C THR L 72 -40.61 28.21 31.65
N ASP L 73 -40.91 27.29 32.58
CA ASP L 73 -41.95 27.42 33.64
C ASP L 73 -41.24 27.60 35.00
N GLY L 74 -39.92 27.50 35.05
CA GLY L 74 -39.11 27.62 36.28
C GLY L 74 -39.28 26.46 37.25
N TYR L 75 -39.87 25.34 36.81
CA TYR L 75 -40.27 24.14 37.60
C TYR L 75 -39.15 23.63 38.50
N MET L 76 -37.88 23.80 38.16
CA MET L 76 -36.77 23.09 38.86
C MET L 76 -36.11 23.97 39.93
N GLY L 77 -36.32 25.29 39.90
CA GLY L 77 -35.45 26.28 40.58
C GLY L 77 -35.70 26.45 42.08
N THR L 78 -35.55 25.40 42.87
CA THR L 78 -35.62 25.39 44.36
C THR L 78 -34.88 24.16 44.89
N THR L 79 -34.16 24.36 46.00
CA THR L 79 -33.53 23.30 46.85
C THR L 79 -34.51 22.84 47.93
N ASP L 80 -35.64 23.50 48.10
CA ASP L 80 -36.64 23.17 49.16
C ASP L 80 -37.37 21.88 48.78
N GLU L 81 -37.14 20.79 49.53
CA GLU L 81 -37.73 19.45 49.22
C GLU L 81 -39.26 19.44 49.39
N ASN L 82 -39.88 20.54 49.82
CA ASN L 82 -41.35 20.57 50.12
C ASN L 82 -42.14 21.19 48.97
N ILE L 83 -41.48 21.94 48.08
CA ILE L 83 -42.13 22.66 46.95
C ILE L 83 -42.07 21.77 45.71
N THR L 84 -43.22 21.21 45.27
CA THR L 84 -43.31 20.50 43.97
C THR L 84 -43.02 21.51 42.85
N GLY L 85 -42.47 21.05 41.73
CA GLY L 85 -42.22 21.91 40.57
C GLY L 85 -43.48 22.62 40.11
N HIS L 86 -44.63 21.95 40.22
CA HIS L 86 -45.96 22.48 39.83
C HIS L 86 -46.30 23.71 40.69
N GLU L 87 -46.02 23.67 42.00
CA GLU L 87 -46.22 24.83 42.92
C GLU L 87 -45.30 25.94 42.44
N LEU L 88 -44.02 25.62 42.30
CA LEU L 88 -42.97 26.64 42.02
C LEU L 88 -43.33 27.39 40.73
N ALA L 89 -43.87 26.71 39.73
CA ALA L 89 -44.29 27.32 38.45
C ALA L 89 -45.34 28.40 38.74
N GLN L 90 -46.43 28.00 39.36
CA GLN L 90 -47.57 28.86 39.81
C GLN L 90 -47.01 30.11 40.51
N ILE L 91 -46.08 29.90 41.45
CA ILE L 91 -45.43 30.98 42.26
C ILE L 91 -44.70 31.93 41.31
N ARG L 92 -43.76 31.40 40.53
CA ARG L 92 -42.82 32.22 39.72
C ARG L 92 -43.61 32.95 38.62
N ARG L 93 -44.77 32.44 38.22
CA ARG L 93 -45.69 33.16 37.31
C ARG L 93 -46.08 34.49 37.99
N LYS L 94 -46.59 34.42 39.23
CA LYS L 94 -46.98 35.60 40.03
C LYS L 94 -45.75 36.48 40.26
N GLU L 95 -44.61 35.91 40.62
CA GLU L 95 -43.37 36.71 40.85
C GLU L 95 -43.03 37.50 39.57
N GLU L 96 -43.19 36.94 38.37
CA GLU L 96 -42.78 37.63 37.11
C GLU L 96 -43.82 38.72 36.83
N GLU L 97 -45.12 38.44 37.02
CA GLU L 97 -46.22 39.42 36.87
C GLU L 97 -45.94 40.66 37.74
N GLU L 98 -45.41 40.51 38.97
CA GLU L 98 -45.15 41.65 39.88
C GLU L 98 -43.90 42.40 39.43
N SER L 99 -42.79 41.69 39.17
CA SER L 99 -41.54 42.23 38.57
C SER L 99 -41.89 42.98 37.28
N ALA L 100 -42.75 42.42 36.43
CA ALA L 100 -43.17 42.98 35.13
C ALA L 100 -43.78 44.36 35.34
N LYS L 101 -44.79 44.45 36.21
CA LYS L 101 -45.52 45.72 36.55
C LYS L 101 -44.50 46.78 37.00
N MET L 102 -43.60 46.45 37.92
CA MET L 102 -42.58 47.40 38.45
C MET L 102 -41.75 48.02 37.31
N LEU L 103 -41.69 47.40 36.13
CA LEU L 103 -40.82 47.82 35.01
C LEU L 103 -41.66 48.37 33.85
N GLY L 104 -42.98 48.19 33.90
CA GLY L 104 -43.95 48.75 32.94
C GLY L 104 -44.29 47.77 31.84
N VAL L 105 -44.19 46.48 32.11
CA VAL L 105 -44.46 45.42 31.10
C VAL L 105 -45.85 44.87 31.37
N LYS L 106 -46.69 44.83 30.34
CA LYS L 106 -48.14 44.59 30.46
C LYS L 106 -48.46 43.16 29.99
N LYS L 107 -47.87 42.71 28.88
CA LYS L 107 -48.14 41.40 28.22
C LYS L 107 -46.94 40.46 28.44
N ILE L 108 -47.20 39.18 28.77
CA ILE L 108 -46.20 38.09 28.89
C ILE L 108 -46.75 36.82 28.23
N TYR L 109 -46.04 36.27 27.24
CA TYR L 109 -46.30 34.94 26.66
C TYR L 109 -45.53 33.86 27.45
N TRP L 110 -46.21 32.78 27.82
CA TRP L 110 -45.61 31.62 28.53
C TRP L 110 -45.63 30.40 27.63
N LEU L 111 -44.49 29.96 27.12
CA LEU L 111 -44.43 28.74 26.28
C LEU L 111 -44.65 27.49 27.15
N ASN L 112 -44.17 27.49 28.40
CA ASN L 112 -44.44 26.39 29.37
C ASN L 112 -43.68 25.11 29.01
N TYR L 113 -42.64 25.20 28.21
CA TYR L 113 -41.60 24.15 28.17
C TYR L 113 -41.08 24.07 29.62
N ARG L 114 -40.80 22.86 30.11
CA ARG L 114 -40.31 22.62 31.50
C ARG L 114 -38.85 23.06 31.63
N ASP L 115 -38.55 23.83 32.67
CA ASP L 115 -37.18 24.19 33.13
C ASP L 115 -36.29 22.94 32.98
N THR L 116 -35.12 23.09 32.35
CA THR L 116 -34.06 22.05 32.13
C THR L 116 -34.38 21.16 30.93
N GLU L 117 -35.56 21.32 30.32
CA GLU L 117 -36.10 20.35 29.32
C GLU L 117 -36.59 21.17 28.11
N LEU L 118 -35.87 22.25 27.77
CA LEU L 118 -36.23 23.10 26.62
C LEU L 118 -35.56 22.53 25.39
N PRO L 119 -36.34 21.93 24.46
CA PRO L 119 -35.78 21.38 23.23
C PRO L 119 -35.15 22.47 22.37
N TYR L 120 -34.02 22.18 21.72
CA TYR L 120 -33.57 22.93 20.53
C TYR L 120 -34.19 22.26 19.30
N SER L 121 -35.52 22.28 19.22
CA SER L 121 -36.32 21.61 18.16
C SER L 121 -36.90 22.64 17.19
N ARG L 122 -37.30 22.16 16.03
CA ARG L 122 -38.08 22.90 15.00
C ARG L 122 -39.36 23.41 15.64
N GLU L 123 -40.06 22.53 16.35
CA GLU L 123 -41.35 22.84 17.05
C GLU L 123 -41.22 24.14 17.85
N VAL L 124 -40.12 24.34 18.59
CA VAL L 124 -40.00 25.54 19.48
C VAL L 124 -39.79 26.77 18.60
N ARG L 125 -39.02 26.66 17.50
CA ARG L 125 -38.89 27.76 16.52
C ARG L 125 -40.27 28.18 16.02
N LYS L 126 -41.11 27.21 15.65
CA LYS L 126 -42.46 27.44 15.09
C LYS L 126 -43.29 28.24 16.10
N ASP L 127 -43.21 27.90 17.38
CA ASP L 127 -43.93 28.58 18.50
C ASP L 127 -43.49 30.05 18.58
N LEU L 128 -42.19 30.33 18.59
CA LEU L 128 -41.62 31.70 18.66
C LEU L 128 -42.03 32.54 17.44
N VAL L 129 -42.00 31.93 16.24
CA VAL L 129 -42.30 32.64 14.97
C VAL L 129 -43.76 33.08 15.03
N LYS L 130 -44.66 32.15 15.36
CA LYS L 130 -46.11 32.41 15.57
C LYS L 130 -46.29 33.72 16.33
N ILE L 131 -45.58 33.90 17.44
CA ILE L 131 -45.72 35.12 18.29
C ILE L 131 -45.16 36.32 17.52
N ILE L 132 -43.90 36.25 17.10
CA ILE L 132 -43.23 37.33 16.30
C ILE L 132 -44.16 37.77 15.16
N ARG L 133 -44.77 36.83 14.44
CA ARG L 133 -45.59 37.15 13.25
C ARG L 133 -46.87 37.88 13.67
N LYS L 134 -47.41 37.55 14.84
CA LYS L 134 -48.62 38.21 15.42
C LYS L 134 -48.26 39.61 15.90
N GLU L 135 -47.33 39.74 16.84
CA GLU L 135 -47.00 41.03 17.53
C GLU L 135 -46.19 41.96 16.61
N LYS L 136 -45.76 41.51 15.43
CA LYS L 136 -44.98 42.32 14.47
C LYS L 136 -44.03 43.28 15.18
N PRO L 137 -43.16 42.83 16.11
CA PRO L 137 -42.27 43.76 16.82
C PRO L 137 -41.13 44.32 15.95
N ASP L 138 -40.66 45.52 16.30
CA ASP L 138 -39.58 46.23 15.57
C ASP L 138 -38.23 45.70 16.04
N GLY L 139 -38.19 45.22 17.28
CA GLY L 139 -36.95 44.81 17.96
C GLY L 139 -37.13 43.51 18.72
N VAL L 140 -36.04 42.75 18.90
CA VAL L 140 -36.01 41.53 19.75
C VAL L 140 -34.73 41.53 20.57
N PHE L 141 -34.85 41.39 21.88
CA PHE L 141 -33.72 41.12 22.79
C PHE L 141 -33.75 39.64 23.18
N LEU L 142 -32.57 39.04 23.19
CA LEU L 142 -32.37 37.59 23.48
C LEU L 142 -30.97 37.41 24.04
N PRO L 143 -30.74 36.35 24.85
CA PRO L 143 -29.44 36.13 25.47
C PRO L 143 -28.42 35.60 24.47
N ASP L 144 -27.19 36.13 24.56
CA ASP L 144 -26.05 35.78 23.66
C ASP L 144 -25.76 34.31 23.89
N PRO L 145 -26.00 33.42 22.89
CA PRO L 145 -25.73 32.00 23.05
C PRO L 145 -24.24 31.69 23.03
N TRP L 146 -23.40 32.64 22.63
CA TRP L 146 -21.91 32.51 22.62
C TRP L 146 -21.29 33.02 23.91
N LEU L 147 -22.09 33.31 24.94
CA LEU L 147 -21.55 33.79 26.24
C LEU L 147 -20.62 32.70 26.77
N PRO L 148 -19.33 32.99 27.01
CA PRO L 148 -18.41 31.96 27.51
C PRO L 148 -18.81 31.35 28.84
N TYR L 149 -18.64 30.02 28.89
CA TYR L 149 -18.80 29.14 30.07
C TYR L 149 -20.27 29.06 30.49
N GLU L 150 -21.21 29.45 29.62
CA GLU L 150 -22.65 29.29 29.91
C GLU L 150 -23.00 27.79 29.85
N ALA L 151 -23.28 27.19 31.01
CA ALA L 151 -23.43 25.73 31.18
C ALA L 151 -24.91 25.36 31.32
N HIS L 152 -25.81 26.33 31.23
CA HIS L 152 -27.26 26.10 31.36
C HIS L 152 -27.87 25.91 29.97
N PRO L 153 -28.35 24.68 29.63
CA PRO L 153 -28.85 24.37 28.30
C PRO L 153 -29.99 25.27 27.83
N ASP L 154 -30.88 25.62 28.75
CA ASP L 154 -32.06 26.46 28.45
C ASP L 154 -31.58 27.84 27.92
N HIS L 155 -30.43 28.34 28.40
CA HIS L 155 -29.88 29.65 27.95
C HIS L 155 -29.32 29.49 26.53
N ARG L 156 -28.43 28.53 26.32
CA ARG L 156 -27.83 28.26 25.00
C ARG L 156 -28.99 28.08 24.00
N ALA L 157 -29.94 27.21 24.29
CA ALA L 157 -31.09 26.93 23.40
C ALA L 157 -31.84 28.22 23.08
N THR L 158 -32.22 28.99 24.11
CA THR L 158 -33.07 30.19 23.93
C THR L 158 -32.36 31.11 22.94
N GLY L 159 -31.08 31.37 23.17
CA GLY L 159 -30.26 32.22 22.28
C GLY L 159 -30.37 31.78 20.84
N PHE L 160 -30.05 30.52 20.56
CA PHE L 160 -30.05 29.99 19.18
C PHE L 160 -31.46 30.05 18.61
N LEU L 161 -32.46 29.50 19.31
CA LEU L 161 -33.88 29.45 18.87
C LEU L 161 -34.38 30.85 18.52
N ALA L 162 -34.04 31.87 19.33
CA ALA L 162 -34.49 33.25 19.14
C ALA L 162 -33.98 33.76 17.79
N LEU L 163 -32.67 33.67 17.55
CA LEU L 163 -32.02 34.06 16.28
C LEU L 163 -32.68 33.33 15.11
N ASP L 164 -32.89 32.03 15.23
CA ASP L 164 -33.51 31.22 14.15
C ASP L 164 -34.92 31.79 13.89
N ALA L 165 -35.69 32.08 14.94
CA ALA L 165 -37.09 32.57 14.82
C ALA L 165 -37.10 33.91 14.11
N VAL L 166 -36.22 34.83 14.52
CA VAL L 166 -36.04 36.15 13.86
C VAL L 166 -35.77 35.96 12.36
N ALA L 167 -34.80 35.10 12.05
CA ALA L 167 -34.33 34.84 10.67
C ALA L 167 -35.41 34.21 9.80
N PHE L 168 -36.28 33.37 10.37
CA PHE L 168 -37.23 32.52 9.59
C PHE L 168 -38.63 33.13 9.60
N SER L 169 -38.93 34.10 10.48
CA SER L 169 -40.26 34.76 10.58
C SER L 169 -40.67 35.33 9.22
N PRO L 170 -39.74 35.93 8.44
CA PRO L 170 -40.08 36.48 7.13
C PRO L 170 -40.18 35.51 5.94
N LEU L 171 -39.92 34.22 6.15
CA LEU L 171 -39.95 33.22 5.05
C LEU L 171 -41.33 32.59 5.02
N PRO L 172 -42.13 32.84 3.96
CA PRO L 172 -43.50 32.35 3.91
C PRO L 172 -43.61 30.81 3.86
N ASN L 173 -42.54 30.13 3.44
CA ASN L 173 -42.53 28.64 3.37
C ASN L 173 -42.30 28.00 4.73
N PHE L 174 -41.89 28.77 5.74
CA PHE L 174 -41.60 28.32 7.12
C PHE L 174 -42.87 28.38 7.97
N SER L 175 -43.32 27.22 8.45
CA SER L 175 -44.58 27.10 9.24
C SER L 175 -45.69 27.73 8.40
N ASN L 176 -45.97 27.17 7.23
CA ASN L 176 -46.83 27.85 6.23
C ASN L 176 -48.26 27.97 6.76
N ILE L 177 -48.68 27.09 7.67
CA ILE L 177 -50.07 27.11 8.24
C ILE L 177 -50.30 28.45 8.96
N ASP L 178 -49.28 29.03 9.60
CA ASP L 178 -49.32 30.41 10.19
C ASP L 178 -49.96 31.38 9.18
N LEU L 179 -49.52 31.34 7.92
CA LEU L 179 -50.05 32.21 6.83
C LEU L 179 -51.51 31.82 6.52
N ASP L 180 -51.75 30.55 6.22
CA ASP L 180 -53.08 30.01 5.83
C ASP L 180 -54.16 30.37 6.86
N ILE L 181 -53.80 30.86 8.06
CA ILE L 181 -54.79 31.23 9.12
C ILE L 181 -54.67 32.72 9.48
N GLY L 182 -53.96 33.53 8.69
CA GLY L 182 -53.98 34.99 8.86
C GLY L 182 -52.61 35.60 9.05
N LEU L 183 -51.74 35.00 9.86
CA LEU L 183 -50.43 35.61 10.23
C LEU L 183 -49.55 35.75 8.98
N LYS L 184 -49.29 36.99 8.56
CA LYS L 184 -48.36 37.31 7.45
C LYS L 184 -46.93 37.25 8.00
N PRO L 185 -45.93 36.98 7.13
CA PRO L 185 -44.52 37.06 7.48
C PRO L 185 -44.17 38.39 8.15
N HIS L 186 -43.04 38.45 8.84
CA HIS L 186 -42.55 39.69 9.49
C HIS L 186 -41.03 39.68 9.56
N SER L 187 -40.42 40.82 9.26
CA SER L 187 -38.95 41.07 9.43
C SER L 187 -38.75 41.97 10.63
N VAL L 188 -38.04 41.49 11.64
CA VAL L 188 -37.61 42.33 12.77
C VAL L 188 -36.57 43.32 12.25
N SER L 189 -36.54 44.56 12.76
CA SER L 189 -35.63 45.64 12.30
C SER L 189 -34.38 45.68 13.18
N PHE L 190 -34.44 45.15 14.40
CA PHE L 190 -33.39 45.31 15.42
C PHE L 190 -33.19 44.01 16.22
N ILE L 191 -31.93 43.60 16.43
CA ILE L 191 -31.59 42.42 17.28
C ILE L 191 -30.57 42.84 18.33
N GLY L 192 -30.94 42.73 19.60
CA GLY L 192 -30.04 42.97 20.75
C GLY L 192 -29.76 41.69 21.52
N LEU L 193 -28.48 41.38 21.73
CA LEU L 193 -28.04 40.27 22.59
C LEU L 193 -27.78 40.84 23.98
N TYR L 194 -28.48 40.36 25.01
CA TYR L 194 -28.17 40.67 26.43
C TYR L 194 -27.36 39.53 27.03
N TYR L 195 -26.88 39.67 28.27
CA TYR L 195 -26.00 38.65 28.91
C TYR L 195 -24.85 38.32 27.95
N THR L 196 -24.08 39.30 27.45
CA THR L 196 -22.94 39.07 26.50
C THR L 196 -21.64 39.55 27.12
N SER L 197 -20.53 38.94 26.73
CA SER L 197 -19.18 39.32 27.18
C SER L 197 -18.53 40.24 26.14
N ARG L 198 -19.15 40.40 24.96
CA ARG L 198 -18.67 41.25 23.86
C ARG L 198 -19.76 42.27 23.48
N PRO L 199 -20.10 43.19 24.40
CA PRO L 199 -21.12 44.21 24.12
C PRO L 199 -20.47 45.31 23.29
N ASN L 200 -21.25 46.01 22.47
CA ASN L 200 -20.77 47.16 21.67
C ASN L 200 -21.70 48.37 21.86
N TYR L 201 -22.67 48.27 22.77
CA TYR L 201 -23.66 49.35 23.02
C TYR L 201 -24.16 49.23 24.46
N PHE L 202 -24.14 50.35 25.18
CA PHE L 202 -24.38 50.38 26.65
C PHE L 202 -25.56 51.31 26.96
N VAL L 203 -26.06 51.19 28.19
CA VAL L 203 -27.22 51.96 28.70
C VAL L 203 -26.91 52.25 30.18
N ASP L 204 -26.83 53.54 30.55
CA ASP L 204 -26.63 53.95 31.97
C ASP L 204 -27.88 53.49 32.71
N ILE L 205 -27.71 52.78 33.84
CA ILE L 205 -28.83 52.34 34.71
C ILE L 205 -28.53 52.76 36.15
N THR L 206 -27.58 53.68 36.36
CA THR L 206 -27.14 54.12 37.71
C THR L 206 -28.36 54.70 38.47
N ASP L 207 -29.19 55.47 37.77
CA ASP L 207 -30.44 56.11 38.27
C ASP L 207 -31.47 55.04 38.64
N VAL L 208 -31.51 53.92 37.91
CA VAL L 208 -32.62 52.92 37.93
C VAL L 208 -32.24 51.71 38.80
N MET L 209 -30.95 51.58 39.17
CA MET L 209 -30.38 50.38 39.83
C MET L 209 -31.28 49.92 40.99
N ASP L 210 -31.68 50.82 41.89
CA ASP L 210 -32.45 50.42 43.11
C ASP L 210 -33.78 49.80 42.71
N LEU L 211 -34.43 50.32 41.67
CA LEU L 211 -35.71 49.72 41.16
C LEU L 211 -35.40 48.34 40.58
N LYS L 212 -34.38 48.23 39.72
CA LYS L 212 -33.94 46.95 39.13
C LYS L 212 -33.80 45.92 40.25
N LEU L 213 -32.96 46.20 41.25
CA LEU L 213 -32.67 45.28 42.38
C LEU L 213 -33.97 44.91 43.13
N LYS L 214 -34.90 45.85 43.30
CA LYS L 214 -36.19 45.60 43.99
C LYS L 214 -37.05 44.67 43.11
N ALA L 215 -36.98 44.84 41.79
CA ALA L 215 -37.75 44.07 40.79
C ALA L 215 -37.19 42.65 40.66
N ILE L 216 -35.91 42.47 40.99
CA ILE L 216 -35.26 41.13 41.03
C ILE L 216 -35.76 40.40 42.28
N ARG L 217 -35.73 41.07 43.43
CA ARG L 217 -36.11 40.48 44.75
C ARG L 217 -37.60 40.16 44.73
N ALA L 218 -38.37 40.73 43.79
CA ALA L 218 -39.79 40.37 43.57
C ALA L 218 -39.91 38.86 43.39
N HIS L 219 -38.86 38.26 42.81
CA HIS L 219 -38.66 36.80 42.68
C HIS L 219 -38.19 36.27 44.04
N LYS L 220 -39.10 36.20 45.00
CA LYS L 220 -38.80 35.83 46.41
C LYS L 220 -38.23 34.42 46.43
N SER L 221 -38.90 33.49 45.72
CA SER L 221 -38.54 32.05 45.64
C SER L 221 -37.07 31.90 45.26
N GLN L 222 -36.55 32.74 44.36
CA GLN L 222 -35.17 32.63 43.84
C GLN L 222 -34.18 33.36 44.75
N PHE L 223 -34.62 34.32 45.58
CA PHE L 223 -33.72 35.21 46.36
C PHE L 223 -34.21 35.42 47.79
N PRO L 224 -34.17 34.39 48.67
CA PRO L 224 -34.20 34.62 50.11
C PRO L 224 -32.93 35.40 50.52
N ASP L 225 -32.78 35.70 51.81
CA ASP L 225 -31.71 36.59 52.32
C ASP L 225 -30.37 35.85 52.29
N ASP L 226 -30.37 34.56 52.61
CA ASP L 226 -29.22 33.62 52.48
C ASP L 226 -28.54 33.89 51.13
N ILE L 227 -29.30 33.66 50.07
CA ILE L 227 -28.89 33.71 48.63
C ILE L 227 -28.48 35.16 48.32
N TRP L 228 -29.33 36.12 48.69
CA TRP L 228 -29.21 37.55 48.28
C TRP L 228 -27.88 38.13 48.77
N GLU L 229 -27.31 37.57 49.84
CA GLU L 229 -26.00 38.00 50.42
C GLU L 229 -24.92 37.89 49.33
N THR L 230 -25.05 36.90 48.44
CA THR L 230 -24.06 36.61 47.36
C THR L 230 -24.49 37.27 46.05
N TRP L 231 -25.79 37.30 45.76
CA TRP L 231 -26.29 37.78 44.44
C TRP L 231 -26.18 39.32 44.36
N GLU L 232 -26.59 40.08 45.39
CA GLU L 232 -26.52 41.55 45.33
C GLU L 232 -25.11 42.00 44.93
N PRO L 233 -24.04 41.60 45.66
CA PRO L 233 -22.68 41.96 45.26
C PRO L 233 -22.36 41.56 43.81
N PHE L 234 -22.74 40.35 43.40
CA PHE L 234 -22.54 39.84 42.01
C PHE L 234 -23.17 40.82 41.01
N LEU L 235 -24.48 41.02 41.09
CA LEU L 235 -25.28 41.89 40.18
C LEU L 235 -24.65 43.28 40.06
N ARG L 236 -24.12 43.81 41.17
CA ARG L 236 -23.43 45.13 41.18
C ARG L 236 -22.13 45.00 40.39
N THR L 237 -21.37 43.93 40.64
CA THR L 237 -20.08 43.66 39.96
C THR L 237 -20.31 43.57 38.45
N VAL L 238 -21.44 43.02 38.03
CA VAL L 238 -21.79 42.88 36.58
C VAL L 238 -21.99 44.28 36.02
N ALA L 239 -22.89 45.06 36.64
CA ALA L 239 -23.21 46.45 36.25
C ALA L 239 -21.92 47.29 36.15
N LEU L 240 -20.93 47.03 37.02
CA LEU L 240 -19.64 47.78 37.03
C LEU L 240 -18.80 47.40 35.82
N TYR L 241 -18.74 46.10 35.48
CA TYR L 241 -18.02 45.56 34.30
C TYR L 241 -18.48 46.31 33.05
N TYR L 242 -19.80 46.35 32.84
CA TYR L 242 -20.47 47.07 31.74
C TYR L 242 -20.22 48.58 31.90
N GLY L 243 -20.37 49.10 33.13
CA GLY L 243 -20.13 50.52 33.46
C GLY L 243 -18.74 51.00 33.04
N GLN L 244 -17.69 50.26 33.41
CA GLN L 244 -16.28 50.60 33.10
C GLN L 244 -16.15 50.95 31.61
N LYS L 245 -16.75 50.15 30.73
CA LYS L 245 -16.60 50.27 29.26
C LYS L 245 -17.45 51.44 28.72
N ALA L 246 -18.47 51.87 29.48
CA ALA L 246 -19.41 52.93 29.09
C ALA L 246 -19.10 54.25 29.82
N GLY L 247 -18.02 54.26 30.62
CA GLY L 247 -17.59 55.38 31.48
C GLY L 247 -18.72 55.92 32.36
N VAL L 248 -19.57 55.06 32.93
CA VAL L 248 -20.51 55.42 34.03
C VAL L 248 -20.26 54.44 35.18
N LYS L 249 -21.09 54.49 36.23
CA LYS L 249 -20.97 53.58 37.38
C LYS L 249 -21.59 52.23 37.01
N TYR L 250 -22.92 52.19 36.85
CA TYR L 250 -23.74 50.99 36.61
C TYR L 250 -24.38 51.10 35.20
N ALA L 251 -24.04 50.15 34.31
CA ALA L 251 -24.55 50.06 32.91
C ALA L 251 -25.06 48.63 32.61
N GLU L 252 -25.83 48.51 31.53
CA GLU L 252 -26.25 47.21 30.93
C GLU L 252 -25.68 47.17 29.49
N GLY L 253 -24.95 46.10 29.18
CA GLY L 253 -24.32 45.91 27.86
C GLY L 253 -25.21 45.10 26.92
N PHE L 254 -25.16 45.41 25.64
CA PHE L 254 -25.82 44.64 24.57
C PHE L 254 -24.87 44.50 23.39
N ARG L 255 -24.97 43.41 22.64
CA ARG L 255 -24.28 43.30 21.33
C ARG L 255 -25.33 43.50 20.24
N ILE L 256 -25.11 44.53 19.43
CA ILE L 256 -25.99 44.87 18.28
C ILE L 256 -25.13 44.79 17.02
N MET L 257 -25.58 44.01 16.04
CA MET L 257 -24.91 43.89 14.72
C MET L 257 -25.98 43.91 13.64
N PRO L 258 -25.63 44.21 12.37
CA PRO L 258 -26.59 44.06 11.27
C PRO L 258 -27.01 42.60 11.12
N GLY L 259 -28.27 42.34 10.73
CA GLY L 259 -28.78 41.01 10.41
C GLY L 259 -27.78 40.15 9.63
N LEU L 260 -27.09 40.77 8.68
CA LEU L 260 -26.23 40.06 7.69
C LEU L 260 -25.05 39.37 8.39
N PHE L 261 -24.55 39.97 9.46
CA PHE L 261 -23.31 39.55 10.18
C PHE L 261 -23.51 38.25 10.99
N TYR L 262 -24.77 37.80 11.13
CA TYR L 262 -25.11 36.55 11.83
C TYR L 262 -24.99 35.36 10.85
N HIS L 263 -24.27 35.54 9.75
CA HIS L 263 -24.11 34.51 8.68
C HIS L 263 -22.88 34.81 7.84
N ILE L 264 -21.96 33.85 7.82
CA ILE L 264 -20.79 33.77 6.90
C ILE L 264 -20.03 35.11 6.91
N THR L 265 -19.91 35.75 8.08
CA THR L 265 -19.20 37.04 8.22
C THR L 265 -17.96 36.82 9.08
N PRO L 266 -16.80 36.58 8.44
CA PRO L 266 -15.56 36.31 9.17
C PRO L 266 -14.98 37.54 9.90
N PHE L 267 -15.52 38.73 9.65
CA PHE L 267 -15.08 39.97 10.35
C PHE L 267 -16.16 40.45 11.34
N ALA L 268 -17.15 39.60 11.61
CA ALA L 268 -18.27 39.88 12.54
C ALA L 268 -17.71 40.33 13.89
N GLU L 269 -16.61 39.72 14.34
CA GLU L 269 -16.00 40.01 15.67
C GLU L 269 -15.54 41.47 15.78
N LEU L 270 -15.32 42.16 14.65
CA LEU L 270 -14.76 43.55 14.62
C LEU L 270 -15.87 44.61 14.71
N ILE L 271 -16.70 44.59 15.76
CA ILE L 271 -17.72 45.65 16.04
C ILE L 271 -17.85 45.87 17.56
C1 NAG M . -62.53 11.02 26.57
C2 NAG M . -61.14 11.43 26.11
C3 NAG M . -60.12 11.18 27.22
C4 NAG M . -60.60 11.85 28.50
C5 NAG M . -62.03 11.47 28.85
C6 NAG M . -62.58 12.24 30.05
C7 NAG M . -60.04 11.13 23.91
C8 NAG M . -58.54 11.04 24.10
N2 NAG M . -60.78 10.67 24.92
O1 NAG M . -63.42 11.20 25.51
O3 NAG M . -58.84 11.68 26.81
O4 NAG M . -59.76 11.43 29.58
O5 NAG M . -62.89 11.75 27.74
O6 NAG M . -62.20 13.61 30.01
O7 NAG M . -60.55 11.50 22.86
C1 NAG M . -59.05 12.44 30.25
C2 NAG M . -58.21 11.84 31.36
C3 NAG M . -57.38 12.93 32.02
C4 NAG M . -56.56 13.66 30.97
C5 NAG M . -57.46 14.19 29.85
C6 NAG M . -56.74 14.83 28.68
C7 NAG M . -58.98 9.74 32.42
C8 NAG M . -60.33 9.10 32.55
N2 NAG M . -58.98 11.09 32.35
O3 NAG M . -56.52 12.30 32.95
O4 NAG M . -55.87 14.73 31.59
O5 NAG M . -58.24 13.12 29.30
O6 NAG M . -55.41 14.34 28.52
O7 NAG M . -57.95 9.08 32.37
C1 NAG N . -40.73 -13.98 27.27
C2 NAG N . -40.42 -12.47 27.23
C3 NAG N . -39.46 -12.16 26.09
C4 NAG N . -38.25 -13.08 26.12
C5 NAG N . -38.63 -14.55 26.30
C6 NAG N . -37.42 -15.44 26.55
C7 NAG N . -41.84 -10.48 27.48
C8 NAG N . -41.50 -9.39 26.49
N2 NAG N . -41.66 -11.73 27.07
O1 NAG N . -41.67 -14.22 28.24
O3 NAG N . -39.06 -10.78 26.12
O4 NAG N . -37.61 -13.00 24.83
O5 NAG N . -39.50 -14.71 27.43
O6 NAG N . -36.88 -15.15 27.83
O7 NAG N . -42.29 -10.22 28.60
C1 NAG N . -36.22 -12.81 24.80
C2 NAG N . -35.70 -12.97 23.37
C3 NAG N . -34.22 -12.60 23.31
C4 NAG N . -33.98 -11.23 23.93
C5 NAG N . -34.61 -11.13 25.32
C6 NAG N . -34.59 -9.75 25.94
C7 NAG N . -36.53 -14.53 21.64
C8 NAG N . -37.35 -15.78 21.52
N2 NAG N . -35.95 -14.30 22.84
O3 NAG N . -33.78 -12.58 21.94
O4 NAG N . -32.57 -10.95 23.98
O5 NAG N . -35.99 -11.50 25.28
O6 NAG N . -34.54 -8.76 24.94
O7 NAG N . -36.37 -13.76 20.68
C1 NAG O . -48.85 -0.40 -1.19
C2 NAG O . -47.75 0.36 -0.46
C3 NAG O . -47.99 1.87 -0.57
C4 NAG O . -48.47 2.38 -1.94
C5 NAG O . -49.43 1.41 -2.63
C6 NAG O . -49.64 1.73 -4.10
C7 NAG O . -46.91 -0.98 1.45
C8 NAG O . -46.53 -2.14 0.56
N2 NAG O . -47.73 -0.06 0.93
O1 NAG O . -48.61 -1.79 -1.05
O3 NAG O . -46.79 2.56 -0.24
O4 NAG O . -49.21 3.58 -1.66
O5 NAG O . -48.94 0.06 -2.53
O6 NAG O . -48.48 1.49 -4.89
O7 NAG O . -46.49 -0.89 2.61
C1 NAG O . -48.67 4.83 -1.98
C2 NAG O . -49.64 5.97 -1.60
C3 NAG O . -48.97 7.25 -2.12
C4 NAG O . -47.63 7.44 -1.42
C5 NAG O . -46.74 6.22 -1.69
C6 NAG O . -45.36 6.22 -1.03
C7 NAG O . -52.13 6.11 -1.35
C8 NAG O . -53.39 5.46 -1.82
N2 NAG O . -51.01 5.86 -2.08
O3 NAG O . -49.84 8.36 -1.97
O4 NAG O . -47.00 8.62 -1.90
O5 NAG O . -47.42 5.00 -1.32
O6 NAG O . -45.37 6.58 0.35
O7 NAG O . -52.13 6.84 -0.34
C1 NAG P . -25.58 28.56 38.94
C2 NAG P . -26.07 27.43 38.02
C3 NAG P . -27.26 27.88 37.18
C4 NAG P . -28.33 28.35 38.17
C5 NAG P . -27.80 29.47 39.04
C6 NAG P . -28.79 29.98 40.06
C7 NAG P . -24.79 25.77 36.73
C8 NAG P . -25.48 25.40 35.44
N2 NAG P . -24.98 27.01 37.15
O1 NAG P . -24.56 28.06 39.71
O3 NAG P . -27.71 26.81 36.36
O4 NAG P . -29.42 28.86 37.39
O5 NAG P . -26.67 28.99 39.78
O6 NAG P . -29.51 28.90 40.63
O7 NAG P . -24.08 24.98 37.35
C1 NAG P . -30.72 28.58 37.85
C2 NAG P . -31.68 29.55 37.15
C3 NAG P . -33.12 29.19 37.52
C4 NAG P . -33.38 27.71 37.25
C5 NAG P . -32.33 26.82 37.92
C6 NAG P . -32.44 25.36 37.57
C7 NAG P . -31.46 31.96 36.63
C8 NAG P . -30.59 33.14 36.95
N2 NAG P . -31.38 30.92 37.50
O3 NAG P . -34.03 29.99 36.77
O4 NAG P . -34.68 27.37 37.72
O5 NAG P . -31.01 27.23 37.54
O6 NAG P . -32.66 25.17 36.17
O7 NAG P . -32.20 31.94 35.65
C1 NAG Q . -8.56 11.98 16.12
C2 NAG Q . -10.07 11.91 15.90
C3 NAG Q . -10.76 11.38 17.16
C4 NAG Q . -10.11 10.05 17.56
C5 NAG Q . -8.59 10.19 17.68
C6 NAG Q . -7.85 8.92 18.00
C7 NAG Q . -11.30 13.53 14.50
C8 NAG Q . -12.77 13.71 14.77
N2 NAG Q . -10.57 13.25 15.58
O1 NAG Q . -7.99 12.56 15.01
O3 NAG Q . -12.18 11.31 16.96
O4 NAG Q . -10.61 9.69 18.86
O5 NAG Q . -8.06 10.68 16.43
O6 NAG Q . -8.06 7.98 16.97
O7 NAG Q . -10.80 13.67 13.38
C1 NAG Q . -10.85 8.33 19.12
C2 NAG Q . -10.82 8.08 20.63
C3 NAG Q . -11.22 6.63 20.93
C4 NAG Q . -12.55 6.31 20.24
C5 NAG Q . -12.47 6.63 18.74
C6 NAG Q . -13.76 6.45 17.97
C7 NAG Q . -9.46 8.97 22.48
C8 NAG Q . -8.07 9.37 22.90
N2 NAG Q . -9.55 8.41 21.26
O3 NAG Q . -11.32 6.44 22.33
O4 NAG Q . -12.89 4.96 20.46
O5 NAG Q . -12.10 8.01 18.57
O6 NAG Q . -14.78 7.34 18.38
O7 NAG Q . -10.44 9.16 23.21
C1 NAG R . -28.70 35.93 6.86
C2 NAG R . -29.33 34.80 7.69
C3 NAG R . -29.05 33.45 7.03
C4 NAG R . -29.54 33.53 5.59
C5 NAG R . -28.88 34.67 4.84
C6 NAG R . -29.36 34.86 3.42
C7 NAG R . -29.52 34.35 10.10
C8 NAG R . -29.05 33.01 10.62
N2 NAG R . -28.84 34.83 9.05
O1 NAG R . -28.97 37.14 7.49
O3 NAG R . -29.64 32.40 7.79
O4 NAG R . -29.16 32.30 4.94
O5 NAG R . -29.19 35.89 5.53
O6 NAG R . -30.73 35.23 3.39
O7 NAG R . -30.43 34.98 10.63
C1 NAG R . -30.01 31.77 3.96
C2 NAG R . -29.18 30.89 3.01
C3 NAG R . -30.09 30.17 2.02
C4 NAG R . -31.23 29.46 2.77
C5 NAG R . -31.97 30.42 3.70
C6 NAG R . -33.04 29.79 4.55
C7 NAG R . -26.95 31.08 1.95
C8 NAG R . -26.11 31.89 1.00
N2 NAG R . -28.13 31.63 2.33
O3 NAG R . -29.34 29.25 1.22
O4 NAG R . -32.13 28.90 1.82
O5 NAG R . -31.04 31.03 4.60
O6 NAG R . -32.50 28.90 5.52
O7 NAG R . -26.56 29.99 2.38
C1 NAG S . 46.26 0.87 3.22
C2 NAG S . 46.00 0.06 1.94
C3 NAG S . 44.65 -0.66 2.04
C4 NAG S . 44.60 -1.46 3.35
C5 NAG S . 44.97 -0.61 4.56
C6 NAG S . 45.06 -1.39 5.86
C7 NAG S . 46.53 0.67 -0.41
C8 NAG S . 47.94 1.15 -0.65
N2 NAG S . 46.02 0.97 0.80
O1 NAG S . 47.47 1.54 3.05
O3 NAG S . 44.49 -1.49 0.89
O4 NAG S . 43.26 -1.94 3.59
O5 NAG S . 46.26 -0.01 4.34
O6 NAG S . 46.14 -2.33 5.78
O7 NAG S . 45.86 0.10 -1.27
C1 NAG S . 43.14 -3.30 3.93
C2 NAG S . 41.68 -3.58 4.33
C3 NAG S . 41.50 -5.09 4.59
C4 NAG S . 42.04 -5.89 3.41
C5 NAG S . 43.47 -5.49 3.04
C6 NAG S . 44.04 -6.16 1.79
C7 NAG S . 40.17 -2.01 5.48
C8 NAG S . 40.28 -0.76 6.31
N2 NAG S . 41.27 -2.80 5.48
O3 NAG S . 40.14 -5.40 4.82
O4 NAG S . 42.00 -7.28 3.74
O5 NAG S . 43.55 -4.08 2.82
O6 NAG S . 43.14 -6.13 0.70
O7 NAG S . 39.14 -2.29 4.87
C1 NAG T . 17.03 6.68 -11.90
C2 NAG T . 17.87 5.41 -11.81
C3 NAG T . 18.18 4.88 -13.21
C4 NAG T . 16.98 4.89 -14.15
C5 NAG T . 16.13 6.15 -14.04
C6 NAG T . 14.80 6.06 -14.74
C7 NAG T . 19.86 4.77 -10.49
C8 NAG T . 20.96 4.17 -11.32
N2 NAG T . 19.11 5.70 -11.09
O1 NAG T . 16.73 7.10 -10.62
O3 NAG T . 18.68 3.55 -13.08
O4 NAG T . 17.52 4.89 -15.49
O5 NAG T . 15.85 6.43 -12.66
O6 NAG T . 14.10 4.92 -14.28
O7 NAG T . 19.71 4.51 -9.29
C1 NAG T . 16.89 4.05 -16.43
C2 NAG T . 17.13 4.57 -17.86
C3 NAG T . 16.30 3.63 -18.72
C4 NAG T . 16.87 2.21 -18.60
C5 NAG T . 16.83 1.76 -17.12
C6 NAG T . 17.53 0.44 -16.85
C7 NAG T . 17.42 6.81 -18.93
C8 NAG T . 16.94 8.24 -18.94
N2 NAG T . 16.77 5.97 -18.09
O3 NAG T . 16.22 4.08 -20.08
O4 NAG T . 16.13 1.31 -19.41
O5 NAG T . 17.44 2.75 -16.28
O6 NAG T . 18.93 0.48 -17.12
O7 NAG T . 18.34 6.44 -19.67
C1 NAG U . 46.07 12.30 -27.84
C2 NAG U . 45.22 11.03 -27.99
C3 NAG U . 46.05 9.80 -27.63
C4 NAG U . 47.47 9.80 -28.22
C5 NAG U . 48.14 11.18 -28.13
C6 NAG U . 49.47 11.31 -28.87
C7 NAG U . 42.87 10.51 -27.38
C8 NAG U . 42.58 9.30 -26.52
N2 NAG U . 44.03 11.13 -27.15
O1 NAG U . 45.34 13.45 -28.14
O3 NAG U . 45.35 8.61 -28.02
O4 NAG U . 48.25 8.92 -27.36
O5 NAG U . 47.25 12.18 -28.64
O6 NAG U . 49.58 10.47 -29.99
O7 NAG U . 42.04 10.94 -28.19
C1 NAG U . 49.03 7.92 -27.95
C2 NAG U . 50.13 7.51 -26.95
C3 NAG U . 50.97 6.36 -27.50
C4 NAG U . 50.06 5.20 -27.95
C5 NAG U . 48.92 5.69 -28.85
C6 NAG U . 47.90 4.62 -29.22
C7 NAG U . 51.49 8.72 -25.28
C8 NAG U . 51.89 10.10 -24.84
N2 NAG U . 50.96 8.63 -26.51
O3 NAG U . 51.89 5.95 -26.48
O4 NAG U . 50.79 4.22 -28.69
O5 NAG U . 48.21 6.80 -28.24
O6 NAG U . 47.09 4.17 -28.14
O7 NAG U . 51.64 7.74 -24.56
C1 NAG V . 22.43 -26.50 -37.96
C2 NAG V . 23.20 -25.33 -37.36
C3 NAG V . 22.41 -24.74 -36.19
C4 NAG V . 20.90 -24.56 -36.43
C5 NAG V . 20.32 -25.77 -37.15
C6 NAG V . 18.88 -25.65 -37.57
C7 NAG V . 25.70 -25.48 -37.49
C8 NAG V . 26.82 -25.16 -36.53
N2 NAG V . 24.51 -25.79 -36.92
O1 NAG V . 23.14 -27.11 -39.01
O3 NAG V . 22.98 -23.49 -35.77
O4 NAG V . 20.27 -24.54 -35.14
O5 NAG V . 21.11 -26.08 -38.32
O6 NAG V . 18.47 -24.30 -37.69
O7 NAG V . 25.88 -25.51 -38.72
C1 NAG V . 19.41 -23.50 -34.73
C2 NAG V . 18.60 -23.99 -33.52
C3 NAG V . 17.67 -22.85 -33.08
C4 NAG V . 18.53 -21.63 -32.73
C5 NAG V . 19.38 -21.24 -33.93
C6 NAG V . 20.36 -20.10 -33.65
C7 NAG V . 17.59 -26.19 -32.85
C8 NAG V . 16.87 -27.40 -33.37
N2 NAG V . 17.84 -25.22 -33.77
O3 NAG V . 16.85 -23.18 -31.97
O4 NAG V . 17.63 -20.60 -32.32
O5 NAG V . 20.17 -22.35 -34.39
O6 NAG V . 21.45 -20.47 -32.81
O7 NAG V . 17.93 -26.08 -31.67
C1 NAG W . 54.16 -29.53 -30.70
C2 NAG W . 53.40 -28.60 -29.75
C3 NAG W . 52.70 -27.48 -30.52
C4 NAG W . 53.69 -26.80 -31.47
C5 NAG W . 54.43 -27.83 -32.33
C6 NAG W . 55.49 -27.24 -33.24
C7 NAG W . 52.04 -29.16 -27.77
C8 NAG W . 50.90 -28.21 -27.60
N2 NAG W . 52.42 -29.40 -29.02
O1 NAG W . 54.76 -30.53 -29.94
O3 NAG W . 52.07 -26.56 -29.62
O4 NAG W . 52.94 -25.96 -32.36
O5 NAG W . 55.09 -28.78 -31.47
O6 NAG W . 56.62 -26.81 -32.50
O7 NAG W . 52.56 -29.74 -26.83
C1 NAG W . 53.49 -24.69 -32.63
C2 NAG W . 52.86 -24.10 -33.89
C3 NAG W . 53.33 -22.67 -34.10
C4 NAG W . 53.08 -21.84 -32.82
C5 NAG W . 53.74 -22.54 -31.63
C6 NAG W . 53.52 -21.89 -30.28
C7 NAG W . 52.16 -25.23 -35.98
C8 NAG W . 52.62 -26.03 -37.15
N2 NAG W . 53.10 -24.92 -35.08
O3 NAG W . 52.69 -22.08 -35.22
O4 NAG W . 53.62 -20.53 -32.96
O5 NAG W . 53.22 -23.87 -31.51
O6 NAG W . 52.13 -21.76 -30.01
O7 NAG W . 50.99 -24.86 -35.87
C1 NAG X . 30.87 -37.30 -8.31
C2 NAG X . 30.72 -35.86 -8.79
C3 NAG X . 32.05 -35.10 -8.62
C4 NAG X . 32.56 -35.27 -7.18
C5 NAG X . 32.55 -36.73 -6.73
C6 NAG X . 32.90 -36.93 -5.27
C7 NAG X . 29.60 -34.90 -10.78
C8 NAG X . 28.13 -35.22 -11.00
N2 NAG X . 30.32 -35.86 -10.19
O1 NAG X . 29.71 -38.00 -8.62
O3 NAG X . 31.89 -33.73 -9.01
O4 NAG X . 33.93 -34.84 -7.09
O5 NAG X . 31.26 -37.30 -6.93
O6 NAG X . 32.12 -36.08 -4.45
O7 NAG X . 30.11 -33.86 -11.18
C1 NAG X . 34.31 -34.14 -5.92
C2 NAG X . 35.84 -34.17 -5.76
C3 NAG X . 36.26 -33.29 -4.57
C4 NAG X . 35.65 -31.89 -4.71
C5 NAG X . 34.13 -31.98 -4.91
C6 NAG X . 33.44 -30.66 -5.21
C7 NAG X . 37.44 -36.01 -6.24
C8 NAG X . 37.65 -37.50 -6.11
N2 NAG X . 36.35 -35.53 -5.60
O3 NAG X . 37.68 -33.17 -4.48
O4 NAG X . 35.95 -31.13 -3.56
O5 NAG X . 33.83 -32.81 -6.04
O6 NAG X . 33.96 -30.04 -6.38
O7 NAG X . 38.23 -35.29 -6.87
ZN ZN Y . -56.12 8.21 31.82
ZN ZN Z . 20.26 6.06 -20.29
ZN ZN AA . 48.93 -24.33 -35.88
ZN ZN BA . -36.72 -12.06 19.55
ZN ZN CA . -12.02 10.23 24.15
ZN ZN DA . 39.19 -33.97 -8.20
ZN ZN EA . 38.03 -2.49 3.13
ZN ZN FA . -51.95 7.43 1.61
ZN ZN GA . 50.72 6.71 -23.02
ZN ZN HA . 18.92 -25.93 -29.86
ZN ZN IA . -26.06 28.31 3.55
ZN ZN JA . -32.04 31.90 33.58
#